data_7JWB
#
_entry.id   7JWB
#
loop_
_entity.id
_entity.type
_entity.pdbx_description
1 polymer 'autonomous human heavy chain variable domain'
2 polymer 'Spike glycoprotein'
#
loop_
_entity_poly.entity_id
_entity_poly.type
_entity_poly.pdbx_seq_one_letter_code
_entity_poly.pdbx_strand_id
1 'polypeptide(L)'
;EVQLVESGGGLVQPGGSLRLSCAASGFRIYSYYSYIGWVRRAPGKGEELVARIYPSSGYTYYADSVKGRFTISADTSKNT
AYLQMNSLRAEDTAVYYCARWDFASPYYPGSSGLDYWGQGTLVTVSSGGGGTGGGGSGGGGSGGGGSEVQLVESGGGLVQ
PGGSLRLSCAASGFRIYSYYSYIGWVRRAPGKGEELVARIYPSSGYTYYADSVKGRFTISADTSKNTAYLQMNSLRAEDT
AVYYCARWDFASPYYPGSSGLDYWGQGTLVTVSSGGGGSGGGGSGGGGSGGGGSEVQLVESGGGLVQPGGSLRLSCAASG
FRIYSYYSYIGWVRRAPGKGEELVARIYPSSGYTYYADSVKGRFTISADTSKNTAYLQMNSLRAEDTAVYYCARWDFASP
YYPGSSGLDYWGQGTLVTVSS
;
D
2 'polypeptide(L)'
;MFVFLVLLPLVSSQCVNLTTRTQLPPAYTNSFTRGVYYPDKVFRSSVLHSTQDLFLPFFSNVTWFHAIHVSGTNGTKRFD
NPVLPFNDGVYFASTEKSNIIRGWIFGTTLDSKTQSLLIVNNATNVVIKVCEFQFCNDPFLGVYYHKNNKSWMESEFRVY
SSANNCTFEYVSQPFLMDLEGKQGNFKNLREFVFKNIDGYFKIYSKHTPINLVRDLPQGFSALEPLVDLPIGINITRFQT
LLALHRSYLTPGDSSSGWTAGAAAYYVGYLQPRTFLLKYNENGTITDAVDCALDPLSETKCTLKSFTVEKGIYQTSNFRV
QPTESIVRFPNITNLCPFGEVFNATRFASVYAWNRKRISNCVADYSVLYNSASFSTFKCYGVSPTKLNDLCFTNVYADSF
VIRGDEVRQIAPGQTGKIADYNYKLPDDFTGCVIAWNSNNLDSKVGGNYNYLYRLFRKSNLKPFERDISTEIYQAGSTPC
NGVEGFNCYFPLQSYGFQPTNGVGYQPYRVVVLSFELLHAPATVCGPKKSTNLVKNKCVNFNFNGLTGTGVLTESNKKFL
PFQQFGRDIADTTDAVRDPQTLEILDITPCSFGGVSVITPGTNTSNQVAVLYQDVNCTEVPVAIHADQLTPTWRVYSTGS
NVFQTRAGCLIGAEHVNNSYECDIPIGAGICASYQTQTNSPGSASSVASQSIIAYTMSLGAENSVAYSNNSIAIPTNFTI
SVTTEILPVSMTKTSVDCTMYICGDSTECSNLLLQYGSFCTQLNRALTGIAVEQDKNTQEVFAQVKQIYKTPPIKDFGGF
NFSQILPDPSKPSKRSFIEDLLFNKVTLADAGFIKQYGDCLGDIAARDLICAQKFNGLTVLPPLLTDEMIAQYTSALLAG
TITSGWTFGAGAALQIPFAMQMAYRFNGIGVTQNVLYENQKLIANQFNSAIGKIQDSLSSTASALGKLQDVVNQNAQALN
TLVKQLSSNFGAISSVLNDILSRLDPPEAEVQIDRLITGRLQSLQTYVTQQLIRAAEIRASANLAATKMSECVLGQSKRV
DFCGKGYHLMSFPQSAPHGVVFLHVTYVPAQEKNFTTAPAICHDGKAHFPREGVFVSNGTHWFVTQRNFYEPQIITTDNT
FVSGNCDVVIGIVNNTVYDPLQPELDSFKEELDKYFKNHTSPDVDLGDISGINASVVNIQKEIDRLNEVAKNLNESLIDL
QELGKYEQ
;
A,B,C
#
# COMPACT_ATOMS: atom_id res chain seq x y z
N GLU A 1 46.44 -20.09 -23.21
CA GLU A 1 47.21 -19.04 -22.48
C GLU A 1 47.71 -19.62 -21.15
N VAL A 2 46.79 -19.93 -20.23
CA VAL A 2 47.18 -20.51 -18.94
C VAL A 2 47.57 -21.97 -19.07
N GLN A 3 48.82 -22.27 -18.75
CA GLN A 3 49.36 -23.61 -18.90
C GLN A 3 50.60 -23.88 -18.06
N LEU A 4 50.89 -25.15 -17.86
CA LEU A 4 52.12 -25.60 -17.21
C LEU A 4 53.12 -26.12 -18.24
N VAL A 5 54.29 -25.49 -18.29
CA VAL A 5 55.28 -25.83 -19.30
C VAL A 5 56.55 -26.44 -18.70
N GLU A 6 56.86 -27.69 -19.05
CA GLU A 6 58.02 -28.31 -18.40
C GLU A 6 59.01 -29.02 -19.30
N SER A 7 60.23 -29.10 -18.78
CA SER A 7 61.38 -29.75 -19.39
C SER A 7 62.40 -30.17 -18.31
N GLY A 8 63.49 -30.82 -18.72
CA GLY A 8 64.53 -31.22 -17.76
C GLY A 8 64.64 -32.73 -17.48
N GLY A 9 63.99 -33.56 -18.27
CA GLY A 9 64.10 -35.00 -18.03
C GLY A 9 65.44 -35.48 -18.61
N GLY A 10 65.67 -36.77 -18.64
CA GLY A 10 66.94 -37.29 -19.12
C GLY A 10 67.42 -38.49 -18.31
N LEU A 11 68.68 -38.87 -18.54
CA LEU A 11 69.30 -40.02 -17.87
C LEU A 11 70.25 -39.62 -16.74
N VAL A 12 70.00 -40.20 -15.58
CA VAL A 12 70.78 -39.98 -14.38
C VAL A 12 71.31 -41.28 -13.75
N GLN A 13 72.56 -41.24 -13.33
CA GLN A 13 73.25 -42.35 -12.66
C GLN A 13 72.73 -42.52 -11.22
N PRO A 14 72.29 -43.71 -10.77
CA PRO A 14 71.79 -43.96 -9.44
C PRO A 14 72.78 -43.48 -8.42
N GLY A 15 72.27 -42.81 -7.40
CA GLY A 15 73.02 -42.21 -6.33
C GLY A 15 73.25 -40.73 -6.61
N GLY A 16 73.00 -40.32 -7.85
CA GLY A 16 73.16 -38.95 -8.30
C GLY A 16 71.84 -38.21 -8.24
N SER A 17 71.73 -37.15 -9.02
CA SER A 17 70.54 -36.32 -8.97
C SER A 17 70.15 -35.74 -10.31
N LEU A 18 68.88 -35.37 -10.39
CA LEU A 18 68.32 -34.72 -11.58
C LEU A 18 67.33 -33.62 -11.18
N ARG A 19 67.36 -32.49 -11.89
CA ARG A 19 66.43 -31.40 -11.57
C ARG A 19 65.45 -31.12 -12.72
N LEU A 20 64.17 -31.07 -12.37
CA LEU A 20 63.11 -30.77 -13.33
C LEU A 20 62.63 -29.34 -13.17
N SER A 21 62.14 -28.73 -14.25
CA SER A 21 61.63 -27.35 -14.22
C SER A 21 60.30 -27.16 -14.97
N CYS A 22 59.28 -26.55 -14.29
CA CYS A 22 57.92 -26.29 -14.80
C CYS A 22 57.53 -24.81 -14.65
N ALA A 23 57.46 -24.12 -15.77
CA ALA A 23 57.13 -22.72 -15.78
C ALA A 23 55.63 -22.49 -15.73
N ALA A 24 55.26 -21.44 -15.01
CA ALA A 24 53.88 -20.98 -14.94
C ALA A 24 53.66 -19.92 -16.02
N SER A 25 52.92 -20.30 -17.05
CA SER A 25 52.68 -19.42 -18.18
C SER A 25 51.22 -18.96 -18.19
N GLY A 26 51.01 -17.65 -18.23
CA GLY A 26 49.65 -17.07 -18.24
C GLY A 26 49.13 -16.73 -16.84
N PHE A 27 49.91 -17.06 -15.82
CA PHE A 27 49.53 -16.79 -14.44
C PHE A 27 50.79 -16.70 -13.60
N ARG A 28 50.69 -16.17 -12.39
CA ARG A 28 51.85 -16.14 -11.50
C ARG A 28 51.62 -17.12 -10.36
N ILE A 29 52.69 -17.53 -9.71
CA ILE A 29 52.54 -18.46 -8.60
C ILE A 29 52.39 -17.77 -7.24
N TYR A 30 53.40 -16.99 -6.85
CA TYR A 30 53.43 -16.38 -5.51
C TYR A 30 52.24 -15.48 -5.22
N SER A 31 51.97 -14.57 -6.15
CA SER A 31 50.94 -13.55 -5.98
C SER A 31 49.51 -14.07 -5.97
N TYR A 32 49.29 -15.32 -6.36
CA TYR A 32 47.94 -15.85 -6.38
C TYR A 32 47.79 -17.03 -5.45
N TYR A 33 48.78 -17.28 -4.59
CA TYR A 33 48.81 -18.50 -3.72
C TYR A 33 48.48 -19.72 -4.57
N SER A 34 49.10 -19.84 -5.75
CA SER A 34 48.86 -21.01 -6.55
C SER A 34 49.92 -21.97 -6.14
N TYR A 35 49.59 -23.24 -6.06
CA TYR A 35 50.56 -24.21 -5.60
C TYR A 35 50.95 -25.16 -6.72
N ILE A 36 52.25 -25.31 -6.95
CA ILE A 36 52.67 -26.20 -8.02
C ILE A 36 53.53 -27.31 -7.50
N GLY A 37 53.11 -28.51 -7.80
CA GLY A 37 53.83 -29.68 -7.39
C GLY A 37 54.22 -30.57 -8.53
N TRP A 38 54.70 -31.73 -8.13
CA TRP A 38 55.14 -32.75 -9.04
C TRP A 38 54.52 -34.08 -8.66
N VAL A 39 54.21 -34.83 -9.69
CA VAL A 39 53.60 -36.14 -9.72
C VAL A 39 54.40 -37.08 -10.60
N ARG A 40 54.54 -38.34 -10.23
CA ARG A 40 55.27 -39.21 -11.11
C ARG A 40 54.51 -40.47 -11.43
N ARG A 41 54.78 -41.04 -12.59
CA ARG A 41 54.20 -42.32 -12.95
C ARG A 41 55.28 -43.33 -13.33
N ALA A 42 55.70 -44.14 -12.37
CA ALA A 42 56.74 -45.15 -12.58
C ALA A 42 56.18 -46.22 -13.48
N PRO A 43 56.97 -46.91 -14.30
CA PRO A 43 56.47 -48.01 -15.09
C PRO A 43 55.77 -48.98 -14.16
N GLY A 44 54.57 -49.43 -14.55
CA GLY A 44 53.79 -50.37 -13.74
C GLY A 44 52.87 -49.70 -12.72
N LYS A 45 52.98 -48.38 -12.58
CA LYS A 45 52.19 -47.60 -11.62
C LYS A 45 51.30 -46.55 -12.26
N GLY A 46 50.34 -46.07 -11.47
CA GLY A 46 49.48 -44.95 -11.83
C GLY A 46 50.14 -43.71 -11.24
N GLU A 47 49.38 -42.64 -11.03
CA GLU A 47 50.01 -41.42 -10.53
C GLU A 47 50.31 -41.47 -9.04
N GLU A 48 51.52 -41.02 -8.68
CA GLU A 48 52.03 -40.91 -7.33
C GLU A 48 52.38 -39.47 -7.02
N LEU A 49 51.87 -38.92 -5.92
CA LEU A 49 52.19 -37.53 -5.62
C LEU A 49 53.61 -37.48 -5.10
N VAL A 50 54.42 -36.51 -5.55
CA VAL A 50 55.79 -36.39 -5.08
C VAL A 50 56.01 -35.22 -4.11
N ALA A 51 55.63 -34.02 -4.55
CA ALA A 51 55.87 -32.84 -3.71
C ALA A 51 55.05 -31.64 -4.16
N ARG A 52 54.79 -30.70 -3.25
CA ARG A 52 54.14 -29.43 -3.59
C ARG A 52 54.77 -28.22 -2.90
N ILE A 53 54.99 -27.13 -3.65
CA ILE A 53 55.51 -25.90 -3.06
C ILE A 53 54.55 -24.75 -3.14
N TYR A 54 54.46 -24.05 -2.01
CA TYR A 54 53.59 -22.91 -1.78
C TYR A 54 54.44 -21.68 -1.43
N PRO A 55 55.12 -21.01 -2.39
CA PRO A 55 56.03 -19.91 -2.17
C PRO A 55 55.42 -18.80 -1.32
N SER A 56 54.11 -18.60 -1.49
CA SER A 56 53.31 -17.60 -0.81
C SER A 56 53.07 -17.83 0.68
N SER A 57 53.30 -19.08 1.11
CA SER A 57 53.18 -19.50 2.49
C SER A 57 54.53 -19.95 3.01
N GLY A 58 55.50 -20.11 2.10
CA GLY A 58 56.84 -20.53 2.46
C GLY A 58 56.94 -22.01 2.78
N TYR A 59 56.03 -22.82 2.23
CA TYR A 59 56.08 -24.23 2.59
C TYR A 59 56.20 -25.22 1.49
N THR A 60 56.84 -26.31 1.86
CA THR A 60 56.95 -27.45 1.00
C THR A 60 56.39 -28.67 1.71
N TYR A 61 55.66 -29.47 0.96
CA TYR A 61 55.09 -30.71 1.46
C TYR A 61 55.50 -31.84 0.56
N TYR A 62 55.72 -33.01 1.14
CA TYR A 62 56.20 -34.17 0.39
C TYR A 62 55.44 -35.44 0.66
N ALA A 63 55.48 -36.33 -0.30
CA ALA A 63 54.95 -37.67 -0.13
C ALA A 63 55.98 -38.51 0.64
N ASP A 64 55.51 -39.48 1.42
CA ASP A 64 56.40 -40.32 2.23
C ASP A 64 57.50 -41.02 1.44
N SER A 65 57.24 -41.40 0.19
CA SER A 65 58.20 -42.12 -0.64
C SER A 65 59.42 -41.31 -1.09
N VAL A 66 59.34 -39.98 -0.99
CA VAL A 66 60.44 -39.12 -1.40
C VAL A 66 61.01 -38.27 -0.26
N LYS A 67 60.35 -38.26 0.90
CA LYS A 67 60.84 -37.48 2.02
C LYS A 67 62.26 -37.87 2.37
N GLY A 68 63.10 -36.86 2.56
CA GLY A 68 64.50 -37.03 2.91
C GLY A 68 65.42 -37.03 1.69
N ARG A 69 64.84 -37.13 0.49
CA ARG A 69 65.65 -37.15 -0.72
C ARG A 69 65.27 -36.05 -1.71
N PHE A 70 63.97 -35.81 -1.88
CA PHE A 70 63.58 -34.84 -2.87
C PHE A 70 63.26 -33.52 -2.22
N THR A 71 63.64 -32.44 -2.87
CA THR A 71 63.35 -31.08 -2.45
C THR A 71 62.58 -30.32 -3.50
N ILE A 72 61.53 -29.67 -3.10
CA ILE A 72 60.78 -28.90 -4.06
C ILE A 72 61.05 -27.44 -3.76
N SER A 73 61.28 -26.66 -4.80
CA SER A 73 61.61 -25.25 -4.68
C SER A 73 60.96 -24.45 -5.80
N ALA A 74 61.04 -23.13 -5.70
CA ALA A 74 60.48 -22.29 -6.75
C ALA A 74 61.22 -20.98 -6.82
N ASP A 75 61.18 -20.39 -8.01
CA ASP A 75 61.72 -19.07 -8.26
C ASP A 75 60.58 -18.16 -8.66
N THR A 76 60.21 -17.27 -7.75
CA THR A 76 59.03 -16.43 -7.91
C THR A 76 59.21 -15.30 -8.92
N SER A 77 60.47 -15.05 -9.31
CA SER A 77 60.78 -14.02 -10.29
C SER A 77 60.66 -14.66 -11.67
N LYS A 78 61.11 -15.93 -11.74
CA LYS A 78 61.06 -16.72 -12.98
C LYS A 78 59.74 -17.44 -13.11
N ASN A 79 58.98 -17.43 -12.02
CA ASN A 79 57.65 -17.99 -11.94
C ASN A 79 57.68 -19.45 -12.31
N THR A 80 58.71 -20.12 -11.84
CA THR A 80 58.96 -21.51 -12.15
C THR A 80 59.11 -22.43 -10.93
N ALA A 81 58.45 -23.58 -11.00
CA ALA A 81 58.55 -24.60 -9.96
C ALA A 81 59.66 -25.57 -10.34
N TYR A 82 60.42 -26.04 -9.36
CA TYR A 82 61.47 -27.00 -9.64
C TYR A 82 61.42 -28.19 -8.72
N LEU A 83 61.83 -29.35 -9.23
CA LEU A 83 61.96 -30.51 -8.37
C LEU A 83 63.40 -30.99 -8.39
N GLN A 84 64.04 -30.97 -7.24
CA GLN A 84 65.42 -31.41 -7.10
C GLN A 84 65.41 -32.82 -6.53
N MET A 85 65.77 -33.79 -7.34
CA MET A 85 65.69 -35.16 -6.87
C MET A 85 67.05 -35.75 -6.56
N ASN A 86 67.37 -35.88 -5.29
CA ASN A 86 68.67 -36.36 -4.89
C ASN A 86 68.61 -37.83 -4.56
N SER A 87 69.76 -38.49 -4.59
CA SER A 87 69.86 -39.89 -4.22
C SER A 87 68.83 -40.74 -4.97
N LEU A 88 68.76 -40.54 -6.28
CA LEU A 88 67.86 -41.30 -7.15
C LEU A 88 68.28 -42.75 -7.28
N ARG A 89 67.29 -43.62 -7.37
CA ARG A 89 67.50 -45.05 -7.56
C ARG A 89 66.75 -45.54 -8.79
N ALA A 90 67.05 -46.74 -9.27
CA ALA A 90 66.37 -47.26 -10.45
C ALA A 90 64.84 -47.28 -10.29
N GLU A 91 64.38 -47.48 -9.06
CA GLU A 91 62.98 -47.53 -8.69
C GLU A 91 62.25 -46.19 -8.87
N ASP A 92 63.01 -45.10 -9.05
CA ASP A 92 62.47 -43.76 -9.22
C ASP A 92 62.30 -43.42 -10.71
N THR A 93 62.57 -44.39 -11.60
CA THR A 93 62.32 -44.10 -13.01
C THR A 93 60.85 -43.88 -13.15
N ALA A 94 60.50 -42.76 -13.75
CA ALA A 94 59.11 -42.42 -13.90
C ALA A 94 58.95 -41.29 -14.85
N VAL A 95 57.75 -41.12 -15.38
CA VAL A 95 57.53 -39.90 -16.09
C VAL A 95 57.10 -38.92 -15.03
N TYR A 96 57.76 -37.80 -14.96
CA TYR A 96 57.44 -36.80 -13.98
C TYR A 96 56.64 -35.76 -14.66
N TYR A 97 55.62 -35.31 -13.97
CA TYR A 97 54.71 -34.29 -14.46
C TYR A 97 54.62 -33.21 -13.41
N CYS A 98 54.38 -31.97 -13.85
CA CYS A 98 54.05 -30.88 -12.93
C CYS A 98 52.54 -30.72 -12.92
N ALA A 99 52.01 -30.28 -11.78
CA ALA A 99 50.57 -30.09 -11.69
C ALA A 99 50.21 -28.95 -10.74
N ARG A 100 49.02 -28.38 -11.06
CA ARG A 100 48.56 -27.14 -10.37
C ARG A 100 47.33 -27.31 -9.48
N TRP A 101 47.45 -26.93 -8.23
CA TRP A 101 46.46 -26.85 -7.16
C TRP A 101 46.25 -25.40 -6.72
N ASP A 102 45.07 -24.82 -6.88
CA ASP A 102 44.96 -23.44 -6.40
C ASP A 102 44.52 -23.45 -4.93
N PHE A 103 44.85 -22.41 -4.18
CA PHE A 103 44.41 -22.29 -2.80
C PHE A 103 42.87 -22.22 -2.70
N ALA A 104 42.30 -22.70 -1.57
CA ALA A 104 40.86 -22.63 -1.26
C ALA A 104 40.63 -21.63 -0.13
N GLY A 110 35.11 -25.53 1.03
CA GLY A 110 36.32 -24.90 0.54
C GLY A 110 37.33 -25.94 0.03
N SER A 111 36.96 -26.72 -1.01
CA SER A 111 37.78 -27.76 -1.66
C SER A 111 38.67 -27.27 -2.81
N SER A 112 39.63 -28.13 -3.21
CA SER A 112 40.52 -27.90 -4.36
C SER A 112 41.16 -29.21 -4.84
N GLY A 113 42.02 -29.14 -5.84
CA GLY A 113 42.65 -30.34 -6.41
C GLY A 113 43.59 -30.01 -7.58
N LEU A 114 44.17 -31.03 -8.21
CA LEU A 114 45.10 -30.80 -9.32
C LEU A 114 44.38 -30.80 -10.67
N ASP A 115 44.07 -29.59 -11.16
CA ASP A 115 43.31 -29.44 -12.40
C ASP A 115 44.19 -29.16 -13.60
N TYR A 116 45.32 -28.50 -13.38
CA TYR A 116 46.19 -28.18 -14.51
C TYR A 116 47.39 -29.08 -14.49
N TRP A 117 47.72 -29.62 -15.67
CA TRP A 117 48.85 -30.53 -15.80
C TRP A 117 49.84 -30.14 -16.89
N GLY A 118 51.10 -30.46 -16.67
CA GLY A 118 52.13 -30.24 -17.67
C GLY A 118 52.13 -31.42 -18.62
N GLN A 119 53.13 -31.50 -19.49
CA GLN A 119 53.18 -32.56 -20.49
C GLN A 119 53.83 -33.83 -20.01
N GLY A 120 54.69 -33.70 -19.02
CA GLY A 120 55.44 -34.82 -18.52
C GLY A 120 56.79 -34.96 -19.22
N THR A 121 57.77 -35.47 -18.49
CA THR A 121 59.06 -35.73 -19.08
C THR A 121 59.63 -36.98 -18.42
N LEU A 122 60.39 -37.76 -19.16
CA LEU A 122 60.89 -38.97 -18.55
C LEU A 122 62.23 -38.84 -17.89
N VAL A 123 62.27 -39.32 -16.66
CA VAL A 123 63.47 -39.39 -15.88
C VAL A 123 63.84 -40.85 -15.76
N THR A 124 64.99 -41.18 -16.33
CA THR A 124 65.46 -42.55 -16.32
C THR A 124 66.58 -42.66 -15.36
N VAL A 125 66.47 -43.58 -14.42
CA VAL A 125 67.55 -43.69 -13.49
C VAL A 125 68.12 -45.09 -13.73
N SER A 126 69.36 -45.15 -14.18
CA SER A 126 69.98 -46.44 -14.49
C SER A 126 71.51 -46.32 -14.52
N SER A 127 72.23 -47.44 -14.33
CA SER A 127 73.71 -47.49 -14.35
C SER A 127 74.19 -48.02 -15.70
N GLU A 148 73.82 -36.51 -22.96
CA GLU A 148 74.24 -37.94 -22.98
C GLU A 148 73.86 -38.56 -24.33
N VAL A 149 73.32 -37.76 -25.25
CA VAL A 149 72.86 -38.32 -26.54
C VAL A 149 73.87 -38.27 -27.67
N GLN A 150 73.97 -39.39 -28.36
CA GLN A 150 74.83 -39.54 -29.51
C GLN A 150 74.26 -40.49 -30.56
N LEU A 151 74.40 -40.12 -31.82
CA LEU A 151 74.04 -41.05 -32.88
C LEU A 151 75.34 -41.72 -33.30
N VAL A 152 75.35 -43.04 -33.22
CA VAL A 152 76.58 -43.77 -33.50
C VAL A 152 76.46 -44.65 -34.72
N GLU A 153 77.27 -44.39 -35.74
CA GLU A 153 77.10 -45.19 -36.95
C GLU A 153 78.36 -45.83 -37.51
N SER A 154 78.13 -46.91 -38.24
CA SER A 154 79.15 -47.69 -38.91
C SER A 154 78.58 -48.43 -40.13
N GLY A 155 79.45 -49.12 -40.88
CA GLY A 155 79.00 -49.88 -42.05
C GLY A 155 79.41 -49.30 -43.40
N GLY A 156 80.31 -48.33 -43.44
CA GLY A 156 80.72 -47.78 -44.73
C GLY A 156 81.74 -48.73 -45.35
N GLY A 157 82.34 -48.33 -46.46
CA GLY A 157 83.28 -49.21 -47.16
C GLY A 157 83.08 -49.18 -48.67
N LEU A 158 83.75 -50.11 -49.37
CA LEU A 158 83.69 -50.20 -50.83
C LEU A 158 82.76 -51.30 -51.31
N VAL A 159 81.84 -50.91 -52.18
CA VAL A 159 80.87 -51.78 -52.81
C VAL A 159 80.97 -51.62 -54.33
N GLN A 160 80.79 -52.71 -55.06
CA GLN A 160 80.86 -52.61 -56.51
C GLN A 160 79.50 -52.19 -57.05
N PRO A 161 79.41 -51.48 -58.19
CA PRO A 161 78.18 -51.11 -58.84
C PRO A 161 77.35 -52.34 -59.09
N GLY A 162 76.07 -52.24 -58.80
CA GLY A 162 75.10 -53.29 -58.96
C GLY A 162 74.94 -54.09 -57.66
N GLY A 163 75.84 -53.87 -56.70
CA GLY A 163 75.81 -54.55 -55.42
C GLY A 163 75.07 -53.75 -54.39
N SER A 164 75.30 -54.07 -53.12
CA SER A 164 74.59 -53.40 -52.06
C SER A 164 75.43 -53.23 -50.82
N LEU A 165 75.04 -52.25 -50.02
CA LEU A 165 75.71 -51.96 -48.76
C LEU A 165 74.70 -51.57 -47.67
N ARG A 166 74.94 -52.05 -46.45
CA ARG A 166 74.01 -51.78 -45.32
C ARG A 166 74.68 -50.88 -44.27
N LEU A 167 74.04 -49.77 -43.92
CA LEU A 167 74.51 -48.87 -42.86
C LEU A 167 73.71 -49.09 -41.59
N SER A 168 74.34 -48.87 -40.45
CA SER A 168 73.69 -49.03 -39.14
C SER A 168 73.99 -47.87 -38.16
N CYS A 169 72.93 -47.25 -37.57
CA CYS A 169 73.01 -46.10 -36.64
C CYS A 169 72.29 -46.39 -35.33
N ALA A 170 73.07 -46.51 -34.26
CA ALA A 170 72.53 -46.80 -32.96
C ALA A 170 72.11 -45.51 -32.26
N ALA A 171 71.01 -45.60 -31.54
CA ALA A 171 70.52 -44.49 -30.75
C ALA A 171 71.00 -44.58 -29.29
N SER A 172 71.98 -43.74 -28.95
CA SER A 172 72.52 -43.74 -27.60
C SER A 172 71.93 -42.58 -26.82
N GLY A 173 71.36 -42.86 -25.64
CA GLY A 173 70.79 -41.81 -24.79
C GLY A 173 69.30 -41.56 -24.98
N PHE A 174 68.70 -42.19 -25.97
CA PHE A 174 67.29 -42.00 -26.23
C PHE A 174 66.76 -43.26 -26.88
N ARG A 175 65.44 -43.40 -26.95
CA ARG A 175 64.83 -44.58 -27.55
C ARG A 175 64.05 -44.19 -28.79
N ILE A 176 64.34 -44.85 -29.90
CA ILE A 176 63.71 -44.46 -31.17
C ILE A 176 62.19 -44.69 -31.18
N TYR A 177 61.76 -45.89 -30.81
CA TYR A 177 60.33 -46.20 -30.83
C TYR A 177 59.56 -45.47 -29.73
N SER A 178 59.98 -45.69 -28.48
CA SER A 178 59.24 -45.16 -27.34
C SER A 178 59.34 -43.67 -27.08
N TYR A 179 60.34 -42.96 -27.60
CA TYR A 179 60.36 -41.53 -27.31
C TYR A 179 59.95 -40.73 -28.54
N TYR A 180 59.45 -41.43 -29.58
CA TYR A 180 59.05 -40.78 -30.82
C TYR A 180 60.21 -39.96 -31.42
N SER A 181 61.41 -40.56 -31.46
CA SER A 181 62.60 -39.92 -32.01
C SER A 181 62.91 -40.61 -33.29
N TYR A 182 62.70 -39.95 -34.40
CA TYR A 182 62.76 -40.67 -35.65
C TYR A 182 64.14 -40.62 -36.26
N ILE A 183 64.52 -41.66 -36.98
CA ILE A 183 65.86 -41.66 -37.56
C ILE A 183 65.81 -41.72 -39.07
N GLY A 184 66.55 -40.83 -39.69
CA GLY A 184 66.65 -40.85 -41.13
C GLY A 184 68.10 -40.87 -41.57
N TRP A 185 68.29 -40.87 -42.88
CA TRP A 185 69.61 -40.88 -43.48
C TRP A 185 69.71 -39.78 -44.50
N VAL A 186 70.90 -39.22 -44.53
CA VAL A 186 71.36 -38.13 -45.36
C VAL A 186 72.64 -38.46 -46.08
N ARG A 187 72.79 -38.05 -47.32
CA ARG A 187 74.07 -38.30 -47.96
C ARG A 187 74.65 -37.06 -48.59
N ARG A 188 75.97 -36.96 -48.59
CA ARG A 188 76.63 -35.85 -49.24
C ARG A 188 77.66 -36.34 -50.26
N ALA A 189 77.28 -36.33 -51.53
CA ALA A 189 78.15 -36.80 -52.61
C ALA A 189 79.28 -35.81 -52.76
N PRO A 190 80.49 -36.18 -53.18
CA PRO A 190 81.56 -35.23 -53.39
C PRO A 190 81.07 -34.16 -54.36
N GLY A 191 81.32 -32.90 -54.01
CA GLY A 191 80.92 -31.76 -54.85
C GLY A 191 79.47 -31.29 -54.60
N LYS A 192 78.75 -31.99 -53.73
CA LYS A 192 77.36 -31.70 -53.42
C LYS A 192 77.14 -31.39 -51.96
N GLY A 193 75.96 -30.81 -51.65
CA GLY A 193 75.54 -30.53 -50.29
C GLY A 193 74.73 -31.73 -49.80
N GLU A 194 74.01 -31.57 -48.69
CA GLU A 194 73.28 -32.70 -48.13
C GLU A 194 71.94 -32.99 -48.82
N GLU A 195 71.71 -34.28 -49.09
CA GLU A 195 70.45 -34.71 -49.76
C GLU A 195 69.77 -35.76 -48.86
N LEU A 196 68.47 -35.57 -48.58
CA LEU A 196 67.74 -36.48 -47.71
C LEU A 196 67.54 -37.78 -48.48
N VAL A 197 67.81 -38.92 -47.85
CA VAL A 197 67.68 -40.23 -48.49
C VAL A 197 66.47 -41.04 -48.02
N ALA A 198 66.32 -41.16 -46.70
CA ALA A 198 65.21 -41.97 -46.18
C ALA A 198 64.88 -41.63 -44.72
N ARG A 199 63.65 -41.93 -44.31
CA ARG A 199 63.23 -41.74 -42.93
C ARG A 199 62.39 -42.90 -42.39
N ILE A 200 62.67 -43.33 -41.16
CA ILE A 200 61.83 -44.35 -40.55
C ILE A 200 61.26 -43.89 -39.23
N TYR A 201 59.97 -44.19 -39.09
CA TYR A 201 59.18 -43.87 -37.95
C TYR A 201 58.54 -45.10 -37.30
N PRO A 202 59.31 -45.93 -36.55
CA PRO A 202 58.84 -47.19 -35.96
C PRO A 202 57.62 -47.04 -35.07
N SER A 203 57.43 -45.87 -34.44
CA SER A 203 56.31 -45.63 -33.54
C SER A 203 54.98 -45.48 -34.28
N SER A 204 55.06 -45.28 -35.61
CA SER A 204 53.90 -45.17 -36.45
C SER A 204 53.90 -46.30 -37.43
N GLY A 205 55.05 -46.98 -37.59
CA GLY A 205 55.21 -48.09 -38.51
C GLY A 205 55.38 -47.68 -39.96
N TYR A 206 55.91 -46.48 -40.21
CA TYR A 206 56.05 -45.99 -41.59
C TYR A 206 57.44 -45.59 -42.02
N THR A 207 57.68 -45.77 -43.31
CA THR A 207 58.92 -45.37 -43.93
C THR A 207 58.66 -44.45 -45.10
N TYR A 208 59.60 -43.54 -45.32
CA TYR A 208 59.54 -42.60 -46.40
C TYR A 208 60.88 -42.54 -47.13
N TYR A 209 60.85 -42.28 -48.43
CA TYR A 209 62.09 -42.21 -49.21
C TYR A 209 62.14 -41.00 -50.10
N ALA A 210 63.36 -40.59 -50.44
CA ALA A 210 63.57 -39.53 -51.42
C ALA A 210 63.40 -40.11 -52.83
N ASP A 211 62.96 -39.28 -53.77
CA ASP A 211 62.73 -39.74 -55.14
C ASP A 211 63.95 -40.39 -55.80
N SER A 212 65.15 -39.94 -55.46
CA SER A 212 66.40 -40.43 -56.04
C SER A 212 66.77 -41.85 -55.61
N VAL A 213 66.15 -42.36 -54.55
CA VAL A 213 66.45 -43.70 -54.07
C VAL A 213 65.23 -44.64 -54.05
N LYS A 214 64.04 -44.10 -54.32
CA LYS A 214 62.85 -44.94 -54.34
C LYS A 214 63.00 -46.08 -55.32
N GLY A 215 62.65 -47.28 -54.86
CA GLY A 215 62.73 -48.50 -55.65
C GLY A 215 64.04 -49.25 -55.43
N ARG A 216 65.02 -48.60 -54.77
CA ARG A 216 66.30 -49.24 -54.53
C ARG A 216 66.66 -49.31 -53.05
N PHE A 217 66.39 -48.23 -52.32
CA PHE A 217 66.80 -48.23 -50.91
C PHE A 217 65.63 -48.58 -50.02
N THR A 218 65.91 -49.34 -48.98
CA THR A 218 64.94 -49.70 -47.95
C THR A 218 65.43 -49.26 -46.58
N ILE A 219 64.57 -48.62 -45.82
CA ILE A 219 64.97 -48.20 -44.50
C ILE A 219 64.18 -49.06 -43.53
N SER A 220 64.84 -49.50 -42.48
CA SER A 220 64.25 -50.37 -41.47
C SER A 220 64.84 -50.05 -40.12
N ALA A 221 64.29 -50.67 -39.07
CA ALA A 221 64.81 -50.48 -37.73
C ALA A 221 64.53 -51.71 -36.90
N ASP A 222 65.35 -51.90 -35.89
CA ASP A 222 65.19 -52.98 -34.94
C ASP A 222 65.07 -52.33 -33.57
N THR A 223 63.87 -52.33 -33.04
CA THR A 223 63.56 -51.62 -31.81
C THR A 223 64.12 -52.31 -30.58
N SER A 224 64.58 -53.57 -30.72
CA SER A 224 65.13 -54.27 -29.57
C SER A 224 66.62 -53.92 -29.40
N LYS A 225 67.21 -53.31 -30.43
CA LYS A 225 68.63 -52.94 -30.47
C LYS A 225 68.75 -51.44 -30.47
N ASN A 226 67.59 -50.79 -30.55
CA ASN A 226 67.44 -49.35 -30.62
C ASN A 226 68.31 -48.81 -31.77
N THR A 227 68.27 -49.52 -32.90
CA THR A 227 69.10 -49.18 -34.06
C THR A 227 68.34 -49.04 -35.38
N ALA A 228 68.69 -47.99 -36.13
CA ALA A 228 68.12 -47.76 -37.46
C ALA A 228 69.08 -48.28 -38.52
N TYR A 229 68.55 -48.80 -39.61
CA TYR A 229 69.40 -49.31 -40.69
C TYR A 229 68.98 -48.78 -42.05
N LEU A 230 69.96 -48.64 -42.95
CA LEU A 230 69.65 -48.31 -44.34
C LEU A 230 70.23 -49.38 -45.26
N GLN A 231 69.37 -50.05 -46.02
CA GLN A 231 69.77 -51.09 -46.95
C GLN A 231 69.77 -50.51 -48.35
N MET A 232 70.95 -50.35 -48.93
CA MET A 232 71.00 -49.71 -50.23
C MET A 232 71.30 -50.68 -51.34
N ASN A 233 70.30 -51.00 -52.16
CA ASN A 233 70.47 -51.99 -53.20
C ASN A 233 70.75 -51.34 -54.54
N SER A 234 71.35 -52.11 -55.45
CA SER A 234 71.60 -51.64 -56.81
C SER A 234 72.32 -50.29 -56.80
N LEU A 235 73.37 -50.21 -56.00
CA LEU A 235 74.20 -49.00 -55.90
C LEU A 235 74.99 -48.75 -57.15
N ARG A 236 75.14 -47.48 -57.49
CA ARG A 236 75.89 -47.07 -58.67
C ARG A 236 76.95 -46.05 -58.27
N ALA A 237 77.91 -45.75 -59.16
CA ALA A 237 78.99 -44.83 -58.83
C ALA A 237 78.46 -43.46 -58.37
N GLU A 238 77.32 -43.05 -58.91
CA GLU A 238 76.67 -41.79 -58.60
C GLU A 238 76.18 -41.70 -57.14
N ASP A 239 76.13 -42.83 -56.44
CA ASP A 239 75.67 -42.92 -55.06
C ASP A 239 76.83 -42.79 -54.08
N THR A 240 78.06 -42.55 -54.58
CA THR A 240 79.16 -42.35 -53.64
C THR A 240 78.86 -41.11 -52.85
N ALA A 241 78.93 -41.24 -51.55
CA ALA A 241 78.65 -40.13 -50.67
C ALA A 241 79.05 -40.45 -49.27
N VAL A 242 79.20 -39.44 -48.45
CA VAL A 242 79.32 -39.75 -47.05
C VAL A 242 77.90 -39.82 -46.55
N TYR A 243 77.55 -40.91 -45.91
CA TYR A 243 76.22 -41.09 -45.41
C TYR A 243 76.24 -40.78 -43.95
N TYR A 244 75.19 -40.11 -43.50
CA TYR A 244 75.03 -39.71 -42.13
C TYR A 244 73.65 -40.13 -41.66
N CYS A 245 73.51 -40.44 -40.38
CA CYS A 245 72.20 -40.65 -39.74
C CYS A 245 71.83 -39.38 -38.99
N ALA A 246 70.53 -39.12 -38.88
CA ALA A 246 70.09 -37.95 -38.13
C ALA A 246 68.78 -38.19 -37.40
N ARG A 247 68.64 -37.50 -36.28
CA ARG A 247 67.46 -37.57 -35.43
C ARG A 247 66.45 -36.46 -35.68
N TRP A 248 65.19 -36.84 -35.76
CA TRP A 248 64.10 -35.89 -35.91
C TRP A 248 63.01 -36.19 -34.90
N ASP A 249 62.97 -35.46 -33.81
CA ASP A 249 61.92 -35.75 -32.84
C ASP A 249 60.58 -35.33 -33.35
N PHE A 250 59.58 -36.03 -32.86
CA PHE A 250 58.22 -35.71 -33.17
C PHE A 250 57.93 -34.23 -32.87
N ALA A 251 57.27 -33.55 -33.84
CA ALA A 251 56.86 -32.16 -33.80
C ALA A 251 56.02 -31.94 -35.04
N GLY A 257 54.03 -24.63 -34.89
CA GLY A 257 54.99 -25.69 -34.70
C GLY A 257 56.28 -25.48 -35.52
N SER A 258 57.39 -26.11 -35.07
CA SER A 258 58.73 -26.07 -35.73
C SER A 258 59.48 -27.34 -35.41
N SER A 259 60.53 -27.61 -36.18
CA SER A 259 61.36 -28.79 -35.96
C SER A 259 62.66 -28.65 -36.75
N GLY A 260 63.55 -29.63 -36.57
CA GLY A 260 64.79 -29.71 -37.33
C GLY A 260 65.62 -30.89 -36.87
N LEU A 261 66.77 -31.10 -37.51
CA LEU A 261 67.65 -32.21 -37.17
C LEU A 261 68.80 -31.71 -36.29
N ASP A 262 68.74 -32.02 -35.00
CA ASP A 262 69.71 -31.57 -34.02
C ASP A 262 70.90 -32.53 -33.86
N TYR A 263 70.60 -33.80 -33.67
CA TYR A 263 71.63 -34.82 -33.50
C TYR A 263 71.93 -35.50 -34.82
N TRP A 264 73.21 -35.60 -35.09
CA TRP A 264 73.76 -36.22 -36.29
C TRP A 264 74.80 -37.26 -35.92
N GLY A 265 74.91 -38.30 -36.73
CA GLY A 265 75.95 -39.28 -36.51
C GLY A 265 77.22 -38.69 -37.06
N GLN A 266 78.33 -39.40 -36.90
CA GLN A 266 79.59 -38.86 -37.37
C GLN A 266 79.78 -38.98 -38.88
N GLY A 267 78.98 -39.85 -39.52
CA GLY A 267 79.10 -40.09 -40.94
C GLY A 267 80.08 -41.22 -41.30
N THR A 268 79.82 -41.87 -42.42
CA THR A 268 80.75 -42.88 -42.89
C THR A 268 80.76 -42.86 -44.42
N LEU A 269 81.89 -43.17 -45.01
CA LEU A 269 81.94 -43.11 -46.46
C LEU A 269 81.57 -44.40 -47.17
N VAL A 270 80.64 -44.26 -48.10
CA VAL A 270 80.22 -45.32 -48.96
C VAL A 270 80.74 -45.03 -50.34
N THR A 271 81.62 -45.90 -50.81
CA THR A 271 82.24 -45.71 -52.10
C THR A 271 81.68 -46.74 -53.02
N VAL A 272 81.18 -46.29 -54.16
CA VAL A 272 80.67 -47.27 -55.08
C VAL A 272 81.54 -47.12 -56.31
N SER A 273 82.26 -48.16 -56.66
CA SER A 273 83.18 -48.05 -57.81
C SER A 273 83.57 -49.43 -58.33
N SER A 274 84.00 -49.51 -59.61
CA SER A 274 84.47 -50.73 -60.29
C SER A 274 85.82 -51.19 -59.69
N GLU A 295 74.20 5.79 -34.98
CA GLU A 295 74.53 6.18 -36.39
C GLU A 295 74.78 7.69 -36.44
N VAL A 296 74.66 8.37 -35.30
CA VAL A 296 74.86 9.83 -35.26
C VAL A 296 76.33 10.25 -35.17
N GLN A 297 76.69 11.16 -36.06
CA GLN A 297 78.04 11.72 -36.15
C GLN A 297 78.03 13.10 -36.77
N LEU A 298 78.86 14.01 -36.26
CA LEU A 298 78.94 15.29 -36.98
C LEU A 298 80.24 15.24 -37.81
N VAL A 299 80.05 15.15 -39.13
CA VAL A 299 81.17 14.95 -40.05
C VAL A 299 81.72 16.27 -40.51
N GLU A 300 83.02 16.52 -40.38
CA GLU A 300 83.44 17.87 -40.72
C GLU A 300 84.75 18.07 -41.42
N SER A 301 84.77 19.20 -42.12
CA SER A 301 85.90 19.69 -42.88
C SER A 301 85.89 21.22 -42.94
N GLY A 302 86.91 21.77 -43.62
CA GLY A 302 87.05 23.23 -43.73
C GLY A 302 88.17 23.83 -42.90
N GLY A 303 89.02 23.00 -42.31
CA GLY A 303 90.11 23.53 -41.51
C GLY A 303 91.23 23.96 -42.46
N GLY A 304 92.37 24.34 -41.92
CA GLY A 304 93.48 24.83 -42.75
C GLY A 304 94.13 26.07 -42.16
N LEU A 305 95.02 26.69 -42.94
CA LEU A 305 95.75 27.88 -42.51
C LEU A 305 95.20 29.19 -43.05
N VAL A 306 94.94 30.09 -42.13
CA VAL A 306 94.43 31.42 -42.39
C VAL A 306 95.33 32.45 -41.71
N GLN A 307 95.56 33.58 -42.34
CA GLN A 307 96.37 34.61 -41.74
C GLN A 307 95.53 35.42 -40.74
N PRO A 308 96.12 35.96 -39.66
CA PRO A 308 95.42 36.75 -38.69
C PRO A 308 94.87 37.99 -39.37
N GLY A 309 93.66 38.33 -39.00
CA GLY A 309 92.91 39.45 -39.54
C GLY A 309 91.99 38.97 -40.66
N GLY A 310 92.19 37.74 -41.12
CA GLY A 310 91.39 37.16 -42.18
C GLY A 310 90.26 36.32 -41.60
N SER A 311 89.75 35.40 -42.41
CA SER A 311 88.63 34.60 -41.95
C SER A 311 88.68 33.19 -42.50
N LEU A 312 88.01 32.29 -41.77
CA LEU A 312 87.90 30.90 -42.17
C LEU A 312 86.51 30.34 -41.86
N ARG A 313 85.98 29.53 -42.78
CA ARG A 313 84.63 28.96 -42.59
C ARG A 313 84.70 27.43 -42.41
N LEU A 314 84.08 26.92 -41.35
CA LEU A 314 84.01 25.48 -41.09
C LEU A 314 82.62 24.90 -41.38
N SER A 315 82.55 23.62 -41.74
CA SER A 315 81.26 22.95 -42.02
C SER A 315 81.08 21.49 -41.48
N CYS A 316 79.96 21.23 -40.73
CA CYS A 316 79.58 19.93 -40.16
C CYS A 316 78.30 19.36 -40.78
N ALA A 317 78.43 18.19 -41.36
CA ALA A 317 77.31 17.52 -41.96
C ALA A 317 76.65 16.65 -40.90
N ALA A 318 75.35 16.77 -40.77
CA ALA A 318 74.64 16.00 -39.77
C ALA A 318 74.24 14.63 -40.26
N SER A 319 74.90 13.60 -39.73
CA SER A 319 74.59 12.24 -40.12
C SER A 319 73.79 11.59 -39.00
N GLY A 320 72.77 10.80 -39.37
CA GLY A 320 71.97 10.04 -38.39
C GLY A 320 70.74 10.77 -37.84
N PHE A 321 70.58 12.04 -38.19
CA PHE A 321 69.46 12.85 -37.70
C PHE A 321 69.21 13.99 -38.66
N ARG A 322 68.15 14.75 -38.41
CA ARG A 322 67.85 15.92 -39.23
C ARG A 322 67.75 17.12 -38.29
N ILE A 323 68.51 18.15 -38.62
CA ILE A 323 68.66 19.30 -37.73
C ILE A 323 67.39 20.10 -37.51
N TYR A 324 66.78 20.54 -38.61
CA TYR A 324 65.58 21.41 -38.48
C TYR A 324 64.44 20.63 -37.84
N SER A 325 64.06 19.49 -38.44
CA SER A 325 62.86 18.75 -38.06
C SER A 325 62.84 18.11 -36.68
N TYR A 326 63.98 17.78 -36.10
CA TYR A 326 63.92 17.18 -34.78
C TYR A 326 64.35 18.15 -33.69
N TYR A 327 64.52 19.43 -34.01
CA TYR A 327 64.93 20.45 -33.00
C TYR A 327 66.27 20.05 -32.37
N SER A 328 67.19 19.54 -33.18
CA SER A 328 68.52 19.14 -32.77
C SER A 328 69.38 20.33 -33.08
N TYR A 329 70.03 20.89 -32.06
CA TYR A 329 70.77 22.16 -32.31
C TYR A 329 72.26 21.91 -32.37
N ILE A 330 72.96 22.53 -33.34
CA ILE A 330 74.38 22.22 -33.47
C ILE A 330 75.27 23.41 -33.18
N GLY A 331 76.20 23.20 -32.26
CA GLY A 331 77.15 24.23 -31.95
C GLY A 331 78.56 23.81 -32.27
N TRP A 332 79.48 24.67 -31.89
CA TRP A 332 80.89 24.49 -32.07
C TRP A 332 81.58 24.71 -30.74
N VAL A 333 82.58 23.88 -30.53
CA VAL A 333 83.46 23.86 -29.37
C VAL A 333 84.89 23.81 -29.91
N ARG A 334 85.83 24.48 -29.27
CA ARG A 334 87.19 24.40 -29.77
C ARG A 334 88.17 24.03 -28.69
N ARG A 335 89.26 23.39 -29.08
CA ARG A 335 90.32 23.10 -28.12
C ARG A 335 91.67 23.63 -28.60
N ALA A 336 92.08 24.77 -28.05
CA ALA A 336 93.32 25.44 -28.43
C ALA A 336 94.49 24.63 -27.92
N PRO A 337 95.67 24.67 -28.54
CA PRO A 337 96.84 24.00 -28.01
C PRO A 337 97.05 24.48 -26.59
N GLY A 338 97.28 23.56 -25.67
CA GLY A 338 97.52 23.89 -24.26
C GLY A 338 96.24 24.08 -23.43
N LYS A 339 95.07 23.98 -24.07
CA LYS A 339 93.78 24.18 -23.41
C LYS A 339 92.85 22.99 -23.56
N GLY A 340 91.80 22.97 -22.74
CA GLY A 340 90.73 21.98 -22.82
C GLY A 340 89.63 22.60 -23.68
N GLU A 341 88.46 21.98 -23.71
CA GLU A 341 87.36 22.46 -24.53
C GLU A 341 86.76 23.80 -24.08
N GLU A 342 86.48 24.65 -25.07
CA GLU A 342 85.88 25.98 -24.91
C GLU A 342 84.67 26.14 -25.84
N LEU A 343 83.56 26.66 -25.33
CA LEU A 343 82.41 26.85 -26.23
C LEU A 343 82.69 27.98 -27.21
N VAL A 344 82.21 27.84 -28.43
CA VAL A 344 82.31 28.89 -29.41
C VAL A 344 80.92 29.47 -29.76
N ALA A 345 80.01 28.61 -30.22
CA ALA A 345 78.70 29.10 -30.64
C ALA A 345 77.65 27.99 -30.75
N ARG A 346 76.37 28.34 -30.70
CA ARG A 346 75.29 27.37 -30.93
C ARG A 346 74.18 27.92 -31.83
N ILE A 347 73.74 27.13 -32.82
CA ILE A 347 72.63 27.58 -33.65
C ILE A 347 71.44 26.65 -33.61
N TYR A 348 70.31 27.31 -33.52
CA TYR A 348 69.01 26.73 -33.44
C TYR A 348 68.18 27.23 -34.63
N PRO A 349 68.36 26.71 -35.87
CA PRO A 349 67.72 27.24 -37.07
C PRO A 349 66.22 27.04 -37.06
N SER A 350 65.77 26.06 -36.29
CA SER A 350 64.38 25.72 -36.15
C SER A 350 63.65 26.57 -35.14
N SER A 351 64.45 27.41 -34.46
CA SER A 351 63.91 28.31 -33.43
C SER A 351 64.39 29.74 -33.73
N GLY A 352 65.32 29.90 -34.68
CA GLY A 352 65.79 31.22 -35.06
C GLY A 352 66.71 31.88 -34.04
N TYR A 353 67.42 31.07 -33.26
CA TYR A 353 68.30 31.65 -32.24
C TYR A 353 69.74 31.26 -32.39
N THR A 354 70.60 32.18 -32.00
CA THR A 354 72.02 31.91 -31.92
C THR A 354 72.53 32.35 -30.59
N TYR A 355 73.51 31.61 -30.09
CA TYR A 355 74.16 31.91 -28.84
C TYR A 355 75.66 31.86 -29.07
N TYR A 356 76.40 32.72 -28.38
CA TYR A 356 77.84 32.75 -28.53
C TYR A 356 78.55 32.75 -27.21
N ALA A 357 79.76 32.25 -27.21
CA ALA A 357 80.62 32.34 -26.04
C ALA A 357 81.24 33.73 -26.01
N ASP A 358 81.50 34.25 -24.81
CA ASP A 358 82.06 35.60 -24.67
C ASP A 358 83.35 35.86 -25.45
N SER A 359 84.19 34.84 -25.60
CA SER A 359 85.47 34.98 -26.28
C SER A 359 85.39 35.18 -27.79
N VAL A 360 84.22 34.89 -28.40
CA VAL A 360 84.07 35.04 -29.84
C VAL A 360 82.98 36.06 -30.23
N LYS A 361 82.21 36.55 -29.25
CA LYS A 361 81.16 37.51 -29.56
C LYS A 361 81.72 38.74 -30.26
N GLY A 362 81.04 39.13 -31.33
CA GLY A 362 81.42 40.29 -32.13
C GLY A 362 82.28 39.92 -33.33
N ARG A 363 82.81 38.70 -33.36
CA ARG A 363 83.66 38.27 -34.47
C ARG A 363 83.14 37.02 -35.18
N PHE A 364 82.63 36.07 -34.40
CA PHE A 364 82.19 34.83 -35.04
C PHE A 364 80.68 34.85 -35.20
N THR A 365 80.23 34.30 -36.32
CA THR A 365 78.81 34.14 -36.63
C THR A 365 78.49 32.68 -36.88
N ILE A 366 77.41 32.20 -36.29
CA ILE A 366 77.06 30.81 -36.51
C ILE A 366 75.81 30.78 -37.39
N SER A 367 75.81 29.87 -38.35
CA SER A 367 74.71 29.74 -39.31
C SER A 367 74.48 28.27 -39.65
N ALA A 368 73.40 28.00 -40.38
CA ALA A 368 73.08 26.64 -40.80
C ALA A 368 72.30 26.69 -42.10
N ASP A 369 72.41 25.62 -42.88
CA ASP A 369 71.64 25.48 -44.10
C ASP A 369 70.80 24.22 -43.97
N THR A 370 69.51 24.44 -43.77
CA THR A 370 68.59 23.38 -43.45
C THR A 370 68.27 22.49 -44.65
N SER A 371 68.65 22.93 -45.86
CA SER A 371 68.40 22.12 -47.05
C SER A 371 69.55 21.14 -47.30
N LYS A 372 70.67 21.33 -46.59
CA LYS A 372 71.88 20.53 -46.74
C LYS A 372 72.14 19.72 -45.48
N ASN A 373 71.30 19.96 -44.48
CA ASN A 373 71.40 19.37 -43.16
C ASN A 373 72.82 19.61 -42.62
N THR A 374 73.32 20.85 -42.82
CA THR A 374 74.68 21.22 -42.44
C THR A 374 74.80 22.48 -41.55
N ALA A 375 75.65 22.38 -40.52
CA ALA A 375 75.95 23.51 -39.63
C ALA A 375 77.25 24.20 -40.07
N TYR A 376 77.30 25.54 -39.94
CA TYR A 376 78.51 26.26 -40.33
C TYR A 376 79.02 27.24 -39.26
N LEU A 377 80.33 27.46 -39.23
CA LEU A 377 80.89 28.51 -38.38
C LEU A 377 81.70 29.49 -39.21
N GLN A 378 81.31 30.76 -39.16
CA GLN A 378 81.99 31.81 -39.89
C GLN A 378 82.89 32.56 -38.93
N MET A 379 84.20 32.43 -39.06
CA MET A 379 85.07 33.07 -38.10
C MET A 379 85.81 34.25 -38.69
N ASN A 380 85.38 35.47 -38.37
CA ASN A 380 85.98 36.64 -38.96
C ASN A 380 87.00 37.22 -38.00
N SER A 381 87.92 38.02 -38.53
CA SER A 381 88.90 38.70 -37.70
C SER A 381 89.62 37.73 -36.76
N LEU A 382 90.08 36.61 -37.33
CA LEU A 382 90.82 35.59 -36.60
C LEU A 382 92.16 36.07 -36.10
N ARG A 383 92.52 35.61 -34.91
CA ARG A 383 93.78 35.92 -34.26
C ARG A 383 94.60 34.65 -34.00
N ALA A 384 95.89 34.79 -33.75
CA ALA A 384 96.72 33.62 -33.47
C ALA A 384 96.15 32.81 -32.28
N GLU A 385 95.55 33.50 -31.33
CA GLU A 385 94.94 32.94 -30.13
C GLU A 385 93.74 32.03 -30.41
N ASP A 386 93.19 32.07 -31.64
CA ASP A 386 92.05 31.28 -32.05
C ASP A 386 92.47 29.95 -32.68
N THR A 387 93.78 29.66 -32.69
CA THR A 387 94.19 28.36 -33.22
C THR A 387 93.60 27.32 -32.30
N ALA A 388 92.91 26.36 -32.90
CA ALA A 388 92.28 25.31 -32.14
C ALA A 388 91.77 24.22 -33.03
N VAL A 389 91.52 23.06 -32.45
CA VAL A 389 90.78 22.08 -33.23
C VAL A 389 89.33 22.38 -32.93
N TYR A 390 88.56 22.60 -33.97
CA TYR A 390 87.16 22.93 -33.82
C TYR A 390 86.38 21.67 -34.03
N TYR A 391 85.38 21.46 -33.19
CA TYR A 391 84.50 20.31 -33.26
C TYR A 391 83.05 20.76 -33.18
N CYS A 392 82.14 20.04 -33.85
CA CYS A 392 80.69 20.26 -33.62
C CYS A 392 80.15 19.38 -32.50
N ALA A 393 79.09 19.87 -31.88
CA ALA A 393 78.39 19.07 -30.87
C ALA A 393 76.88 19.30 -30.94
N ARG A 394 76.11 18.24 -30.68
CA ARG A 394 74.65 18.29 -30.77
C ARG A 394 73.90 18.41 -29.46
N TRP A 395 73.10 19.48 -29.35
CA TRP A 395 72.28 19.77 -28.18
C TRP A 395 70.79 19.59 -28.50
N ASP A 396 70.16 18.49 -28.13
CA ASP A 396 68.73 18.39 -28.46
C ASP A 396 67.89 19.27 -27.56
N PHE A 397 66.74 19.72 -28.06
CA PHE A 397 65.79 20.44 -27.25
C PHE A 397 65.18 19.52 -26.17
N ALA A 398 65.04 20.04 -24.92
CA ALA A 398 64.38 19.37 -23.80
C ALA A 398 63.47 20.36 -23.08
N GLY A 404 63.19 20.13 -18.01
CA GLY A 404 63.55 19.77 -19.37
C GLY A 404 64.97 20.24 -19.72
N SER A 405 65.98 19.68 -19.03
CA SER A 405 67.43 19.96 -19.22
C SER A 405 68.01 19.14 -20.36
N SER A 406 69.19 19.55 -20.85
CA SER A 406 69.86 18.82 -21.93
C SER A 406 71.37 18.95 -21.82
N GLY A 407 72.08 18.53 -22.86
CA GLY A 407 73.54 18.52 -22.88
C GLY A 407 74.09 18.05 -24.21
N LEU A 408 75.41 17.96 -24.33
CA LEU A 408 76.06 17.54 -25.58
C LEU A 408 76.54 16.09 -25.55
N ASP A 409 75.75 15.18 -26.11
CA ASP A 409 76.05 13.75 -26.13
C ASP A 409 76.87 13.36 -27.36
N TYR A 410 76.41 13.79 -28.53
CA TYR A 410 77.07 13.49 -29.79
C TYR A 410 77.98 14.62 -30.25
N TRP A 411 79.17 14.21 -30.65
CA TRP A 411 80.26 15.07 -31.08
C TRP A 411 80.75 14.78 -32.49
N GLY A 412 81.35 15.78 -33.10
CA GLY A 412 81.94 15.60 -34.39
C GLY A 412 83.36 15.10 -34.38
N GLN A 413 83.86 14.94 -35.59
CA GLN A 413 85.20 14.45 -35.89
C GLN A 413 86.31 15.43 -35.52
N GLY A 414 86.05 16.72 -35.75
CA GLY A 414 87.02 17.77 -35.50
C GLY A 414 87.93 18.12 -36.69
N THR A 415 88.35 19.39 -36.76
CA THR A 415 89.29 19.81 -37.79
C THR A 415 90.17 20.95 -37.27
N LEU A 416 91.41 21.02 -37.72
CA LEU A 416 92.31 22.05 -37.22
C LEU A 416 92.36 23.35 -37.99
N VAL A 417 92.17 24.43 -37.25
CA VAL A 417 92.26 25.77 -37.74
C VAL A 417 93.49 26.44 -37.18
N THR A 418 94.38 26.83 -38.07
CA THR A 418 95.62 27.47 -37.65
C THR A 418 95.60 28.90 -38.08
N VAL A 419 95.87 29.81 -37.15
CA VAL A 419 95.89 31.20 -37.52
C VAL A 419 97.31 31.69 -37.28
N SER A 420 97.99 32.10 -38.35
CA SER A 420 99.40 32.50 -38.21
C SER A 420 99.95 33.33 -39.40
N SER A 421 101.13 33.97 -39.19
CA SER A 421 101.89 34.74 -40.19
C SER A 421 103.32 34.20 -40.27
N ALA B 27 19.41 54.04 18.39
CA ALA B 27 18.19 54.51 17.76
C ALA B 27 17.68 53.43 16.80
N TYR B 28 16.38 53.07 16.94
CA TYR B 28 15.65 52.08 16.13
C TYR B 28 14.28 52.57 15.76
N THR B 29 13.71 52.05 14.68
CA THR B 29 12.31 52.37 14.40
C THR B 29 11.51 51.07 14.23
N ASN B 30 10.18 51.17 14.30
CA ASN B 30 9.31 49.95 14.25
C ASN B 30 8.94 49.60 12.80
N SER B 31 9.20 48.36 12.38
CA SER B 31 8.83 47.90 11.01
C SER B 31 7.37 47.44 11.00
N PHE B 32 6.43 48.34 11.23
CA PHE B 32 5.04 47.97 11.33
C PHE B 32 4.61 47.09 10.16
N THR B 33 4.90 47.56 8.95
CA THR B 33 4.68 46.87 7.69
C THR B 33 5.63 47.42 6.63
N ARG B 34 6.65 46.62 6.31
CA ARG B 34 7.67 46.98 5.28
C ARG B 34 8.54 45.73 5.10
N GLY B 35 9.48 45.74 4.14
CA GLY B 35 10.41 44.61 4.02
C GLY B 35 9.85 43.31 3.41
N VAL B 36 8.86 43.45 2.54
CA VAL B 36 8.22 42.34 1.85
C VAL B 36 8.45 42.51 0.37
N TYR B 37 8.69 41.38 -0.28
CA TYR B 37 9.00 41.40 -1.72
C TYR B 37 8.27 40.25 -2.38
N TYR B 38 8.14 40.29 -3.70
CA TYR B 38 7.56 39.20 -4.45
C TYR B 38 8.59 38.08 -4.42
N PRO B 39 8.30 36.92 -3.81
CA PRO B 39 9.25 35.83 -3.62
C PRO B 39 9.62 35.10 -4.91
N ASP B 40 8.81 35.30 -5.95
CA ASP B 40 9.00 34.60 -7.20
C ASP B 40 8.57 35.45 -8.41
N LYS B 41 8.42 34.77 -9.54
CA LYS B 41 8.04 35.35 -10.82
C LYS B 41 6.68 34.84 -11.24
N VAL B 42 5.83 34.62 -10.25
CA VAL B 42 4.52 34.06 -10.49
C VAL B 42 3.33 34.98 -10.22
N PHE B 43 2.46 35.04 -11.22
CA PHE B 43 1.26 35.84 -11.24
C PHE B 43 0.09 35.18 -10.54
N ARG B 44 -0.26 35.80 -9.46
CA ARG B 44 -1.31 35.35 -8.59
C ARG B 44 -2.33 36.44 -8.47
N SER B 45 -3.34 36.41 -9.32
CA SER B 45 -4.32 37.49 -9.36
C SER B 45 -5.61 37.23 -8.62
N SER B 46 -5.93 38.17 -7.75
CA SER B 46 -7.11 38.17 -6.87
C SER B 46 -7.22 36.90 -6.03
N VAL B 47 -6.09 36.50 -5.45
CA VAL B 47 -5.98 35.34 -4.59
C VAL B 47 -5.23 35.65 -3.31
N LEU B 48 -5.31 34.74 -2.37
CA LEU B 48 -4.48 34.84 -1.18
C LEU B 48 -3.46 33.72 -1.30
N HIS B 49 -2.28 33.91 -0.72
CA HIS B 49 -1.25 32.88 -0.79
C HIS B 49 -0.41 32.78 0.47
N SER B 50 -0.31 31.58 1.02
CA SER B 50 0.47 31.39 2.25
C SER B 50 1.86 30.92 1.93
N THR B 51 2.87 31.66 2.37
CA THR B 51 4.25 31.30 2.06
C THR B 51 5.28 31.75 3.08
N GLN B 52 6.37 30.99 3.17
CA GLN B 52 7.47 31.32 4.07
C GLN B 52 8.72 31.73 3.33
N ASP B 53 9.28 32.87 3.73
CA ASP B 53 10.51 33.34 3.09
C ASP B 53 11.28 34.26 4.00
N LEU B 54 12.42 34.72 3.53
CA LEU B 54 13.29 35.59 4.29
C LEU B 54 12.81 37.03 4.19
N PHE B 55 11.80 37.37 4.97
CA PHE B 55 11.11 38.66 4.94
C PHE B 55 11.39 39.41 6.23
N LEU B 56 11.26 40.72 6.21
CA LEU B 56 11.44 41.42 7.47
C LEU B 56 10.26 41.05 8.38
N PRO B 57 10.47 40.68 9.66
CA PRO B 57 9.42 40.40 10.62
C PRO B 57 8.59 41.64 10.83
N PHE B 58 7.31 41.48 11.04
CA PHE B 58 6.59 42.71 11.29
C PHE B 58 6.81 43.11 12.72
N PHE B 59 6.88 44.42 12.88
CA PHE B 59 7.11 45.16 14.11
C PHE B 59 8.51 44.97 14.68
N SER B 60 9.48 44.55 13.85
CA SER B 60 10.86 44.44 14.32
C SER B 60 11.52 45.81 14.48
N ASN B 61 12.67 45.81 15.18
CA ASN B 61 13.46 47.03 15.39
C ASN B 61 14.60 47.19 14.39
N VAL B 62 14.45 48.15 13.49
CA VAL B 62 15.40 48.45 12.43
C VAL B 62 16.34 49.55 12.88
N THR B 63 17.64 49.34 12.75
CA THR B 63 18.61 50.29 13.26
C THR B 63 18.54 51.57 12.47
N TRP B 64 18.46 52.68 13.17
CA TRP B 64 18.34 54.01 12.59
C TRP B 64 19.65 54.78 12.64
N PHE B 65 20.20 55.07 11.47
CA PHE B 65 21.46 55.75 11.35
C PHE B 65 21.20 57.15 10.81
N HIS B 66 22.01 58.11 11.20
CA HIS B 66 21.88 59.44 10.63
C HIS B 66 23.26 59.81 10.10
N ALA B 67 23.39 59.89 8.78
CA ALA B 67 24.69 60.09 8.16
C ALA B 67 25.19 61.52 8.16
N ILE B 68 25.58 61.99 9.33
CA ILE B 68 26.04 63.35 9.49
C ILE B 68 27.44 63.41 10.15
N HIS B 69 28.14 64.57 10.03
CA HIS B 69 29.46 64.89 10.60
C HIS B 69 30.54 63.95 10.04
N PRO B 82 29.79 52.88 8.76
CA PRO B 82 30.04 51.75 9.63
C PRO B 82 29.85 50.41 8.89
N VAL B 83 30.55 49.36 9.39
CA VAL B 83 30.44 47.99 8.85
C VAL B 83 29.45 47.22 9.69
N LEU B 84 28.43 46.76 9.02
CA LEU B 84 27.31 46.09 9.64
C LEU B 84 27.30 44.63 9.23
N PRO B 85 26.78 43.70 10.03
CA PRO B 85 26.64 42.31 9.69
C PRO B 85 25.59 42.13 8.62
N PHE B 86 25.72 41.09 7.83
CA PHE B 86 24.75 40.76 6.80
C PHE B 86 23.70 39.76 7.28
N ASN B 87 24.15 38.78 8.07
CA ASN B 87 23.36 37.64 8.50
C ASN B 87 22.82 36.85 7.30
N ASP B 88 21.50 36.64 7.19
CA ASP B 88 20.95 35.87 6.07
C ASP B 88 20.61 36.78 4.91
N GLY B 89 20.27 37.99 5.28
CA GLY B 89 19.86 39.04 4.40
C GLY B 89 19.56 40.29 5.21
N VAL B 90 19.61 41.40 4.50
CA VAL B 90 19.48 42.71 5.07
C VAL B 90 18.36 43.55 4.53
N TYR B 91 17.65 44.14 5.45
CA TYR B 91 16.64 45.09 5.10
C TYR B 91 17.30 46.44 5.09
N PHE B 92 17.29 47.14 3.97
CA PHE B 92 17.95 48.43 3.92
C PHE B 92 17.15 49.50 3.24
N ALA B 93 17.15 50.69 3.81
CA ALA B 93 16.45 51.75 3.11
C ALA B 93 17.02 53.14 3.43
N SER B 94 16.84 54.12 2.54
CA SER B 94 17.32 55.47 2.85
C SER B 94 16.50 56.66 2.31
N THR B 95 16.59 57.78 3.06
CA THR B 95 15.88 59.04 2.76
C THR B 95 16.78 60.30 2.79
N GLU B 96 17.22 60.75 1.62
CA GLU B 96 18.06 61.97 1.55
C GLU B 96 17.74 62.73 0.26
N LYS B 97 17.70 64.06 0.34
CA LYS B 97 17.32 64.93 -0.79
C LYS B 97 18.35 64.96 -1.91
N SER B 98 19.56 64.58 -1.56
CA SER B 98 20.68 64.52 -2.48
C SER B 98 21.07 63.09 -2.78
N ASN B 99 20.29 62.11 -2.29
CA ASN B 99 20.63 60.71 -2.51
C ASN B 99 22.05 60.40 -2.13
N ILE B 100 22.46 60.70 -0.90
CA ILE B 100 23.86 60.45 -0.57
C ILE B 100 24.28 59.00 -0.63
N ILE B 101 23.39 58.03 -0.48
CA ILE B 101 23.94 56.71 -0.54
C ILE B 101 24.05 56.34 -2.01
N ARG B 102 25.29 56.24 -2.49
CA ARG B 102 25.55 55.97 -3.90
C ARG B 102 26.23 54.63 -4.06
N GLY B 103 26.41 53.93 -2.98
CA GLY B 103 27.00 52.62 -3.12
C GLY B 103 27.10 51.86 -1.84
N TRP B 104 27.68 50.70 -1.97
CA TRP B 104 27.89 49.77 -0.90
C TRP B 104 28.86 48.65 -1.25
N ILE B 105 29.48 48.11 -0.21
CA ILE B 105 30.36 46.99 -0.34
C ILE B 105 29.82 45.81 0.43
N PHE B 106 29.72 44.68 -0.22
CA PHE B 106 29.31 43.46 0.46
C PHE B 106 30.42 42.42 0.37
N GLY B 107 30.72 41.74 1.46
CA GLY B 107 31.78 40.74 1.41
C GLY B 107 31.96 40.06 2.74
N THR B 108 33.08 39.34 2.87
CA THR B 108 33.39 38.63 4.09
C THR B 108 34.61 39.25 4.75
N THR B 109 35.46 39.88 3.93
CA THR B 109 36.68 40.50 4.40
C THR B 109 36.66 42.00 4.23
N LEU B 110 36.01 42.49 3.16
CA LEU B 110 35.95 43.93 2.85
C LEU B 110 37.37 44.51 2.88
N ASP B 111 38.32 43.71 2.35
CA ASP B 111 39.76 44.01 2.37
C ASP B 111 40.48 43.43 1.14
N SER B 112 41.79 43.64 1.09
CA SER B 112 42.65 43.06 0.06
C SER B 112 42.93 41.60 0.46
N LYS B 113 41.87 40.75 0.43
CA LYS B 113 41.85 39.36 0.89
C LYS B 113 40.63 38.63 0.33
N SER B 116 33.58 39.90 -2.27
CA SER B 116 34.14 41.23 -2.20
C SER B 116 33.56 42.09 -3.35
N LEU B 117 32.26 42.44 -3.20
CA LEU B 117 31.42 43.24 -4.12
C LEU B 117 31.51 44.70 -3.96
N LEU B 118 31.94 45.35 -5.02
CA LEU B 118 32.03 46.78 -5.05
C LEU B 118 30.91 47.27 -5.90
N ILE B 119 29.90 47.86 -5.28
CA ILE B 119 28.76 48.29 -6.05
C ILE B 119 28.66 49.81 -6.05
N VAL B 120 28.84 50.40 -7.23
CA VAL B 120 28.79 51.86 -7.33
C VAL B 120 27.79 52.37 -8.34
N ASN B 121 26.98 53.31 -7.88
CA ASN B 121 26.01 53.94 -8.73
C ASN B 121 26.51 55.31 -9.17
N ASN B 122 27.02 55.38 -10.40
CA ASN B 122 27.59 56.59 -10.94
C ASN B 122 26.48 57.38 -11.59
N ALA B 123 26.78 58.55 -12.14
CA ALA B 123 25.73 59.35 -12.76
C ALA B 123 25.09 58.67 -13.98
N THR B 124 25.90 57.93 -14.76
CA THR B 124 25.39 57.32 -15.98
C THR B 124 25.36 55.80 -15.95
N ASN B 125 26.10 55.17 -15.06
CA ASN B 125 26.13 53.72 -15.07
C ASN B 125 26.27 53.13 -13.68
N VAL B 126 26.14 51.82 -13.64
CA VAL B 126 26.30 51.07 -12.41
C VAL B 126 27.34 49.99 -12.61
N VAL B 127 28.32 49.98 -11.73
CA VAL B 127 29.39 49.01 -11.88
C VAL B 127 29.51 48.07 -10.72
N ILE B 128 29.49 46.76 -11.00
CA ILE B 128 29.66 45.78 -9.94
C ILE B 128 30.83 44.85 -10.17
N LYS B 129 31.76 44.82 -9.23
CA LYS B 129 32.91 43.92 -9.39
C LYS B 129 33.23 43.10 -8.15
N VAL B 130 33.76 41.88 -8.37
CA VAL B 130 34.24 41.03 -7.30
C VAL B 130 35.68 40.60 -7.51
N CYS B 131 36.50 40.93 -6.53
CA CYS B 131 37.94 40.62 -6.52
C CYS B 131 38.50 40.97 -5.17
N GLU B 132 39.75 40.63 -4.92
CA GLU B 132 40.37 41.15 -3.73
C GLU B 132 40.71 42.58 -4.12
N PHE B 133 40.36 43.54 -3.28
CA PHE B 133 40.60 44.94 -3.61
C PHE B 133 41.15 45.68 -2.46
N GLN B 134 41.87 46.75 -2.74
CA GLN B 134 42.26 47.63 -1.66
C GLN B 134 41.11 48.57 -1.42
N PHE B 135 40.68 48.61 -0.17
CA PHE B 135 39.57 49.45 0.22
C PHE B 135 40.06 50.63 1.02
N CYS B 136 39.29 51.71 0.95
CA CYS B 136 39.57 52.90 1.72
C CYS B 136 39.23 52.63 3.18
N ASN B 137 40.00 53.20 4.11
CA ASN B 137 39.73 53.06 5.54
C ASN B 137 38.81 54.18 6.03
N ASP B 138 38.38 54.97 5.07
CA ASP B 138 37.46 56.08 5.21
C ASP B 138 36.80 56.19 3.84
N PRO B 139 35.80 55.34 3.52
CA PRO B 139 35.14 55.26 2.23
C PRO B 139 34.55 56.60 1.87
N PHE B 140 34.64 56.96 0.60
CA PHE B 140 34.14 58.24 0.16
C PHE B 140 33.72 58.21 -1.28
N LEU B 141 32.94 59.20 -1.65
CA LEU B 141 32.56 59.41 -3.03
C LEU B 141 33.32 60.63 -3.50
N GLY B 142 33.63 60.72 -4.79
CA GLY B 142 34.28 61.93 -5.27
C GLY B 142 33.24 63.00 -5.52
N VAL B 143 33.70 64.20 -5.94
CA VAL B 143 32.85 65.38 -6.24
C VAL B 143 33.47 66.05 -7.45
N CYS B 166 34.17 38.77 -10.47
CA CYS B 166 33.31 39.11 -11.60
C CYS B 166 33.39 40.60 -11.99
N THR B 167 32.89 40.92 -13.22
CA THR B 167 32.80 42.28 -13.78
C THR B 167 31.48 42.51 -14.50
N PHE B 168 30.48 43.02 -13.81
CA PHE B 168 29.18 43.22 -14.42
C PHE B 168 28.87 44.70 -14.63
N GLU B 169 28.28 45.01 -15.77
CA GLU B 169 27.92 46.39 -16.05
C GLU B 169 26.41 46.55 -16.12
N TYR B 170 25.94 47.66 -15.55
CA TYR B 170 24.54 48.02 -15.48
C TYR B 170 24.36 49.52 -15.77
N VAL B 171 23.12 50.01 -15.78
CA VAL B 171 22.78 51.40 -16.11
C VAL B 171 22.20 52.16 -14.91
N SER B 172 22.62 53.45 -14.68
CA SER B 172 22.13 54.28 -13.56
C SER B 172 20.90 55.08 -14.01
N PHE B 186 13.37 62.28 1.96
CA PHE B 186 13.16 63.75 1.86
C PHE B 186 12.29 64.02 0.62
N LYS B 187 12.46 63.21 -0.42
CA LYS B 187 11.61 63.33 -1.65
C LYS B 187 11.13 61.92 -1.97
N ASN B 188 12.03 60.93 -1.89
CA ASN B 188 11.67 59.56 -2.11
C ASN B 188 12.30 58.66 -1.04
N LEU B 189 12.01 57.37 -1.11
CA LEU B 189 12.61 56.38 -0.24
C LEU B 189 13.14 55.20 -1.01
N ARG B 190 14.42 54.97 -0.93
CA ARG B 190 14.91 53.83 -1.67
C ARG B 190 14.89 52.64 -0.74
N GLU B 191 14.00 51.67 -1.01
CA GLU B 191 13.83 50.52 -0.13
C GLU B 191 14.29 49.23 -0.81
N PHE B 192 15.18 48.51 -0.13
CA PHE B 192 15.82 47.31 -0.66
C PHE B 192 15.83 46.05 0.20
N VAL B 193 15.87 44.93 -0.50
CA VAL B 193 16.11 43.62 0.09
C VAL B 193 17.42 43.09 -0.40
N PHE B 194 18.38 42.88 0.49
CA PHE B 194 19.65 42.31 0.08
C PHE B 194 19.72 40.89 0.61
N LYS B 195 19.69 39.93 -0.26
CA LYS B 195 19.59 38.53 0.15
C LYS B 195 20.70 37.69 -0.45
N ASN B 196 21.23 36.70 0.27
CA ASN B 196 22.25 35.86 -0.40
C ASN B 196 21.99 34.38 -0.22
N ILE B 197 21.55 33.74 -1.31
CA ILE B 197 21.19 32.34 -1.25
C ILE B 197 22.10 31.51 -2.11
N ASP B 198 22.78 30.56 -1.51
CA ASP B 198 23.65 29.62 -2.21
C ASP B 198 24.66 30.32 -3.12
N GLY B 199 25.22 31.44 -2.66
CA GLY B 199 26.21 32.15 -3.44
C GLY B 199 25.63 33.17 -4.43
N TYR B 200 24.31 33.38 -4.43
CA TYR B 200 23.69 34.34 -5.33
C TYR B 200 23.22 35.56 -4.60
N PHE B 201 23.73 36.71 -5.02
CA PHE B 201 23.37 37.94 -4.34
C PHE B 201 22.17 38.52 -5.07
N LYS B 202 21.05 38.52 -4.38
CA LYS B 202 19.78 38.90 -4.96
C LYS B 202 19.34 40.22 -4.39
N ILE B 203 18.70 41.05 -5.21
CA ILE B 203 18.23 42.32 -4.69
C ILE B 203 16.83 42.58 -5.18
N TYR B 204 15.97 43.08 -4.29
CA TYR B 204 14.61 43.52 -4.63
C TYR B 204 14.44 44.98 -4.22
N SER B 205 13.67 45.78 -4.98
CA SER B 205 13.45 47.17 -4.53
C SER B 205 12.26 47.93 -5.11
N LYS B 206 12.03 49.11 -4.50
CA LYS B 206 11.11 50.19 -4.87
C LYS B 206 11.74 51.56 -4.56
N HIS B 207 11.36 52.58 -5.32
CA HIS B 207 11.81 53.96 -5.08
C HIS B 207 10.92 54.68 -4.08
N THR B 208 9.79 54.04 -3.77
CA THR B 208 8.79 54.52 -2.83
C THR B 208 8.80 56.05 -2.72
N PRO B 209 8.09 56.79 -3.58
CA PRO B 209 8.15 58.24 -3.73
C PRO B 209 7.44 59.01 -2.62
N ILE B 210 7.90 58.83 -1.40
CA ILE B 210 7.35 59.48 -0.24
C ILE B 210 8.36 60.42 0.36
N ASN B 211 7.94 61.66 0.57
CA ASN B 211 8.81 62.71 1.08
C ASN B 211 8.90 62.73 2.61
N LEU B 212 9.54 61.71 3.17
CA LEU B 212 9.62 61.61 4.63
C LEU B 212 11.06 61.69 5.13
N VAL B 213 11.24 62.11 6.39
CA VAL B 213 12.59 62.31 6.94
C VAL B 213 13.08 61.42 8.08
N ARG B 214 12.26 61.16 9.10
CA ARG B 214 12.77 60.49 10.29
C ARG B 214 12.43 59.01 10.43
N ASP B 215 11.76 58.44 9.46
CA ASP B 215 11.39 57.04 9.55
C ASP B 215 11.06 56.52 8.16
N LEU B 216 10.70 55.26 8.08
CA LEU B 216 10.24 54.62 6.88
C LEU B 216 8.70 54.61 7.03
N PRO B 217 7.90 54.51 5.96
CA PRO B 217 6.45 54.51 6.01
C PRO B 217 5.92 53.24 6.63
N GLN B 218 4.72 53.31 7.18
CA GLN B 218 4.07 52.12 7.70
C GLN B 218 2.90 51.75 6.79
N GLY B 219 3.05 50.69 6.01
CA GLY B 219 2.02 50.29 5.05
C GLY B 219 2.56 49.25 4.10
N PHE B 220 1.69 48.56 3.38
CA PHE B 220 2.21 47.49 2.55
C PHE B 220 2.58 47.85 1.12
N SER B 221 3.77 47.43 0.73
CA SER B 221 4.26 47.51 -0.63
C SER B 221 5.25 46.38 -0.83
N ALA B 222 5.14 45.63 -1.93
CA ALA B 222 6.10 44.55 -2.16
C ALA B 222 7.15 44.99 -3.17
N LEU B 223 8.39 44.70 -2.83
CA LEU B 223 9.56 45.05 -3.63
C LEU B 223 9.76 44.04 -4.77
N GLU B 224 10.24 44.51 -5.92
CA GLU B 224 10.40 43.62 -7.07
C GLU B 224 11.84 43.25 -7.30
N PRO B 225 12.15 42.06 -7.82
CA PRO B 225 13.50 41.60 -8.07
C PRO B 225 14.19 42.48 -9.07
N LEU B 226 15.46 42.70 -8.84
CA LEU B 226 16.29 43.50 -9.70
C LEU B 226 17.37 42.63 -10.31
N VAL B 227 18.13 41.99 -9.41
CA VAL B 227 19.27 41.17 -9.83
C VAL B 227 19.29 39.83 -9.12
N ASP B 228 20.05 38.91 -9.72
CA ASP B 228 20.35 37.59 -9.20
C ASP B 228 21.78 37.31 -9.69
N LEU B 229 22.78 37.68 -8.89
CA LEU B 229 24.17 37.65 -9.37
C LEU B 229 25.03 36.54 -8.74
N PRO B 230 25.48 35.53 -9.52
CA PRO B 230 26.28 34.42 -9.02
C PRO B 230 27.66 34.89 -8.63
N ILE B 231 28.08 34.60 -7.40
CA ILE B 231 29.40 34.95 -6.92
C ILE B 231 30.07 33.74 -6.31
N GLY B 232 29.31 33.06 -5.43
CA GLY B 232 29.85 31.96 -4.62
C GLY B 232 30.44 32.43 -3.28
N ILE B 233 30.03 33.61 -2.82
CA ILE B 233 30.56 34.16 -1.57
C ILE B 233 29.56 34.18 -0.42
N ASN B 234 30.03 33.77 0.73
CA ASN B 234 29.24 33.76 1.94
C ASN B 234 29.27 35.10 2.65
N ILE B 235 28.60 36.11 2.09
CA ILE B 235 28.69 37.49 2.60
C ILE B 235 28.37 37.52 4.09
N THR B 236 29.22 38.18 4.88
CA THR B 236 29.00 38.24 6.32
C THR B 236 28.83 39.67 6.82
N ARG B 237 29.38 40.63 6.08
CA ARG B 237 29.38 42.04 6.47
C ARG B 237 29.24 42.98 5.28
N PHE B 238 28.81 44.21 5.55
CA PHE B 238 28.76 45.20 4.49
C PHE B 238 28.98 46.63 4.98
N GLN B 239 29.32 47.50 4.04
CA GLN B 239 29.56 48.93 4.30
C GLN B 239 28.80 49.80 3.31
N THR B 240 28.08 50.83 3.77
CA THR B 240 27.44 51.69 2.76
C THR B 240 28.34 52.88 2.45
N LEU B 241 28.13 53.51 1.29
CA LEU B 241 28.90 54.70 0.93
C LEU B 241 28.00 55.92 0.70
N LEU B 242 28.26 56.97 1.53
CA LEU B 242 27.55 58.24 1.64
C LEU B 242 27.87 59.15 0.45
N ALA B 263 19.54 62.75 5.81
CA ALA B 263 20.74 61.91 5.71
C ALA B 263 20.58 60.53 6.39
N ALA B 264 19.34 60.19 6.85
CA ALA B 264 19.01 58.94 7.55
C ALA B 264 18.96 57.72 6.63
N TYR B 265 19.35 56.59 7.22
CA TYR B 265 19.22 55.31 6.57
C TYR B 265 18.93 54.29 7.63
N TYR B 266 18.36 53.18 7.20
CA TYR B 266 17.92 52.17 8.14
C TYR B 266 18.42 50.78 7.78
N VAL B 267 18.85 50.01 8.80
CA VAL B 267 19.28 48.62 8.59
C VAL B 267 18.62 47.61 9.52
N GLY B 268 17.95 46.63 8.95
CA GLY B 268 17.30 45.59 9.70
C GLY B 268 17.68 44.25 9.14
N TYR B 269 17.07 43.19 9.66
CA TYR B 269 17.42 41.87 9.17
C TYR B 269 16.21 41.07 8.83
N LEU B 270 16.36 40.25 7.83
CA LEU B 270 15.28 39.44 7.31
C LEU B 270 15.26 38.06 8.00
N GLN B 271 14.08 37.47 8.15
CA GLN B 271 13.90 36.16 8.79
C GLN B 271 12.96 35.23 8.01
N PRO B 272 13.08 33.91 8.15
CA PRO B 272 12.25 32.90 7.52
C PRO B 272 10.88 32.84 8.18
N ARG B 273 10.09 33.88 7.89
CA ARG B 273 8.76 34.01 8.54
C ARG B 273 7.66 33.71 7.54
N THR B 274 6.53 33.23 8.03
CA THR B 274 5.40 32.91 7.19
C THR B 274 4.39 34.02 7.21
N PHE B 275 4.00 34.39 6.01
CA PHE B 275 3.02 35.40 5.78
C PHE B 275 1.90 34.92 4.89
N LEU B 276 0.72 35.44 5.15
CA LEU B 276 -0.33 35.23 4.19
C LEU B 276 -0.30 36.49 3.36
N LEU B 277 -0.20 36.35 2.06
CA LEU B 277 -0.13 37.48 1.15
C LEU B 277 -1.48 37.68 0.51
N LYS B 278 -1.80 38.94 0.22
CA LYS B 278 -3.05 39.28 -0.47
C LYS B 278 -2.70 39.86 -1.82
N TYR B 279 -3.36 39.39 -2.88
CA TYR B 279 -3.10 39.90 -4.22
C TYR B 279 -4.27 40.61 -4.90
N ASN B 280 -3.94 41.59 -5.77
CA ASN B 280 -4.96 42.29 -6.56
C ASN B 280 -5.13 41.63 -7.90
N GLU B 281 -5.95 42.24 -8.75
CA GLU B 281 -6.29 41.73 -10.07
C GLU B 281 -5.12 41.69 -11.08
N ASN B 282 -4.05 42.43 -10.79
CA ASN B 282 -2.90 42.49 -11.67
C ASN B 282 -1.79 41.59 -11.16
N GLY B 283 -2.07 40.83 -10.11
CA GLY B 283 -1.08 39.95 -9.55
C GLY B 283 -0.09 40.63 -8.63
N THR B 284 -0.42 41.83 -8.11
CA THR B 284 0.52 42.51 -7.23
C THR B 284 0.20 42.09 -5.85
N ILE B 285 1.09 42.34 -4.92
CA ILE B 285 0.77 42.04 -3.53
C ILE B 285 0.31 43.35 -2.92
N THR B 286 -0.88 43.33 -2.35
CA THR B 286 -1.45 44.52 -1.76
C THR B 286 -1.37 44.51 -0.25
N ASP B 287 -1.21 43.32 0.33
CA ASP B 287 -1.10 43.22 1.79
C ASP B 287 -0.32 42.00 2.22
N ALA B 288 -0.11 41.89 3.52
CA ALA B 288 0.53 40.73 4.12
C ALA B 288 0.27 40.68 5.61
N VAL B 289 0.11 39.49 6.15
CA VAL B 289 0.00 39.31 7.59
C VAL B 289 1.07 38.40 8.12
N ASP B 290 1.74 38.84 9.18
CA ASP B 290 2.80 38.04 9.81
C ASP B 290 2.10 37.03 10.72
N CYS B 291 2.14 35.73 10.33
CA CYS B 291 1.40 34.63 10.92
C CYS B 291 1.96 34.26 12.29
N ALA B 292 3.13 34.81 12.63
CA ALA B 292 3.78 34.54 13.91
C ALA B 292 3.74 35.74 14.86
N LEU B 293 2.99 36.78 14.50
CA LEU B 293 3.01 38.00 15.30
C LEU B 293 1.97 38.12 16.43
N ASP B 294 0.83 37.48 16.30
CA ASP B 294 -0.29 37.65 17.24
C ASP B 294 -1.29 36.51 17.11
N PRO B 295 -1.85 35.93 18.19
CA PRO B 295 -2.86 34.88 18.13
C PRO B 295 -4.03 35.19 17.17
N LEU B 296 -4.39 36.47 17.02
CA LEU B 296 -5.47 36.75 16.09
C LEU B 296 -4.96 36.54 14.66
N SER B 297 -3.69 36.90 14.42
CA SER B 297 -3.08 36.77 13.10
C SER B 297 -2.86 35.31 12.82
N GLU B 298 -2.58 34.53 13.88
CA GLU B 298 -2.38 33.11 13.69
C GLU B 298 -3.69 32.54 13.19
N THR B 299 -4.80 33.01 13.76
CA THR B 299 -6.12 32.57 13.38
C THR B 299 -6.40 33.00 11.94
N LYS B 300 -6.10 34.25 11.61
CA LYS B 300 -6.33 34.70 10.22
C LYS B 300 -5.61 33.80 9.19
N CYS B 301 -4.32 33.44 9.44
CA CYS B 301 -3.51 32.58 8.57
C CYS B 301 -4.06 31.15 8.57
N THR B 302 -4.50 30.66 9.73
CA THR B 302 -5.05 29.32 9.88
C THR B 302 -6.28 29.15 9.00
N LEU B 303 -7.09 30.19 8.97
CA LEU B 303 -8.33 30.23 8.21
C LEU B 303 -8.13 30.65 6.76
N LYS B 304 -6.87 30.89 6.38
CA LYS B 304 -6.48 31.31 5.04
C LYS B 304 -7.19 32.58 4.63
N SER B 305 -7.28 33.53 5.53
CA SER B 305 -7.93 34.80 5.29
C SER B 305 -7.24 35.94 5.99
N PHE B 306 -7.74 37.12 5.74
CA PHE B 306 -7.30 38.33 6.42
C PHE B 306 -8.37 38.78 7.41
N THR B 307 -9.37 37.93 7.57
CA THR B 307 -10.49 38.15 8.48
C THR B 307 -10.74 36.94 9.37
N VAL B 308 -11.41 37.17 10.49
CA VAL B 308 -11.83 36.10 11.39
C VAL B 308 -13.29 36.29 11.76
N GLU B 309 -14.05 35.22 11.74
CA GLU B 309 -15.45 35.27 12.14
C GLU B 309 -15.60 34.91 13.60
N LYS B 310 -16.70 35.29 14.19
CA LYS B 310 -16.92 34.93 15.57
C LYS B 310 -16.90 33.41 15.79
N GLY B 311 -16.19 32.99 16.83
CA GLY B 311 -16.07 31.57 17.17
C GLY B 311 -14.75 31.25 17.86
N ILE B 312 -14.45 29.97 18.02
CA ILE B 312 -13.21 29.59 18.68
C ILE B 312 -12.34 28.79 17.74
N TYR B 313 -11.11 29.24 17.55
CA TYR B 313 -10.25 28.58 16.61
C TYR B 313 -8.99 28.02 17.24
N GLN B 314 -8.78 26.73 17.10
CA GLN B 314 -7.57 26.16 17.67
C GLN B 314 -6.46 26.27 16.65
N THR B 315 -5.42 27.02 17.01
CA THR B 315 -4.34 27.29 16.08
C THR B 315 -3.05 26.60 16.46
N SER B 316 -2.90 26.24 17.73
CA SER B 316 -1.63 25.65 18.13
C SER B 316 -1.75 24.62 19.26
N ASN B 317 -0.59 24.26 19.79
CA ASN B 317 -0.38 23.29 20.85
C ASN B 317 0.78 23.82 21.69
N PHE B 318 0.51 24.25 22.90
CA PHE B 318 1.55 24.85 23.69
C PHE B 318 2.28 23.74 24.37
N ARG B 319 3.56 23.96 24.64
CA ARG B 319 4.34 22.95 25.32
C ARG B 319 5.31 23.57 26.30
N VAL B 320 5.47 22.90 27.43
CA VAL B 320 6.47 23.26 28.40
C VAL B 320 7.83 22.88 27.87
N GLN B 321 8.76 23.82 27.94
CA GLN B 321 10.07 23.56 27.43
C GLN B 321 11.01 23.19 28.54
N PRO B 322 12.00 22.34 28.30
CA PRO B 322 13.04 22.02 29.23
C PRO B 322 13.92 23.21 29.40
N THR B 323 14.42 23.40 30.61
CA THR B 323 15.34 24.49 30.88
C THR B 323 16.74 24.00 31.19
N GLU B 324 16.87 22.74 31.57
CA GLU B 324 18.19 22.19 31.92
C GLU B 324 18.38 20.85 31.24
N SER B 325 19.62 20.39 31.14
CA SER B 325 19.97 19.09 30.56
C SER B 325 20.77 18.29 31.59
N ILE B 326 20.17 17.21 32.05
CA ILE B 326 20.75 16.40 33.11
C ILE B 326 21.35 15.12 32.59
N VAL B 327 22.65 15.08 32.63
CA VAL B 327 23.45 14.00 32.12
C VAL B 327 24.20 13.28 33.22
N ARG B 328 23.96 11.98 33.35
CA ARG B 328 24.56 11.19 34.40
C ARG B 328 25.13 9.87 33.88
N PHE B 329 26.34 9.55 34.30
CA PHE B 329 26.96 8.29 33.93
C PHE B 329 27.46 7.64 35.20
N PRO B 330 27.63 6.32 35.27
CA PRO B 330 28.14 5.62 36.44
C PRO B 330 29.57 6.06 36.65
N ASN B 331 30.08 5.91 37.87
CA ASN B 331 31.45 6.33 38.15
C ASN B 331 32.44 5.27 37.68
N ILE B 332 32.66 5.28 36.38
CA ILE B 332 33.47 4.28 35.67
C ILE B 332 34.94 4.66 35.47
N THR B 333 35.18 5.90 34.99
CA THR B 333 36.52 6.42 34.66
C THR B 333 37.40 5.33 34.05
N ASN B 334 38.70 5.31 34.36
CA ASN B 334 39.56 4.21 33.91
C ASN B 334 39.64 4.06 32.40
N LEU B 335 40.54 4.77 31.73
CA LEU B 335 40.53 4.65 30.26
C LEU B 335 40.65 3.18 29.79
N CYS B 336 39.75 2.78 28.84
CA CYS B 336 39.65 1.45 28.24
C CYS B 336 40.93 1.06 27.52
N PRO B 337 41.38 -0.20 27.67
CA PRO B 337 42.57 -0.75 27.10
C PRO B 337 42.43 -1.05 25.61
N PHE B 338 42.15 -0.01 24.82
CA PHE B 338 42.07 -0.19 23.40
C PHE B 338 43.48 -0.15 22.85
N GLY B 339 44.32 0.73 23.41
CA GLY B 339 45.70 0.88 22.95
C GLY B 339 46.45 -0.43 23.12
N GLU B 340 46.09 -1.17 24.16
CA GLU B 340 46.66 -2.45 24.49
C GLU B 340 46.39 -3.52 23.43
N VAL B 341 45.40 -3.27 22.57
CA VAL B 341 45.03 -4.14 21.49
C VAL B 341 45.60 -3.56 20.20
N PHE B 342 45.34 -2.29 19.93
CA PHE B 342 45.75 -1.67 18.68
C PHE B 342 47.25 -1.55 18.55
N ASN B 343 47.92 -1.32 19.66
CA ASN B 343 49.35 -1.21 19.68
C ASN B 343 49.93 -2.47 20.31
N ALA B 344 49.13 -3.56 20.34
CA ALA B 344 49.60 -4.80 20.89
C ALA B 344 50.77 -5.21 20.08
N THR B 345 51.75 -5.83 20.72
CA THR B 345 52.92 -6.26 20.00
C THR B 345 52.65 -7.54 19.23
N ARG B 346 51.64 -8.30 19.66
CA ARG B 346 51.29 -9.54 18.99
C ARG B 346 49.80 -9.69 18.82
N PHE B 347 49.46 -10.08 17.61
CA PHE B 347 48.13 -10.37 17.10
C PHE B 347 47.99 -11.85 16.82
N ALA B 348 46.77 -12.37 16.82
CA ALA B 348 46.58 -13.78 16.53
C ALA B 348 46.56 -14.10 15.06
N SER B 349 46.82 -15.35 14.78
CA SER B 349 46.59 -15.88 13.46
C SER B 349 45.12 -15.68 13.24
N VAL B 350 44.70 -15.30 12.05
CA VAL B 350 43.27 -15.07 11.88
C VAL B 350 42.40 -16.29 12.06
N TYR B 351 42.88 -17.48 11.72
CA TYR B 351 42.02 -18.67 11.88
C TYR B 351 41.64 -18.85 13.36
N ALA B 352 42.49 -18.31 14.24
CA ALA B 352 42.43 -18.37 15.67
C ALA B 352 42.48 -16.97 16.24
N TRP B 353 41.71 -16.07 15.67
CA TRP B 353 41.66 -14.68 16.09
C TRP B 353 41.38 -14.54 17.59
N ASN B 354 41.95 -13.51 18.24
CA ASN B 354 41.74 -13.35 19.69
C ASN B 354 40.55 -12.48 19.99
N ARG B 355 39.94 -12.66 21.15
CA ARG B 355 38.86 -11.77 21.59
C ARG B 355 39.13 -11.11 22.93
N LYS B 356 39.41 -9.80 22.89
CA LYS B 356 39.72 -9.04 24.13
C LYS B 356 38.43 -8.42 24.67
N ARG B 357 38.17 -8.69 25.96
CA ARG B 357 36.96 -8.16 26.65
C ARG B 357 37.27 -6.82 27.30
N ILE B 358 36.60 -5.76 26.85
CA ILE B 358 36.75 -4.42 27.36
C ILE B 358 35.49 -4.07 28.17
N SER B 359 35.71 -3.76 29.44
CA SER B 359 34.62 -3.46 30.37
C SER B 359 35.13 -2.62 31.53
N ASN B 360 34.21 -2.06 32.31
CA ASN B 360 34.55 -1.26 33.52
C ASN B 360 35.59 -0.16 33.23
N CYS B 361 35.33 0.67 32.20
CA CYS B 361 36.25 1.67 31.67
C CYS B 361 35.60 2.83 30.87
N VAL B 362 36.38 3.86 30.57
CA VAL B 362 35.88 4.94 29.73
C VAL B 362 36.48 4.78 28.34
N ALA B 363 35.60 4.74 27.36
CA ALA B 363 35.97 4.45 26.00
C ALA B 363 35.98 5.63 25.08
N ASP B 364 37.16 6.12 24.80
CA ASP B 364 37.32 7.25 23.92
C ASP B 364 37.67 6.71 22.56
N TYR B 365 36.79 6.88 21.59
CA TYR B 365 37.01 6.31 20.27
C TYR B 365 37.45 7.38 19.30
N SER B 366 37.50 8.65 19.75
CA SER B 366 37.85 9.74 18.85
C SER B 366 39.35 9.76 18.72
N VAL B 367 39.99 9.27 19.77
CA VAL B 367 41.44 9.16 19.81
C VAL B 367 41.94 8.05 18.91
N LEU B 368 41.11 7.04 18.68
CA LEU B 368 41.51 5.99 17.78
C LEU B 368 41.24 6.47 16.37
N TYR B 369 40.03 6.94 16.13
CA TYR B 369 39.65 7.37 14.80
C TYR B 369 40.54 8.45 14.21
N ASN B 370 40.78 9.50 14.96
CA ASN B 370 41.51 10.63 14.44
C ASN B 370 43.00 10.50 14.59
N SER B 371 43.48 9.32 14.98
CA SER B 371 44.92 9.12 15.05
C SER B 371 45.49 9.08 13.65
N ALA B 372 44.61 8.76 12.68
CA ALA B 372 44.97 8.63 11.27
C ALA B 372 46.03 7.56 11.06
N SER B 373 46.17 6.64 12.02
CA SER B 373 47.11 5.54 11.92
C SER B 373 46.45 4.38 11.22
N PHE B 374 45.14 4.52 11.05
CA PHE B 374 44.36 3.47 10.46
C PHE B 374 44.07 3.80 9.02
N SER B 375 44.10 2.78 8.15
CA SER B 375 43.76 3.01 6.75
C SER B 375 42.27 2.80 6.58
N THR B 376 41.75 1.95 7.45
CA THR B 376 40.37 1.55 7.47
C THR B 376 39.82 1.75 8.86
N PHE B 377 38.65 2.37 8.96
CA PHE B 377 37.99 2.54 10.24
C PHE B 377 36.52 2.64 9.90
N LYS B 378 35.91 1.51 9.54
CA LYS B 378 34.55 1.55 9.04
C LYS B 378 33.55 1.08 10.09
N CYS B 379 32.72 2.01 10.60
CA CYS B 379 31.72 1.75 11.62
C CYS B 379 30.36 1.65 10.97
N TYR B 380 29.67 0.60 11.33
CA TYR B 380 28.39 0.28 10.79
C TYR B 380 27.30 0.86 11.65
N GLY B 381 26.34 1.49 11.01
CA GLY B 381 25.21 2.10 11.71
C GLY B 381 25.60 3.46 12.27
N VAL B 382 26.48 3.45 13.27
CA VAL B 382 26.87 4.67 13.97
C VAL B 382 28.32 5.06 13.66
N SER B 383 28.49 6.29 13.22
CA SER B 383 29.78 6.84 12.86
C SER B 383 30.82 6.73 14.00
N PRO B 384 32.14 6.62 13.67
CA PRO B 384 33.26 6.45 14.59
C PRO B 384 33.32 7.46 15.73
N THR B 385 32.85 8.68 15.51
CA THR B 385 32.90 9.68 16.55
C THR B 385 31.57 9.90 17.27
N LYS B 386 30.51 9.21 16.82
CA LYS B 386 29.19 9.34 17.42
C LYS B 386 28.95 8.24 18.41
N LEU B 387 29.65 7.12 18.24
CA LEU B 387 29.45 5.97 19.11
C LEU B 387 30.03 6.26 20.51
N ASN B 388 30.70 7.41 20.64
CA ASN B 388 31.22 7.91 21.92
C ASN B 388 30.06 8.29 22.83
N ASP B 389 28.89 8.51 22.26
CA ASP B 389 27.71 8.90 23.03
C ASP B 389 26.98 7.67 23.55
N LEU B 390 27.43 6.48 23.17
CA LEU B 390 26.80 5.27 23.63
C LEU B 390 27.71 4.69 24.69
N CYS B 391 27.13 4.08 25.75
CA CYS B 391 27.90 3.52 26.87
C CYS B 391 28.32 2.06 26.63
N PHE B 392 27.37 1.16 26.55
CA PHE B 392 27.59 -0.28 26.34
C PHE B 392 28.03 -0.95 27.65
N THR B 393 27.76 -2.24 27.73
CA THR B 393 28.16 -2.97 28.91
C THR B 393 29.45 -3.68 28.60
N ASN B 394 29.61 -4.03 27.33
CA ASN B 394 30.82 -4.73 26.88
C ASN B 394 31.21 -4.30 25.50
N VAL B 395 32.52 -4.25 25.30
CA VAL B 395 33.09 -4.02 24.00
C VAL B 395 34.08 -5.14 23.70
N TYR B 396 33.96 -5.76 22.54
CA TYR B 396 34.89 -6.82 22.22
C TYR B 396 35.79 -6.48 21.09
N ALA B 397 37.08 -6.66 21.30
CA ALA B 397 38.05 -6.36 20.27
C ALA B 397 38.63 -7.63 19.69
N ASP B 398 38.23 -7.95 18.47
CA ASP B 398 38.69 -9.17 17.82
C ASP B 398 39.99 -8.85 17.08
N SER B 399 41.09 -9.44 17.55
CA SER B 399 42.46 -9.11 17.09
C SER B 399 43.28 -10.17 16.34
N PHE B 400 43.60 -9.85 15.09
CA PHE B 400 44.30 -10.74 14.17
C PHE B 400 45.05 -10.09 12.99
N VAL B 401 45.93 -10.86 12.35
CA VAL B 401 46.64 -10.38 11.14
C VAL B 401 46.35 -11.14 9.85
N ILE B 402 46.03 -10.35 8.83
CA ILE B 402 45.71 -10.80 7.47
C ILE B 402 46.47 -10.02 6.39
N ARG B 403 46.35 -10.45 5.15
CA ARG B 403 46.89 -9.72 4.01
C ARG B 403 45.98 -8.52 3.73
N GLY B 404 46.53 -7.41 3.27
CA GLY B 404 45.73 -6.23 2.94
C GLY B 404 44.57 -6.44 1.97
N ASP B 405 44.74 -7.32 0.99
CA ASP B 405 43.68 -7.61 0.02
C ASP B 405 42.48 -8.33 0.62
N GLU B 406 42.63 -8.80 1.85
CA GLU B 406 41.53 -9.55 2.52
C GLU B 406 40.83 -8.65 3.53
N VAL B 407 41.33 -7.43 3.71
CA VAL B 407 40.73 -6.52 4.70
C VAL B 407 39.30 -6.22 4.33
N ARG B 408 39.07 -6.07 3.04
CA ARG B 408 37.76 -5.77 2.46
C ARG B 408 36.73 -6.86 2.71
N GLN B 409 37.16 -8.07 3.07
CA GLN B 409 36.24 -9.17 3.32
C GLN B 409 35.73 -9.11 4.73
N ILE B 410 36.33 -8.28 5.57
CA ILE B 410 35.84 -8.24 6.92
C ILE B 410 34.77 -7.21 6.97
N ALA B 411 33.60 -7.68 6.60
CA ALA B 411 32.43 -6.87 6.50
C ALA B 411 31.21 -7.78 6.43
N PRO B 412 30.05 -7.30 6.83
CA PRO B 412 28.77 -7.93 6.69
C PRO B 412 28.49 -8.29 5.26
N GLY B 413 27.98 -9.49 5.05
CA GLY B 413 27.59 -9.95 3.73
C GLY B 413 28.75 -10.41 2.85
N GLN B 414 29.97 -10.47 3.38
CA GLN B 414 31.08 -10.85 2.52
C GLN B 414 31.41 -12.33 2.58
N THR B 415 32.07 -12.76 1.51
CA THR B 415 32.58 -14.11 1.29
C THR B 415 34.06 -14.03 0.92
N GLY B 416 34.74 -15.16 0.93
CA GLY B 416 36.16 -15.19 0.57
C GLY B 416 36.94 -16.04 1.56
N LYS B 417 38.24 -16.25 1.35
CA LYS B 417 38.89 -17.15 2.30
C LYS B 417 38.87 -16.62 3.74
N ILE B 418 38.86 -15.31 3.95
CA ILE B 418 38.85 -14.89 5.35
C ILE B 418 37.41 -14.80 5.81
N ALA B 419 36.55 -14.15 5.02
CA ALA B 419 35.16 -14.01 5.46
C ALA B 419 34.48 -15.37 5.66
N ASP B 420 34.84 -16.38 4.88
CA ASP B 420 34.20 -17.67 5.06
C ASP B 420 34.95 -18.66 5.96
N TYR B 421 36.29 -18.64 6.03
CA TYR B 421 36.93 -19.68 6.82
C TYR B 421 37.73 -19.24 8.04
N ASN B 422 37.97 -17.93 8.19
CA ASN B 422 38.88 -17.49 9.28
C ASN B 422 38.19 -16.54 10.25
N TYR B 423 37.49 -15.54 9.72
CA TYR B 423 36.85 -14.52 10.53
C TYR B 423 35.77 -13.84 9.70
N LYS B 424 34.54 -14.00 10.12
CA LYS B 424 33.39 -13.50 9.41
C LYS B 424 32.72 -12.38 10.21
N LEU B 425 31.94 -11.54 9.53
CA LEU B 425 31.06 -10.61 10.24
C LEU B 425 29.62 -10.87 9.81
N PRO B 426 28.65 -10.71 10.71
CA PRO B 426 27.23 -10.93 10.51
C PRO B 426 26.63 -9.86 9.66
N ASP B 427 25.49 -10.14 9.03
CA ASP B 427 24.82 -9.09 8.29
C ASP B 427 24.38 -8.00 9.26
N ASP B 428 23.94 -8.43 10.45
CA ASP B 428 23.52 -7.52 11.51
C ASP B 428 24.69 -7.10 12.39
N PHE B 429 25.59 -6.35 11.78
CA PHE B 429 26.80 -5.87 12.44
C PHE B 429 26.75 -4.36 12.59
N THR B 430 26.88 -3.90 13.82
CA THR B 430 26.86 -2.48 14.17
C THR B 430 28.16 -2.04 14.81
N GLY B 431 29.20 -2.83 14.62
CA GLY B 431 30.51 -2.56 15.20
C GLY B 431 31.40 -1.81 14.20
N CYS B 432 32.74 -1.77 14.48
CA CYS B 432 33.74 -1.06 13.65
C CYS B 432 34.88 -1.99 13.21
N VAL B 433 35.20 -1.92 11.92
CA VAL B 433 36.30 -2.70 11.41
C VAL B 433 37.47 -1.78 11.17
N ILE B 434 38.49 -1.97 11.96
CA ILE B 434 39.62 -1.08 11.94
C ILE B 434 40.86 -1.81 11.48
N ALA B 435 41.54 -1.27 10.49
CA ALA B 435 42.71 -1.98 10.00
C ALA B 435 43.81 -1.03 9.59
N TRP B 436 45.03 -1.51 9.75
CA TRP B 436 46.18 -0.71 9.37
C TRP B 436 47.34 -1.55 8.92
N ASN B 437 48.20 -0.92 8.15
CA ASN B 437 49.37 -1.56 7.63
C ASN B 437 50.35 -1.85 8.76
N SER B 438 50.86 -3.08 8.78
CA SER B 438 51.81 -3.53 9.77
C SER B 438 53.02 -4.11 9.07
N ASN B 439 53.45 -3.46 7.99
CA ASN B 439 54.54 -3.97 7.16
C ASN B 439 55.91 -3.75 7.78
N ASN B 440 55.95 -3.17 8.95
CA ASN B 440 57.17 -3.01 9.70
C ASN B 440 57.10 -3.79 11.01
N LEU B 441 56.05 -4.62 11.17
CA LEU B 441 55.87 -5.38 12.40
C LEU B 441 55.70 -6.87 12.15
N ASP B 442 54.84 -7.19 11.19
CA ASP B 442 54.39 -8.54 10.88
C ASP B 442 54.99 -9.11 9.61
N SER B 443 56.08 -8.53 9.15
CA SER B 443 56.74 -8.98 7.93
C SER B 443 58.25 -8.91 8.07
N LYS B 444 58.93 -9.75 7.30
CA LYS B 444 60.39 -9.73 7.27
C LYS B 444 60.89 -10.24 5.94
N VAL B 445 62.12 -9.97 5.60
CA VAL B 445 62.60 -10.53 4.36
C VAL B 445 62.83 -12.00 4.61
N GLY B 446 62.27 -12.82 3.73
CA GLY B 446 62.32 -14.27 3.84
C GLY B 446 60.96 -14.79 4.29
N GLY B 447 60.14 -13.89 4.83
CA GLY B 447 58.78 -14.18 5.26
C GLY B 447 58.54 -14.41 6.74
N ASN B 448 57.55 -13.68 7.26
CA ASN B 448 57.08 -13.80 8.61
C ASN B 448 55.90 -14.74 8.50
N TYR B 449 56.07 -15.93 9.02
CA TYR B 449 55.09 -17.00 8.86
C TYR B 449 54.35 -17.29 10.14
N ASN B 450 54.39 -16.35 11.08
CA ASN B 450 53.78 -16.53 12.38
C ASN B 450 52.27 -16.57 12.34
N TYR B 451 51.70 -16.03 11.28
CA TYR B 451 50.27 -15.94 11.15
C TYR B 451 49.69 -16.92 10.15
N LEU B 452 48.79 -17.77 10.65
CA LEU B 452 48.12 -18.78 9.83
C LEU B 452 46.69 -18.39 9.47
N TYR B 453 46.24 -18.93 8.35
CA TYR B 453 44.88 -18.76 7.93
C TYR B 453 44.40 -20.03 7.29
N ARG B 454 43.10 -20.21 7.33
CA ARG B 454 42.44 -21.35 6.77
C ARG B 454 41.99 -21.17 5.34
N LEU B 455 42.35 -22.16 4.55
CA LEU B 455 41.92 -22.27 3.19
C LEU B 455 40.83 -23.31 3.06
N PHE B 456 40.94 -24.37 3.85
CA PHE B 456 40.01 -25.47 3.66
C PHE B 456 39.10 -25.73 4.84
N ARG B 457 37.79 -25.74 4.57
CA ARG B 457 36.80 -26.00 5.65
C ARG B 457 35.56 -26.67 5.07
N LYS B 458 35.01 -27.67 5.76
CA LYS B 458 33.83 -28.41 5.35
C LYS B 458 32.60 -27.52 5.10
N SER B 459 32.49 -26.41 5.84
CA SER B 459 31.39 -25.47 5.71
C SER B 459 31.91 -24.08 6.07
N ASN B 460 31.11 -23.05 5.80
CA ASN B 460 31.54 -21.69 6.11
C ASN B 460 31.30 -21.38 7.58
N LEU B 461 32.03 -20.41 8.11
CA LEU B 461 31.90 -19.99 9.50
C LEU B 461 30.65 -19.19 9.79
N LYS B 462 30.16 -19.35 11.02
CA LYS B 462 29.10 -18.52 11.54
C LYS B 462 29.80 -17.18 11.81
N PRO B 463 29.10 -16.05 11.94
CA PRO B 463 29.65 -14.72 12.14
C PRO B 463 30.75 -14.59 13.19
N PHE B 464 30.67 -15.31 14.30
CA PHE B 464 31.76 -15.16 15.26
C PHE B 464 32.39 -16.50 15.62
N GLU B 465 32.42 -17.39 14.66
CA GLU B 465 33.02 -18.70 14.83
C GLU B 465 34.54 -18.63 14.61
N ARG B 466 35.25 -19.48 15.32
CA ARG B 466 36.69 -19.65 15.24
C ARG B 466 36.91 -21.12 14.94
N ASP B 467 37.90 -21.47 14.11
CA ASP B 467 38.07 -22.91 13.83
C ASP B 467 39.53 -23.26 13.78
N ILE B 468 39.96 -24.05 14.76
CA ILE B 468 41.36 -24.36 14.92
C ILE B 468 41.72 -25.82 14.63
N SER B 469 40.84 -26.53 13.92
CA SER B 469 41.10 -27.91 13.55
C SER B 469 42.30 -28.10 12.64
N THR B 470 43.05 -29.17 12.91
CA THR B 470 44.25 -29.56 12.19
C THR B 470 44.05 -30.79 11.32
N GLU B 471 42.80 -31.21 11.16
CA GLU B 471 42.45 -32.39 10.36
C GLU B 471 42.79 -32.12 8.90
N ILE B 472 43.34 -33.10 8.18
CA ILE B 472 43.63 -32.88 6.77
C ILE B 472 42.33 -32.85 6.03
N TYR B 473 42.12 -31.80 5.23
CA TYR B 473 40.89 -31.66 4.53
C TYR B 473 40.80 -32.58 3.34
N GLN B 474 39.66 -33.24 3.20
CA GLN B 474 39.44 -34.10 2.06
C GLN B 474 38.67 -33.39 1.00
N ALA B 475 39.33 -33.13 -0.12
CA ALA B 475 38.70 -32.43 -1.21
C ALA B 475 38.14 -33.42 -2.22
N GLY B 476 38.78 -34.59 -2.29
CA GLY B 476 38.39 -35.61 -3.25
C GLY B 476 37.62 -36.75 -2.62
N SER B 477 37.70 -37.91 -3.25
CA SER B 477 36.98 -39.11 -2.84
C SER B 477 37.76 -40.04 -1.92
N THR B 478 39.08 -39.92 -1.88
CA THR B 478 39.89 -40.81 -1.08
C THR B 478 40.03 -40.32 0.35
N PRO B 479 39.70 -41.13 1.39
CA PRO B 479 39.84 -40.76 2.78
C PRO B 479 41.29 -40.35 3.00
N CYS B 480 41.51 -39.25 3.75
CA CYS B 480 42.84 -38.72 4.02
C CYS B 480 43.49 -39.47 5.17
N ASN B 481 42.67 -39.87 6.13
CA ASN B 481 43.13 -40.59 7.30
C ASN B 481 44.27 -39.87 8.02
N GLY B 482 44.20 -38.55 8.10
CA GLY B 482 45.20 -37.77 8.81
C GLY B 482 46.43 -37.35 7.98
N VAL B 483 46.54 -37.78 6.72
CA VAL B 483 47.71 -37.39 5.93
C VAL B 483 47.36 -36.76 4.60
N GLU B 484 48.32 -36.06 4.03
CA GLU B 484 48.18 -35.43 2.74
C GLU B 484 48.34 -36.42 1.61
N GLY B 485 47.79 -36.07 0.45
CA GLY B 485 47.82 -36.95 -0.71
C GLY B 485 47.03 -36.33 -1.85
N PHE B 486 46.71 -37.10 -2.87
CA PHE B 486 45.96 -36.46 -3.93
C PHE B 486 44.60 -36.10 -3.38
N ASN B 487 44.25 -34.85 -3.60
CA ASN B 487 43.01 -34.25 -3.15
C ASN B 487 42.80 -34.32 -1.60
N CYS B 488 43.92 -34.20 -0.81
CA CYS B 488 44.02 -34.15 0.65
C CYS B 488 45.07 -33.08 1.00
N TYR B 489 44.69 -32.10 1.83
CA TYR B 489 45.63 -30.98 2.11
C TYR B 489 45.34 -30.34 3.48
N PHE B 490 46.37 -30.17 4.32
CA PHE B 490 46.26 -29.53 5.62
C PHE B 490 45.65 -28.13 5.42
N PRO B 491 44.57 -27.80 6.13
CA PRO B 491 43.79 -26.58 5.97
C PRO B 491 44.39 -25.23 6.35
N LEU B 492 45.44 -25.21 7.20
CA LEU B 492 46.01 -23.95 7.69
C LEU B 492 47.41 -23.66 7.21
N GLN B 493 47.56 -22.58 6.47
CA GLN B 493 48.86 -22.21 5.92
C GLN B 493 49.28 -20.86 6.42
N SER B 494 50.58 -20.60 6.43
CA SER B 494 51.07 -19.30 6.85
C SER B 494 50.95 -18.27 5.76
N TYR B 495 50.89 -17.03 6.16
CA TYR B 495 50.99 -15.98 5.17
C TYR B 495 52.45 -15.61 5.09
N GLY B 496 53.04 -15.64 3.91
CA GLY B 496 54.44 -15.23 3.78
C GLY B 496 54.53 -13.73 3.73
N PHE B 497 54.49 -13.11 4.90
CA PHE B 497 54.51 -11.66 4.91
C PHE B 497 55.92 -11.14 4.79
N GLN B 498 56.15 -10.34 3.76
CA GLN B 498 57.46 -9.77 3.49
C GLN B 498 57.28 -8.28 3.22
N PRO B 499 58.25 -7.42 3.56
CA PRO B 499 58.23 -6.00 3.35
C PRO B 499 58.27 -5.66 1.88
N THR B 500 58.65 -6.66 1.08
CA THR B 500 58.83 -6.60 -0.35
C THR B 500 57.55 -6.93 -1.09
N ASN B 501 56.49 -7.30 -0.38
CA ASN B 501 55.24 -7.62 -1.02
C ASN B 501 54.60 -6.34 -1.51
N GLY B 502 53.78 -6.43 -2.55
CA GLY B 502 53.07 -5.24 -2.95
C GLY B 502 52.09 -5.01 -1.83
N VAL B 503 51.42 -3.87 -1.82
CA VAL B 503 50.59 -3.52 -0.67
C VAL B 503 49.51 -4.53 -0.36
N GLY B 504 48.89 -5.09 -1.38
CA GLY B 504 47.84 -6.06 -1.17
C GLY B 504 48.30 -7.25 -0.32
N TYR B 505 49.57 -7.63 -0.39
CA TYR B 505 50.03 -8.75 0.40
C TYR B 505 50.89 -8.37 1.59
N GLN B 506 50.92 -7.09 1.91
CA GLN B 506 51.63 -6.68 3.09
C GLN B 506 50.65 -7.06 4.18
N PRO B 507 51.11 -7.34 5.39
CA PRO B 507 50.26 -7.61 6.51
C PRO B 507 49.54 -6.39 6.96
N TYR B 508 48.33 -6.62 7.43
CA TYR B 508 47.48 -5.68 8.08
C TYR B 508 46.96 -6.21 9.38
N ARG B 509 46.99 -5.35 10.36
CA ARG B 509 46.46 -5.66 11.65
C ARG B 509 45.06 -5.22 11.67
N VAL B 510 44.21 -6.13 12.09
CA VAL B 510 42.81 -5.84 12.12
C VAL B 510 42.23 -6.04 13.49
N VAL B 511 41.52 -5.03 13.92
CA VAL B 511 40.79 -5.08 15.16
C VAL B 511 39.35 -4.78 14.88
N VAL B 512 38.48 -5.68 15.28
CA VAL B 512 37.08 -5.41 15.06
C VAL B 512 36.41 -5.16 16.38
N LEU B 513 35.75 -4.02 16.50
CA LEU B 513 35.11 -3.68 17.75
C LEU B 513 33.60 -3.91 17.71
N SER B 514 33.15 -4.84 18.52
CA SER B 514 31.74 -5.18 18.64
C SER B 514 31.23 -4.50 19.90
N PHE B 515 30.17 -3.71 19.79
CA PHE B 515 29.72 -2.94 20.94
C PHE B 515 28.36 -3.44 21.42
N GLU B 516 28.26 -3.91 22.66
CA GLU B 516 27.02 -4.50 23.17
C GLU B 516 26.22 -3.65 24.16
N LEU B 517 24.98 -3.36 23.75
CA LEU B 517 23.99 -2.61 24.54
C LEU B 517 22.99 -3.59 25.13
N LEU B 518 23.02 -3.74 26.43
CA LEU B 518 22.17 -4.69 27.14
C LEU B 518 21.20 -3.94 28.04
N HIS B 519 20.30 -4.69 28.66
CA HIS B 519 19.36 -4.17 29.66
C HIS B 519 20.11 -3.87 30.95
N ALA B 520 21.26 -4.54 31.08
CA ALA B 520 22.18 -4.47 32.19
C ALA B 520 22.77 -3.08 32.21
N PRO B 521 23.17 -2.55 33.36
CA PRO B 521 23.78 -1.26 33.47
C PRO B 521 25.13 -1.28 32.75
N ALA B 522 25.49 -0.16 32.16
CA ALA B 522 26.74 0.01 31.44
C ALA B 522 27.91 -0.13 32.34
N THR B 523 29.02 -0.57 31.78
CA THR B 523 30.22 -0.66 32.59
C THR B 523 31.22 0.14 31.82
N VAL B 524 30.83 0.48 30.61
CA VAL B 524 31.66 1.28 29.75
C VAL B 524 30.87 2.53 29.37
N CYS B 525 31.48 3.73 29.44
CA CYS B 525 30.87 5.00 28.98
C CYS B 525 31.89 5.74 28.17
N GLY B 526 31.45 6.62 27.28
CA GLY B 526 32.40 7.38 26.52
C GLY B 526 32.95 8.49 27.38
N PRO B 527 33.78 9.39 26.84
CA PRO B 527 34.45 10.48 27.52
C PRO B 527 33.46 11.60 27.74
N LYS B 528 32.46 11.32 28.56
CA LYS B 528 31.36 12.23 28.74
C LYS B 528 31.20 12.62 30.19
N LYS B 529 31.21 13.92 30.43
CA LYS B 529 31.09 14.45 31.76
C LYS B 529 29.66 14.49 32.26
N SER B 530 29.48 14.11 33.53
CA SER B 530 28.20 14.20 34.18
C SER B 530 27.99 15.55 34.85
N THR B 531 26.73 15.80 35.17
CA THR B 531 26.26 16.96 35.91
C THR B 531 25.42 16.50 37.10
N ASN B 532 24.86 17.45 37.82
CA ASN B 532 24.07 17.19 39.00
C ASN B 532 22.61 16.92 38.64
N LEU B 533 21.91 16.22 39.53
CA LEU B 533 20.50 15.98 39.32
C LEU B 533 19.67 17.19 39.63
N VAL B 534 18.61 17.36 38.85
CA VAL B 534 17.63 18.40 39.01
C VAL B 534 16.25 17.79 39.03
N LYS B 535 15.45 18.18 40.00
CA LYS B 535 14.10 17.68 40.13
C LYS B 535 13.09 18.81 40.14
N ASN B 536 11.86 18.46 39.79
CA ASN B 536 10.70 19.34 39.75
C ASN B 536 10.81 20.46 38.71
N LYS B 537 11.64 20.24 37.71
CA LYS B 537 11.81 21.13 36.58
C LYS B 537 11.83 20.27 35.33
N CYS B 538 11.40 20.83 34.16
CA CYS B 538 11.46 20.12 32.89
C CYS B 538 12.89 20.17 32.36
N VAL B 539 13.43 18.99 32.14
CA VAL B 539 14.78 18.88 31.68
C VAL B 539 14.92 17.90 30.54
N ASN B 540 16.01 18.04 29.85
CA ASN B 540 16.40 17.04 28.89
C ASN B 540 17.25 16.14 29.74
N PHE B 541 17.42 14.91 29.36
CA PHE B 541 18.30 14.08 30.13
C PHE B 541 18.98 12.98 29.37
N ASN B 542 20.02 12.47 30.01
CA ASN B 542 20.79 11.32 29.56
C ASN B 542 21.23 10.46 30.74
N PHE B 543 20.56 9.34 30.96
CA PHE B 543 20.92 8.46 32.06
C PHE B 543 21.60 7.21 31.55
N ASN B 544 22.91 7.20 31.63
CA ASN B 544 23.70 6.08 31.17
C ASN B 544 23.35 5.68 29.73
N GLY B 545 23.17 6.67 28.85
CA GLY B 545 22.82 6.43 27.47
C GLY B 545 21.32 6.57 27.16
N LEU B 546 20.46 6.60 28.19
CA LEU B 546 19.01 6.75 27.95
C LEU B 546 18.63 8.20 27.87
N THR B 547 18.07 8.63 26.75
CA THR B 547 17.75 10.04 26.65
C THR B 547 16.28 10.33 26.50
N GLY B 548 15.93 11.57 26.83
CA GLY B 548 14.57 12.05 26.69
C GLY B 548 14.32 13.40 27.37
N THR B 549 13.05 13.79 27.43
CA THR B 549 12.63 15.05 28.05
C THR B 549 11.53 14.72 29.07
N GLY B 550 11.62 15.33 30.24
CA GLY B 550 10.62 15.12 31.29
C GLY B 550 11.05 15.77 32.59
N VAL B 551 10.26 15.60 33.63
CA VAL B 551 10.57 16.17 34.92
C VAL B 551 11.05 15.03 35.81
N LEU B 552 12.28 15.14 36.25
CA LEU B 552 12.90 14.05 37.00
C LEU B 552 12.62 14.10 38.49
N THR B 553 11.40 13.76 38.84
CA THR B 553 11.00 13.82 40.23
C THR B 553 11.48 12.57 40.94
N GLU B 554 11.51 12.61 42.26
CA GLU B 554 11.92 11.45 43.05
C GLU B 554 10.73 10.55 43.24
N SER B 555 10.96 9.26 43.42
CA SER B 555 9.84 8.37 43.64
C SER B 555 10.16 7.14 44.47
N ASN B 556 9.11 6.40 44.77
CA ASN B 556 9.17 5.21 45.58
C ASN B 556 8.83 3.95 44.80
N LYS B 557 9.10 3.93 43.50
CA LYS B 557 8.78 2.72 42.75
C LYS B 557 9.63 1.62 43.34
N LYS B 558 9.02 0.49 43.66
CA LYS B 558 9.77 -0.60 44.28
C LYS B 558 10.51 -1.46 43.31
N PHE B 559 11.56 -0.90 42.75
CA PHE B 559 12.34 -1.64 41.77
C PHE B 559 12.97 -2.80 42.47
N LEU B 560 13.05 -3.92 41.79
CA LEU B 560 13.70 -5.06 42.36
C LEU B 560 15.16 -4.65 42.35
N PRO B 561 16.02 -5.22 43.21
CA PRO B 561 17.41 -4.85 43.36
C PRO B 561 18.24 -4.77 42.09
N PHE B 562 17.89 -5.57 41.09
CA PHE B 562 18.60 -5.63 39.84
C PHE B 562 18.00 -4.81 38.70
N GLN B 563 16.84 -4.21 38.92
CA GLN B 563 16.18 -3.50 37.84
C GLN B 563 16.79 -2.11 37.67
N GLN B 564 16.93 -1.68 36.42
CA GLN B 564 17.54 -0.36 36.16
C GLN B 564 16.54 0.69 35.70
N PHE B 565 15.45 0.24 35.09
CA PHE B 565 14.45 1.15 34.52
C PHE B 565 13.05 0.67 34.85
N GLY B 566 12.04 1.55 34.80
CA GLY B 566 10.67 1.10 35.01
C GLY B 566 9.81 1.41 33.78
N ARG B 567 8.54 0.97 33.80
CA ARG B 567 7.60 1.21 32.69
C ARG B 567 6.20 1.64 33.07
N ASP B 568 5.64 2.49 32.20
CA ASP B 568 4.27 3.00 32.31
C ASP B 568 3.30 2.01 31.67
N ILE B 569 2.01 2.33 31.70
CA ILE B 569 0.96 1.48 31.11
C ILE B 569 1.06 1.46 29.58
N ALA B 570 1.74 2.48 29.07
CA ALA B 570 2.02 2.70 27.65
C ALA B 570 3.29 1.96 27.23
N ASP B 571 3.93 1.29 28.18
CA ASP B 571 5.18 0.55 28.01
C ASP B 571 6.36 1.43 27.66
N THR B 572 6.27 2.71 28.00
CA THR B 572 7.37 3.63 27.82
C THR B 572 8.13 3.67 29.12
N THR B 573 9.35 4.17 29.11
CA THR B 573 10.10 4.26 30.35
C THR B 573 9.45 5.33 31.21
N ASP B 574 9.24 5.04 32.50
CA ASP B 574 8.66 6.07 33.36
C ASP B 574 9.49 6.29 34.59
N ALA B 575 10.63 5.64 34.64
CA ALA B 575 11.54 5.74 35.76
C ALA B 575 12.90 5.23 35.37
N VAL B 576 13.89 5.77 36.06
CA VAL B 576 15.27 5.34 35.91
C VAL B 576 15.90 5.15 37.28
N ARG B 577 16.97 4.40 37.35
CA ARG B 577 17.76 4.44 38.55
C ARG B 577 18.99 5.25 38.20
N ASP B 578 19.33 6.20 39.04
CA ASP B 578 20.49 7.02 38.74
C ASP B 578 21.79 6.20 38.70
N PRO B 579 22.58 6.24 37.63
CA PRO B 579 23.76 5.45 37.50
C PRO B 579 24.89 5.69 38.50
N GLN B 580 24.96 6.84 39.20
CA GLN B 580 26.08 6.97 40.13
C GLN B 580 25.65 6.42 41.48
N THR B 581 24.41 6.71 41.84
CA THR B 581 23.81 6.18 43.05
C THR B 581 22.48 5.66 42.57
N LEU B 582 22.12 4.41 42.83
CA LEU B 582 20.87 3.92 42.23
C LEU B 582 19.57 4.28 42.97
N GLU B 583 19.30 5.57 43.00
CA GLU B 583 18.14 6.21 43.57
C GLU B 583 17.03 6.06 42.57
N ILE B 584 15.79 6.03 43.02
CA ILE B 584 14.71 5.87 42.07
C ILE B 584 14.10 7.22 41.69
N LEU B 585 14.14 7.53 40.41
CA LEU B 585 13.56 8.75 39.86
C LEU B 585 12.49 8.38 38.85
N ASP B 586 11.43 9.17 38.76
CA ASP B 586 10.45 8.93 37.72
C ASP B 586 10.74 9.81 36.52
N ILE B 587 9.96 9.67 35.46
CA ILE B 587 10.03 10.59 34.36
C ILE B 587 8.63 11.15 34.16
N THR B 588 8.37 12.34 34.63
CA THR B 588 7.05 12.92 34.50
C THR B 588 7.01 13.68 33.19
N PRO B 589 6.01 13.53 32.33
CA PRO B 589 5.95 14.24 31.08
C PRO B 589 5.77 15.72 31.39
N CYS B 590 6.31 16.60 30.52
CA CYS B 590 6.18 18.06 30.60
C CYS B 590 4.81 18.39 29.97
N SER B 591 4.08 19.32 30.58
CA SER B 591 2.72 19.65 30.13
C SER B 591 2.61 20.22 28.75
N PHE B 592 1.50 19.92 28.11
CA PHE B 592 1.18 20.42 26.78
C PHE B 592 -0.32 20.47 26.63
N GLY B 593 -0.78 21.18 25.62
CA GLY B 593 -2.21 21.19 25.34
C GLY B 593 -2.58 22.09 24.19
N GLY B 594 -3.83 22.08 23.79
CA GLY B 594 -4.23 22.90 22.66
C GLY B 594 -4.31 24.38 22.99
N VAL B 595 -4.07 25.20 21.97
CA VAL B 595 -4.18 26.63 22.09
C VAL B 595 -5.29 27.15 21.22
N SER B 596 -6.31 27.74 21.84
CA SER B 596 -7.37 28.23 21.00
C SER B 596 -7.80 29.64 21.29
N VAL B 597 -8.08 30.31 20.19
CA VAL B 597 -8.43 31.71 20.18
C VAL B 597 -9.92 31.92 20.14
N ILE B 598 -10.40 32.55 21.17
CA ILE B 598 -11.79 32.84 21.38
C ILE B 598 -11.99 34.25 20.96
N THR B 599 -12.84 34.45 19.97
CA THR B 599 -12.94 35.79 19.44
C THR B 599 -14.28 36.12 18.79
N PRO B 600 -14.71 37.39 18.82
CA PRO B 600 -15.80 37.95 18.08
C PRO B 600 -15.23 38.08 16.70
N GLY B 601 -16.01 38.41 15.70
CA GLY B 601 -15.33 38.53 14.43
C GLY B 601 -14.54 39.82 14.38
N THR B 602 -13.78 39.99 13.31
CA THR B 602 -12.92 41.15 13.08
C THR B 602 -13.74 42.30 12.53
N ASN B 603 -15.00 42.00 12.31
CA ASN B 603 -16.01 42.92 11.89
C ASN B 603 -16.67 43.56 13.11
N THR B 604 -16.19 43.15 14.30
CA THR B 604 -16.63 43.62 15.60
C THR B 604 -15.46 44.23 16.36
N SER B 605 -14.41 43.43 16.57
CA SER B 605 -13.23 43.88 17.31
C SER B 605 -12.04 43.01 17.01
N ASN B 606 -10.87 43.42 17.47
CA ASN B 606 -9.66 42.63 17.32
C ASN B 606 -9.17 42.09 18.67
N GLN B 607 -10.08 41.99 19.64
CA GLN B 607 -9.70 41.47 20.94
C GLN B 607 -9.82 39.97 20.93
N VAL B 608 -8.91 39.28 21.60
CA VAL B 608 -9.05 37.82 21.72
C VAL B 608 -8.82 37.38 23.14
N ALA B 609 -9.28 36.17 23.45
CA ALA B 609 -8.97 35.50 24.69
C ALA B 609 -8.44 34.13 24.33
N VAL B 610 -7.49 33.60 25.10
CA VAL B 610 -6.96 32.29 24.75
C VAL B 610 -7.12 31.23 25.80
N LEU B 611 -7.63 30.09 25.38
CA LEU B 611 -7.76 28.95 26.24
C LEU B 611 -6.60 28.00 26.09
N TYR B 612 -6.00 27.67 27.21
CA TYR B 612 -4.92 26.72 27.27
C TYR B 612 -5.55 25.45 27.77
N GLN B 613 -5.79 24.57 26.82
CA GLN B 613 -6.63 23.44 27.09
C GLN B 613 -6.05 22.47 28.07
N ASP B 614 -6.90 22.11 29.02
CA ASP B 614 -6.65 21.15 30.09
C ASP B 614 -5.45 21.46 30.99
N VAL B 615 -5.12 22.72 31.20
CA VAL B 615 -4.04 23.02 32.13
C VAL B 615 -4.41 24.03 33.17
N ASN B 616 -3.58 24.11 34.19
CA ASN B 616 -3.76 25.09 35.23
C ASN B 616 -3.09 26.42 34.85
N CYS B 617 -3.64 27.52 35.37
CA CYS B 617 -3.18 28.90 35.21
C CYS B 617 -1.86 29.11 35.97
N THR B 618 -1.56 28.14 36.82
CA THR B 618 -0.37 28.13 37.64
C THR B 618 0.83 27.63 36.84
N GLU B 619 0.55 27.00 35.70
CA GLU B 619 1.60 26.49 34.83
C GLU B 619 1.83 27.39 33.58
N VAL B 620 0.75 28.05 33.08
CA VAL B 620 0.72 28.92 31.90
C VAL B 620 1.43 30.24 32.26
N ASN B 641 -7.89 39.14 34.40
CA ASN B 641 -7.67 38.58 33.07
C ASN B 641 -7.44 37.05 33.05
N VAL B 642 -7.11 36.43 34.20
CA VAL B 642 -6.82 34.98 34.27
C VAL B 642 -7.93 34.21 35.00
N PHE B 643 -8.63 33.39 34.25
CA PHE B 643 -9.76 32.62 34.72
C PHE B 643 -9.57 31.12 34.59
N GLN B 644 -9.51 30.43 35.72
CA GLN B 644 -9.33 28.99 35.63
C GLN B 644 -10.69 28.37 35.40
N THR B 645 -10.83 27.56 34.36
CA THR B 645 -12.09 26.92 34.08
C THR B 645 -11.81 25.42 34.06
N ARG B 646 -12.84 24.62 33.89
CA ARG B 646 -12.66 23.18 33.89
C ARG B 646 -12.10 22.70 32.56
N ALA B 647 -12.14 23.56 31.55
CA ALA B 647 -11.68 23.24 30.22
C ALA B 647 -10.20 23.61 30.04
N GLY B 648 -9.60 24.22 31.06
CA GLY B 648 -8.25 24.73 30.91
C GLY B 648 -8.20 26.16 31.44
N CYS B 649 -7.07 26.86 31.21
CA CYS B 649 -6.87 28.23 31.71
C CYS B 649 -7.26 29.24 30.61
N LEU B 650 -8.17 30.12 30.93
CA LEU B 650 -8.62 31.11 29.98
C LEU B 650 -8.05 32.49 30.28
N ILE B 651 -7.26 33.01 29.37
CA ILE B 651 -6.64 34.30 29.62
C ILE B 651 -6.98 35.40 28.61
N GLY B 652 -7.42 36.54 29.14
CA GLY B 652 -7.77 37.72 28.38
C GLY B 652 -9.26 38.04 28.49
N ALA B 653 -10.02 37.05 28.91
CA ALA B 653 -11.44 37.24 29.12
C ALA B 653 -11.66 37.74 30.53
N GLU B 654 -12.67 38.57 30.72
CA GLU B 654 -13.03 39.02 32.06
C GLU B 654 -13.86 37.94 32.69
N HIS B 655 -13.86 37.81 34.00
CA HIS B 655 -14.74 36.81 34.58
C HIS B 655 -15.90 37.47 35.32
N VAL B 656 -17.10 37.19 34.87
CA VAL B 656 -18.27 37.75 35.52
C VAL B 656 -19.00 36.57 36.15
N ASN B 657 -19.51 36.77 37.34
CA ASN B 657 -20.20 35.72 38.07
C ASN B 657 -21.67 35.54 37.72
N ASN B 658 -22.15 36.30 36.77
CA ASN B 658 -23.53 36.23 36.36
C ASN B 658 -23.75 35.17 35.31
N SER B 659 -24.86 34.43 35.43
CA SER B 659 -25.17 33.43 34.42
C SER B 659 -26.02 34.03 33.31
N TYR B 660 -25.69 33.68 32.08
CA TYR B 660 -26.45 34.16 30.92
C TYR B 660 -26.70 33.05 29.94
N GLU B 661 -27.80 33.08 29.19
CA GLU B 661 -27.89 32.13 28.09
C GLU B 661 -26.72 32.62 27.25
N CYS B 662 -25.84 31.73 26.72
CA CYS B 662 -24.61 32.16 26.08
C CYS B 662 -24.59 32.23 24.56
N ASP B 663 -23.50 32.87 24.12
CA ASP B 663 -23.13 33.08 22.72
C ASP B 663 -22.00 32.12 22.27
N ILE B 664 -20.73 32.38 22.65
CA ILE B 664 -19.65 31.52 22.20
C ILE B 664 -19.37 30.46 23.26
N PRO B 665 -19.59 29.18 23.03
CA PRO B 665 -19.38 28.16 24.01
C PRO B 665 -17.91 27.91 24.21
N ILE B 666 -17.48 27.60 25.43
CA ILE B 666 -16.11 27.19 25.67
C ILE B 666 -16.06 25.73 26.09
N GLY B 667 -16.90 25.37 27.08
CA GLY B 667 -16.96 24.00 27.59
C GLY B 667 -17.16 23.96 29.11
N ALA B 668 -17.68 22.85 29.62
CA ALA B 668 -17.89 22.61 31.04
C ALA B 668 -18.70 23.71 31.72
N GLY B 669 -19.79 24.13 31.08
CA GLY B 669 -20.67 25.15 31.63
C GLY B 669 -20.21 26.58 31.40
N ILE B 670 -19.07 26.78 30.74
CA ILE B 670 -18.53 28.11 30.49
C ILE B 670 -18.60 28.50 29.01
N CYS B 671 -18.98 29.78 28.78
CA CYS B 671 -19.10 30.45 27.48
C CYS B 671 -18.51 31.86 27.58
N ALA B 672 -18.50 32.56 26.45
CA ALA B 672 -18.03 33.93 26.39
C ALA B 672 -18.79 34.78 25.35
N SER B 673 -18.71 36.07 25.53
CA SER B 673 -19.32 37.05 24.62
C SER B 673 -18.53 38.32 24.56
N TYR B 674 -18.78 39.11 23.52
CA TYR B 674 -18.16 40.42 23.43
C TYR B 674 -19.21 41.46 23.71
N GLN B 675 -19.04 42.21 24.79
CA GLN B 675 -20.04 43.18 25.20
C GLN B 675 -19.46 44.21 26.16
N THR B 676 -20.24 45.28 26.50
CA THR B 676 -19.89 46.39 27.41
C THR B 676 -19.10 45.91 28.65
N GLN B 690 -16.36 47.86 25.12
CA GLN B 690 -16.71 46.45 25.08
C GLN B 690 -15.43 45.63 25.24
N SER B 691 -15.57 44.39 25.74
CA SER B 691 -14.49 43.42 26.00
C SER B 691 -15.01 42.01 25.95
N ILE B 692 -14.09 41.04 25.93
CA ILE B 692 -14.51 39.65 25.96
C ILE B 692 -14.72 39.24 27.39
N ILE B 693 -15.91 38.77 27.68
CA ILE B 693 -16.30 38.37 29.00
C ILE B 693 -16.70 36.91 29.04
N ALA B 694 -16.09 36.19 29.97
CA ALA B 694 -16.36 34.78 30.23
C ALA B 694 -17.40 34.65 31.34
N TYR B 695 -18.29 33.68 31.20
CA TYR B 695 -19.36 33.46 32.17
C TYR B 695 -19.95 32.07 32.19
N THR B 696 -20.67 31.80 33.28
CA THR B 696 -21.44 30.58 33.42
C THR B 696 -22.66 30.66 32.52
N MET B 697 -22.94 29.61 31.79
CA MET B 697 -24.09 29.63 30.91
C MET B 697 -25.36 29.19 31.63
N SER B 698 -26.45 29.87 31.32
CA SER B 698 -27.78 29.59 31.84
C SER B 698 -28.55 28.67 30.92
N LEU B 699 -29.48 27.90 31.49
CA LEU B 699 -30.30 27.03 30.66
C LEU B 699 -31.62 27.70 30.31
N GLY B 700 -31.84 28.90 30.82
CA GLY B 700 -33.08 29.62 30.58
C GLY B 700 -33.87 29.90 31.86
N ALA B 701 -35.04 30.52 31.64
CA ALA B 701 -35.97 30.96 32.68
C ALA B 701 -36.64 29.79 33.39
N GLU B 702 -37.09 30.04 34.61
CA GLU B 702 -37.81 29.05 35.39
C GLU B 702 -39.32 29.24 35.27
N ASN B 703 -40.08 28.16 35.47
CA ASN B 703 -41.55 28.26 35.45
C ASN B 703 -42.27 27.35 36.46
N SER B 704 -42.69 27.90 37.58
CA SER B 704 -43.41 27.06 38.55
C SER B 704 -44.83 26.90 38.05
N VAL B 705 -45.39 25.70 38.14
CA VAL B 705 -46.78 25.50 37.72
C VAL B 705 -47.70 25.66 38.91
N ALA B 706 -48.75 26.47 38.77
CA ALA B 706 -49.68 26.73 39.87
C ALA B 706 -50.72 25.60 40.00
N TYR B 707 -50.20 24.44 40.32
CA TYR B 707 -50.96 23.23 40.45
C TYR B 707 -51.74 23.12 41.73
N SER B 708 -52.96 22.63 41.61
CA SER B 708 -53.79 22.28 42.74
C SER B 708 -54.69 21.21 42.22
N ASN B 709 -55.37 20.53 43.11
CA ASN B 709 -56.23 19.43 42.73
C ASN B 709 -57.60 19.85 42.24
N ASN B 710 -57.85 21.14 42.17
CA ASN B 710 -59.11 21.65 41.71
C ASN B 710 -58.96 22.82 40.75
N SER B 711 -57.77 23.00 40.18
CA SER B 711 -57.56 24.15 39.30
C SER B 711 -57.07 23.76 37.94
N ILE B 712 -57.78 24.22 36.92
CA ILE B 712 -57.37 23.90 35.57
C ILE B 712 -57.26 25.14 34.71
N ALA B 713 -56.22 25.22 33.89
CA ALA B 713 -56.17 26.36 32.98
C ALA B 713 -56.67 25.88 31.62
N ILE B 714 -57.46 26.72 30.97
CA ILE B 714 -57.99 26.39 29.66
C ILE B 714 -57.77 27.60 28.74
N PRO B 715 -57.20 27.45 27.53
CA PRO B 715 -56.98 28.52 26.59
C PRO B 715 -58.32 29.04 26.15
N THR B 716 -58.41 30.32 25.94
CA THR B 716 -59.62 31.01 25.50
C THR B 716 -59.44 31.62 24.12
N ASN B 717 -58.20 31.69 23.65
CA ASN B 717 -57.91 32.24 22.34
C ASN B 717 -56.74 31.47 21.75
N PHE B 718 -56.34 31.82 20.53
CA PHE B 718 -55.25 31.14 19.85
C PHE B 718 -54.63 31.95 18.73
N THR B 719 -53.44 31.53 18.34
CA THR B 719 -52.77 32.06 17.19
C THR B 719 -52.34 30.97 16.24
N ILE B 720 -52.60 31.19 14.96
CA ILE B 720 -52.12 30.28 13.95
C ILE B 720 -50.79 30.83 13.49
N SER B 721 -49.80 29.97 13.46
CA SER B 721 -48.47 30.39 13.09
C SER B 721 -47.87 29.42 12.12
N VAL B 722 -46.84 29.85 11.40
CA VAL B 722 -46.22 28.98 10.45
C VAL B 722 -44.72 28.94 10.69
N THR B 723 -44.16 27.75 10.74
CA THR B 723 -42.72 27.56 10.97
C THR B 723 -42.05 26.93 9.75
N THR B 724 -40.76 27.22 9.57
CA THR B 724 -40.06 26.69 8.40
C THR B 724 -38.95 25.70 8.71
N GLU B 725 -39.00 24.55 8.07
CA GLU B 725 -37.99 23.52 8.26
C GLU B 725 -37.18 23.25 6.99
N ILE B 726 -35.86 23.30 7.11
CA ILE B 726 -34.99 23.08 5.96
C ILE B 726 -34.17 21.81 6.07
N LEU B 727 -34.25 20.94 5.05
CA LEU B 727 -33.47 19.70 5.03
C LEU B 727 -32.70 19.54 3.71
N PRO B 728 -31.46 19.02 3.73
CA PRO B 728 -30.72 18.65 2.54
C PRO B 728 -31.30 17.39 1.95
N VAL B 729 -31.22 17.26 0.63
CA VAL B 729 -31.64 16.06 -0.06
C VAL B 729 -30.53 15.43 -0.89
N SER B 730 -29.74 16.23 -1.62
CA SER B 730 -28.75 15.63 -2.51
C SER B 730 -27.43 16.41 -2.65
N MET B 731 -26.42 15.70 -3.13
CA MET B 731 -25.08 16.17 -3.39
C MET B 731 -24.73 16.19 -4.86
N THR B 732 -23.60 16.82 -5.13
CA THR B 732 -22.99 16.90 -6.44
C THR B 732 -22.56 15.52 -6.93
N LYS B 733 -22.90 15.20 -8.18
CA LYS B 733 -22.54 13.92 -8.74
C LYS B 733 -21.13 13.88 -9.28
N THR B 734 -20.22 13.76 -8.34
CA THR B 734 -18.81 13.77 -8.63
C THR B 734 -18.39 12.41 -9.21
N SER B 735 -17.58 12.46 -10.26
CA SER B 735 -17.05 11.28 -10.93
C SER B 735 -15.55 11.41 -11.10
N VAL B 736 -14.83 10.36 -10.71
CA VAL B 736 -13.38 10.42 -10.77
C VAL B 736 -12.74 9.32 -11.57
N ASP B 737 -11.85 9.73 -12.46
CA ASP B 737 -11.02 8.82 -13.23
C ASP B 737 -9.74 8.59 -12.43
N CYS B 738 -9.63 7.44 -11.67
CA CYS B 738 -8.50 7.18 -10.78
C CYS B 738 -7.18 7.05 -11.56
N THR B 739 -7.24 6.58 -12.80
CA THR B 739 -5.99 6.47 -13.53
C THR B 739 -5.49 7.84 -13.86
N MET B 740 -6.39 8.70 -14.33
CA MET B 740 -5.91 10.03 -14.70
C MET B 740 -5.40 10.79 -13.47
N TYR B 741 -6.07 10.61 -12.34
CA TYR B 741 -5.67 11.27 -11.11
C TYR B 741 -4.26 10.82 -10.68
N ILE B 742 -4.00 9.52 -10.69
CA ILE B 742 -2.71 9.01 -10.23
C ILE B 742 -1.57 9.14 -11.27
N CYS B 743 -1.83 8.70 -12.53
CA CYS B 743 -0.89 8.57 -13.65
C CYS B 743 -1.42 9.34 -14.87
N GLY B 744 -1.77 10.60 -14.67
CA GLY B 744 -2.28 11.33 -15.80
C GLY B 744 -1.21 11.42 -16.85
N ASP B 745 -1.59 11.08 -18.06
CA ASP B 745 -0.75 11.11 -19.24
C ASP B 745 0.60 10.40 -19.04
N SER B 746 0.62 9.27 -18.31
CA SER B 746 1.88 8.57 -18.15
C SER B 746 1.76 7.06 -18.23
N THR B 747 2.36 6.51 -19.28
CA THR B 747 2.36 5.08 -19.54
C THR B 747 3.25 4.40 -18.54
N GLU B 748 4.39 5.00 -18.30
CA GLU B 748 5.36 4.39 -17.41
C GLU B 748 4.79 4.22 -15.99
N CYS B 749 3.98 5.20 -15.53
CA CYS B 749 3.29 5.20 -14.24
C CYS B 749 2.12 4.20 -14.28
N SER B 750 1.28 4.24 -15.32
CA SER B 750 0.11 3.36 -15.31
C SER B 750 0.54 1.90 -15.35
N ASN B 751 1.72 1.63 -15.89
CA ASN B 751 2.22 0.28 -15.92
C ASN B 751 2.48 -0.27 -14.52
N LEU B 752 2.74 0.61 -13.56
CA LEU B 752 2.97 0.22 -12.19
C LEU B 752 1.63 0.24 -11.49
N LEU B 753 0.74 1.12 -11.90
CA LEU B 753 -0.57 1.23 -11.29
C LEU B 753 -1.33 -0.10 -11.44
N LEU B 754 -1.08 -0.80 -12.54
CA LEU B 754 -1.67 -2.09 -12.84
C LEU B 754 -1.29 -3.17 -11.81
N GLN B 755 -0.17 -2.97 -11.13
CA GLN B 755 0.36 -3.93 -10.19
C GLN B 755 -0.44 -3.91 -8.90
N TYR B 756 -1.32 -2.93 -8.76
CA TYR B 756 -2.09 -2.78 -7.56
C TYR B 756 -3.51 -3.33 -7.79
N GLY B 757 -3.67 -4.01 -8.93
CA GLY B 757 -4.87 -4.72 -9.30
C GLY B 757 -6.13 -3.88 -9.47
N SER B 758 -7.17 -4.30 -8.77
CA SER B 758 -8.49 -3.71 -8.83
C SER B 758 -8.67 -2.57 -7.87
N PHE B 759 -7.66 -2.23 -7.09
CA PHE B 759 -7.86 -1.17 -6.12
C PHE B 759 -8.37 0.14 -6.75
N CYS B 760 -7.77 0.58 -7.90
CA CYS B 760 -8.11 1.81 -8.61
C CYS B 760 -9.59 1.71 -9.07
N THR B 761 -9.96 0.54 -9.60
CA THR B 761 -11.29 0.27 -10.09
C THR B 761 -12.36 0.36 -9.01
N GLN B 762 -12.09 -0.22 -7.83
CA GLN B 762 -13.13 -0.15 -6.82
C GLN B 762 -13.32 1.26 -6.28
N LEU B 763 -12.31 2.13 -6.38
CA LEU B 763 -12.52 3.52 -5.96
C LEU B 763 -13.51 4.16 -6.94
N ASN B 764 -13.34 3.84 -8.23
CA ASN B 764 -14.22 4.40 -9.24
C ASN B 764 -15.65 3.90 -9.05
N ARG B 765 -15.79 2.64 -8.64
CA ARG B 765 -17.11 2.07 -8.45
C ARG B 765 -17.83 2.67 -7.26
N ALA B 766 -17.10 2.93 -6.17
CA ALA B 766 -17.73 3.51 -5.00
C ALA B 766 -18.29 4.89 -5.28
N LEU B 767 -17.54 5.69 -6.04
CA LEU B 767 -18.01 7.02 -6.33
C LEU B 767 -19.18 7.00 -7.29
N THR B 768 -19.18 6.04 -8.20
CA THR B 768 -20.28 5.92 -9.12
C THR B 768 -21.54 5.64 -8.32
N GLY B 769 -21.44 4.72 -7.35
CA GLY B 769 -22.61 4.36 -6.55
C GLY B 769 -23.16 5.56 -5.80
N ILE B 770 -22.29 6.45 -5.30
CA ILE B 770 -22.79 7.62 -4.61
C ILE B 770 -23.56 8.50 -5.55
N ALA B 771 -22.98 8.77 -6.73
CA ALA B 771 -23.62 9.65 -7.68
C ALA B 771 -25.00 9.14 -8.06
N VAL B 772 -25.15 7.82 -8.15
CA VAL B 772 -26.43 7.22 -8.48
C VAL B 772 -27.46 7.47 -7.39
N GLU B 773 -27.06 7.31 -6.13
CA GLU B 773 -27.98 7.51 -5.03
C GLU B 773 -28.48 8.94 -4.98
N GLN B 774 -27.66 9.89 -5.42
CA GLN B 774 -28.08 11.27 -5.35
C GLN B 774 -29.30 11.54 -6.24
N ASP B 775 -29.54 10.73 -7.28
CA ASP B 775 -30.71 10.93 -8.14
C ASP B 775 -31.92 10.16 -7.64
N LYS B 776 -31.76 9.43 -6.54
CA LYS B 776 -32.87 8.68 -5.98
C LYS B 776 -33.42 9.46 -4.83
N ASN B 777 -32.55 10.19 -4.14
CA ASN B 777 -32.96 10.91 -2.95
C ASN B 777 -34.03 11.93 -3.29
N THR B 778 -33.91 12.51 -4.47
CA THR B 778 -34.83 13.53 -4.91
C THR B 778 -36.13 12.97 -5.41
N GLN B 779 -36.19 11.68 -5.68
CA GLN B 779 -37.43 11.14 -6.15
C GLN B 779 -38.22 10.77 -4.93
N GLU B 780 -37.51 10.28 -3.91
CA GLU B 780 -38.18 9.86 -2.69
C GLU B 780 -38.78 11.05 -2.01
N VAL B 781 -38.09 12.19 -2.09
CA VAL B 781 -38.57 13.39 -1.46
C VAL B 781 -39.61 14.12 -2.28
N PHE B 782 -39.43 14.30 -3.59
CA PHE B 782 -40.40 15.11 -4.30
C PHE B 782 -41.41 14.41 -5.21
N ALA B 783 -41.07 13.26 -5.78
CA ALA B 783 -41.96 12.65 -6.76
C ALA B 783 -42.98 11.77 -6.08
N GLN B 784 -43.84 12.37 -5.26
CA GLN B 784 -44.82 11.60 -4.49
C GLN B 784 -46.21 11.66 -5.08
N VAL B 785 -46.34 12.34 -6.20
CA VAL B 785 -47.62 12.47 -6.86
C VAL B 785 -47.54 11.81 -8.22
N LYS B 786 -48.55 11.02 -8.55
CA LYS B 786 -48.64 10.34 -9.84
C LYS B 786 -49.02 11.30 -10.96
N GLN B 787 -49.58 12.43 -10.55
CA GLN B 787 -50.05 13.45 -11.45
C GLN B 787 -49.75 14.82 -10.87
N ILE B 788 -49.55 15.80 -11.73
CA ILE B 788 -49.29 17.15 -11.30
C ILE B 788 -50.57 17.91 -11.16
N TYR B 789 -50.92 18.18 -9.92
CA TYR B 789 -52.18 18.80 -9.61
C TYR B 789 -52.14 20.28 -9.89
N LYS B 790 -53.28 20.83 -10.31
CA LYS B 790 -53.37 22.26 -10.56
C LYS B 790 -54.54 22.95 -9.85
N THR B 791 -54.28 24.20 -9.47
CA THR B 791 -55.24 25.08 -8.81
C THR B 791 -56.17 25.75 -9.81
N PRO B 792 -57.32 26.29 -9.37
CA PRO B 792 -58.23 27.09 -10.15
C PRO B 792 -57.60 28.45 -10.39
N PRO B 793 -58.03 29.18 -11.43
CA PRO B 793 -57.64 30.55 -11.72
C PRO B 793 -58.17 31.54 -10.68
N ILE B 794 -59.23 31.17 -9.96
CA ILE B 794 -59.79 32.02 -8.94
C ILE B 794 -59.50 31.41 -7.59
N LYS B 795 -58.68 32.07 -6.82
CA LYS B 795 -58.24 31.48 -5.58
C LYS B 795 -59.20 31.72 -4.41
N ASP B 796 -60.41 31.19 -4.50
CA ASP B 796 -61.35 31.43 -3.41
C ASP B 796 -61.20 30.41 -2.33
N PHE B 797 -60.21 30.64 -1.50
CA PHE B 797 -59.92 29.73 -0.43
C PHE B 797 -60.29 30.32 0.90
N GLY B 798 -61.23 31.26 0.91
CA GLY B 798 -61.67 31.83 2.17
C GLY B 798 -60.81 32.96 2.70
N GLY B 799 -60.05 33.63 1.84
CA GLY B 799 -59.20 34.73 2.27
C GLY B 799 -57.77 34.33 2.57
N PHE B 800 -57.42 33.09 2.29
CA PHE B 800 -56.07 32.61 2.51
C PHE B 800 -55.25 32.91 1.28
N ASN B 801 -54.26 33.75 1.45
CA ASN B 801 -53.44 34.22 0.36
C ASN B 801 -52.27 33.30 0.14
N PHE B 802 -52.35 32.51 -0.92
CA PHE B 802 -51.32 31.52 -1.19
C PHE B 802 -50.41 31.98 -2.33
N SER B 803 -50.52 33.24 -2.73
CA SER B 803 -49.75 33.70 -3.89
C SER B 803 -48.25 33.65 -3.71
N GLN B 804 -47.74 33.71 -2.49
CA GLN B 804 -46.31 33.68 -2.29
C GLN B 804 -45.76 32.27 -2.14
N ILE B 805 -46.65 31.27 -2.05
CA ILE B 805 -46.18 29.90 -1.91
C ILE B 805 -46.36 29.18 -3.24
N LEU B 806 -47.33 29.61 -4.04
CA LEU B 806 -47.62 29.06 -5.36
C LEU B 806 -46.63 29.57 -6.40
N PRO B 807 -46.37 28.80 -7.47
CA PRO B 807 -45.44 29.13 -8.54
C PRO B 807 -45.87 30.35 -9.32
N ASP B 808 -44.88 31.14 -9.73
CA ASP B 808 -45.09 32.34 -10.54
C ASP B 808 -45.16 31.97 -12.02
N PRO B 809 -46.35 32.08 -12.67
CA PRO B 809 -46.65 31.64 -14.02
C PRO B 809 -45.88 32.40 -15.10
N SER B 810 -45.29 33.53 -14.73
CA SER B 810 -44.55 34.32 -15.72
C SER B 810 -43.06 33.89 -15.92
N LYS B 811 -42.52 32.99 -15.05
CA LYS B 811 -41.11 32.57 -15.03
C LYS B 811 -40.96 31.11 -15.44
N SER B 813 -37.99 29.45 -14.76
CA SER B 813 -38.55 28.33 -14.02
C SER B 813 -39.78 28.82 -13.23
N LYS B 814 -40.87 28.02 -13.22
CA LYS B 814 -42.13 28.36 -12.52
C LYS B 814 -42.03 28.05 -11.04
N ARG B 815 -41.19 28.88 -10.41
CA ARG B 815 -40.95 28.74 -8.97
C ARG B 815 -41.75 29.80 -8.25
N SER B 816 -42.12 29.53 -7.01
CA SER B 816 -42.88 30.43 -6.16
C SER B 816 -42.03 31.57 -5.70
N PHE B 817 -42.65 32.58 -5.13
CA PHE B 817 -41.88 33.69 -4.60
C PHE B 817 -40.93 33.22 -3.52
N ILE B 818 -41.44 32.42 -2.59
CA ILE B 818 -40.56 31.93 -1.55
C ILE B 818 -39.44 31.09 -2.16
N GLU B 819 -39.71 30.33 -3.24
CA GLU B 819 -38.64 29.58 -3.88
C GLU B 819 -37.61 30.50 -4.50
N ASP B 820 -38.02 31.58 -5.15
CA ASP B 820 -36.98 32.45 -5.68
C ASP B 820 -36.09 32.95 -4.56
N LEU B 821 -36.65 33.22 -3.40
CA LEU B 821 -35.79 33.66 -2.33
C LEU B 821 -34.86 32.52 -1.87
N LEU B 822 -35.38 31.29 -1.79
CA LEU B 822 -34.60 30.14 -1.33
C LEU B 822 -33.44 29.85 -2.28
N PHE B 823 -33.69 30.02 -3.55
CA PHE B 823 -32.71 29.71 -4.57
C PHE B 823 -31.61 30.73 -4.72
N ASN B 824 -31.68 31.81 -3.96
CA ASN B 824 -30.62 32.79 -4.00
C ASN B 824 -29.82 32.78 -2.69
N LYS B 825 -30.02 31.75 -1.86
CA LYS B 825 -29.28 31.67 -0.59
C LYS B 825 -28.22 30.57 -0.47
N VAL B 826 -28.04 29.69 -1.45
CA VAL B 826 -27.05 28.63 -1.25
C VAL B 826 -25.86 28.79 -2.22
N THR B 827 -24.65 28.93 -1.66
CA THR B 827 -23.39 29.12 -2.40
C THR B 827 -22.34 28.15 -1.85
N PHE B 855 -9.12 19.72 -14.31
CA PHE B 855 -9.28 18.61 -15.29
C PHE B 855 -8.17 17.57 -15.05
N ASN B 856 -8.06 17.08 -13.81
CA ASN B 856 -7.04 16.10 -13.43
C ASN B 856 -7.69 14.75 -13.15
N GLY B 857 -8.73 14.47 -13.89
CA GLY B 857 -9.50 13.24 -13.75
C GLY B 857 -10.79 13.47 -12.94
N LEU B 858 -10.92 14.67 -12.38
CA LEU B 858 -12.08 15.00 -11.57
C LEU B 858 -13.11 15.80 -12.36
N THR B 859 -14.31 15.24 -12.54
CA THR B 859 -15.38 15.89 -13.29
C THR B 859 -16.72 15.78 -12.53
N VAL B 860 -17.70 16.58 -12.94
CA VAL B 860 -19.03 16.53 -12.35
C VAL B 860 -20.13 16.33 -13.37
N LEU B 861 -21.03 15.40 -13.08
CA LEU B 861 -22.14 15.12 -13.97
C LEU B 861 -23.39 15.83 -13.43
N PRO B 862 -24.33 16.24 -14.27
CA PRO B 862 -25.57 16.84 -13.86
C PRO B 862 -26.51 15.78 -13.31
N PRO B 863 -27.49 16.17 -12.49
CA PRO B 863 -28.58 15.36 -11.97
C PRO B 863 -29.52 15.09 -13.10
N LEU B 864 -30.28 14.01 -12.99
CA LEU B 864 -31.34 13.79 -13.96
C LEU B 864 -32.51 14.71 -13.74
N LEU B 865 -32.91 14.84 -12.49
CA LEU B 865 -34.06 15.65 -12.17
C LEU B 865 -33.58 17.00 -11.67
N THR B 866 -33.85 18.01 -12.45
CA THR B 866 -33.41 19.37 -12.25
C THR B 866 -34.45 20.26 -11.57
N ASP B 867 -34.02 21.46 -11.16
CA ASP B 867 -34.84 22.39 -10.37
C ASP B 867 -36.15 22.82 -11.04
N GLU B 868 -36.13 22.97 -12.36
CA GLU B 868 -37.32 23.39 -13.08
C GLU B 868 -38.40 22.33 -13.11
N MET B 869 -38.03 21.09 -12.77
CA MET B 869 -38.94 19.97 -12.70
C MET B 869 -39.37 19.76 -11.26
N ILE B 870 -38.47 20.04 -10.33
CA ILE B 870 -38.82 19.90 -8.93
C ILE B 870 -39.95 20.87 -8.67
N ALA B 871 -39.85 22.04 -9.29
CA ALA B 871 -40.84 23.11 -9.19
C ALA B 871 -42.24 22.61 -9.57
N GLN B 872 -42.33 21.60 -10.43
CA GLN B 872 -43.62 21.11 -10.88
C GLN B 872 -44.15 20.16 -9.83
N TYR B 873 -43.24 19.49 -9.11
CA TYR B 873 -43.69 18.60 -8.07
C TYR B 873 -44.17 19.45 -6.90
N THR B 874 -43.48 20.54 -6.60
CA THR B 874 -43.91 21.36 -5.49
C THR B 874 -45.22 22.03 -5.89
N SER B 875 -45.38 22.37 -7.17
CA SER B 875 -46.63 22.96 -7.59
C SER B 875 -47.77 22.00 -7.34
N ALA B 876 -47.58 20.72 -7.71
CA ALA B 876 -48.61 19.72 -7.52
C ALA B 876 -48.98 19.49 -6.08
N LEU B 877 -47.98 19.46 -5.22
CA LEU B 877 -48.20 19.20 -3.82
C LEU B 877 -48.97 20.36 -3.19
N LEU B 878 -48.62 21.59 -3.59
CA LEU B 878 -49.31 22.73 -3.05
C LEU B 878 -50.73 22.75 -3.56
N ALA B 879 -50.92 22.47 -4.85
CA ALA B 879 -52.24 22.51 -5.42
C ALA B 879 -53.15 21.50 -4.78
N GLY B 880 -52.60 20.34 -4.50
CA GLY B 880 -53.34 19.27 -3.89
C GLY B 880 -53.80 19.70 -2.52
N THR B 881 -52.86 20.18 -1.71
CA THR B 881 -53.17 20.55 -0.33
C THR B 881 -54.23 21.63 -0.27
N ILE B 882 -54.11 22.61 -1.14
CA ILE B 882 -54.99 23.74 -1.19
C ILE B 882 -56.42 23.41 -1.66
N THR B 883 -56.61 22.59 -2.69
CA THR B 883 -57.94 22.32 -3.22
C THR B 883 -58.64 21.02 -2.83
N SER B 884 -57.89 19.97 -2.43
CA SER B 884 -58.50 18.67 -2.14
C SER B 884 -58.25 18.26 -0.70
N GLY B 885 -57.57 19.11 0.04
CA GLY B 885 -57.15 18.75 1.37
C GLY B 885 -56.14 17.62 1.19
N TRP B 886 -56.29 16.50 1.89
CA TRP B 886 -55.29 15.46 1.70
C TRP B 886 -55.76 14.28 0.85
N THR B 887 -56.90 14.41 0.19
CA THR B 887 -57.41 13.28 -0.56
C THR B 887 -56.56 12.98 -1.78
N PHE B 888 -55.88 13.98 -2.30
CA PHE B 888 -55.01 13.85 -3.47
C PHE B 888 -53.84 12.92 -3.22
N GLY B 889 -53.48 12.72 -1.94
CA GLY B 889 -52.36 11.86 -1.61
C GLY B 889 -52.80 10.44 -1.21
N ALA B 890 -54.11 10.18 -1.17
CA ALA B 890 -54.61 8.88 -0.72
C ALA B 890 -55.94 8.62 -1.39
N GLY B 891 -55.90 8.51 -2.70
CA GLY B 891 -57.11 8.37 -3.48
C GLY B 891 -57.20 9.50 -4.48
N ALA B 892 -58.41 9.77 -4.92
CA ALA B 892 -58.67 10.82 -5.90
C ALA B 892 -58.57 12.17 -5.24
N ALA B 893 -58.19 13.19 -6.00
CA ALA B 893 -58.14 14.52 -5.46
C ALA B 893 -59.53 15.12 -5.48
N LEU B 894 -60.31 14.65 -4.53
CA LEU B 894 -61.71 15.01 -4.38
C LEU B 894 -61.75 16.47 -4.07
N GLN B 895 -62.60 17.24 -4.73
CA GLN B 895 -62.63 18.63 -4.39
C GLN B 895 -63.36 18.82 -3.08
N ILE B 896 -62.91 19.79 -2.30
CA ILE B 896 -63.58 20.19 -1.07
C ILE B 896 -63.37 21.68 -0.78
N PRO B 897 -64.40 22.48 -0.42
CA PRO B 897 -64.27 23.89 -0.09
C PRO B 897 -63.24 24.05 1.00
N PHE B 898 -62.45 25.11 0.91
CA PHE B 898 -61.37 25.30 1.85
C PHE B 898 -61.87 25.40 3.28
N ALA B 899 -63.01 26.06 3.49
CA ALA B 899 -63.54 26.18 4.83
C ALA B 899 -63.85 24.82 5.43
N MET B 900 -64.28 23.87 4.61
CA MET B 900 -64.62 22.56 5.12
C MET B 900 -63.34 21.81 5.40
N GLN B 901 -62.31 22.08 4.60
CA GLN B 901 -61.07 21.40 4.83
C GLN B 901 -60.54 21.85 6.17
N MET B 902 -60.66 23.16 6.46
CA MET B 902 -60.17 23.70 7.71
C MET B 902 -60.99 23.19 8.86
N ALA B 903 -62.29 23.00 8.65
CA ALA B 903 -63.12 22.50 9.72
C ALA B 903 -62.62 21.17 10.21
N TYR B 904 -62.13 20.35 9.28
CA TYR B 904 -61.61 19.08 9.69
C TYR B 904 -60.25 19.24 10.31
N ARG B 905 -59.41 20.11 9.74
CA ARG B 905 -58.07 20.37 10.34
C ARG B 905 -58.24 20.73 11.83
N PHE B 906 -59.22 21.57 12.16
CA PHE B 906 -59.45 21.98 13.54
C PHE B 906 -60.05 20.85 14.40
N ASN B 907 -61.00 20.08 13.88
CA ASN B 907 -61.52 19.00 14.69
C ASN B 907 -60.42 17.97 14.96
N GLY B 908 -59.50 17.86 14.01
CA GLY B 908 -58.37 16.96 14.05
C GLY B 908 -57.37 17.28 15.15
N ILE B 909 -57.46 18.48 15.75
CA ILE B 909 -56.57 18.87 16.82
C ILE B 909 -57.35 19.07 18.13
N GLY B 910 -58.60 18.62 18.17
CA GLY B 910 -59.40 18.76 19.38
C GLY B 910 -60.13 20.09 19.55
N VAL B 911 -60.32 20.85 18.47
CA VAL B 911 -61.02 22.11 18.55
C VAL B 911 -62.28 22.02 17.72
N THR B 912 -63.45 22.13 18.34
CA THR B 912 -64.70 21.99 17.60
C THR B 912 -64.72 23.03 16.49
N GLN B 913 -65.10 22.60 15.29
CA GLN B 913 -65.07 23.45 14.10
C GLN B 913 -65.87 24.72 14.17
N ASN B 914 -66.78 24.87 15.12
CA ASN B 914 -67.56 26.10 15.17
C ASN B 914 -66.62 27.27 15.42
N VAL B 915 -65.46 26.98 16.00
CA VAL B 915 -64.44 27.96 16.31
C VAL B 915 -63.92 28.54 15.01
N LEU B 916 -63.76 27.70 13.98
CA LEU B 916 -63.26 28.16 12.71
C LEU B 916 -64.17 29.18 12.15
N TYR B 917 -65.45 28.91 12.25
CA TYR B 917 -66.42 29.79 11.68
C TYR B 917 -66.43 31.13 12.37
N GLU B 918 -66.32 31.12 13.69
CA GLU B 918 -66.29 32.37 14.42
C GLU B 918 -65.08 33.18 14.04
N ASN B 919 -63.99 32.48 13.77
CA ASN B 919 -62.72 33.07 13.44
C ASN B 919 -62.35 32.96 11.96
N GLN B 920 -63.30 32.79 11.02
CA GLN B 920 -62.84 32.64 9.62
C GLN B 920 -61.92 33.76 9.13
N LYS B 921 -62.25 35.00 9.45
CA LYS B 921 -61.40 36.07 8.95
C LYS B 921 -60.11 36.18 9.74
N LEU B 922 -60.15 35.81 11.02
CA LEU B 922 -58.99 35.99 11.85
C LEU B 922 -57.96 34.96 11.55
N ILE B 923 -58.42 33.77 11.22
CA ILE B 923 -57.54 32.69 10.88
C ILE B 923 -56.88 33.00 9.55
N ALA B 924 -57.66 33.45 8.56
CA ALA B 924 -57.05 33.79 7.30
C ALA B 924 -56.04 34.91 7.47
N ASN B 925 -56.34 35.89 8.35
CA ASN B 925 -55.43 36.98 8.55
C ASN B 925 -54.15 36.55 9.26
N GLN B 926 -54.26 35.65 10.24
CA GLN B 926 -53.07 35.18 10.93
C GLN B 926 -52.21 34.39 9.98
N PHE B 927 -52.86 33.61 9.11
CA PHE B 927 -52.14 32.84 8.13
C PHE B 927 -51.37 33.74 7.19
N ASN B 928 -52.05 34.75 6.65
CA ASN B 928 -51.43 35.63 5.69
C ASN B 928 -50.28 36.39 6.32
N SER B 929 -50.45 36.75 7.58
CA SER B 929 -49.43 37.45 8.31
C SER B 929 -48.22 36.57 8.48
N ALA B 930 -48.45 35.31 8.88
CA ALA B 930 -47.35 34.40 9.09
C ALA B 930 -46.55 34.18 7.83
N ILE B 931 -47.23 34.10 6.69
CA ILE B 931 -46.49 33.87 5.48
C ILE B 931 -45.65 35.09 5.15
N GLY B 932 -46.19 36.29 5.30
CA GLY B 932 -45.40 37.47 5.03
C GLY B 932 -44.18 37.54 5.94
N LYS B 933 -44.34 37.13 7.21
CA LYS B 933 -43.21 37.14 8.14
C LYS B 933 -42.13 36.19 7.68
N ILE B 934 -42.52 35.04 7.15
CA ILE B 934 -41.58 34.07 6.63
C ILE B 934 -40.82 34.64 5.46
N GLN B 935 -41.51 35.34 4.56
CA GLN B 935 -40.81 35.85 3.41
C GLN B 935 -39.74 36.85 3.84
N ASP B 936 -40.05 37.64 4.88
CA ASP B 936 -39.08 38.61 5.37
C ASP B 936 -37.95 37.95 6.13
N SER B 937 -38.27 36.91 6.89
CA SER B 937 -37.25 36.23 7.67
C SER B 937 -36.22 35.63 6.73
N LEU B 938 -36.70 35.00 5.67
CA LEU B 938 -35.82 34.40 4.69
C LEU B 938 -35.03 35.40 3.89
N SER B 939 -35.66 36.47 3.41
CA SER B 939 -34.88 37.36 2.57
C SER B 939 -33.80 38.06 3.39
N SER B 940 -34.09 38.27 4.69
CA SER B 940 -33.20 38.91 5.64
C SER B 940 -32.05 38.06 6.16
N THR B 941 -32.31 36.81 6.54
CA THR B 941 -31.25 36.03 7.18
C THR B 941 -30.32 35.29 6.23
N ALA B 942 -29.04 35.68 6.30
CA ALA B 942 -27.97 35.16 5.45
C ALA B 942 -27.71 33.67 5.63
N SER B 943 -27.92 33.17 6.83
CA SER B 943 -27.67 31.80 7.22
C SER B 943 -28.95 30.95 7.20
N ALA B 944 -30.04 31.49 6.65
CA ALA B 944 -31.31 30.78 6.69
C ALA B 944 -31.21 29.39 6.09
N LEU B 945 -30.41 29.22 5.05
CA LEU B 945 -30.26 27.93 4.38
C LEU B 945 -28.89 27.35 4.65
N GLY B 946 -28.35 27.65 5.84
CA GLY B 946 -27.03 27.23 6.28
C GLY B 946 -26.78 25.75 6.12
N LYS B 947 -27.80 24.92 6.30
CA LYS B 947 -27.62 23.49 6.14
C LYS B 947 -27.22 23.10 4.72
N LEU B 948 -27.77 23.80 3.75
CA LEU B 948 -27.54 23.49 2.35
C LEU B 948 -26.21 24.09 1.93
N GLN B 949 -25.90 25.24 2.56
CA GLN B 949 -24.65 25.95 2.31
C GLN B 949 -23.51 25.07 2.79
N ASP B 950 -23.75 24.38 3.90
CA ASP B 950 -22.75 23.51 4.49
C ASP B 950 -22.50 22.30 3.61
N VAL B 951 -23.55 21.70 3.04
CA VAL B 951 -23.29 20.54 2.22
C VAL B 951 -22.44 20.91 1.01
N VAL B 952 -22.75 22.03 0.36
CA VAL B 952 -21.97 22.37 -0.80
C VAL B 952 -20.54 22.80 -0.44
N ASN B 953 -20.36 23.46 0.71
CA ASN B 953 -19.03 23.85 1.09
C ASN B 953 -18.18 22.62 1.39
N GLN B 954 -18.79 21.61 1.99
CA GLN B 954 -18.09 20.37 2.31
C GLN B 954 -17.70 19.63 1.06
N ASN B 955 -18.57 19.63 0.03
CA ASN B 955 -18.24 18.93 -1.19
C ASN B 955 -17.03 19.57 -1.84
N ALA B 956 -16.99 20.91 -1.80
CA ALA B 956 -15.89 21.64 -2.38
C ALA B 956 -14.60 21.37 -1.65
N GLN B 957 -14.65 21.30 -0.32
CA GLN B 957 -13.43 21.05 0.42
C GLN B 957 -12.90 19.66 0.19
N ALA B 958 -13.78 18.69 0.05
CA ALA B 958 -13.31 17.33 -0.17
C ALA B 958 -12.49 17.26 -1.46
N LEU B 959 -12.95 17.95 -2.50
CA LEU B 959 -12.24 17.97 -3.76
C LEU B 959 -11.05 18.89 -3.79
N ASN B 960 -11.11 20.01 -3.07
CA ASN B 960 -9.99 20.91 -3.09
C ASN B 960 -8.81 20.22 -2.41
N THR B 961 -9.10 19.43 -1.38
CA THR B 961 -8.05 18.72 -0.70
C THR B 961 -7.45 17.68 -1.65
N LEU B 962 -8.32 16.95 -2.35
CA LEU B 962 -7.85 15.89 -3.21
C LEU B 962 -6.95 16.40 -4.34
N VAL B 963 -7.29 17.53 -4.93
CA VAL B 963 -6.43 18.01 -6.00
C VAL B 963 -5.12 18.58 -5.46
N LYS B 964 -5.16 19.26 -4.33
CA LYS B 964 -3.96 19.85 -3.78
C LYS B 964 -2.94 18.78 -3.40
N GLN B 965 -3.41 17.60 -3.02
CA GLN B 965 -2.56 16.47 -2.65
C GLN B 965 -1.67 16.01 -3.78
N LEU B 966 -2.01 16.31 -5.03
CA LEU B 966 -1.17 15.85 -6.13
C LEU B 966 0.16 16.57 -6.16
N SER B 967 0.24 17.69 -5.47
CA SER B 967 1.46 18.48 -5.47
C SER B 967 2.46 18.00 -4.41
N SER B 968 2.03 17.05 -3.56
CA SER B 968 2.87 16.50 -2.49
C SER B 968 3.79 15.41 -2.99
N ASN B 969 4.95 15.24 -2.33
CA ASN B 969 5.90 14.21 -2.76
C ASN B 969 5.63 12.84 -2.17
N PHE B 970 5.15 12.80 -0.95
CA PHE B 970 4.89 11.53 -0.27
C PHE B 970 6.12 10.63 -0.16
N GLY B 971 7.32 11.19 -0.08
CA GLY B 971 8.54 10.38 0.00
C GLY B 971 9.26 10.35 -1.35
N ALA B 972 8.59 10.79 -2.39
CA ALA B 972 9.16 10.85 -3.71
C ALA B 972 10.16 12.00 -3.84
N ILE B 973 11.04 11.89 -4.82
CA ILE B 973 11.99 12.94 -5.15
C ILE B 973 11.29 14.21 -5.63
N SER B 974 10.14 14.03 -6.29
CA SER B 974 9.33 15.11 -6.80
C SER B 974 7.90 14.68 -6.94
N SER B 975 6.98 15.62 -6.77
CA SER B 975 5.55 15.39 -6.93
C SER B 975 5.11 15.28 -8.39
N VAL B 976 6.02 15.66 -9.28
CA VAL B 976 5.77 15.63 -10.71
C VAL B 976 6.28 14.33 -11.32
N LEU B 977 5.43 13.64 -12.06
CA LEU B 977 5.79 12.35 -12.63
C LEU B 977 6.96 12.50 -13.61
N ASN B 978 7.00 13.60 -14.32
CA ASN B 978 8.04 13.80 -15.31
C ASN B 978 9.37 14.24 -14.72
N ASP B 979 9.42 14.56 -13.43
CA ASP B 979 10.69 14.94 -12.81
C ASP B 979 11.35 13.69 -12.29
N ILE B 980 10.67 12.59 -12.48
CA ILE B 980 11.14 11.30 -12.11
C ILE B 980 11.48 10.58 -13.39
N LEU B 981 10.51 10.51 -14.30
CA LEU B 981 10.68 9.74 -15.51
C LEU B 981 11.75 10.27 -16.44
N SER B 982 11.91 11.59 -16.53
CA SER B 982 12.90 12.16 -17.41
C SER B 982 14.22 12.45 -16.69
N ARG B 983 14.28 12.12 -15.40
CA ARG B 983 15.46 12.45 -14.61
C ARG B 983 16.24 11.23 -14.14
N LEU B 984 15.52 10.20 -13.73
CA LEU B 984 16.14 9.04 -13.15
C LEU B 984 16.21 7.88 -14.12
N ASP B 985 17.17 6.99 -13.88
CA ASP B 985 17.32 5.79 -14.68
C ASP B 985 16.03 5.00 -14.43
N PRO B 986 15.32 4.46 -15.42
CA PRO B 986 14.05 3.78 -15.25
C PRO B 986 13.86 2.99 -13.93
N PRO B 987 14.70 2.03 -13.48
CA PRO B 987 14.47 1.32 -12.22
C PRO B 987 14.49 2.23 -10.98
N GLU B 988 15.14 3.39 -11.08
CA GLU B 988 15.20 4.35 -10.00
C GLU B 988 13.89 5.12 -10.05
N ALA B 989 13.49 5.44 -11.28
CA ALA B 989 12.29 6.21 -11.54
C ALA B 989 11.10 5.47 -11.00
N GLU B 990 11.11 4.15 -11.13
CA GLU B 990 10.02 3.33 -10.67
C GLU B 990 9.79 3.45 -9.19
N VAL B 991 10.86 3.62 -8.41
CA VAL B 991 10.68 3.71 -6.99
C VAL B 991 9.98 4.99 -6.65
N GLN B 992 10.42 6.06 -7.27
CA GLN B 992 9.84 7.34 -6.96
C GLN B 992 8.39 7.40 -7.43
N ILE B 993 8.10 6.73 -8.55
CA ILE B 993 6.73 6.71 -9.03
C ILE B 993 5.88 5.91 -8.06
N ASP B 994 6.36 4.76 -7.56
CA ASP B 994 5.57 4.01 -6.59
C ASP B 994 5.27 4.84 -5.35
N ARG B 995 6.21 5.69 -4.93
CA ARG B 995 5.94 6.51 -3.77
C ARG B 995 4.79 7.46 -4.07
N LEU B 996 4.76 8.01 -5.29
CA LEU B 996 3.66 8.90 -5.65
C LEU B 996 2.37 8.14 -5.83
N ILE B 997 2.43 6.93 -6.36
CA ILE B 997 1.22 6.14 -6.57
C ILE B 997 0.60 5.83 -5.24
N THR B 998 1.39 5.41 -4.27
CA THR B 998 0.81 5.09 -3.00
C THR B 998 0.19 6.31 -2.36
N GLY B 999 0.90 7.44 -2.35
CA GLY B 999 0.34 8.61 -1.70
C GLY B 999 -0.92 9.10 -2.39
N ARG B 1000 -0.94 9.03 -3.70
CA ARG B 1000 -2.09 9.50 -4.41
C ARG B 1000 -3.27 8.53 -4.26
N LEU B 1001 -3.02 7.21 -4.23
CA LEU B 1001 -4.10 6.27 -4.01
C LEU B 1001 -4.68 6.43 -2.62
N GLN B 1002 -3.82 6.74 -1.65
CA GLN B 1002 -4.28 6.97 -0.29
C GLN B 1002 -5.16 8.20 -0.27
N SER B 1003 -4.82 9.21 -1.09
CA SER B 1003 -5.60 10.44 -1.13
C SER B 1003 -6.97 10.12 -1.70
N LEU B 1004 -7.02 9.27 -2.73
CA LEU B 1004 -8.31 8.89 -3.28
C LEU B 1004 -9.10 8.06 -2.32
N GLN B 1005 -8.46 7.14 -1.60
CA GLN B 1005 -9.22 6.30 -0.69
C GLN B 1005 -9.77 7.12 0.44
N THR B 1006 -9.00 8.10 0.91
CA THR B 1006 -9.46 8.96 1.98
C THR B 1006 -10.67 9.73 1.51
N TYR B 1007 -10.57 10.28 0.31
CA TYR B 1007 -11.66 11.02 -0.28
C TYR B 1007 -12.89 10.18 -0.43
N VAL B 1008 -12.75 8.98 -0.98
CA VAL B 1008 -13.89 8.14 -1.23
C VAL B 1008 -14.55 7.75 0.07
N THR B 1009 -13.77 7.39 1.08
CA THR B 1009 -14.35 6.97 2.34
C THR B 1009 -15.15 8.11 2.93
N GLN B 1010 -14.61 9.32 2.89
CA GLN B 1010 -15.30 10.46 3.44
C GLN B 1010 -16.58 10.73 2.68
N GLN B 1011 -16.54 10.56 1.36
CA GLN B 1011 -17.74 10.78 0.57
C GLN B 1011 -18.79 9.74 0.87
N LEU B 1012 -18.39 8.49 1.14
CA LEU B 1012 -19.37 7.45 1.45
C LEU B 1012 -20.05 7.76 2.77
N ILE B 1013 -19.29 8.26 3.73
CA ILE B 1013 -19.85 8.59 5.03
C ILE B 1013 -20.73 9.82 4.88
N ARG B 1014 -20.23 10.82 4.14
CA ARG B 1014 -21.02 12.07 3.91
C ARG B 1014 -22.33 11.68 3.23
N ALA B 1015 -22.26 10.84 2.21
CA ALA B 1015 -23.44 10.46 1.47
C ALA B 1015 -24.46 9.73 2.33
N ALA B 1016 -24.00 8.91 3.27
CA ALA B 1016 -24.95 8.21 4.13
C ALA B 1016 -25.75 9.18 4.96
N GLU B 1017 -25.10 10.24 5.44
CA GLU B 1017 -25.78 11.26 6.27
C GLU B 1017 -26.84 11.97 5.43
N ILE B 1018 -26.55 12.29 4.16
CA ILE B 1018 -27.54 13.02 3.39
C ILE B 1018 -28.68 12.12 3.00
N ARG B 1019 -28.41 10.82 2.78
CA ARG B 1019 -29.51 9.93 2.47
C ARG B 1019 -30.46 9.87 3.65
N ALA B 1020 -29.91 9.83 4.87
CA ALA B 1020 -30.77 9.80 6.04
C ALA B 1020 -31.65 11.04 6.10
N SER B 1021 -31.09 12.20 5.74
CA SER B 1021 -31.87 13.44 5.72
C SER B 1021 -32.97 13.36 4.69
N ALA B 1022 -32.63 12.86 3.49
CA ALA B 1022 -33.60 12.72 2.43
C ALA B 1022 -34.73 11.79 2.85
N ASN B 1023 -34.41 10.74 3.60
CA ASN B 1023 -35.41 9.79 4.02
C ASN B 1023 -36.37 10.44 5.00
N LEU B 1024 -35.84 11.28 5.88
CA LEU B 1024 -36.67 11.98 6.82
C LEU B 1024 -37.56 12.97 6.11
N ALA B 1025 -36.99 13.68 5.14
CA ALA B 1025 -37.75 14.66 4.41
C ALA B 1025 -38.88 14.00 3.66
N ALA B 1026 -38.62 12.82 3.09
CA ALA B 1026 -39.63 12.10 2.36
C ALA B 1026 -40.75 11.67 3.31
N THR B 1027 -40.37 11.27 4.54
CA THR B 1027 -41.35 10.88 5.53
C THR B 1027 -42.22 12.06 5.88
N LYS B 1028 -41.61 13.22 6.08
CA LYS B 1028 -42.38 14.41 6.41
C LYS B 1028 -43.30 14.80 5.29
N MET B 1029 -42.87 14.67 4.07
CA MET B 1029 -43.83 15.03 3.07
C MET B 1029 -45.04 14.10 3.21
N SER B 1030 -44.82 12.80 3.40
CA SER B 1030 -45.98 11.95 3.49
C SER B 1030 -46.85 12.28 4.70
N GLU B 1031 -46.23 12.50 5.85
CA GLU B 1031 -47.00 12.71 7.08
C GLU B 1031 -47.46 14.15 7.43
N CYS B 1032 -46.80 15.20 6.89
CA CYS B 1032 -47.08 16.62 7.11
C CYS B 1032 -47.81 17.22 5.91
N VAL B 1033 -47.45 16.77 4.68
CA VAL B 1033 -48.03 17.32 3.44
C VAL B 1033 -49.19 16.49 2.92
N LEU B 1034 -49.05 15.17 2.93
CA LEU B 1034 -50.07 14.30 2.35
C LEU B 1034 -51.04 13.75 3.41
N GLY B 1035 -50.95 14.30 4.60
CA GLY B 1035 -51.81 13.93 5.73
C GLY B 1035 -51.55 14.84 6.91
N GLN B 1036 -52.23 14.57 8.03
CA GLN B 1036 -52.11 15.40 9.23
C GLN B 1036 -51.44 14.62 10.34
N SER B 1037 -50.17 14.89 10.57
CA SER B 1037 -49.42 14.17 11.58
C SER B 1037 -49.75 14.59 12.99
N LYS B 1038 -49.82 13.62 13.88
CA LYS B 1038 -50.06 13.84 15.30
C LYS B 1038 -48.82 13.60 16.14
N ARG B 1039 -47.69 13.38 15.46
CA ARG B 1039 -46.41 13.14 16.18
C ARG B 1039 -45.96 14.47 16.79
N VAL B 1040 -45.53 14.47 18.04
CA VAL B 1040 -45.20 15.72 18.71
C VAL B 1040 -44.00 16.39 18.09
N ASP B 1041 -44.20 17.66 17.73
CA ASP B 1041 -43.23 18.55 17.11
C ASP B 1041 -42.69 18.04 15.79
N PHE B 1042 -43.30 17.01 15.25
CA PHE B 1042 -42.82 16.41 14.03
C PHE B 1042 -42.79 17.39 12.85
N CYS B 1043 -43.88 18.15 12.67
CA CYS B 1043 -44.11 19.12 11.61
C CYS B 1043 -43.89 20.51 12.25
N GLY B 1044 -43.16 20.56 13.35
CA GLY B 1044 -42.94 21.81 14.03
C GLY B 1044 -43.81 21.91 15.27
N LYS B 1045 -43.49 22.87 16.13
CA LYS B 1045 -44.19 23.09 17.39
C LYS B 1045 -45.64 23.55 17.18
N GLY B 1046 -46.56 22.99 17.96
CA GLY B 1046 -47.98 23.36 17.90
C GLY B 1046 -48.78 22.20 17.34
N TYR B 1047 -50.08 22.34 17.23
CA TYR B 1047 -50.83 21.22 16.74
C TYR B 1047 -50.81 21.33 15.23
N HIS B 1048 -50.43 20.28 14.54
CA HIS B 1048 -50.32 20.43 13.09
C HIS B 1048 -51.65 20.52 12.40
N LEU B 1049 -51.76 21.49 11.48
CA LEU B 1049 -52.94 21.64 10.65
C LEU B 1049 -52.63 21.29 9.20
N MET B 1050 -51.54 21.83 8.64
CA MET B 1050 -51.22 21.60 7.23
C MET B 1050 -49.83 22.06 6.85
N SER B 1051 -49.37 21.62 5.67
CA SER B 1051 -47.99 21.95 5.23
C SER B 1051 -47.90 22.26 3.73
N PHE B 1052 -47.04 23.22 3.36
CA PHE B 1052 -46.77 23.63 2.01
C PHE B 1052 -45.30 23.46 1.60
N PRO B 1053 -44.88 22.34 0.98
CA PRO B 1053 -43.50 22.05 0.63
C PRO B 1053 -43.03 22.97 -0.49
N GLN B 1054 -41.78 23.39 -0.40
CA GLN B 1054 -41.08 24.25 -1.33
C GLN B 1054 -39.72 23.65 -1.64
N SER B 1055 -39.17 23.88 -2.83
CA SER B 1055 -37.83 23.37 -3.08
C SER B 1055 -36.74 24.37 -2.73
N ALA B 1056 -35.51 23.88 -2.62
CA ALA B 1056 -34.35 24.71 -2.35
C ALA B 1056 -33.16 24.07 -3.06
N PRO B 1057 -32.07 24.78 -3.32
CA PRO B 1057 -30.93 24.18 -3.94
C PRO B 1057 -30.50 23.01 -3.09
N HIS B 1058 -30.33 21.86 -3.72
CA HIS B 1058 -29.87 20.65 -3.06
C HIS B 1058 -30.74 20.20 -1.87
N GLY B 1059 -32.00 20.61 -1.83
CA GLY B 1059 -32.85 20.22 -0.70
C GLY B 1059 -34.30 20.67 -0.77
N VAL B 1060 -34.98 20.47 0.35
CA VAL B 1060 -36.41 20.74 0.50
C VAL B 1060 -36.70 21.58 1.72
N VAL B 1061 -37.65 22.47 1.58
CA VAL B 1061 -38.08 23.33 2.65
C VAL B 1061 -39.57 23.18 2.91
N PHE B 1062 -39.94 22.94 4.15
CA PHE B 1062 -41.35 22.79 4.42
C PHE B 1062 -41.92 23.92 5.25
N LEU B 1063 -43.05 24.46 4.80
CA LEU B 1063 -43.73 25.47 5.60
C LEU B 1063 -44.85 24.78 6.35
N HIS B 1064 -44.74 24.76 7.66
CA HIS B 1064 -45.69 24.02 8.49
C HIS B 1064 -46.60 24.93 9.28
N VAL B 1065 -47.89 24.76 9.08
CA VAL B 1065 -48.90 25.58 9.71
C VAL B 1065 -49.43 24.85 10.92
N THR B 1066 -49.30 25.48 12.08
CA THR B 1066 -49.75 24.85 13.31
C THR B 1066 -50.61 25.78 14.17
N TYR B 1067 -51.36 25.17 15.08
CA TYR B 1067 -52.20 25.87 16.04
C TYR B 1067 -51.52 26.01 17.37
N VAL B 1068 -51.41 27.23 17.85
CA VAL B 1068 -50.82 27.45 19.14
C VAL B 1068 -51.82 28.16 20.04
N PRO B 1069 -52.20 27.59 21.19
CA PRO B 1069 -53.11 28.19 22.17
C PRO B 1069 -52.51 29.51 22.60
N ALA B 1070 -53.34 30.51 22.89
CA ALA B 1070 -52.82 31.82 23.29
C ALA B 1070 -53.38 32.27 24.63
N GLN B 1071 -54.19 33.33 24.64
CA GLN B 1071 -54.78 33.80 25.89
C GLN B 1071 -55.49 32.65 26.57
N GLU B 1072 -55.39 32.58 27.91
CA GLU B 1072 -55.97 31.52 28.72
C GLU B 1072 -56.52 32.00 30.04
N LYS B 1073 -57.42 31.22 30.63
CA LYS B 1073 -58.00 31.52 31.91
C LYS B 1073 -57.97 30.36 32.91
N ASN B 1074 -57.88 30.71 34.19
CA ASN B 1074 -57.90 29.77 35.31
C ASN B 1074 -59.33 29.49 35.77
N PHE B 1075 -59.71 28.22 35.76
CA PHE B 1075 -61.05 27.77 36.13
C PHE B 1075 -61.08 26.82 37.32
N THR B 1076 -62.21 26.85 38.01
CA THR B 1076 -62.48 25.92 39.09
C THR B 1076 -62.95 24.66 38.43
N THR B 1077 -62.49 23.49 38.84
CA THR B 1077 -62.95 22.29 38.17
C THR B 1077 -63.37 21.08 39.00
N ALA B 1078 -63.95 20.09 38.30
CA ALA B 1078 -64.37 18.81 38.86
C ALA B 1078 -64.37 17.70 37.78
N PRO B 1079 -64.04 16.45 38.15
CA PRO B 1079 -64.07 15.27 37.30
C PRO B 1079 -65.46 14.73 37.01
N ALA B 1080 -66.41 15.10 37.86
CA ALA B 1080 -67.78 14.62 37.82
C ALA B 1080 -68.63 15.48 38.73
N ILE B 1081 -69.94 15.36 38.59
CA ILE B 1081 -70.85 16.06 39.50
C ILE B 1081 -71.88 15.10 40.18
N CYS B 1082 -72.50 15.55 41.31
CA CYS B 1082 -73.46 14.82 42.16
C CYS B 1082 -74.88 15.39 42.12
N HIS B 1083 -75.35 15.79 40.95
CA HIS B 1083 -76.71 16.33 40.79
C HIS B 1083 -77.77 15.55 41.57
N ASP B 1084 -77.78 14.24 41.40
CA ASP B 1084 -78.71 13.35 42.06
C ASP B 1084 -78.00 12.24 42.80
N GLY B 1085 -76.74 12.49 43.13
CA GLY B 1085 -75.89 11.53 43.83
C GLY B 1085 -75.18 10.54 42.91
N LYS B 1086 -75.45 10.62 41.61
CA LYS B 1086 -74.86 9.72 40.64
C LYS B 1086 -73.56 10.28 40.10
N ALA B 1087 -72.70 9.43 39.58
CA ALA B 1087 -71.44 9.92 39.04
C ALA B 1087 -71.55 10.48 37.66
N HIS B 1088 -71.92 11.75 37.57
CA HIS B 1088 -72.11 12.35 36.26
C HIS B 1088 -70.82 12.85 35.69
N PHE B 1089 -70.25 11.92 34.94
CA PHE B 1089 -68.97 12.24 34.30
C PHE B 1089 -69.25 13.09 33.05
N PRO B 1090 -68.36 14.00 32.59
CA PRO B 1090 -68.62 14.75 31.41
C PRO B 1090 -68.53 13.75 30.29
N ARG B 1091 -69.29 13.91 29.22
CA ARG B 1091 -69.13 12.98 28.10
C ARG B 1091 -67.81 13.22 27.42
N GLU B 1092 -67.39 14.48 27.42
CA GLU B 1092 -66.14 14.93 26.86
C GLU B 1092 -65.74 16.17 27.64
N GLY B 1093 -64.47 16.47 27.69
CA GLY B 1093 -64.09 17.69 28.33
C GLY B 1093 -63.99 17.63 29.85
N VAL B 1094 -64.23 18.78 30.45
CA VAL B 1094 -64.07 19.04 31.88
C VAL B 1094 -65.22 19.84 32.51
N PHE B 1095 -65.60 19.55 33.78
CA PHE B 1095 -66.61 20.38 34.41
C PHE B 1095 -65.91 21.58 35.00
N VAL B 1096 -66.35 22.77 34.65
CA VAL B 1096 -65.71 23.98 35.16
C VAL B 1096 -66.64 25.02 35.72
N SER B 1097 -66.05 25.92 36.50
CA SER B 1097 -66.79 27.03 37.05
C SER B 1097 -66.05 28.34 37.10
N ASN B 1098 -66.84 29.38 36.84
CA ASN B 1098 -66.41 30.76 36.87
C ASN B 1098 -66.81 31.44 38.17
N GLY B 1099 -67.25 30.64 39.13
CA GLY B 1099 -67.69 31.07 40.43
C GLY B 1099 -69.20 31.28 40.55
N THR B 1100 -69.92 31.33 39.44
CA THR B 1100 -71.36 31.54 39.51
C THR B 1100 -72.15 30.43 38.82
N HIS B 1101 -71.55 29.83 37.80
CA HIS B 1101 -72.18 28.79 37.02
C HIS B 1101 -71.22 27.68 36.68
N TRP B 1102 -71.76 26.49 36.53
CA TRP B 1102 -70.97 25.36 36.07
C TRP B 1102 -71.33 24.92 34.65
N PHE B 1103 -70.27 24.59 33.94
CA PHE B 1103 -70.26 24.26 32.53
C PHE B 1103 -69.49 22.98 32.19
N VAL B 1104 -69.78 22.37 31.03
CA VAL B 1104 -68.95 21.25 30.55
C VAL B 1104 -68.26 21.74 29.30
N THR B 1105 -66.95 21.95 29.36
CA THR B 1105 -66.30 22.56 28.20
C THR B 1105 -65.24 21.66 27.59
N GLN B 1106 -64.73 22.05 26.42
CA GLN B 1106 -63.71 21.26 25.73
C GLN B 1106 -62.33 21.66 26.20
N ARG B 1107 -61.29 21.02 25.67
CA ARG B 1107 -59.96 21.29 26.20
C ARG B 1107 -59.07 22.28 25.44
N ASN B 1108 -59.14 22.35 24.11
CA ASN B 1108 -58.17 23.20 23.39
C ASN B 1108 -58.65 24.60 23.01
N PHE B 1109 -59.85 24.94 23.46
CA PHE B 1109 -60.44 26.26 23.24
C PHE B 1109 -61.66 26.45 24.13
N TYR B 1110 -61.62 27.39 25.05
CA TYR B 1110 -62.72 27.53 25.97
C TYR B 1110 -64.00 28.08 25.37
N GLU B 1111 -65.06 27.37 25.66
CA GLU B 1111 -66.41 27.70 25.30
C GLU B 1111 -67.28 27.15 26.42
N PRO B 1112 -67.85 27.97 27.30
CA PRO B 1112 -68.55 27.56 28.51
C PRO B 1112 -69.43 26.31 28.36
N GLN B 1113 -70.67 26.49 27.86
CA GLN B 1113 -71.66 25.41 27.68
C GLN B 1113 -72.24 24.86 28.99
N ILE B 1114 -73.50 25.16 29.25
CA ILE B 1114 -74.17 24.72 30.49
C ILE B 1114 -74.25 23.21 30.63
N ILE B 1115 -74.08 22.75 31.87
CA ILE B 1115 -74.19 21.33 32.11
C ILE B 1115 -75.64 20.89 31.96
N THR B 1116 -75.86 19.91 31.10
CA THR B 1116 -77.16 19.34 30.84
C THR B 1116 -76.98 17.85 30.89
N THR B 1117 -78.08 17.11 30.83
CA THR B 1117 -78.03 15.66 30.87
C THR B 1117 -77.42 15.07 29.59
N ASP B 1118 -77.31 15.90 28.55
CA ASP B 1118 -76.76 15.49 27.28
C ASP B 1118 -75.26 15.74 27.23
N ASN B 1119 -74.73 16.34 28.30
CA ASN B 1119 -73.32 16.63 28.36
C ASN B 1119 -72.61 15.73 29.36
N THR B 1120 -73.37 14.86 30.03
CA THR B 1120 -72.80 13.98 31.05
C THR B 1120 -73.24 12.55 30.86
N PHE B 1121 -72.63 11.65 31.60
CA PHE B 1121 -73.08 10.27 31.60
C PHE B 1121 -72.88 9.73 32.98
N VAL B 1122 -73.58 8.67 33.32
CA VAL B 1122 -73.39 8.12 34.64
C VAL B 1122 -72.79 6.76 34.71
N SER B 1123 -71.77 6.68 35.53
CA SER B 1123 -71.16 5.41 35.81
C SER B 1123 -70.73 5.35 37.25
N GLY B 1124 -71.45 4.59 38.05
CA GLY B 1124 -71.19 4.55 39.48
C GLY B 1124 -71.84 5.76 40.14
N ASN B 1125 -71.35 6.12 41.32
CA ASN B 1125 -71.97 7.16 42.12
C ASN B 1125 -70.89 8.01 42.84
N CYS B 1126 -71.34 8.98 43.66
CA CYS B 1126 -70.50 9.94 44.38
C CYS B 1126 -69.63 9.32 45.47
N ASP B 1127 -69.83 8.05 45.77
CA ASP B 1127 -69.01 7.39 46.77
C ASP B 1127 -67.79 6.77 46.08
N VAL B 1128 -67.77 6.85 44.75
CA VAL B 1128 -66.70 6.28 43.94
C VAL B 1128 -65.72 7.33 43.48
N VAL B 1129 -66.23 8.45 42.98
CA VAL B 1129 -65.32 9.43 42.41
C VAL B 1129 -64.76 10.41 43.44
N ILE B 1130 -63.46 10.38 43.64
CA ILE B 1130 -62.89 11.29 44.60
C ILE B 1130 -62.63 12.58 43.85
N GLY B 1131 -63.20 13.67 44.36
CA GLY B 1131 -63.09 14.97 43.73
C GLY B 1131 -64.41 15.42 43.10
N ILE B 1132 -65.41 14.56 43.15
CA ILE B 1132 -66.74 14.84 42.61
C ILE B 1132 -67.43 15.92 43.43
N VAL B 1133 -68.19 16.82 42.76
CA VAL B 1133 -68.85 17.90 43.50
C VAL B 1133 -70.36 17.97 43.28
N ASN B 1134 -71.05 18.65 44.19
CA ASN B 1134 -72.49 18.88 44.03
C ASN B 1134 -72.66 19.91 42.95
N ASN B 1135 -73.64 19.70 42.08
CA ASN B 1135 -73.89 20.59 40.97
C ASN B 1135 -75.31 20.42 40.48
N THR B 1136 -75.70 21.15 39.45
CA THR B 1136 -77.03 21.04 38.86
C THR B 1136 -76.95 20.70 37.38
N VAL B 1137 -77.69 19.65 36.99
CA VAL B 1137 -77.73 19.19 35.57
C VAL B 1137 -79.10 19.55 34.98
N TYR B 1138 -79.12 20.28 33.87
CA TYR B 1138 -80.38 20.59 33.20
C TYR B 1138 -80.93 19.49 32.31
N ASP B 1139 -82.19 19.17 32.53
CA ASP B 1139 -82.90 18.15 31.75
C ASP B 1139 -83.71 18.76 30.60
N PRO B 1140 -83.30 18.59 29.32
CA PRO B 1140 -83.91 19.14 28.12
C PRO B 1140 -85.17 18.41 27.71
N LEU B 1141 -85.45 17.25 28.32
CA LEU B 1141 -86.60 16.46 27.94
C LEU B 1141 -87.77 16.82 28.84
N GLN B 1142 -87.48 17.02 30.11
CA GLN B 1142 -88.51 17.34 31.07
C GLN B 1142 -89.51 18.41 30.57
N PRO B 1143 -89.10 19.59 30.05
CA PRO B 1143 -90.02 20.62 29.58
C PRO B 1143 -90.87 20.21 28.40
N GLU B 1144 -90.47 19.18 27.66
CA GLU B 1144 -91.26 18.73 26.53
C GLU B 1144 -92.35 17.84 27.09
N LEU B 1145 -91.98 17.05 28.10
CA LEU B 1145 -92.89 16.09 28.72
C LEU B 1145 -94.01 16.85 29.42
N ASP B 1146 -93.65 18.02 29.94
CA ASP B 1146 -94.56 18.92 30.64
C ASP B 1146 -95.70 19.52 29.78
N SER B 1147 -95.54 19.53 28.42
CA SER B 1147 -96.49 20.10 27.47
C SER B 1147 -97.53 19.03 27.08
N ALA C 27 11.11 -42.52 39.88
CA ALA C 27 10.57 -41.55 40.83
C ALA C 27 10.46 -40.18 40.14
N TYR C 28 9.22 -39.66 40.02
CA TYR C 28 8.84 -38.41 39.35
C TYR C 28 7.83 -37.60 40.14
N THR C 29 7.75 -36.30 39.87
CA THR C 29 6.70 -35.48 40.47
C THR C 29 6.00 -34.62 39.44
N ASN C 30 4.96 -33.95 39.90
CA ASN C 30 4.19 -33.00 39.12
C ASN C 30 4.61 -31.59 39.53
N SER C 31 5.33 -30.92 38.65
CA SER C 31 5.81 -29.58 38.97
C SER C 31 4.73 -28.61 38.52
N PHE C 32 4.08 -28.01 39.49
CA PHE C 32 2.88 -27.22 39.34
C PHE C 32 3.04 -25.97 38.47
N THR C 33 3.41 -24.82 39.04
CA THR C 33 3.55 -23.63 38.21
C THR C 33 4.90 -23.00 38.49
N ARG C 34 5.88 -23.90 38.67
CA ARG C 34 7.21 -23.41 39.07
C ARG C 34 8.11 -23.22 37.84
N GLY C 35 9.31 -22.73 38.07
CA GLY C 35 10.30 -22.49 37.01
C GLY C 35 10.25 -21.11 36.32
N VAL C 36 9.45 -20.20 36.86
CA VAL C 36 9.32 -18.84 36.36
C VAL C 36 10.29 -17.88 37.02
N TYR C 37 10.85 -17.00 36.23
CA TYR C 37 11.77 -15.98 36.66
C TYR C 37 11.40 -14.65 36.06
N TYR C 38 11.86 -13.58 36.68
CA TYR C 38 11.61 -12.25 36.14
C TYR C 38 12.42 -12.12 34.86
N PRO C 39 11.78 -11.91 33.70
CA PRO C 39 12.38 -11.89 32.38
C PRO C 39 13.15 -10.62 32.02
N ASP C 40 13.11 -9.61 32.88
CA ASP C 40 13.73 -8.34 32.51
C ASP C 40 14.34 -7.62 33.72
N LYS C 41 14.95 -6.46 33.45
CA LYS C 41 15.59 -5.61 34.44
C LYS C 41 14.80 -4.33 34.52
N VAL C 42 13.54 -4.49 34.18
CA VAL C 42 12.60 -3.43 34.13
C VAL C 42 11.45 -3.62 35.10
N PHE C 43 11.21 -2.58 35.88
CA PHE C 43 10.17 -2.56 36.88
C PHE C 43 8.81 -2.26 36.30
N ARG C 44 7.89 -3.14 36.61
CA ARG C 44 6.52 -3.03 36.20
C ARG C 44 5.73 -3.35 37.42
N SER C 45 4.53 -2.81 37.54
CA SER C 45 3.68 -3.20 38.65
C SER C 45 2.22 -3.09 38.29
N SER C 46 1.43 -3.95 38.88
CA SER C 46 -0.02 -4.01 38.68
C SER C 46 -0.39 -4.11 37.19
N VAL C 47 0.36 -4.91 36.45
CA VAL C 47 0.15 -5.16 35.03
C VAL C 47 0.21 -6.63 34.72
N LEU C 48 -0.30 -7.01 33.56
CA LEU C 48 -0.05 -8.37 33.11
C LEU C 48 0.91 -8.20 31.94
N HIS C 49 1.88 -9.08 31.84
CA HIS C 49 2.82 -9.00 30.73
C HIS C 49 2.95 -10.35 30.06
N SER C 50 2.51 -10.46 28.82
CA SER C 50 2.60 -11.72 28.10
C SER C 50 3.95 -11.83 27.44
N THR C 51 4.72 -12.83 27.85
CA THR C 51 6.07 -13.02 27.34
C THR C 51 6.33 -14.44 26.92
N GLN C 52 7.36 -14.66 26.09
CA GLN C 52 7.76 -16.02 25.74
C GLN C 52 9.22 -16.23 26.04
N ASP C 53 9.51 -17.29 26.78
CA ASP C 53 10.90 -17.58 27.11
C ASP C 53 11.08 -19.03 27.50
N LEU C 54 12.31 -19.38 27.80
CA LEU C 54 12.67 -20.73 28.18
C LEU C 54 12.37 -20.99 29.66
N PHE C 55 11.12 -21.37 29.92
CA PHE C 55 10.61 -21.59 31.27
C PHE C 55 10.12 -23.01 31.42
N LEU C 56 10.06 -23.53 32.64
CA LEU C 56 9.49 -24.86 32.80
C LEU C 56 8.00 -24.78 32.44
N PRO C 57 7.43 -25.69 31.61
CA PRO C 57 6.02 -25.77 31.33
C PRO C 57 5.30 -26.04 32.61
N PHE C 58 4.09 -25.57 32.75
CA PHE C 58 3.38 -25.87 33.98
C PHE C 58 2.90 -27.30 33.94
N PHE C 59 2.86 -27.94 35.11
CA PHE C 59 2.44 -29.33 35.30
C PHE C 59 3.32 -30.30 34.54
N SER C 60 4.62 -30.05 34.63
CA SER C 60 5.63 -30.90 34.00
C SER C 60 5.92 -32.16 34.79
N ASN C 61 6.39 -33.17 34.04
CA ASN C 61 6.85 -34.43 34.60
C ASN C 61 8.34 -34.27 34.91
N VAL C 62 8.64 -34.14 36.19
CA VAL C 62 9.98 -33.82 36.68
C VAL C 62 10.62 -34.97 37.47
N THR C 63 11.88 -35.32 37.13
CA THR C 63 12.54 -36.48 37.74
C THR C 63 13.04 -36.22 39.16
N TRP C 64 12.78 -37.18 40.06
CA TRP C 64 13.10 -37.14 41.48
C TRP C 64 14.37 -37.94 41.83
N PHE C 65 15.39 -37.23 42.27
CA PHE C 65 16.71 -37.77 42.58
C PHE C 65 16.99 -37.62 44.08
N HIS C 66 17.90 -38.47 44.65
CA HIS C 66 18.30 -38.40 46.08
C HIS C 66 19.83 -38.43 46.20
N ASN C 81 24.38 -36.75 41.55
CA ASN C 81 25.10 -37.98 41.25
C ASN C 81 25.16 -38.28 39.72
N PRO C 82 24.02 -38.49 38.95
CA PRO C 82 23.99 -38.79 37.51
C PRO C 82 24.29 -37.60 36.63
N VAL C 83 24.71 -37.89 35.41
CA VAL C 83 24.81 -36.85 34.41
C VAL C 83 23.49 -36.77 33.70
N LEU C 84 22.97 -35.57 33.66
CA LEU C 84 21.69 -35.30 33.07
C LEU C 84 21.85 -34.35 31.90
N PRO C 85 20.97 -34.37 30.90
CA PRO C 85 20.94 -33.41 29.82
C PRO C 85 20.69 -32.03 30.38
N PHE C 86 21.19 -31.02 29.72
CA PHE C 86 20.94 -29.63 30.05
C PHE C 86 20.00 -29.09 29.00
N ASN C 87 20.21 -29.58 27.78
CA ASN C 87 19.51 -29.13 26.60
C ASN C 87 19.74 -27.64 26.45
N ASP C 88 18.68 -26.84 26.41
CA ASP C 88 18.84 -25.39 26.24
C ASP C 88 18.84 -24.70 27.58
N GLY C 89 18.54 -25.48 28.61
CA GLY C 89 18.33 -25.01 29.94
C GLY C 89 17.49 -26.01 30.71
N VAL C 90 17.73 -26.01 32.00
CA VAL C 90 17.15 -26.97 32.90
C VAL C 90 16.54 -26.36 34.15
N TYR C 91 15.47 -26.98 34.61
CA TYR C 91 14.84 -26.63 35.85
C TYR C 91 15.44 -27.44 36.97
N PHE C 92 15.81 -26.78 38.04
CA PHE C 92 16.34 -27.50 39.18
C PHE C 92 15.83 -26.98 40.49
N ALA C 93 15.50 -27.88 41.39
CA ALA C 93 15.15 -27.43 42.71
C ALA C 93 15.44 -28.49 43.75
N SER C 94 15.67 -28.08 44.99
CA SER C 94 15.89 -29.08 46.02
C SER C 94 15.34 -28.75 47.40
N THR C 95 15.13 -29.82 48.18
CA THR C 95 14.59 -29.76 49.53
C THR C 95 15.50 -30.55 50.47
N GLU C 96 16.69 -30.00 50.68
CA GLU C 96 17.72 -30.73 51.46
C GLU C 96 17.80 -30.26 52.91
N LYS C 97 18.29 -31.13 53.77
CA LYS C 97 18.40 -30.86 55.21
C LYS C 97 19.70 -30.18 55.64
N SER C 98 20.71 -30.17 54.76
CA SER C 98 22.00 -29.60 55.13
C SER C 98 22.80 -29.03 53.96
N ASN C 99 22.10 -28.47 52.96
CA ASN C 99 22.77 -27.88 51.80
C ASN C 99 23.81 -28.84 51.21
N ILE C 100 23.38 -30.07 50.97
CA ILE C 100 24.20 -31.14 50.47
C ILE C 100 24.73 -30.81 49.09
N ILE C 101 23.90 -30.24 48.23
CA ILE C 101 24.42 -29.90 46.91
C ILE C 101 25.26 -28.66 47.10
N ARG C 102 26.54 -28.81 46.81
CA ARG C 102 27.48 -27.73 46.98
C ARG C 102 28.14 -27.34 45.68
N GLY C 103 27.78 -28.00 44.59
CA GLY C 103 28.36 -27.57 43.35
C GLY C 103 27.79 -28.19 42.10
N TRP C 104 28.28 -27.68 40.98
CA TRP C 104 27.82 -28.11 39.67
C TRP C 104 28.90 -28.26 38.62
N ILE C 105 28.69 -29.20 37.69
CA ILE C 105 29.57 -29.24 36.53
C ILE C 105 28.72 -29.10 35.29
N PHE C 106 29.04 -28.14 34.43
CA PHE C 106 28.30 -27.97 33.18
C PHE C 106 29.26 -28.02 31.98
N GLY C 107 28.83 -28.63 30.88
CA GLY C 107 29.69 -28.71 29.69
C GLY C 107 29.18 -29.81 28.76
N THR C 108 30.04 -30.31 27.86
CA THR C 108 29.59 -31.38 26.97
C THR C 108 30.13 -32.74 27.41
N THR C 109 31.26 -32.71 28.14
CA THR C 109 31.92 -33.95 28.58
C THR C 109 31.91 -34.07 30.09
N LEU C 110 31.92 -32.92 30.75
CA LEU C 110 31.98 -32.82 32.21
C LEU C 110 33.22 -33.58 32.72
N ASP C 111 34.31 -33.52 31.96
CA ASP C 111 35.54 -34.26 32.29
C ASP C 111 36.79 -33.46 31.88
N SER C 112 37.96 -34.03 32.13
CA SER C 112 39.26 -33.43 31.83
C SER C 112 39.55 -33.51 30.34
N LYS C 113 40.65 -32.86 29.88
CA LYS C 113 41.09 -32.76 28.49
C LYS C 113 40.22 -31.83 27.66
N THR C 114 39.43 -31.01 28.34
CA THR C 114 38.59 -29.99 27.76
C THR C 114 38.15 -29.01 28.84
N GLN C 115 37.76 -27.81 28.46
CA GLN C 115 37.25 -26.87 29.44
C GLN C 115 35.79 -27.14 29.77
N SER C 116 35.44 -26.87 31.02
CA SER C 116 34.06 -26.98 31.47
C SER C 116 33.81 -26.00 32.60
N LEU C 117 32.54 -25.81 32.96
CA LEU C 117 32.15 -24.88 34.01
C LEU C 117 31.98 -25.58 35.34
N LEU C 118 32.75 -25.14 36.33
CA LEU C 118 32.67 -25.72 37.67
C LEU C 118 32.30 -24.68 38.71
N ILE C 119 31.19 -24.94 39.40
CA ILE C 119 30.69 -24.05 40.43
C ILE C 119 30.82 -24.69 41.79
N VAL C 120 31.67 -24.16 42.68
CA VAL C 120 31.82 -24.80 43.99
C VAL C 120 31.69 -23.91 45.23
N ASN C 121 30.85 -24.36 46.14
CA ASN C 121 30.64 -23.77 47.45
C ASN C 121 31.58 -24.45 48.44
N ASN C 122 32.60 -23.73 48.85
CA ASN C 122 33.66 -24.28 49.71
C ASN C 122 33.47 -23.95 51.19
N ALA C 123 32.26 -23.50 51.54
CA ALA C 123 31.81 -23.12 52.89
C ALA C 123 32.50 -21.85 53.43
N THR C 124 33.17 -21.14 52.55
CA THR C 124 33.78 -19.84 52.82
C THR C 124 33.12 -18.85 51.88
N ASN C 125 33.18 -19.21 50.60
CA ASN C 125 32.62 -18.48 49.50
C ASN C 125 32.30 -19.42 48.34
N VAL C 126 31.77 -18.86 47.26
CA VAL C 126 31.49 -19.65 46.08
C VAL C 126 32.37 -19.20 44.95
N VAL C 127 33.11 -20.15 44.40
CA VAL C 127 34.04 -19.84 43.34
C VAL C 127 33.67 -20.55 42.05
N ILE C 128 33.58 -19.77 40.99
CA ILE C 128 33.24 -20.29 39.68
C ILE C 128 34.39 -20.18 38.71
N LYS C 129 34.77 -21.31 38.14
CA LYS C 129 35.88 -21.39 37.21
C LYS C 129 35.47 -22.08 35.92
N VAL C 130 36.10 -21.73 34.80
CA VAL C 130 35.82 -22.43 33.52
C VAL C 130 37.01 -23.25 32.95
N CYS C 131 37.95 -23.60 33.82
CA CYS C 131 39.23 -24.26 33.59
C CYS C 131 39.09 -25.72 33.14
N GLU C 132 40.19 -26.26 32.68
CA GLU C 132 40.27 -27.67 32.46
C GLU C 132 40.56 -28.22 33.84
N PHE C 133 39.79 -29.16 34.30
CA PHE C 133 40.00 -29.68 35.63
C PHE C 133 40.19 -31.16 35.56
N GLN C 134 40.94 -31.70 36.49
CA GLN C 134 40.97 -33.13 36.59
C GLN C 134 39.99 -33.47 37.68
N PHE C 135 38.90 -34.05 37.27
CA PHE C 135 37.81 -34.37 38.14
C PHE C 135 38.00 -35.69 38.83
N CYS C 136 37.39 -35.80 39.99
CA CYS C 136 37.37 -37.02 40.77
C CYS C 136 36.45 -38.00 40.07
N ASN C 137 36.60 -39.30 40.36
CA ASN C 137 35.72 -40.32 39.78
C ASN C 137 34.50 -40.54 40.68
N ASP C 138 34.42 -39.71 41.70
CA ASP C 138 33.36 -39.64 42.68
C ASP C 138 33.33 -38.22 43.22
N PRO C 139 32.99 -37.21 42.39
CA PRO C 139 32.89 -35.82 42.78
C PRO C 139 31.57 -35.74 43.55
N PHE C 140 31.49 -34.84 44.53
CA PHE C 140 30.24 -34.63 45.32
C PHE C 140 30.23 -33.22 45.90
N ASN C 164 44.50 -26.38 34.35
CA ASN C 164 45.03 -25.68 33.18
C ASN C 164 43.86 -24.98 32.45
N ASN C 165 44.15 -24.24 31.34
CA ASN C 165 43.16 -23.61 30.44
C ASN C 165 42.07 -22.73 31.10
N CYS C 166 42.47 -21.84 32.05
CA CYS C 166 41.58 -20.95 32.80
C CYS C 166 41.41 -19.64 32.03
N THR C 167 40.17 -19.36 31.65
CA THR C 167 39.83 -18.20 30.85
C THR C 167 38.82 -17.26 31.54
N PHE C 168 38.32 -17.72 32.67
CA PHE C 168 37.28 -17.04 33.45
C PHE C 168 37.30 -17.51 34.89
N GLU C 169 37.17 -16.56 35.79
CA GLU C 169 37.02 -16.83 37.21
C GLU C 169 36.12 -15.78 37.82
N TYR C 170 35.24 -16.22 38.69
CA TYR C 170 34.32 -15.37 39.40
C TYR C 170 34.14 -15.77 40.85
N VAL C 171 34.14 -14.81 41.76
CA VAL C 171 33.97 -15.16 43.16
C VAL C 171 32.80 -14.38 43.79
N SER C 172 31.90 -15.13 44.47
CA SER C 172 30.73 -14.64 45.20
C SER C 172 30.27 -15.76 46.13
N PHE C 186 14.47 -28.68 52.88
CA PHE C 186 13.55 -29.39 53.80
C PHE C 186 12.82 -28.35 54.63
N LYS C 187 13.52 -27.29 55.02
CA LYS C 187 12.89 -26.20 55.77
C LYS C 187 12.87 -24.92 54.91
N ASN C 188 13.62 -24.96 53.81
CA ASN C 188 13.80 -23.86 52.85
C ASN C 188 14.12 -24.49 51.50
N LEU C 189 13.30 -24.20 50.51
CA LEU C 189 13.47 -24.81 49.20
C LEU C 189 14.31 -23.91 48.32
N ARG C 190 15.30 -24.51 47.69
CA ARG C 190 16.18 -23.75 46.83
C ARG C 190 15.79 -24.01 45.37
N GLU C 191 15.18 -23.02 44.72
CA GLU C 191 14.68 -23.16 43.35
C GLU C 191 15.53 -22.39 42.37
N PHE C 192 15.93 -23.05 41.28
CA PHE C 192 16.77 -22.45 40.27
C PHE C 192 16.37 -22.68 38.83
N VAL C 193 16.76 -21.73 38.01
CA VAL C 193 16.68 -21.86 36.58
C VAL C 193 18.05 -21.66 35.98
N PHE C 194 18.53 -22.68 35.25
CA PHE C 194 19.85 -22.61 34.63
C PHE C 194 19.67 -22.65 33.12
N LYS C 195 20.07 -21.59 32.43
CA LYS C 195 19.86 -21.56 30.98
C LYS C 195 21.05 -21.05 30.17
N ASN C 196 21.18 -21.44 28.88
CA ASN C 196 22.19 -20.92 27.97
C ASN C 196 21.71 -19.58 27.39
N TYR C 200 24.53 -15.76 26.92
CA TYR C 200 25.52 -16.44 27.80
C TYR C 200 24.78 -17.32 28.81
N PHE C 201 25.45 -17.79 29.86
CA PHE C 201 24.81 -18.71 30.81
C PHE C 201 24.23 -17.92 31.97
N LYS C 202 22.94 -18.07 32.20
CA LYS C 202 22.27 -17.31 33.24
C LYS C 202 21.69 -18.22 34.30
N ILE C 203 21.74 -17.75 35.54
CA ILE C 203 21.13 -18.48 36.64
C ILE C 203 20.17 -17.56 37.37
N TYR C 204 18.97 -18.05 37.65
CA TYR C 204 17.97 -17.32 38.41
C TYR C 204 17.70 -18.14 39.66
N SER C 205 17.34 -17.51 40.77
CA SER C 205 17.06 -18.29 41.97
C SER C 205 16.08 -17.68 42.97
N LYS C 206 15.54 -18.57 43.81
CA LYS C 206 14.65 -18.23 44.91
C LYS C 206 14.89 -19.18 46.10
N HIS C 207 14.89 -18.64 47.32
CA HIS C 207 15.10 -19.47 48.53
C HIS C 207 14.02 -19.26 49.59
N THR C 208 12.97 -20.09 49.60
CA THR C 208 11.85 -19.80 50.50
C THR C 208 11.49 -20.90 51.48
N PRO C 209 10.96 -20.57 52.68
CA PRO C 209 10.54 -21.52 53.68
C PRO C 209 9.50 -22.54 53.22
N ILE C 210 9.76 -23.77 53.60
CA ILE C 210 8.93 -24.96 53.37
C ILE C 210 8.89 -25.79 54.66
N ASN C 211 8.03 -26.83 54.71
CA ASN C 211 7.94 -27.81 55.81
C ASN C 211 7.22 -29.03 55.24
N ASP C 215 8.20 -33.74 46.63
CA ASP C 215 8.74 -32.90 47.70
C ASP C 215 8.58 -31.37 47.40
N LEU C 216 8.16 -30.99 46.15
CA LEU C 216 7.97 -29.60 45.71
C LEU C 216 6.55 -29.14 46.06
N PRO C 217 6.35 -27.89 46.53
CA PRO C 217 5.07 -27.32 46.85
C PRO C 217 4.30 -27.09 45.58
N GLN C 218 3.01 -27.23 45.66
CA GLN C 218 2.17 -27.02 44.50
C GLN C 218 1.77 -25.58 44.34
N GLY C 219 2.70 -24.79 43.85
CA GLY C 219 2.46 -23.36 43.69
C GLY C 219 3.38 -22.67 42.67
N PHE C 220 3.25 -21.34 42.64
CA PHE C 220 3.97 -20.41 41.76
C PHE C 220 4.93 -19.51 42.50
N SER C 221 6.10 -19.28 41.92
CA SER C 221 7.05 -18.31 42.47
C SER C 221 7.91 -17.77 41.35
N ALA C 222 8.26 -16.49 41.39
CA ALA C 222 9.14 -15.93 40.35
C ALA C 222 10.53 -15.64 40.90
N LEU C 223 11.51 -16.23 40.25
CA LEU C 223 12.94 -16.17 40.59
C LEU C 223 13.65 -14.93 40.08
N GLU C 224 14.61 -14.46 40.85
CA GLU C 224 15.35 -13.28 40.43
C GLU C 224 16.66 -13.73 39.83
N PRO C 225 17.28 -12.98 38.93
CA PRO C 225 18.57 -13.31 38.40
C PRO C 225 19.54 -13.35 39.54
N LEU C 226 20.39 -14.36 39.52
CA LEU C 226 21.40 -14.56 40.52
C LEU C 226 22.76 -14.16 39.98
N VAL C 227 23.08 -14.71 38.80
CA VAL C 227 24.35 -14.44 38.17
C VAL C 227 24.26 -14.55 36.65
N ASP C 228 25.08 -13.75 35.99
CA ASP C 228 25.23 -13.73 34.55
C ASP C 228 26.68 -14.13 34.28
N LEU C 229 26.88 -15.33 33.72
CA LEU C 229 28.22 -15.84 33.51
C LEU C 229 28.66 -15.79 32.02
N PRO C 230 29.50 -14.81 31.63
CA PRO C 230 29.98 -14.58 30.27
C PRO C 230 31.15 -15.52 29.96
N ILE C 231 30.84 -16.80 29.96
CA ILE C 231 31.84 -17.85 29.88
C ILE C 231 32.19 -18.48 28.51
N GLY C 232 31.20 -18.75 27.66
CA GLY C 232 31.49 -19.36 26.36
C GLY C 232 31.59 -20.90 26.35
N ILE C 233 31.32 -21.53 27.48
CA ILE C 233 31.36 -22.99 27.60
C ILE C 233 30.17 -23.62 26.92
N ASN C 234 30.42 -24.64 26.12
CA ASN C 234 29.35 -25.35 25.42
C ASN C 234 28.72 -26.31 26.42
N ILE C 235 27.51 -26.01 26.83
CA ILE C 235 26.83 -26.82 27.83
C ILE C 235 25.65 -27.58 27.27
N THR C 236 25.77 -28.91 27.24
CA THR C 236 24.71 -29.73 26.71
C THR C 236 24.22 -30.70 27.76
N ARG C 237 25.10 -30.95 28.77
CA ARG C 237 24.91 -31.86 29.89
C ARG C 237 25.40 -31.23 31.19
N PHE C 238 24.94 -31.75 32.32
CA PHE C 238 25.48 -31.30 33.60
C PHE C 238 25.44 -32.39 34.67
N GLN C 239 26.22 -32.18 35.72
CA GLN C 239 26.22 -33.08 36.87
C GLN C 239 25.94 -32.29 38.16
N THR C 240 25.11 -32.88 39.02
CA THR C 240 24.77 -32.25 40.31
C THR C 240 25.73 -32.81 41.37
N LEU C 241 26.44 -31.94 42.10
CA LEU C 241 27.38 -32.45 43.09
C LEU C 241 26.87 -32.31 44.54
N LEU C 242 26.53 -33.48 45.16
CA LEU C 242 25.98 -33.63 46.51
C LEU C 242 27.06 -33.33 47.58
N ALA C 263 19.04 -35.35 50.77
CA ALA C 263 19.70 -35.25 49.45
C ALA C 263 18.69 -35.20 48.26
N ALA C 264 17.37 -35.03 48.54
CA ALA C 264 16.29 -34.99 47.53
C ALA C 264 16.28 -33.72 46.67
N TYR C 265 16.17 -33.93 45.36
CA TYR C 265 16.10 -32.84 44.39
C TYR C 265 15.39 -33.25 43.12
N TYR C 266 14.99 -32.25 42.35
CA TYR C 266 14.33 -32.48 41.09
C TYR C 266 14.96 -31.83 39.88
N VAL C 267 14.87 -32.53 38.74
CA VAL C 267 15.32 -31.98 37.46
C VAL C 267 14.28 -32.09 36.34
N GLY C 268 14.00 -30.96 35.71
CA GLY C 268 13.02 -30.87 34.62
C GLY C 268 13.62 -30.07 33.49
N TYR C 269 12.87 -29.83 32.42
CA TYR C 269 13.46 -29.08 31.31
C TYR C 269 12.65 -27.89 30.90
N LEU C 270 13.35 -26.86 30.49
CA LEU C 270 12.70 -25.62 30.15
C LEU C 270 12.32 -25.61 28.67
N GLN C 271 11.24 -24.93 28.33
CA GLN C 271 10.77 -24.82 26.96
C GLN C 271 10.41 -23.38 26.59
N PRO C 272 10.50 -22.97 25.32
CA PRO C 272 10.17 -21.65 24.82
C PRO C 272 8.67 -21.46 24.75
N ARG C 273 8.07 -21.26 25.90
CA ARG C 273 6.62 -21.20 26.04
C ARG C 273 6.15 -19.83 26.44
N THR C 274 4.94 -19.50 26.03
CA THR C 274 4.36 -18.20 26.32
C THR C 274 3.55 -18.29 27.59
N PHE C 275 3.75 -17.29 28.44
CA PHE C 275 3.04 -17.16 29.68
C PHE C 275 2.47 -15.78 29.86
N LEU C 276 1.32 -15.72 30.50
CA LEU C 276 0.78 -14.41 30.86
C LEU C 276 1.25 -14.20 32.28
N LEU C 277 2.10 -13.20 32.52
CA LEU C 277 2.68 -12.99 33.85
C LEU C 277 2.00 -11.88 34.63
N LYS C 278 1.50 -12.21 35.82
CA LYS C 278 0.78 -11.24 36.65
C LYS C 278 1.63 -10.59 37.70
N TYR C 279 1.74 -9.26 37.62
CA TYR C 279 2.50 -8.47 38.55
C TYR C 279 1.62 -7.83 39.61
N ASN C 280 2.13 -7.74 40.82
CA ASN C 280 1.42 -7.07 41.89
C ASN C 280 1.89 -5.64 41.96
N GLU C 281 1.41 -4.92 42.96
CA GLU C 281 1.73 -3.51 43.16
C GLU C 281 3.18 -3.22 43.52
N ASN C 282 3.93 -4.25 43.95
CA ASN C 282 5.31 -4.07 44.35
C ASN C 282 6.20 -4.51 43.22
N GLY C 283 5.57 -4.89 42.11
CA GLY C 283 6.25 -5.34 40.92
C GLY C 283 6.73 -6.77 40.96
N THR C 284 6.21 -7.60 41.85
CA THR C 284 6.68 -8.95 41.84
C THR C 284 5.71 -9.72 40.99
N ILE C 285 6.10 -10.89 40.55
CA ILE C 285 5.15 -11.70 39.78
C ILE C 285 4.58 -12.68 40.75
N THR C 286 3.26 -12.66 40.85
CA THR C 286 2.56 -13.48 41.80
C THR C 286 1.82 -14.63 41.16
N ASP C 287 1.57 -14.55 39.85
CA ASP C 287 0.88 -15.65 39.19
C ASP C 287 1.28 -15.73 37.72
N ALA C 288 0.77 -16.75 37.02
CA ALA C 288 1.02 -16.89 35.59
C ALA C 288 0.06 -17.87 34.89
N VAL C 289 -0.17 -17.65 33.60
CA VAL C 289 -0.94 -18.60 32.79
C VAL C 289 -0.08 -19.25 31.75
N ASP C 290 -0.02 -20.58 31.73
CA ASP C 290 0.74 -21.27 30.70
C ASP C 290 -0.19 -21.38 29.48
N CYS C 291 0.10 -20.60 28.43
CA CYS C 291 -0.73 -20.39 27.24
C CYS C 291 -0.82 -21.65 26.39
N ALA C 292 0.08 -22.62 26.65
CA ALA C 292 0.11 -23.87 25.89
C ALA C 292 -0.48 -25.05 26.67
N LEU C 293 -1.02 -24.80 27.84
CA LEU C 293 -1.48 -25.88 28.71
C LEU C 293 -2.92 -26.40 28.50
N ASP C 294 -3.83 -25.52 28.11
CA ASP C 294 -5.26 -25.85 28.04
C ASP C 294 -6.02 -24.84 27.20
N PRO C 295 -7.05 -25.19 26.41
CA PRO C 295 -7.90 -24.26 25.68
C PRO C 295 -8.43 -23.12 26.57
N LEU C 296 -8.66 -23.38 27.87
CA LEU C 296 -9.12 -22.30 28.71
C LEU C 296 -7.97 -21.34 28.95
N SER C 297 -6.76 -21.87 29.09
CA SER C 297 -5.58 -21.06 29.32
C SER C 297 -5.32 -20.24 28.07
N GLU C 298 -5.58 -20.84 26.90
CA GLU C 298 -5.38 -20.11 25.66
C GLU C 298 -6.29 -18.91 25.67
N THR C 299 -7.53 -19.11 26.13
CA THR C 299 -8.49 -18.03 26.21
C THR C 299 -8.00 -16.98 27.21
N LYS C 300 -7.53 -17.40 28.37
CA LYS C 300 -7.02 -16.43 29.35
C LYS C 300 -5.87 -15.56 28.79
N CYS C 301 -4.91 -16.15 28.03
CA CYS C 301 -3.79 -15.44 27.41
C CYS C 301 -4.32 -14.51 26.31
N THR C 302 -5.29 -14.98 25.53
CA THR C 302 -5.88 -14.22 24.44
C THR C 302 -6.53 -12.96 24.95
N LEU C 303 -7.25 -13.10 26.06
CA LEU C 303 -7.99 -12.02 26.68
C LEU C 303 -7.18 -11.20 27.66
N LYS C 304 -5.91 -11.56 27.88
CA LYS C 304 -5.07 -10.88 28.86
C LYS C 304 -5.78 -10.83 30.20
N SER C 305 -6.29 -11.97 30.64
CA SER C 305 -7.01 -12.04 31.89
C SER C 305 -6.84 -13.37 32.57
N PHE C 306 -6.93 -13.36 33.89
CA PHE C 306 -6.88 -14.61 34.65
C PHE C 306 -8.28 -15.11 34.96
N THR C 307 -9.28 -14.37 34.47
CA THR C 307 -10.71 -14.67 34.59
C THR C 307 -11.37 -14.63 33.21
N VAL C 308 -12.16 -15.64 32.92
CA VAL C 308 -12.85 -15.70 31.65
C VAL C 308 -14.35 -15.70 31.91
N GLU C 309 -15.03 -14.79 31.25
CA GLU C 309 -16.47 -14.65 31.39
C GLU C 309 -17.21 -15.65 30.53
N LYS C 310 -18.45 -15.89 30.88
CA LYS C 310 -19.27 -16.82 30.14
C LYS C 310 -19.41 -16.40 28.68
N GLY C 311 -19.23 -17.35 27.76
CA GLY C 311 -19.34 -17.06 26.35
C GLY C 311 -18.39 -17.86 25.46
N ILE C 312 -18.25 -17.42 24.21
CA ILE C 312 -17.40 -18.08 23.24
C ILE C 312 -16.27 -17.22 22.78
N TYR C 313 -15.08 -17.79 22.83
CA TYR C 313 -13.91 -17.08 22.41
C TYR C 313 -13.22 -17.86 21.30
N GLN C 314 -12.61 -17.17 20.35
CA GLN C 314 -11.90 -17.91 19.29
C GLN C 314 -10.42 -17.78 19.51
N THR C 315 -9.76 -18.91 19.76
CA THR C 315 -8.34 -18.88 20.08
C THR C 315 -7.44 -19.52 19.05
N SER C 316 -7.97 -20.39 18.19
CA SER C 316 -7.07 -21.07 17.26
C SER C 316 -7.68 -21.35 15.90
N ASN C 317 -7.01 -22.21 15.12
CA ASN C 317 -7.40 -22.59 13.76
C ASN C 317 -7.06 -24.06 13.51
N PHE C 318 -8.08 -24.84 13.18
CA PHE C 318 -7.95 -26.27 12.95
C PHE C 318 -7.37 -26.53 11.58
N ARG C 319 -6.10 -26.22 11.44
CA ARG C 319 -5.47 -26.35 10.15
C ARG C 319 -4.85 -27.71 9.97
N VAL C 320 -5.28 -28.38 8.91
CA VAL C 320 -4.80 -29.69 8.57
C VAL C 320 -3.60 -29.60 7.63
N GLN C 321 -2.55 -30.30 8.02
CA GLN C 321 -1.31 -30.34 7.27
C GLN C 321 -1.28 -31.60 6.43
N PRO C 322 -0.50 -31.64 5.34
CA PRO C 322 -0.30 -32.81 4.55
C PRO C 322 0.45 -33.81 5.37
N THR C 323 0.14 -35.08 5.15
CA THR C 323 0.81 -36.14 5.87
C THR C 323 1.69 -36.96 4.96
N GLU C 324 1.39 -36.93 3.66
CA GLU C 324 2.26 -37.66 2.71
C GLU C 324 2.70 -36.71 1.61
N SER C 325 3.34 -37.26 0.58
CA SER C 325 3.74 -36.48 -0.58
C SER C 325 3.75 -37.38 -1.79
N ILE C 326 3.58 -36.78 -2.96
CA ILE C 326 3.66 -37.54 -4.19
C ILE C 326 4.49 -36.78 -5.21
N VAL C 327 5.14 -37.50 -6.09
CA VAL C 327 5.82 -36.88 -7.20
C VAL C 327 5.41 -37.59 -8.48
N ARG C 328 4.76 -36.89 -9.40
CA ARG C 328 4.30 -37.57 -10.59
C ARG C 328 4.72 -36.88 -11.85
N PHE C 329 5.69 -37.49 -12.45
CA PHE C 329 6.28 -37.05 -13.67
C PHE C 329 5.93 -38.10 -14.70
N PRO C 330 5.95 -37.80 -15.99
CA PRO C 330 5.67 -38.70 -17.08
C PRO C 330 6.73 -39.74 -17.18
N ASN C 331 6.49 -40.76 -17.99
CA ASN C 331 7.50 -41.77 -18.15
C ASN C 331 8.60 -41.09 -18.96
N ILE C 332 9.68 -41.83 -19.22
CA ILE C 332 10.82 -41.28 -19.99
C ILE C 332 10.98 -42.17 -21.24
N THR C 333 10.55 -43.44 -21.15
CA THR C 333 10.57 -44.37 -22.31
C THR C 333 11.98 -44.50 -22.92
N ASN C 334 12.09 -44.32 -24.24
CA ASN C 334 13.40 -44.53 -24.93
C ASN C 334 14.45 -43.55 -24.40
N LEU C 335 15.68 -44.04 -24.22
CA LEU C 335 16.76 -43.17 -23.65
C LEU C 335 17.67 -42.67 -24.77
N CYS C 336 18.79 -42.03 -24.41
CA CYS C 336 19.71 -41.46 -25.39
C CYS C 336 20.76 -42.47 -25.85
N PRO C 337 21.07 -42.51 -27.15
CA PRO C 337 22.05 -43.39 -27.76
C PRO C 337 23.49 -42.93 -27.51
N PHE C 338 23.85 -42.82 -26.24
CA PHE C 338 25.22 -42.49 -25.89
C PHE C 338 26.01 -43.76 -26.00
N GLY C 339 25.40 -44.89 -25.62
CA GLY C 339 26.05 -46.20 -25.62
C GLY C 339 26.52 -46.56 -27.02
N GLU C 340 25.78 -46.11 -28.01
CA GLU C 340 26.06 -46.32 -29.42
C GLU C 340 27.35 -45.64 -29.88
N VAL C 341 27.84 -44.69 -29.09
CA VAL C 341 29.07 -43.97 -29.36
C VAL C 341 30.17 -44.60 -28.51
N PHE C 342 29.90 -44.78 -27.23
CA PHE C 342 30.91 -45.29 -26.30
C PHE C 342 31.28 -46.73 -26.59
N ASN C 343 30.32 -47.51 -27.06
CA ASN C 343 30.55 -48.90 -27.39
C ASN C 343 30.63 -49.05 -28.92
N ALA C 344 30.85 -47.93 -29.63
CA ALA C 344 30.95 -47.97 -31.07
C ALA C 344 32.12 -48.82 -31.43
N THR C 345 32.03 -49.55 -32.53
CA THR C 345 33.11 -50.38 -32.97
C THR C 345 34.20 -49.60 -33.69
N ARG C 346 33.88 -48.39 -34.14
CA ARG C 346 34.83 -47.55 -34.84
C ARG C 346 34.79 -46.10 -34.37
N PHE C 347 35.98 -45.60 -34.07
CA PHE C 347 36.29 -44.25 -33.64
C PHE C 347 37.08 -43.54 -34.72
N ALA C 348 37.04 -42.22 -34.75
CA ALA C 348 37.80 -41.48 -35.74
C ALA C 348 39.23 -41.24 -35.34
N SER C 349 40.01 -40.96 -36.37
CA SER C 349 41.35 -40.47 -36.16
C SER C 349 41.14 -39.18 -35.39
N VAL C 350 41.96 -38.89 -34.41
CA VAL C 350 41.70 -37.68 -33.65
C VAL C 350 41.84 -36.39 -34.44
N TYR C 351 42.71 -36.33 -35.43
CA TYR C 351 42.84 -35.07 -36.19
C TYR C 351 41.51 -34.73 -36.90
N ALA C 352 40.71 -35.78 -37.11
CA ALA C 352 39.44 -35.77 -37.78
C ALA C 352 38.39 -36.43 -36.90
N TRP C 353 38.37 -36.07 -35.62
CA TRP C 353 37.46 -36.64 -34.64
C TRP C 353 36.00 -36.53 -35.10
N ASN C 354 35.15 -37.52 -34.72
CA ASN C 354 33.75 -37.47 -35.16
C ASN C 354 32.89 -36.75 -34.17
N ARG C 355 31.77 -36.19 -34.64
CA ARG C 355 30.76 -35.56 -33.77
C ARG C 355 29.37 -36.15 -33.91
N LYS C 356 28.92 -36.91 -32.91
CA LYS C 356 27.57 -37.48 -32.94
C LYS C 356 26.58 -36.60 -32.19
N ARG C 357 25.52 -36.17 -32.88
CA ARG C 357 24.53 -35.33 -32.22
C ARG C 357 23.42 -36.18 -31.59
N ILE C 358 23.24 -36.00 -30.30
CA ILE C 358 22.23 -36.68 -29.53
C ILE C 358 21.13 -35.73 -29.06
N SER C 359 19.89 -36.10 -29.40
CA SER C 359 18.71 -35.28 -29.10
C SER C 359 17.42 -36.10 -28.98
N ASN C 360 16.37 -35.44 -28.47
CA ASN C 360 15.00 -36.01 -28.33
C ASN C 360 14.98 -37.35 -27.58
N CYS C 361 15.60 -37.39 -26.37
CA CYS C 361 15.81 -38.60 -25.59
C CYS C 361 16.09 -38.36 -24.09
N VAL C 362 16.13 -39.47 -23.33
CA VAL C 362 16.42 -39.41 -21.92
C VAL C 362 17.93 -39.47 -21.69
N ALA C 363 18.49 -38.37 -21.19
CA ALA C 363 19.92 -38.29 -20.93
C ALA C 363 20.34 -38.89 -19.68
N ASP C 364 20.29 -40.20 -19.65
CA ASP C 364 20.67 -40.99 -18.50
C ASP C 364 22.14 -41.33 -18.60
N TYR C 365 22.94 -40.73 -17.73
CA TYR C 365 24.37 -40.91 -17.74
C TYR C 365 24.79 -41.77 -16.56
N SER C 366 23.81 -42.28 -15.83
CA SER C 366 24.10 -43.10 -14.66
C SER C 366 24.35 -44.51 -15.13
N VAL C 367 23.65 -44.87 -16.21
CA VAL C 367 23.81 -46.18 -16.85
C VAL C 367 25.16 -46.27 -17.56
N LEU C 368 25.70 -45.10 -17.89
CA LEU C 368 26.97 -44.95 -18.54
C LEU C 368 28.07 -44.95 -17.47
N TYR C 369 27.96 -44.03 -16.51
CA TYR C 369 28.96 -43.87 -15.46
C TYR C 369 29.19 -45.14 -14.66
N ASN C 370 28.12 -45.79 -14.24
CA ASN C 370 28.25 -46.93 -13.37
C ASN C 370 28.49 -48.23 -14.11
N SER C 371 28.76 -48.16 -15.43
CA SER C 371 29.11 -49.34 -16.17
C SER C 371 30.48 -49.83 -15.72
N ALA C 372 31.27 -48.90 -15.14
CA ALA C 372 32.62 -49.14 -14.66
C ALA C 372 33.53 -49.64 -15.78
N SER C 373 33.19 -49.30 -17.02
CA SER C 373 33.98 -49.68 -18.18
C SER C 373 35.01 -48.61 -18.47
N PHE C 374 34.91 -47.50 -17.76
CA PHE C 374 35.77 -46.37 -18.00
C PHE C 374 36.82 -46.24 -16.94
N SER C 375 38.04 -45.82 -17.33
CA SER C 375 39.08 -45.59 -16.34
C SER C 375 39.08 -44.13 -15.94
N THR C 376 38.63 -43.31 -16.88
CA THR C 376 38.58 -41.88 -16.75
C THR C 376 37.16 -41.42 -17.00
N PHE C 377 36.62 -40.61 -16.12
CA PHE C 377 35.29 -40.09 -16.32
C PHE C 377 35.22 -38.80 -15.53
N LYS C 378 35.88 -37.76 -16.02
CA LYS C 378 35.94 -36.53 -15.26
C LYS C 378 34.96 -35.54 -15.88
N CYS C 379 34.04 -35.01 -15.06
CA CYS C 379 33.05 -34.03 -15.47
C CYS C 379 33.38 -32.73 -14.75
N TYR C 380 33.23 -31.65 -15.47
CA TYR C 380 33.64 -30.35 -15.00
C TYR C 380 32.48 -29.52 -14.50
N GLY C 381 32.59 -29.08 -13.25
CA GLY C 381 31.55 -28.29 -12.59
C GLY C 381 30.47 -29.20 -11.99
N VAL C 382 29.91 -30.05 -12.83
CA VAL C 382 28.86 -30.96 -12.42
C VAL C 382 29.30 -32.43 -12.47
N SER C 383 29.02 -33.15 -11.40
CA SER C 383 29.36 -34.56 -11.28
C SER C 383 28.67 -35.43 -12.36
N PRO C 384 29.26 -36.57 -12.77
CA PRO C 384 28.76 -37.51 -13.78
C PRO C 384 27.30 -37.95 -13.64
N THR C 385 26.79 -38.04 -12.40
CA THR C 385 25.42 -38.47 -12.21
C THR C 385 24.51 -37.31 -11.76
N LYS C 386 25.10 -36.13 -11.60
CA LYS C 386 24.38 -34.93 -11.17
C LYS C 386 23.87 -34.21 -12.41
N LEU C 387 24.61 -34.36 -13.50
CA LEU C 387 24.34 -33.70 -14.75
C LEU C 387 23.09 -34.26 -15.44
N ASN C 388 22.52 -35.31 -14.87
CA ASN C 388 21.27 -35.89 -15.38
C ASN C 388 20.15 -34.86 -15.18
N ASP C 389 20.34 -33.96 -14.22
CA ASP C 389 19.34 -32.97 -13.91
C ASP C 389 19.52 -31.70 -14.73
N LEU C 390 20.48 -31.71 -15.64
CA LEU C 390 20.71 -30.56 -16.48
C LEU C 390 20.21 -30.89 -17.89
N CYS C 391 19.26 -30.07 -18.39
CA CYS C 391 18.63 -30.22 -19.70
C CYS C 391 19.35 -29.38 -20.76
N PHE C 392 19.69 -30.06 -21.85
CA PHE C 392 20.39 -29.46 -22.97
C PHE C 392 19.60 -29.60 -24.24
N THR C 393 19.85 -28.73 -25.20
CA THR C 393 19.12 -28.86 -26.46
C THR C 393 19.76 -29.96 -27.25
N ASN C 394 21.08 -30.02 -27.15
CA ASN C 394 21.85 -31.05 -27.80
C ASN C 394 23.04 -31.43 -26.96
N VAL C 395 23.40 -32.70 -27.01
CA VAL C 395 24.64 -33.14 -26.39
C VAL C 395 25.41 -33.81 -27.49
N TYR C 396 26.64 -33.43 -27.64
CA TYR C 396 27.45 -34.00 -28.68
C TYR C 396 28.47 -34.94 -28.11
N ALA C 397 28.51 -36.13 -28.66
CA ALA C 397 29.47 -37.11 -28.23
C ALA C 397 30.59 -37.19 -29.26
N ASP C 398 31.68 -36.51 -28.95
CA ASP C 398 32.81 -36.41 -29.86
C ASP C 398 33.67 -37.64 -29.68
N SER C 399 34.02 -38.36 -30.75
CA SER C 399 34.76 -39.61 -30.53
C SER C 399 35.99 -39.86 -31.42
N PHE C 400 37.05 -40.28 -30.72
CA PHE C 400 38.36 -40.52 -31.30
C PHE C 400 39.32 -41.44 -30.51
N VAL C 401 40.40 -41.90 -31.18
CA VAL C 401 41.44 -42.70 -30.49
C VAL C 401 42.82 -42.04 -30.43
N ILE C 402 43.36 -42.04 -29.20
CA ILE C 402 44.67 -41.47 -28.87
C ILE C 402 45.54 -42.41 -28.01
N ARG C 403 46.80 -42.06 -27.83
CA ARG C 403 47.70 -42.80 -26.92
C ARG C 403 47.25 -42.50 -25.48
N GLY C 404 47.35 -43.48 -24.59
CA GLY C 404 46.94 -43.30 -23.19
C GLY C 404 47.54 -42.13 -22.42
N ASP C 405 48.81 -41.78 -22.68
CA ASP C 405 49.49 -40.66 -21.95
C ASP C 405 48.97 -39.30 -22.45
N GLU C 406 48.13 -39.30 -23.48
CA GLU C 406 47.60 -38.04 -24.04
C GLU C 406 46.14 -37.85 -23.59
N VAL C 407 45.63 -38.79 -22.79
CA VAL C 407 44.25 -38.66 -22.33
C VAL C 407 44.10 -37.41 -21.48
N ARG C 408 45.12 -37.08 -20.72
CA ARG C 408 45.11 -35.91 -19.86
C ARG C 408 45.05 -34.61 -20.65
N GLN C 409 45.31 -34.65 -21.97
CA GLN C 409 45.27 -33.45 -22.80
C GLN C 409 43.88 -33.16 -23.32
N ILE C 410 42.95 -34.08 -23.13
CA ILE C 410 41.61 -33.79 -23.60
C ILE C 410 40.95 -33.11 -22.44
N ALA C 411 41.19 -31.83 -22.30
CA ALA C 411 40.70 -31.15 -21.13
C ALA C 411 40.79 -29.64 -21.25
N PRO C 412 39.97 -28.90 -20.48
CA PRO C 412 40.04 -27.47 -20.31
C PRO C 412 41.35 -27.20 -19.65
N GLY C 413 42.02 -26.11 -20.00
CA GLY C 413 43.27 -25.79 -19.34
C GLY C 413 44.48 -26.52 -19.90
N GLN C 414 44.29 -27.40 -20.90
CA GLN C 414 45.44 -28.14 -21.38
C GLN C 414 45.96 -27.76 -22.76
N THR C 415 47.24 -28.07 -22.92
CA THR C 415 48.04 -27.89 -24.12
C THR C 415 48.73 -29.22 -24.43
N GLY C 416 49.40 -29.33 -25.58
CA GLY C 416 50.10 -30.57 -25.94
C GLY C 416 49.80 -31.00 -27.36
N LYS C 417 50.43 -32.07 -27.85
CA LYS C 417 50.17 -32.41 -29.25
C LYS C 417 48.71 -32.72 -29.56
N ILE C 418 47.97 -33.28 -28.61
CA ILE C 418 46.60 -33.58 -28.93
C ILE C 418 45.76 -32.37 -28.55
N ALA C 419 45.98 -31.82 -27.36
CA ALA C 419 45.17 -30.67 -26.96
C ALA C 419 45.28 -29.49 -27.92
N ASP C 420 46.46 -29.27 -28.51
CA ASP C 420 46.62 -28.15 -29.42
C ASP C 420 46.43 -28.45 -30.90
N TYR C 421 46.74 -29.66 -31.40
CA TYR C 421 46.59 -29.84 -32.85
C TYR C 421 45.47 -30.79 -33.28
N ASN C 422 44.94 -31.59 -32.36
CA ASN C 422 43.97 -32.59 -32.77
C ASN C 422 42.57 -32.42 -32.20
N TYR C 423 42.48 -32.15 -30.91
CA TYR C 423 41.19 -31.99 -30.28
C TYR C 423 41.29 -31.17 -29.03
N LYS C 424 40.71 -29.98 -29.05
CA LYS C 424 40.85 -29.09 -27.91
C LYS C 424 39.55 -28.79 -27.22
N LEU C 425 39.60 -28.76 -25.90
CA LEU C 425 38.47 -28.35 -25.11
C LEU C 425 38.72 -26.96 -24.55
N PRO C 426 37.67 -26.13 -24.42
CA PRO C 426 37.72 -24.76 -23.96
C PRO C 426 38.07 -24.76 -22.52
N ASP C 427 38.65 -23.69 -22.02
CA ASP C 427 38.93 -23.66 -20.60
C ASP C 427 37.62 -23.70 -19.83
N ASP C 428 36.60 -23.04 -20.38
CA ASP C 428 35.28 -23.06 -19.79
C ASP C 428 34.47 -24.24 -20.32
N PHE C 429 34.97 -25.43 -20.00
CA PHE C 429 34.36 -26.69 -20.39
C PHE C 429 33.53 -27.16 -19.21
N THR C 430 32.25 -27.40 -19.47
CA THR C 430 31.29 -27.81 -18.45
C THR C 430 30.75 -29.19 -18.73
N GLY C 431 31.45 -29.91 -19.57
CA GLY C 431 31.05 -31.25 -19.99
C GLY C 431 31.83 -32.37 -19.30
N CYS C 432 32.00 -33.51 -20.01
CA CYS C 432 32.68 -34.72 -19.49
C CYS C 432 33.72 -35.28 -20.46
N VAL C 433 34.86 -35.68 -19.91
CA VAL C 433 35.90 -36.36 -20.67
C VAL C 433 36.00 -37.79 -20.18
N ILE C 434 35.59 -38.70 -21.04
CA ILE C 434 35.49 -40.10 -20.67
C ILE C 434 36.44 -40.93 -21.50
N ALA C 435 37.25 -41.77 -20.84
CA ALA C 435 38.20 -42.55 -21.62
C ALA C 435 38.41 -43.94 -21.03
N TRP C 436 38.74 -44.85 -21.94
CA TRP C 436 39.02 -46.20 -21.54
C TRP C 436 40.00 -46.89 -22.45
N ASN C 437 40.63 -47.92 -21.91
CA ASN C 437 41.61 -48.70 -22.63
C ASN C 437 40.94 -49.50 -23.74
N SER C 438 41.53 -49.44 -24.94
CA SER C 438 41.03 -50.18 -26.10
C SER C 438 42.14 -51.03 -26.69
N ASN C 439 42.95 -51.64 -25.82
CA ASN C 439 44.12 -52.41 -26.25
C ASN C 439 43.76 -53.77 -26.83
N ASN C 440 42.48 -54.08 -26.90
CA ASN C 440 42.00 -55.28 -27.53
C ASN C 440 41.14 -54.95 -28.75
N LEU C 441 41.09 -53.67 -29.13
CA LEU C 441 40.27 -53.22 -30.26
C LEU C 441 41.06 -52.44 -31.31
N ASP C 442 41.86 -51.48 -30.82
CA ASP C 442 42.57 -50.52 -31.65
C ASP C 442 44.07 -50.79 -31.76
N SER C 443 44.47 -52.02 -31.44
CA SER C 443 45.86 -52.41 -31.49
C SER C 443 45.99 -53.84 -31.96
N LYS C 444 47.13 -54.16 -32.56
CA LYS C 444 47.41 -55.53 -32.98
C LYS C 444 48.90 -55.77 -33.04
N VAL C 445 49.31 -57.02 -33.03
CA VAL C 445 50.74 -57.23 -33.19
C VAL C 445 51.04 -56.95 -34.65
N GLY C 446 52.03 -56.11 -34.88
CA GLY C 446 52.41 -55.68 -36.21
C GLY C 446 52.01 -54.23 -36.43
N GLY C 447 51.10 -53.74 -35.58
CA GLY C 447 50.63 -52.36 -35.57
C GLY C 447 49.32 -52.04 -36.28
N ASN C 448 48.41 -51.43 -35.52
CA ASN C 448 47.13 -50.95 -35.99
C ASN C 448 47.37 -49.51 -36.39
N TYR C 449 47.28 -49.25 -37.68
CA TYR C 449 47.60 -47.94 -38.23
C TYR C 449 46.36 -47.23 -38.75
N ASN C 450 45.20 -47.54 -38.19
CA ASN C 450 43.97 -46.96 -38.68
C ASN C 450 43.64 -45.59 -38.09
N TYR C 451 44.50 -45.12 -37.19
CA TYR C 451 44.26 -43.84 -36.58
C TYR C 451 45.39 -42.87 -36.81
N LEU C 452 45.03 -41.68 -37.26
CA LEU C 452 45.94 -40.56 -37.50
C LEU C 452 45.79 -39.39 -36.52
N TYR C 453 46.89 -38.68 -36.36
CA TYR C 453 46.91 -37.49 -35.55
C TYR C 453 47.85 -36.47 -36.16
N ARG C 454 47.65 -35.23 -35.82
CA ARG C 454 48.44 -34.13 -36.30
C ARG C 454 49.63 -33.82 -35.43
N LEU C 455 50.78 -33.77 -36.10
CA LEU C 455 52.05 -33.41 -35.51
C LEU C 455 52.42 -31.95 -35.79
N PHE C 456 51.88 -31.41 -36.88
CA PHE C 456 52.08 -29.97 -37.12
C PHE C 456 50.86 -29.20 -37.50
N ARG C 457 50.80 -27.97 -36.97
CA ARG C 457 49.72 -27.00 -37.30
C ARG C 457 50.28 -25.59 -37.06
N LYS C 458 50.12 -24.67 -38.00
CA LYS C 458 50.63 -23.29 -37.94
C LYS C 458 50.29 -22.59 -36.62
N SER C 459 49.13 -22.90 -36.07
CA SER C 459 48.64 -22.32 -34.84
C SER C 459 47.82 -23.37 -34.11
N ASN C 460 47.52 -23.11 -32.85
CA ASN C 460 46.76 -24.07 -32.06
C ASN C 460 45.27 -24.02 -32.41
N LEU C 461 44.59 -25.13 -32.20
CA LEU C 461 43.15 -25.25 -32.44
C LEU C 461 42.31 -24.46 -31.47
N LYS C 462 41.21 -23.95 -31.97
CA LYS C 462 40.21 -23.33 -31.14
C LYS C 462 39.46 -24.50 -30.52
N PRO C 463 38.75 -24.32 -29.41
CA PRO C 463 37.94 -25.36 -28.81
C PRO C 463 36.98 -25.90 -29.84
N PHE C 464 36.91 -27.22 -29.90
CA PHE C 464 36.08 -27.98 -30.82
C PHE C 464 36.36 -27.73 -32.32
N GLU C 465 37.56 -27.25 -32.63
CA GLU C 465 38.00 -27.09 -34.01
C GLU C 465 38.53 -28.45 -34.48
N ARG C 466 38.35 -28.74 -35.76
CA ARG C 466 38.84 -29.95 -36.40
C ARG C 466 39.74 -29.50 -37.54
N ASP C 467 40.84 -30.21 -37.82
CA ASP C 467 41.67 -29.75 -38.94
C ASP C 467 42.15 -30.94 -39.73
N ILE C 468 41.62 -31.05 -40.93
CA ILE C 468 41.87 -32.19 -41.78
C ILE C 468 42.63 -31.84 -43.05
N SER C 469 43.34 -30.71 -43.05
CA SER C 469 44.11 -30.34 -44.22
C SER C 469 45.31 -31.29 -44.41
N THR C 470 45.78 -31.41 -45.66
CA THR C 470 46.87 -32.31 -46.04
C THR C 470 48.08 -31.63 -46.68
N GLU C 471 48.25 -30.35 -46.45
CA GLU C 471 49.38 -29.62 -47.02
C GLU C 471 50.65 -29.97 -46.26
N ILE C 472 51.80 -29.96 -46.93
CA ILE C 472 53.07 -30.24 -46.24
C ILE C 472 53.42 -29.08 -45.35
N TYR C 473 53.68 -29.39 -44.08
CA TYR C 473 54.04 -28.33 -43.12
C TYR C 473 55.51 -27.98 -43.27
N GLN C 474 55.82 -26.69 -43.33
CA GLN C 474 57.18 -26.25 -43.42
C GLN C 474 57.69 -25.92 -42.05
N ALA C 475 58.54 -26.80 -41.54
CA ALA C 475 59.07 -26.68 -40.19
C ALA C 475 60.28 -25.76 -40.16
N GLY C 476 61.03 -25.74 -41.28
CA GLY C 476 62.24 -24.93 -41.38
C GLY C 476 62.09 -23.76 -42.34
N SER C 477 63.23 -23.32 -42.89
CA SER C 477 63.29 -22.18 -43.79
C SER C 477 63.21 -22.57 -45.26
N THR C 478 63.53 -23.83 -45.56
CA THR C 478 63.56 -24.30 -46.93
C THR C 478 62.14 -24.34 -47.45
N PRO C 479 61.79 -23.70 -48.59
CA PRO C 479 60.46 -23.76 -49.15
C PRO C 479 60.14 -25.22 -49.42
N CYS C 480 58.94 -25.70 -49.01
CA CYS C 480 58.54 -27.10 -49.23
C CYS C 480 58.00 -27.27 -50.65
N ASN C 481 57.30 -26.26 -51.13
CA ASN C 481 56.67 -26.30 -52.45
C ASN C 481 55.79 -27.54 -52.65
N GLY C 482 55.07 -27.93 -51.59
CA GLY C 482 54.16 -29.08 -51.65
C GLY C 482 54.77 -30.46 -51.37
N VAL C 483 56.08 -30.57 -51.14
CA VAL C 483 56.66 -31.90 -50.90
C VAL C 483 57.50 -31.99 -49.64
N GLU C 484 57.73 -33.21 -49.19
CA GLU C 484 58.57 -33.47 -48.04
C GLU C 484 60.04 -33.32 -48.40
N GLY C 485 60.87 -33.06 -47.41
CA GLY C 485 62.29 -32.82 -47.63
C GLY C 485 62.92 -32.34 -46.33
N PHE C 486 64.10 -31.73 -46.40
CA PHE C 486 64.65 -31.33 -45.12
C PHE C 486 63.79 -30.26 -44.52
N ASN C 487 63.42 -30.50 -43.27
CA ASN C 487 62.56 -29.63 -42.48
C ASN C 487 61.15 -29.38 -43.12
N CYS C 488 60.60 -30.39 -43.86
CA CYS C 488 59.27 -30.40 -44.51
C CYS C 488 58.63 -31.75 -44.26
N TYR C 489 57.46 -31.72 -43.61
CA TYR C 489 56.81 -32.99 -43.24
C TYR C 489 55.32 -33.00 -43.49
N PHE C 490 54.79 -34.15 -43.87
CA PHE C 490 53.36 -34.25 -43.96
C PHE C 490 52.93 -34.03 -42.51
N PRO C 491 51.93 -33.18 -42.22
CA PRO C 491 51.50 -32.83 -40.89
C PRO C 491 50.87 -33.93 -40.08
N LEU C 492 50.42 -35.02 -40.71
CA LEU C 492 49.78 -36.10 -39.98
C LEU C 492 50.69 -37.30 -39.84
N GLN C 493 50.44 -38.06 -38.80
CA GLN C 493 51.17 -39.26 -38.47
C GLN C 493 50.25 -40.36 -37.98
N SER C 494 50.66 -41.60 -38.17
CA SER C 494 49.84 -42.72 -37.67
C SER C 494 50.25 -43.12 -36.28
N TYR C 495 49.30 -43.66 -35.55
CA TYR C 495 49.66 -44.21 -34.25
C TYR C 495 49.93 -45.68 -34.40
N GLY C 496 51.14 -46.11 -34.14
CA GLY C 496 51.46 -47.52 -34.27
C GLY C 496 51.01 -48.22 -33.00
N PHE C 497 49.73 -48.59 -32.96
CA PHE C 497 49.20 -49.21 -31.77
C PHE C 497 49.40 -50.72 -31.74
N GLN C 498 50.07 -51.20 -30.70
CA GLN C 498 50.35 -52.62 -30.52
C GLN C 498 49.98 -53.01 -29.08
N PRO C 499 49.54 -54.24 -28.82
CA PRO C 499 49.18 -54.75 -27.52
C PRO C 499 50.36 -54.87 -26.59
N THR C 500 51.55 -54.81 -27.20
CA THR C 500 52.84 -54.93 -26.59
C THR C 500 53.38 -53.59 -26.12
N ASN C 501 52.66 -52.51 -26.39
CA ASN C 501 53.08 -51.19 -25.97
C ASN C 501 52.87 -51.05 -24.47
N GLY C 502 53.64 -50.18 -23.83
CA GLY C 502 53.40 -49.97 -22.41
C GLY C 502 52.08 -49.24 -22.34
N VAL C 503 51.51 -49.12 -21.15
CA VAL C 503 50.15 -48.58 -21.04
C VAL C 503 49.98 -47.19 -21.60
N GLY C 504 50.95 -46.32 -21.40
CA GLY C 504 50.84 -44.95 -21.89
C GLY C 504 50.75 -44.86 -23.42
N TYR C 505 51.16 -45.94 -24.12
CA TYR C 505 51.09 -45.95 -25.57
C TYR C 505 50.07 -46.93 -26.11
N GLN C 506 49.26 -47.50 -25.23
CA GLN C 506 48.21 -48.37 -25.67
C GLN C 506 47.16 -47.40 -26.13
N PRO C 507 46.30 -47.75 -27.07
CA PRO C 507 45.22 -46.91 -27.50
C PRO C 507 44.19 -46.78 -26.43
N TYR C 508 43.62 -45.60 -26.39
CA TYR C 508 42.48 -45.26 -25.58
C TYR C 508 41.40 -44.62 -26.39
N ARG C 509 40.20 -45.04 -26.11
CA ARG C 509 39.05 -44.49 -26.75
C ARG C 509 38.55 -43.39 -25.89
N VAL C 510 38.36 -42.27 -26.53
CA VAL C 510 37.91 -41.12 -25.80
C VAL C 510 36.64 -40.57 -26.39
N VAL C 511 35.68 -40.37 -25.53
CA VAL C 511 34.44 -39.74 -25.93
C VAL C 511 34.23 -38.55 -25.05
N VAL C 512 33.99 -37.43 -25.67
CA VAL C 512 33.80 -36.22 -24.92
C VAL C 512 32.38 -35.75 -25.08
N LEU C 513 31.75 -35.48 -23.96
CA LEU C 513 30.39 -35.01 -24.01
C LEU C 513 30.33 -33.50 -23.83
N SER C 514 29.93 -32.85 -24.91
CA SER C 514 29.79 -31.40 -24.98
C SER C 514 28.31 -31.12 -24.84
N PHE C 515 27.95 -30.37 -23.84
CA PHE C 515 26.54 -30.16 -23.57
C PHE C 515 26.13 -28.73 -23.92
N GLU C 516 25.25 -28.55 -24.91
CA GLU C 516 24.93 -27.20 -25.35
C GLU C 516 23.54 -26.70 -24.97
N LEU C 517 23.54 -25.45 -24.47
CA LEU C 517 22.34 -24.72 -24.12
C LEU C 517 22.10 -23.65 -25.16
N LEU C 518 21.17 -23.95 -26.02
CA LEU C 518 20.81 -23.12 -27.15
C LEU C 518 19.42 -22.58 -26.92
N HIS C 519 18.95 -21.76 -27.85
CA HIS C 519 17.60 -21.19 -27.84
C HIS C 519 16.54 -22.24 -28.18
N ALA C 520 17.02 -23.34 -28.72
CA ALA C 520 16.29 -24.51 -29.17
C ALA C 520 15.68 -25.14 -27.92
N PRO C 521 14.62 -25.97 -27.97
CA PRO C 521 14.03 -26.53 -26.79
C PRO C 521 15.01 -27.50 -26.20
N ALA C 522 15.00 -27.68 -24.90
CA ALA C 522 15.85 -28.72 -24.39
C ALA C 522 15.28 -30.03 -24.90
N THR C 523 16.14 -30.95 -25.30
CA THR C 523 15.61 -32.23 -25.75
C THR C 523 16.34 -33.39 -25.06
N VAL C 524 17.48 -33.10 -24.42
CA VAL C 524 18.30 -34.12 -23.78
C VAL C 524 18.26 -33.91 -22.23
N CYS C 525 17.42 -34.69 -21.51
CA CYS C 525 17.15 -34.55 -20.05
C CYS C 525 17.17 -35.90 -19.37
N GLY C 526 17.72 -36.03 -18.17
CA GLY C 526 17.76 -37.33 -17.53
C GLY C 526 16.37 -37.79 -17.11
N PRO C 527 16.27 -38.97 -16.48
CA PRO C 527 15.03 -39.59 -16.08
C PRO C 527 14.35 -38.81 -15.00
N LYS C 528 13.03 -38.90 -14.95
CA LYS C 528 12.26 -38.20 -13.96
C LYS C 528 12.15 -38.97 -12.65
N LYS C 529 12.37 -38.27 -11.54
CA LYS C 529 12.29 -38.93 -10.23
C LYS C 529 10.88 -39.02 -9.70
N SER C 530 10.10 -39.87 -10.33
CA SER C 530 8.71 -40.06 -9.97
C SER C 530 8.56 -41.06 -8.82
N THR C 531 7.40 -41.05 -8.18
CA THR C 531 7.08 -42.02 -7.14
C THR C 531 5.61 -42.44 -7.22
N ASN C 532 5.14 -43.11 -6.20
CA ASN C 532 3.77 -43.63 -6.15
C ASN C 532 2.75 -42.53 -5.91
N LEU C 533 1.57 -42.68 -6.49
CA LEU C 533 0.51 -41.72 -6.28
C LEU C 533 -0.40 -42.10 -5.13
N VAL C 534 -0.48 -41.18 -4.19
CA VAL C 534 -1.29 -41.29 -3.01
C VAL C 534 -2.61 -40.59 -3.27
N LYS C 535 -3.70 -41.29 -3.03
CA LYS C 535 -5.02 -40.71 -3.24
C LYS C 535 -5.77 -40.61 -1.92
N ASN C 536 -6.70 -39.64 -1.88
CA ASN C 536 -7.65 -39.35 -0.81
C ASN C 536 -7.01 -38.93 0.52
N LYS C 537 -5.83 -38.37 0.45
CA LYS C 537 -5.11 -37.85 1.60
C LYS C 537 -4.56 -36.48 1.25
N CYS C 538 -4.35 -35.60 2.25
CA CYS C 538 -3.71 -34.30 2.06
C CYS C 538 -2.21 -34.55 1.88
N VAL C 539 -1.74 -34.16 0.71
CA VAL C 539 -0.37 -34.38 0.37
C VAL C 539 0.33 -33.16 -0.16
N ASN C 540 1.64 -33.22 -0.09
CA ASN C 540 2.50 -32.25 -0.69
C ASN C 540 2.83 -32.79 -2.07
N PHE C 541 2.30 -32.17 -3.11
CA PHE C 541 2.51 -32.72 -4.43
C PHE C 541 3.41 -31.95 -5.36
N ASN C 542 3.99 -32.72 -6.28
CA ASN C 542 4.79 -32.24 -7.39
C ASN C 542 4.51 -33.10 -8.63
N PHE C 543 3.70 -32.60 -9.54
CA PHE C 543 3.29 -33.31 -10.75
C PHE C 543 4.04 -32.75 -11.96
N ASN C 544 3.40 -32.84 -13.13
CA ASN C 544 3.93 -32.37 -14.40
C ASN C 544 3.80 -30.87 -14.61
N GLY C 545 4.56 -30.13 -13.79
CA GLY C 545 4.61 -28.67 -13.77
C GLY C 545 3.82 -28.04 -12.61
N LEU C 546 3.01 -28.84 -11.95
CA LEU C 546 2.19 -28.40 -10.83
C LEU C 546 2.67 -28.78 -9.45
N THR C 547 2.82 -27.80 -8.58
CA THR C 547 3.21 -28.10 -7.21
C THR C 547 2.22 -27.45 -6.26
N GLY C 548 2.13 -27.99 -5.04
CA GLY C 548 1.26 -27.40 -4.03
C GLY C 548 0.77 -28.42 -2.99
N THR C 549 -0.21 -28.01 -2.20
CA THR C 549 -0.76 -28.87 -1.15
C THR C 549 -2.25 -29.05 -1.34
N GLY C 550 -2.72 -30.28 -1.21
CA GLY C 550 -4.14 -30.57 -1.37
C GLY C 550 -4.46 -32.04 -1.30
N VAL C 551 -5.73 -32.37 -1.39
CA VAL C 551 -6.18 -33.74 -1.31
C VAL C 551 -6.52 -34.20 -2.71
N LEU C 552 -5.85 -35.23 -3.16
CA LEU C 552 -6.04 -35.68 -4.53
C LEU C 552 -7.14 -36.72 -4.65
N THR C 553 -8.17 -36.42 -5.45
CA THR C 553 -9.28 -37.36 -5.57
C THR C 553 -9.59 -37.69 -7.02
N GLU C 554 -10.19 -38.85 -7.24
CA GLU C 554 -10.57 -39.30 -8.57
C GLU C 554 -11.65 -38.39 -9.15
N SER C 555 -11.54 -37.98 -10.43
CA SER C 555 -12.59 -37.15 -10.99
C SER C 555 -12.88 -37.37 -12.46
N ASN C 556 -13.94 -36.71 -12.93
CA ASN C 556 -14.41 -36.82 -14.30
C ASN C 556 -14.30 -35.54 -15.12
N LYS C 557 -13.36 -34.66 -14.78
CA LYS C 557 -13.23 -33.45 -15.58
C LYS C 557 -12.82 -33.88 -16.98
N LYS C 558 -13.52 -33.41 -17.98
CA LYS C 558 -13.25 -33.84 -19.35
C LYS C 558 -12.10 -33.11 -20.00
N PHE C 559 -10.91 -33.30 -19.45
CA PHE C 559 -9.71 -32.62 -20.01
C PHE C 559 -9.57 -33.03 -21.46
N LEU C 560 -9.41 -32.07 -22.37
CA LEU C 560 -9.23 -32.33 -23.77
C LEU C 560 -7.84 -32.94 -23.91
N PRO C 561 -7.52 -33.66 -25.01
CA PRO C 561 -6.25 -34.33 -25.23
C PRO C 561 -5.00 -33.47 -25.09
N PHE C 562 -5.13 -32.16 -25.21
CA PHE C 562 -3.97 -31.29 -25.10
C PHE C 562 -3.97 -30.56 -23.76
N GLN C 563 -5.02 -30.75 -22.96
CA GLN C 563 -5.15 -30.09 -21.68
C GLN C 563 -4.60 -30.98 -20.58
N GLN C 564 -3.73 -30.38 -19.77
CA GLN C 564 -3.08 -31.07 -18.68
C GLN C 564 -3.60 -30.64 -17.33
N PHE C 565 -4.15 -29.44 -17.26
CA PHE C 565 -4.62 -28.90 -15.99
C PHE C 565 -5.96 -28.28 -16.16
N GLY C 566 -6.74 -28.18 -15.10
CA GLY C 566 -8.00 -27.47 -15.15
C GLY C 566 -8.03 -26.36 -14.13
N ARG C 567 -9.07 -25.53 -14.19
CA ARG C 567 -9.22 -24.40 -13.26
C ARG C 567 -10.62 -24.24 -12.70
N ASP C 568 -10.67 -23.72 -11.47
CA ASP C 568 -11.93 -23.40 -10.81
C ASP C 568 -12.38 -21.98 -11.19
N ILE C 569 -13.42 -21.50 -10.50
CA ILE C 569 -14.02 -20.20 -10.76
C ILE C 569 -13.12 -19.00 -10.42
N ALA C 570 -12.03 -19.23 -9.68
CA ALA C 570 -11.09 -18.21 -9.29
C ALA C 570 -9.85 -18.27 -10.17
N ASP C 571 -9.95 -19.10 -11.22
CA ASP C 571 -8.89 -19.40 -12.17
C ASP C 571 -7.68 -19.99 -11.43
N THR C 572 -7.95 -20.83 -10.43
CA THR C 572 -6.93 -21.52 -9.67
C THR C 572 -6.94 -23.00 -10.03
N THR C 573 -5.76 -23.60 -10.17
CA THR C 573 -5.71 -25.00 -10.56
C THR C 573 -6.54 -25.81 -9.61
N ASP C 574 -7.45 -26.62 -10.16
CA ASP C 574 -8.26 -27.46 -9.30
C ASP C 574 -8.28 -28.89 -9.76
N ALA C 575 -7.47 -29.19 -10.76
CA ALA C 575 -7.37 -30.52 -11.31
C ALA C 575 -6.10 -30.65 -12.13
N VAL C 576 -5.58 -31.87 -12.14
CA VAL C 576 -4.42 -32.30 -12.91
C VAL C 576 -4.57 -33.63 -13.65
N ARG C 577 -4.07 -33.66 -14.89
CA ARG C 577 -4.03 -34.93 -15.66
C ARG C 577 -2.71 -35.63 -15.29
N ASP C 578 -2.79 -36.80 -14.66
CA ASP C 578 -1.60 -37.53 -14.26
C ASP C 578 -0.79 -37.80 -15.52
N PRO C 579 0.49 -37.48 -15.56
CA PRO C 579 1.36 -37.64 -16.69
C PRO C 579 1.76 -39.08 -17.09
N GLN C 580 1.59 -40.10 -16.23
CA GLN C 580 2.03 -41.42 -16.67
C GLN C 580 0.87 -42.20 -17.21
N THR C 581 -0.25 -42.10 -16.50
CA THR C 581 -1.48 -42.76 -16.89
C THR C 581 -2.40 -41.59 -16.92
N LEU C 582 -3.16 -41.39 -17.96
CA LEU C 582 -3.85 -40.12 -18.01
C LEU C 582 -5.19 -40.06 -17.29
N GLU C 583 -5.10 -40.15 -15.97
CA GLU C 583 -6.20 -40.12 -15.04
C GLU C 583 -6.39 -38.70 -14.61
N ILE C 584 -7.59 -38.31 -14.20
CA ILE C 584 -7.73 -36.94 -13.75
C ILE C 584 -8.00 -36.88 -12.26
N LEU C 585 -7.23 -36.05 -11.60
CA LEU C 585 -7.37 -35.83 -10.18
C LEU C 585 -7.82 -34.44 -9.86
N ASP C 586 -8.87 -34.33 -9.05
CA ASP C 586 -9.28 -33.01 -8.59
C ASP C 586 -8.41 -32.69 -7.41
N ILE C 587 -8.19 -31.43 -7.14
CA ILE C 587 -7.42 -31.09 -5.97
C ILE C 587 -8.30 -30.38 -4.97
N THR C 588 -8.61 -31.06 -3.88
CA THR C 588 -9.47 -30.50 -2.88
C THR C 588 -8.60 -29.78 -1.85
N PRO C 589 -8.86 -28.52 -1.50
CA PRO C 589 -8.11 -27.80 -0.47
C PRO C 589 -8.21 -28.54 0.85
N CYS C 590 -7.13 -28.50 1.67
CA CYS C 590 -7.04 -29.13 3.00
C CYS C 590 -7.79 -28.22 4.02
N SER C 591 -8.40 -28.86 5.02
CA SER C 591 -9.23 -28.21 6.02
C SER C 591 -8.60 -27.17 6.92
N PHE C 592 -9.43 -26.18 7.26
CA PHE C 592 -9.09 -25.10 8.18
C PHE C 592 -10.41 -24.58 8.74
N GLY C 593 -10.33 -23.78 9.77
CA GLY C 593 -11.52 -23.16 10.39
C GLY C 593 -11.15 -22.71 11.79
N GLY C 594 -11.88 -21.79 12.39
CA GLY C 594 -11.44 -21.36 13.70
C GLY C 594 -11.77 -22.37 14.77
N VAL C 595 -11.12 -22.22 15.89
CA VAL C 595 -11.42 -23.06 17.02
C VAL C 595 -11.96 -22.20 18.14
N SER C 596 -13.21 -22.50 18.48
CA SER C 596 -13.99 -21.78 19.47
C SER C 596 -14.10 -22.49 20.80
N VAL C 597 -13.80 -21.77 21.86
CA VAL C 597 -13.89 -22.29 23.20
C VAL C 597 -15.14 -21.79 23.88
N ILE C 598 -15.98 -22.73 24.27
CA ILE C 598 -17.24 -22.48 24.94
C ILE C 598 -16.99 -22.61 26.41
N THR C 599 -17.32 -21.56 27.15
CA THR C 599 -17.05 -21.67 28.56
C THR C 599 -18.09 -20.95 29.42
N PRO C 600 -18.41 -21.47 30.61
CA PRO C 600 -19.18 -20.84 31.65
C PRO C 600 -18.22 -19.83 32.21
N GLY C 601 -18.67 -18.88 32.98
CA GLY C 601 -17.65 -18.03 33.55
C GLY C 601 -16.84 -18.85 34.54
N THR C 602 -15.57 -18.50 34.69
CA THR C 602 -14.59 -19.15 35.58
C THR C 602 -14.85 -18.84 37.03
N ASN C 603 -15.79 -17.95 37.25
CA ASN C 603 -16.24 -17.59 38.58
C ASN C 603 -17.20 -18.68 39.08
N THR C 604 -17.60 -19.59 38.17
CA THR C 604 -18.49 -20.71 38.46
C THR C 604 -17.80 -22.04 38.16
N SER C 605 -17.25 -22.15 36.95
CA SER C 605 -16.66 -23.41 36.49
C SER C 605 -15.59 -23.21 35.44
N ASN C 606 -14.63 -24.13 35.41
CA ASN C 606 -13.55 -24.09 34.44
C ASN C 606 -13.71 -25.18 33.38
N GLN C 607 -14.90 -25.75 33.29
CA GLN C 607 -15.17 -26.77 32.29
C GLN C 607 -15.32 -26.10 30.95
N VAL C 608 -14.68 -26.63 29.90
CA VAL C 608 -14.89 -26.01 28.59
C VAL C 608 -15.24 -27.05 27.53
N ALA C 609 -15.81 -26.59 26.44
CA ALA C 609 -16.11 -27.43 25.28
C ALA C 609 -15.58 -26.73 24.05
N VAL C 610 -15.15 -27.49 23.05
CA VAL C 610 -14.59 -26.85 21.87
C VAL C 610 -15.23 -27.19 20.54
N LEU C 611 -15.53 -26.13 19.79
CA LEU C 611 -16.07 -26.26 18.46
C LEU C 611 -15.00 -26.06 17.40
N TYR C 612 -14.87 -27.04 16.54
CA TYR C 612 -13.95 -26.98 15.45
C TYR C 612 -14.79 -26.57 14.27
N GLN C 613 -14.66 -25.30 13.93
CA GLN C 613 -15.58 -24.71 13.00
C GLN C 613 -15.49 -25.29 11.65
N ASP C 614 -16.64 -25.50 11.08
CA ASP C 614 -16.80 -25.92 9.72
C ASP C 614 -16.18 -27.27 9.37
N VAL C 615 -15.80 -28.10 10.34
CA VAL C 615 -15.23 -29.38 9.96
C VAL C 615 -15.93 -30.57 10.56
N ASN C 616 -15.72 -31.70 9.90
CA ASN C 616 -16.21 -33.00 10.30
C ASN C 616 -15.32 -33.54 11.44
N CYS C 617 -15.95 -34.18 12.46
CA CYS C 617 -15.33 -34.79 13.64
C CYS C 617 -14.34 -35.89 13.25
N THR C 618 -14.52 -36.42 12.06
CA THR C 618 -13.69 -37.48 11.52
C THR C 618 -12.23 -37.04 11.52
N GLU C 619 -11.98 -35.78 11.19
CA GLU C 619 -10.61 -35.28 11.12
C GLU C 619 -10.00 -34.77 12.44
N VAL C 620 -10.79 -34.65 13.53
CA VAL C 620 -10.39 -34.05 14.81
C VAL C 620 -9.86 -35.18 15.69
N ASN C 641 -19.39 -37.63 23.89
CA ASN C 641 -19.23 -36.15 24.05
C ASN C 641 -18.93 -35.52 22.69
N VAL C 642 -18.74 -36.35 21.66
CA VAL C 642 -18.48 -35.81 20.31
C VAL C 642 -19.79 -35.69 19.53
N PHE C 643 -20.11 -34.46 19.15
CA PHE C 643 -21.32 -34.19 18.41
C PHE C 643 -21.07 -33.40 17.14
N GLN C 644 -21.60 -33.89 16.02
CA GLN C 644 -21.40 -33.19 14.77
C GLN C 644 -22.56 -32.27 14.46
N THR C 645 -22.27 -30.99 14.19
CA THR C 645 -23.32 -30.09 13.80
C THR C 645 -22.98 -29.30 12.55
N ARG C 646 -23.93 -28.51 12.08
CA ARG C 646 -23.80 -27.67 10.90
C ARG C 646 -22.64 -26.68 11.00
N ALA C 647 -22.41 -26.18 12.20
CA ALA C 647 -21.37 -25.19 12.45
C ALA C 647 -19.98 -25.80 12.63
N GLY C 648 -19.86 -27.13 12.65
CA GLY C 648 -18.56 -27.75 12.91
C GLY C 648 -18.69 -28.90 13.90
N CYS C 649 -17.54 -29.41 14.41
CA CYS C 649 -17.50 -30.54 15.36
C CYS C 649 -17.41 -30.02 16.79
N LEU C 650 -18.34 -30.41 17.62
CA LEU C 650 -18.32 -29.97 19.00
C LEU C 650 -17.95 -31.07 19.96
N ILE C 651 -16.85 -30.87 20.67
CA ILE C 651 -16.39 -31.89 21.60
C ILE C 651 -16.31 -31.39 23.04
N GLY C 652 -16.89 -32.16 23.94
CA GLY C 652 -16.88 -31.89 25.37
C GLY C 652 -18.26 -31.51 25.88
N ALA C 653 -19.14 -31.15 24.95
CA ALA C 653 -20.50 -30.84 25.30
C ALA C 653 -21.30 -32.13 25.31
N GLU C 654 -22.28 -32.20 26.18
CA GLU C 654 -23.16 -33.34 26.26
C GLU C 654 -24.45 -33.06 25.54
N HIS C 655 -24.60 -33.61 24.36
CA HIS C 655 -25.80 -33.34 23.60
C HIS C 655 -27.00 -34.00 24.24
N VAL C 656 -28.11 -33.26 24.27
CA VAL C 656 -29.36 -33.76 24.81
C VAL C 656 -30.42 -33.61 23.74
N ASN C 657 -31.52 -34.34 23.89
CA ASN C 657 -32.59 -34.25 22.91
C ASN C 657 -33.64 -33.24 23.32
N ASN C 658 -33.36 -32.51 24.37
CA ASN C 658 -34.25 -31.51 24.90
C ASN C 658 -34.04 -30.17 24.17
N SER C 659 -34.83 -29.19 24.58
CA SER C 659 -34.83 -27.85 24.00
C SER C 659 -35.02 -26.80 25.06
N TYR C 660 -34.23 -25.76 24.95
CA TYR C 660 -34.24 -24.68 25.94
C TYR C 660 -33.97 -23.38 25.24
N GLU C 661 -34.00 -22.30 25.98
CA GLU C 661 -33.69 -21.01 25.40
C GLU C 661 -32.19 -20.97 25.15
N CYS C 662 -31.73 -20.12 24.25
CA CYS C 662 -30.31 -20.05 24.01
C CYS C 662 -29.59 -19.49 25.23
N ASP C 663 -28.37 -19.95 25.45
CA ASP C 663 -27.50 -19.51 26.53
C ASP C 663 -26.21 -19.03 25.88
N ILE C 664 -25.38 -19.98 25.45
CA ILE C 664 -24.18 -19.69 24.72
C ILE C 664 -24.37 -20.31 23.33
N PRO C 665 -24.82 -19.58 22.33
CA PRO C 665 -25.22 -20.12 21.05
C PRO C 665 -24.05 -20.66 20.28
N ILE C 666 -24.29 -21.69 19.48
CA ILE C 666 -23.28 -22.27 18.62
C ILE C 666 -23.50 -21.76 17.19
N GLY C 667 -24.74 -21.89 16.74
CA GLY C 667 -25.13 -21.48 15.39
C GLY C 667 -25.99 -22.54 14.74
N ALA C 668 -26.70 -22.19 13.68
CA ALA C 668 -27.55 -23.10 12.93
C ALA C 668 -28.62 -23.78 13.79
N GLY C 669 -29.20 -23.04 14.72
CA GLY C 669 -30.26 -23.55 15.57
C GLY C 669 -29.83 -24.30 16.81
N ILE C 670 -28.53 -24.52 17.00
CA ILE C 670 -28.12 -25.26 18.18
C ILE C 670 -27.37 -24.35 19.12
N CYS C 671 -27.64 -24.51 20.40
CA CYS C 671 -27.00 -23.74 21.44
C CYS C 671 -26.30 -24.60 22.49
N ALA C 672 -25.33 -24.01 23.16
CA ALA C 672 -24.68 -24.66 24.27
C ALA C 672 -25.13 -23.97 25.55
N SER C 673 -25.14 -24.71 26.63
CA SER C 673 -25.48 -24.11 27.92
C SER C 673 -24.80 -24.83 29.05
N TYR C 674 -24.70 -24.16 30.18
CA TYR C 674 -24.10 -24.84 31.32
C TYR C 674 -25.16 -25.09 32.37
N GLN C 675 -25.46 -26.37 32.58
CA GLN C 675 -26.55 -26.77 33.47
C GLN C 675 -26.16 -27.91 34.43
N THR C 676 -26.82 -27.98 35.62
CA THR C 676 -26.64 -29.04 36.63
C THR C 676 -27.27 -30.35 36.10
N SER C 689 -21.92 -32.63 39.05
CA SER C 689 -23.31 -32.66 38.59
C SER C 689 -23.63 -31.64 37.46
N GLN C 690 -22.65 -30.80 37.05
CA GLN C 690 -22.80 -29.76 36.00
C GLN C 690 -21.97 -30.04 34.77
N SER C 691 -22.55 -29.69 33.64
CA SER C 691 -21.89 -29.85 32.38
C SER C 691 -22.35 -28.89 31.32
N ILE C 692 -21.50 -28.75 30.31
CA ILE C 692 -21.86 -28.02 29.13
C ILE C 692 -22.67 -28.98 28.30
N ILE C 693 -23.83 -28.57 27.86
CA ILE C 693 -24.68 -29.43 27.07
C ILE C 693 -24.94 -28.78 25.75
N ALA C 694 -25.33 -29.60 24.79
CA ALA C 694 -25.72 -29.11 23.46
C ALA C 694 -27.20 -29.40 23.27
N TYR C 695 -27.97 -28.40 22.84
CA TYR C 695 -29.44 -28.62 22.77
C TYR C 695 -30.07 -27.78 21.67
N THR C 696 -31.31 -28.10 21.33
CA THR C 696 -32.05 -27.34 20.33
C THR C 696 -32.57 -26.06 20.94
N MET C 697 -32.38 -24.93 20.26
CA MET C 697 -32.90 -23.71 20.86
C MET C 697 -34.41 -23.62 20.64
N SER C 698 -35.13 -23.20 21.67
CA SER C 698 -36.57 -23.00 21.59
C SER C 698 -36.88 -21.59 21.11
N LEU C 699 -38.12 -21.37 20.64
CA LEU C 699 -38.56 -20.03 20.27
C LEU C 699 -39.57 -19.48 21.26
N GLY C 700 -39.73 -20.18 22.37
CA GLY C 700 -40.70 -19.80 23.40
C GLY C 700 -41.89 -20.76 23.42
N ALA C 701 -42.85 -20.45 24.29
CA ALA C 701 -44.06 -21.24 24.54
C ALA C 701 -45.05 -21.07 23.40
N GLU C 702 -45.97 -22.03 23.26
CA GLU C 702 -47.02 -21.96 22.25
C GLU C 702 -48.32 -21.40 22.82
N ASN C 703 -49.15 -20.82 21.95
CA ASN C 703 -50.44 -20.28 22.36
C ASN C 703 -51.64 -20.59 21.46
N SER C 704 -52.60 -21.31 22.02
CA SER C 704 -53.81 -21.65 21.28
C SER C 704 -54.93 -20.68 21.64
N VAL C 705 -55.42 -19.96 20.63
CA VAL C 705 -56.47 -18.95 20.76
C VAL C 705 -57.82 -19.63 20.55
N ALA C 706 -58.77 -19.41 21.46
CA ALA C 706 -60.08 -20.07 21.38
C ALA C 706 -61.04 -19.38 20.42
N TYR C 707 -60.64 -19.39 19.16
CA TYR C 707 -61.36 -18.76 18.07
C TYR C 707 -62.56 -19.56 17.64
N SER C 708 -63.63 -18.85 17.35
CA SER C 708 -64.81 -19.42 16.72
C SER C 708 -65.48 -18.21 16.14
N ASN C 709 -66.49 -18.40 15.35
CA ASN C 709 -67.14 -17.26 14.72
C ASN C 709 -68.07 -16.46 15.64
N ASN C 710 -68.19 -16.87 16.90
CA ASN C 710 -68.97 -16.12 17.86
C ASN C 710 -68.29 -16.08 19.22
N SER C 711 -66.97 -16.32 19.26
CA SER C 711 -66.24 -16.36 20.53
C SER C 711 -65.41 -15.10 20.76
N ILE C 712 -65.69 -14.37 21.84
CA ILE C 712 -64.92 -13.16 22.08
C ILE C 712 -64.38 -13.11 23.50
N ALA C 713 -63.19 -12.57 23.66
CA ALA C 713 -62.71 -12.35 25.01
C ALA C 713 -62.61 -10.85 25.27
N ILE C 714 -63.00 -10.45 26.48
CA ILE C 714 -62.95 -9.05 26.87
C ILE C 714 -62.25 -8.97 28.22
N PRO C 715 -61.25 -8.11 28.42
CA PRO C 715 -60.56 -7.99 29.67
C PRO C 715 -61.51 -7.45 30.69
N THR C 716 -61.41 -7.95 31.91
CA THR C 716 -62.22 -7.56 33.04
C THR C 716 -61.41 -6.79 34.07
N ASN C 717 -60.08 -6.90 33.99
CA ASN C 717 -59.24 -6.16 34.94
C ASN C 717 -57.96 -5.80 34.23
N PHE C 718 -57.09 -5.07 34.93
CA PHE C 718 -55.84 -4.60 34.38
C PHE C 718 -54.83 -4.26 35.43
N THR C 719 -53.59 -4.12 34.97
CA THR C 719 -52.55 -3.60 35.80
C THR C 719 -51.80 -2.51 35.08
N ILE C 720 -51.20 -1.63 35.86
CA ILE C 720 -50.32 -0.64 35.30
C ILE C 720 -48.91 -1.04 35.64
N SER C 721 -48.07 -1.11 34.63
CA SER C 721 -46.68 -1.49 34.80
C SER C 721 -45.82 -0.39 34.27
N VAL C 722 -44.57 -0.32 34.73
CA VAL C 722 -43.70 0.70 34.22
C VAL C 722 -42.43 0.00 33.76
N THR C 723 -41.99 0.28 32.55
CA THR C 723 -40.77 -0.36 32.08
C THR C 723 -39.66 0.61 31.79
N THR C 724 -38.48 0.09 31.49
CA THR C 724 -37.31 0.96 31.29
C THR C 724 -36.62 0.81 29.95
N GLU C 725 -36.39 1.96 29.28
CA GLU C 725 -35.69 1.98 27.97
C GLU C 725 -34.38 2.78 28.12
N ILE C 726 -33.24 2.19 27.75
CA ILE C 726 -31.92 2.81 27.86
C ILE C 726 -31.32 3.19 26.51
N LEU C 727 -31.10 4.49 26.28
CA LEU C 727 -30.57 4.95 25.01
C LEU C 727 -29.35 5.85 25.15
N PRO C 728 -28.16 5.45 24.66
CA PRO C 728 -26.95 6.26 24.65
C PRO C 728 -27.20 7.51 23.85
N VAL C 729 -26.61 8.61 24.24
CA VAL C 729 -26.73 9.86 23.52
C VAL C 729 -25.41 10.39 22.98
N SER C 730 -24.35 10.29 23.78
CA SER C 730 -23.09 10.90 23.36
C SER C 730 -21.84 10.14 23.80
N MET C 731 -20.76 10.42 23.08
CA MET C 731 -19.44 9.86 23.30
C MET C 731 -18.48 10.86 23.90
N THR C 732 -17.37 10.34 24.37
CA THR C 732 -16.27 11.14 24.88
C THR C 732 -15.72 12.06 23.78
N LYS C 733 -15.53 13.33 24.11
CA LYS C 733 -15.02 14.32 23.15
C LYS C 733 -13.51 14.24 23.00
N THR C 734 -13.12 13.18 22.33
CA THR C 734 -11.75 12.80 22.08
C THR C 734 -11.15 13.52 20.89
N SER C 735 -9.92 14.01 21.07
CA SER C 735 -9.18 14.67 20.01
C SER C 735 -7.70 14.33 20.14
N VAL C 736 -7.04 14.05 19.02
CA VAL C 736 -5.63 13.71 19.05
C VAL C 736 -4.81 14.56 18.12
N ASP C 737 -3.74 15.16 18.64
CA ASP C 737 -2.83 15.91 17.80
C ASP C 737 -1.90 14.93 17.08
N CYS C 738 -2.11 14.77 15.74
CA CYS C 738 -1.42 13.82 14.89
C CYS C 738 0.07 14.12 14.76
N THR C 739 0.46 15.38 14.93
CA THR C 739 1.86 15.70 14.73
C THR C 739 2.66 15.17 15.86
N MET C 740 2.19 15.39 17.09
CA MET C 740 2.99 14.87 18.19
C MET C 740 2.79 13.37 18.37
N TYR C 741 1.65 12.83 17.91
CA TYR C 741 1.44 11.40 17.97
C TYR C 741 2.52 10.70 17.16
N ILE C 742 2.73 11.18 15.94
CA ILE C 742 3.70 10.56 15.07
C ILE C 742 5.16 10.97 15.37
N CYS C 743 5.42 12.30 15.51
CA CYS C 743 6.72 12.95 15.66
C CYS C 743 6.81 13.77 16.96
N GLY C 744 6.43 13.17 18.08
CA GLY C 744 6.51 13.93 19.30
C GLY C 744 7.97 14.25 19.58
N ASP C 745 8.22 15.49 19.96
CA ASP C 745 9.54 16.01 20.29
C ASP C 745 10.61 15.75 19.23
N SER C 746 10.25 15.79 17.94
CA SER C 746 11.27 15.60 16.93
C SER C 746 11.03 16.43 15.69
N THR C 747 11.96 17.33 15.39
CA THR C 747 11.81 18.17 14.22
C THR C 747 12.40 17.47 13.02
N GLU C 748 13.32 16.57 13.25
CA GLU C 748 13.85 15.80 12.13
C GLU C 748 12.73 14.95 11.50
N CYS C 749 11.82 14.40 12.36
CA CYS C 749 10.66 13.63 12.00
C CYS C 749 9.54 14.55 11.50
N SER C 750 9.21 15.62 12.23
CA SER C 750 8.07 16.41 11.80
C SER C 750 8.30 17.08 10.46
N ASN C 751 9.56 17.30 10.07
CA ASN C 751 9.86 17.88 8.77
C ASN C 751 9.58 16.90 7.64
N LEU C 752 9.36 15.64 7.99
CA LEU C 752 9.06 14.61 7.03
C LEU C 752 7.56 14.42 6.94
N LEU C 753 6.79 15.18 7.72
CA LEU C 753 5.34 15.06 7.62
C LEU C 753 4.86 16.01 6.55
N LEU C 754 5.73 16.93 6.19
CA LEU C 754 5.40 17.99 5.25
C LEU C 754 5.12 17.41 3.88
N GLN C 755 5.85 16.37 3.54
CA GLN C 755 5.77 15.70 2.27
C GLN C 755 4.46 14.94 2.12
N TYR C 756 3.71 14.74 3.20
CA TYR C 756 2.48 13.97 3.10
C TYR C 756 1.25 14.88 3.09
N GLY C 757 1.48 16.19 3.01
CA GLY C 757 0.39 17.13 2.88
C GLY C 757 -0.61 17.15 4.03
N SER C 758 -1.88 16.99 3.66
CA SER C 758 -3.01 17.00 4.57
C SER C 758 -3.34 15.68 5.23
N PHE C 759 -2.57 14.62 4.95
CA PHE C 759 -2.90 13.32 5.54
C PHE C 759 -2.94 13.24 7.08
N CYS C 760 -2.26 14.20 7.78
CA CYS C 760 -2.17 14.32 9.23
C CYS C 760 -3.32 15.27 9.69
N THR C 761 -3.30 16.50 9.18
CA THR C 761 -4.19 17.53 9.68
C THR C 761 -5.67 17.35 9.36
N GLN C 762 -6.01 16.59 8.33
CA GLN C 762 -7.43 16.40 8.08
C GLN C 762 -8.03 15.47 9.13
N LEU C 763 -7.18 14.73 9.85
CA LEU C 763 -7.64 13.80 10.86
C LEU C 763 -7.94 14.61 12.09
N ASN C 764 -7.10 15.63 12.30
CA ASN C 764 -7.34 16.48 13.44
C ASN C 764 -8.71 17.14 13.26
N ARG C 765 -9.03 17.50 12.00
CA ARG C 765 -10.32 18.11 11.70
C ARG C 765 -11.47 17.13 11.86
N ALA C 766 -11.29 15.87 11.42
CA ALA C 766 -12.36 14.89 11.55
C ALA C 766 -12.72 14.64 13.00
N LEU C 767 -11.71 14.55 13.86
CA LEU C 767 -11.97 14.30 15.27
C LEU C 767 -12.64 15.49 15.91
N THR C 768 -12.24 16.69 15.49
CA THR C 768 -12.87 17.87 16.03
C THR C 768 -14.34 17.84 15.69
N GLY C 769 -14.67 17.50 14.44
CA GLY C 769 -16.06 17.47 14.01
C GLY C 769 -16.87 16.47 14.83
N ILE C 770 -16.28 15.32 15.16
CA ILE C 770 -17.02 14.35 15.95
C ILE C 770 -17.31 14.92 17.32
N ALA C 771 -16.31 15.53 17.95
CA ALA C 771 -16.49 16.06 19.29
C ALA C 771 -17.60 17.10 19.31
N VAL C 772 -17.71 17.90 18.26
CA VAL C 772 -18.76 18.90 18.18
C VAL C 772 -20.14 18.26 18.14
N GLU C 773 -20.27 17.21 17.34
CA GLU C 773 -21.54 16.53 17.20
C GLU C 773 -21.97 15.94 18.54
N GLN C 774 -21.02 15.56 19.39
CA GLN C 774 -21.41 14.99 20.66
C GLN C 774 -22.18 16.00 21.53
N ASP C 775 -21.90 17.31 21.39
CA ASP C 775 -22.66 18.27 22.20
C ASP C 775 -23.99 18.47 21.55
N LYS C 776 -24.01 18.42 20.22
CA LYS C 776 -25.28 18.62 19.55
C LYS C 776 -26.25 17.51 19.92
N ASN C 777 -25.73 16.28 20.05
CA ASN C 777 -26.57 15.14 20.36
C ASN C 777 -27.17 15.29 21.74
N THR C 778 -26.36 15.76 22.69
CA THR C 778 -26.83 15.94 24.04
C THR C 778 -27.92 16.99 24.06
N GLN C 779 -27.71 18.08 23.33
CA GLN C 779 -28.68 19.15 23.31
C GLN C 779 -29.98 18.73 22.66
N GLU C 780 -29.93 17.96 21.58
CA GLU C 780 -31.16 17.56 20.92
C GLU C 780 -32.01 16.66 21.79
N VAL C 781 -31.35 15.81 22.56
CA VAL C 781 -32.07 14.93 23.43
C VAL C 781 -32.59 15.59 24.68
N PHE C 782 -31.80 16.44 25.35
CA PHE C 782 -32.29 16.96 26.61
C PHE C 782 -32.85 18.38 26.62
N ALA C 783 -32.37 19.27 25.76
CA ALA C 783 -32.81 20.65 25.83
C ALA C 783 -34.07 20.86 25.00
N GLN C 784 -35.13 20.17 25.39
CA GLN C 784 -36.40 20.24 24.66
C GLN C 784 -37.43 21.07 25.38
N VAL C 785 -37.03 21.63 26.49
CA VAL C 785 -37.95 22.40 27.27
C VAL C 785 -37.44 23.83 27.34
N LYS C 786 -38.34 24.75 27.05
CA LYS C 786 -38.05 26.19 26.99
C LYS C 786 -37.80 26.86 28.35
N GLN C 787 -38.30 26.24 29.40
CA GLN C 787 -38.20 26.74 30.77
C GLN C 787 -37.91 25.62 31.75
N ILE C 788 -37.30 25.96 32.86
CA ILE C 788 -37.09 24.96 33.87
C ILE C 788 -38.25 24.98 34.84
N TYR C 789 -39.10 23.99 34.70
CA TYR C 789 -40.34 23.90 35.42
C TYR C 789 -40.19 23.34 36.80
N LYS C 790 -41.05 23.81 37.70
CA LYS C 790 -41.03 23.32 39.07
C LYS C 790 -42.38 22.85 39.60
N THR C 791 -42.32 21.86 40.47
CA THR C 791 -43.48 21.29 41.15
C THR C 791 -43.84 22.11 42.39
N PRO C 792 -45.06 21.98 42.92
CA PRO C 792 -45.47 22.56 44.17
C PRO C 792 -44.82 21.79 45.30
N PRO C 793 -44.70 22.38 46.51
CA PRO C 793 -44.25 21.74 47.73
C PRO C 793 -45.21 20.66 48.22
N ILE C 794 -46.48 20.74 47.82
CA ILE C 794 -47.44 19.75 48.25
C ILE C 794 -47.71 18.84 47.08
N LYS C 795 -47.28 17.59 47.21
CA LYS C 795 -47.39 16.70 46.08
C LYS C 795 -48.74 16.00 45.98
N ASP C 796 -49.79 16.76 45.74
CA ASP C 796 -51.09 16.12 45.66
C ASP C 796 -51.35 15.63 44.27
N PHE C 797 -50.82 14.47 43.98
CA PHE C 797 -50.95 13.90 42.69
C PHE C 797 -51.75 12.62 42.76
N GLY C 798 -52.75 12.61 43.64
CA GLY C 798 -53.67 11.48 43.68
C GLY C 798 -53.12 10.23 44.30
N GLY C 799 -52.10 10.35 45.13
CA GLY C 799 -51.50 9.16 45.73
C GLY C 799 -50.35 8.60 44.92
N PHE C 800 -50.01 9.24 43.80
CA PHE C 800 -48.90 8.76 42.99
C PHE C 800 -47.63 9.37 43.54
N ASN C 801 -46.74 8.49 43.99
CA ASN C 801 -45.49 8.88 44.62
C ASN C 801 -44.38 8.98 43.60
N PHE C 802 -43.92 10.19 43.35
CA PHE C 802 -42.90 10.43 42.35
C PHE C 802 -41.54 10.79 42.96
N SER C 803 -41.40 10.61 44.26
CA SER C 803 -40.19 11.04 44.98
C SER C 803 -38.92 10.29 44.56
N GLN C 804 -39.10 9.16 43.92
CA GLN C 804 -38.01 8.32 43.48
C GLN C 804 -37.39 8.84 42.20
N ILE C 805 -38.18 9.62 41.42
CA ILE C 805 -37.71 10.12 40.15
C ILE C 805 -37.51 11.64 40.16
N LEU C 806 -38.07 12.32 41.16
CA LEU C 806 -37.85 13.74 41.37
C LEU C 806 -36.45 13.92 41.93
N PRO C 807 -35.76 15.02 41.63
CA PRO C 807 -34.42 15.30 42.10
C PRO C 807 -34.37 15.52 43.58
N ASP C 808 -33.28 15.10 44.21
CA ASP C 808 -33.06 15.31 45.62
C ASP C 808 -32.41 16.68 45.86
N PRO C 809 -33.13 17.66 46.43
CA PRO C 809 -32.75 19.06 46.60
C PRO C 809 -31.56 19.24 47.53
N SER C 810 -31.23 18.21 48.31
CA SER C 810 -30.10 18.35 49.24
C SER C 810 -28.71 18.07 48.62
N LYS C 811 -28.65 17.53 47.37
CA LYS C 811 -27.43 17.13 46.67
C LYS C 811 -27.14 18.11 45.53
N SER C 813 -24.89 17.15 43.03
CA SER C 813 -25.75 17.19 41.85
C SER C 813 -27.20 16.82 42.29
N LYS C 814 -28.19 17.65 41.90
CA LYS C 814 -29.61 17.46 42.28
C LYS C 814 -30.26 16.41 41.40
N ARG C 815 -29.81 15.18 41.66
CA ARG C 815 -30.30 14.03 40.87
C ARG C 815 -31.26 13.23 41.74
N SER C 816 -32.19 12.53 41.11
CA SER C 816 -33.19 11.70 41.76
C SER C 816 -32.54 10.45 42.28
N PHE C 817 -33.27 9.68 43.08
CA PHE C 817 -32.73 8.41 43.54
C PHE C 817 -32.35 7.53 42.37
N ILE C 818 -33.26 7.40 41.41
CA ILE C 818 -32.96 6.59 40.26
C ILE C 818 -31.78 7.15 39.50
N GLU C 819 -31.68 8.46 39.34
CA GLU C 819 -30.54 9.01 38.64
C GLU C 819 -29.24 8.73 39.38
N ASP C 820 -29.22 8.81 40.72
CA ASP C 820 -27.96 8.47 41.38
C ASP C 820 -27.57 7.06 41.03
N LEU C 821 -28.53 6.15 40.98
CA LEU C 821 -28.16 4.80 40.61
C LEU C 821 -27.68 4.75 39.16
N LEU C 822 -28.32 5.49 38.26
CA LEU C 822 -27.93 5.42 36.87
C LEU C 822 -26.48 5.85 36.67
N PHE C 823 -26.06 6.84 37.43
CA PHE C 823 -24.69 7.30 37.36
C PHE C 823 -23.72 6.38 38.09
N ASN C 824 -24.13 5.90 39.25
CA ASN C 824 -23.26 5.09 40.09
C ASN C 824 -22.96 3.73 39.48
N LYS C 825 -23.87 3.23 38.66
CA LYS C 825 -23.70 1.93 38.05
C LYS C 825 -22.87 1.92 36.76
N VAL C 826 -22.42 3.08 36.27
CA VAL C 826 -21.64 3.06 35.02
C VAL C 826 -20.19 3.52 35.30
N THR C 827 -19.19 2.70 34.88
CA THR C 827 -17.76 2.93 35.08
C THR C 827 -17.23 3.75 33.89
N LYS C 854 -1.83 8.80 25.76
CA LYS C 854 -2.16 9.63 26.92
C LYS C 854 -1.37 10.96 26.86
N PHE C 855 -0.05 10.88 26.55
CA PHE C 855 0.88 12.01 26.41
C PHE C 855 1.43 12.01 25.00
N ASN C 856 0.63 11.49 24.09
CA ASN C 856 0.94 11.35 22.67
C ASN C 856 0.07 12.20 21.79
N GLY C 857 -0.44 13.28 22.33
CA GLY C 857 -1.30 14.18 21.57
C GLY C 857 -2.75 13.99 21.93
N LEU C 858 -3.06 12.93 22.65
CA LEU C 858 -4.42 12.66 23.06
C LEU C 858 -4.92 13.47 24.23
N THR C 859 -6.01 14.18 24.00
CA THR C 859 -6.66 14.95 25.04
C THR C 859 -8.17 14.72 24.93
N VAL C 860 -8.87 15.02 26.02
CA VAL C 860 -10.34 14.99 26.03
C VAL C 860 -10.86 16.30 26.54
N LEU C 861 -11.79 16.88 25.82
CA LEU C 861 -12.34 18.15 26.26
C LEU C 861 -13.67 17.88 26.92
N PRO C 862 -14.10 18.72 27.87
CA PRO C 862 -15.36 18.57 28.54
C PRO C 862 -16.50 18.92 27.60
N PRO C 863 -17.71 18.42 27.89
CA PRO C 863 -18.93 18.73 27.21
C PRO C 863 -19.29 20.12 27.60
N LEU C 864 -20.02 20.80 26.75
CA LEU C 864 -20.53 22.12 27.11
C LEU C 864 -21.61 21.99 28.15
N LEU C 865 -22.48 21.01 27.92
CA LEU C 865 -23.62 20.71 28.76
C LEU C 865 -23.27 19.56 29.70
N THR C 866 -23.16 19.89 30.97
CA THR C 866 -22.73 19.01 32.03
C THR C 866 -23.89 18.27 32.68
N ASP C 867 -23.56 17.28 33.51
CA ASP C 867 -24.57 16.45 34.17
C ASP C 867 -25.54 17.21 35.06
N GLU C 868 -25.08 18.26 35.74
CA GLU C 868 -25.96 19.01 36.63
C GLU C 868 -26.99 19.76 35.81
N MET C 869 -26.54 20.31 34.70
CA MET C 869 -27.37 21.06 33.79
C MET C 869 -28.40 20.13 33.15
N ILE C 870 -27.98 18.91 32.86
CA ILE C 870 -28.89 17.94 32.30
C ILE C 870 -29.93 17.61 33.34
N ALA C 871 -29.51 17.42 34.60
CA ALA C 871 -30.48 17.12 35.66
C ALA C 871 -31.50 18.25 35.74
N GLN C 872 -31.09 19.49 35.51
CA GLN C 872 -32.06 20.58 35.52
C GLN C 872 -33.07 20.39 34.40
N TYR C 873 -32.64 19.89 33.25
CA TYR C 873 -33.58 19.67 32.16
C TYR C 873 -34.50 18.51 32.45
N THR C 874 -33.99 17.42 33.03
CA THR C 874 -34.88 16.29 33.27
C THR C 874 -35.85 16.66 34.37
N SER C 875 -35.41 17.50 35.29
CA SER C 875 -36.26 17.98 36.37
C SER C 875 -37.40 18.78 35.79
N ALA C 876 -37.09 19.67 34.85
CA ALA C 876 -38.11 20.48 34.22
C ALA C 876 -39.12 19.66 33.45
N LEU C 877 -38.63 18.65 32.74
CA LEU C 877 -39.49 17.80 31.95
C LEU C 877 -40.40 17.01 32.85
N LEU C 878 -39.86 16.54 33.96
CA LEU C 878 -40.59 15.77 34.92
C LEU C 878 -41.62 16.62 35.65
N ALA C 879 -41.23 17.81 36.09
CA ALA C 879 -42.14 18.67 36.82
C ALA C 879 -43.29 19.05 35.95
N GLY C 880 -43.00 19.30 34.68
CA GLY C 880 -44.01 19.65 33.73
C GLY C 880 -44.97 18.50 33.54
N THR C 881 -44.43 17.30 33.33
CA THR C 881 -45.25 16.13 33.09
C THR C 881 -46.19 15.86 34.24
N ILE C 882 -45.69 15.98 35.46
CA ILE C 882 -46.50 15.72 36.61
C ILE C 882 -47.63 16.76 36.84
N THR C 883 -47.35 18.07 36.69
CA THR C 883 -48.37 19.08 36.98
C THR C 883 -49.24 19.62 35.83
N SER C 884 -48.78 19.53 34.57
CA SER C 884 -49.53 20.09 33.43
C SER C 884 -49.73 19.03 32.36
N GLY C 885 -49.29 17.83 32.65
CA GLY C 885 -49.31 16.76 31.67
C GLY C 885 -48.34 17.16 30.55
N TRP C 886 -48.76 17.05 29.31
CA TRP C 886 -47.86 17.40 28.21
C TRP C 886 -47.95 18.86 27.76
N THR C 887 -48.85 19.63 28.35
CA THR C 887 -49.08 20.97 27.80
C THR C 887 -47.90 21.91 27.97
N PHE C 888 -47.08 21.69 28.97
CA PHE C 888 -45.93 22.56 29.23
C PHE C 888 -44.92 22.59 28.11
N GLY C 889 -44.92 21.54 27.28
CA GLY C 889 -43.99 21.46 26.18
C GLY C 889 -44.71 21.63 24.85
N ALA C 890 -46.02 21.88 24.87
CA ALA C 890 -46.82 21.99 23.65
C ALA C 890 -47.20 23.43 23.38
N GLY C 891 -47.45 24.14 24.47
CA GLY C 891 -47.89 25.51 24.49
C GLY C 891 -47.68 25.97 25.92
N ALA C 892 -48.72 26.51 26.51
CA ALA C 892 -48.68 26.96 27.90
C ALA C 892 -48.73 25.78 28.85
N ALA C 893 -48.07 25.90 29.99
CA ALA C 893 -48.12 24.86 31.00
C ALA C 893 -49.36 25.00 31.83
N LEU C 894 -50.47 24.68 31.20
CA LEU C 894 -51.76 24.80 31.80
C LEU C 894 -51.79 23.86 32.97
N GLN C 895 -52.17 24.30 34.15
CA GLN C 895 -52.20 23.34 35.24
C GLN C 895 -53.39 22.44 35.01
N ILE C 896 -53.23 21.15 35.28
CA ILE C 896 -54.34 20.19 35.17
C ILE C 896 -54.36 19.27 36.40
N PRO C 897 -55.47 19.09 37.14
CA PRO C 897 -55.52 18.20 38.28
C PRO C 897 -55.05 16.84 37.81
N PHE C 898 -54.23 16.17 38.62
CA PHE C 898 -53.63 14.93 38.20
C PHE C 898 -54.64 13.88 37.77
N ALA C 899 -55.75 13.79 38.49
CA ALA C 899 -56.76 12.80 38.15
C ALA C 899 -57.29 13.02 36.75
N MET C 900 -57.35 14.27 36.30
CA MET C 900 -57.88 14.56 34.99
C MET C 900 -56.83 14.23 33.98
N GLN C 901 -55.57 14.47 34.32
CA GLN C 901 -54.54 14.16 33.36
C GLN C 901 -54.61 12.66 33.08
N MET C 902 -54.82 11.88 34.14
CA MET C 902 -54.90 10.46 33.93
C MET C 902 -56.18 10.07 33.22
N ALA C 903 -57.31 10.75 33.48
CA ALA C 903 -58.54 10.41 32.81
C ALA C 903 -58.39 10.55 31.32
N TYR C 904 -57.66 11.56 30.90
CA TYR C 904 -57.50 11.75 29.49
C TYR C 904 -56.56 10.70 28.92
N ARG C 905 -55.52 10.34 29.67
CA ARG C 905 -54.60 9.33 29.20
C ARG C 905 -55.29 7.98 29.06
N PHE C 906 -56.23 7.67 29.96
CA PHE C 906 -56.99 6.43 29.87
C PHE C 906 -57.98 6.46 28.71
N ASN C 907 -58.66 7.60 28.51
CA ASN C 907 -59.61 7.68 27.41
C ASN C 907 -58.82 7.53 26.10
N GLY C 908 -57.58 8.00 26.12
CA GLY C 908 -56.65 7.99 25.02
C GLY C 908 -56.23 6.59 24.57
N ILE C 909 -56.49 5.57 25.40
CA ILE C 909 -56.17 4.20 25.05
C ILE C 909 -57.42 3.34 24.93
N GLY C 910 -58.59 3.97 24.87
CA GLY C 910 -59.83 3.22 24.73
C GLY C 910 -60.39 2.66 26.04
N VAL C 911 -59.96 3.20 27.17
CA VAL C 911 -60.44 2.75 28.46
C VAL C 911 -61.13 3.95 29.05
N THR C 912 -62.40 3.85 29.35
CA THR C 912 -63.02 5.09 29.77
C THR C 912 -62.57 5.61 31.14
N GLN C 913 -62.80 6.92 31.34
CA GLN C 913 -62.43 7.58 32.58
C GLN C 913 -63.12 7.02 33.79
N ASN C 914 -64.30 6.46 33.64
CA ASN C 914 -64.92 5.96 34.84
C ASN C 914 -64.18 4.76 35.38
N VAL C 915 -63.37 4.08 34.55
CA VAL C 915 -62.60 2.94 35.00
C VAL C 915 -61.54 3.52 35.89
N LEU C 916 -60.93 4.61 35.44
CA LEU C 916 -59.92 5.29 36.27
C LEU C 916 -60.48 5.69 37.61
N TYR C 917 -61.69 6.23 37.59
CA TYR C 917 -62.22 6.70 38.84
C TYR C 917 -62.55 5.56 39.79
N GLU C 918 -63.07 4.44 39.28
CA GLU C 918 -63.34 3.32 40.17
C GLU C 918 -62.03 2.79 40.75
N ASN C 919 -60.99 2.89 39.97
CA ASN C 919 -59.69 2.40 40.31
C ASN C 919 -58.69 3.48 40.73
N GLN C 920 -59.14 4.65 41.21
CA GLN C 920 -58.11 5.65 41.57
C GLN C 920 -57.07 5.13 42.54
N LYS C 921 -57.49 4.37 43.54
CA LYS C 921 -56.51 3.88 44.51
C LYS C 921 -55.74 2.71 43.96
N LEU C 922 -56.39 1.88 43.17
CA LEU C 922 -55.70 0.73 42.62
C LEU C 922 -54.58 1.15 41.73
N ILE C 923 -54.86 2.13 40.90
CA ILE C 923 -53.90 2.60 39.95
C ILE C 923 -52.75 3.30 40.63
N ALA C 924 -53.03 4.18 41.62
CA ALA C 924 -51.93 4.82 42.30
C ALA C 924 -51.06 3.79 42.98
N ASN C 925 -51.68 2.74 43.53
CA ASN C 925 -50.92 1.73 44.22
C ASN C 925 -50.09 0.91 43.27
N GLN C 926 -50.64 0.58 42.10
CA GLN C 926 -49.88 -0.19 41.13
C GLN C 926 -48.72 0.62 40.62
N PHE C 927 -48.93 1.93 40.43
CA PHE C 927 -47.89 2.81 39.98
C PHE C 927 -46.76 2.82 40.98
N ASN C 928 -47.10 3.00 42.26
CA ASN C 928 -46.07 3.09 43.26
C ASN C 928 -45.30 1.78 43.38
N SER C 929 -45.99 0.65 43.21
CA SER C 929 -45.31 -0.63 43.28
C SER C 929 -44.37 -0.78 42.10
N ALA C 930 -44.80 -0.35 40.91
CA ALA C 930 -43.97 -0.46 39.73
C ALA C 930 -42.69 0.33 39.90
N ILE C 931 -42.79 1.51 40.52
CA ILE C 931 -41.59 2.30 40.70
C ILE C 931 -40.66 1.60 41.67
N GLY C 932 -41.20 1.04 42.75
CA GLY C 932 -40.35 0.32 43.70
C GLY C 932 -39.63 -0.84 43.00
N LYS C 933 -40.30 -1.52 42.08
CA LYS C 933 -39.68 -2.62 41.35
C LYS C 933 -38.53 -2.13 40.51
N ILE C 934 -38.70 -0.95 39.90
CA ILE C 934 -37.66 -0.34 39.11
C ILE C 934 -36.46 0.02 39.97
N GLN C 935 -36.71 0.57 41.16
CA GLN C 935 -35.61 0.92 42.04
C GLN C 935 -34.78 -0.31 42.37
N ASP C 936 -35.46 -1.44 42.62
CA ASP C 936 -34.74 -2.66 42.95
C ASP C 936 -34.04 -3.27 41.76
N SER C 937 -34.67 -3.21 40.59
CA SER C 937 -34.07 -3.80 39.41
C SER C 937 -32.77 -3.08 39.09
N LEU C 938 -32.81 -1.76 39.13
CA LEU C 938 -31.62 -1.00 38.82
C LEU C 938 -30.56 -1.11 39.89
N SER C 939 -30.94 -1.08 41.17
CA SER C 939 -29.90 -1.12 42.19
C SER C 939 -29.21 -2.47 42.24
N SER C 940 -29.93 -3.54 41.88
CA SER C 940 -29.33 -4.86 41.89
C SER C 940 -28.63 -5.24 40.59
N THR C 941 -28.98 -4.62 39.46
CA THR C 941 -28.38 -5.00 38.19
C THR C 941 -27.63 -3.85 37.53
N ALA C 942 -26.33 -3.76 37.80
CA ALA C 942 -25.52 -2.66 37.27
C ALA C 942 -25.48 -2.71 35.76
N SER C 943 -25.47 -3.95 35.27
CA SER C 943 -25.37 -4.35 33.89
C SER C 943 -26.57 -3.95 33.06
N ALA C 944 -27.62 -3.47 33.72
CA ALA C 944 -28.80 -3.03 33.00
C ALA C 944 -28.38 -1.95 32.01
N LEU C 945 -27.43 -1.10 32.41
CA LEU C 945 -26.99 -0.01 31.55
C LEU C 945 -25.82 -0.48 30.71
N GLY C 946 -26.02 -1.61 30.07
CA GLY C 946 -25.01 -2.27 29.28
C GLY C 946 -24.62 -1.41 28.12
N LYS C 947 -25.60 -0.75 27.54
CA LYS C 947 -25.39 0.08 26.38
C LYS C 947 -24.50 1.26 26.67
N LEU C 948 -24.62 1.84 27.86
CA LEU C 948 -23.84 3.02 28.16
C LEU C 948 -22.41 2.59 28.44
N GLN C 949 -22.28 1.42 29.10
CA GLN C 949 -20.97 0.90 29.42
C GLN C 949 -20.26 0.47 28.13
N ASP C 950 -21.01 -0.07 27.16
CA ASP C 950 -20.42 -0.50 25.92
C ASP C 950 -19.86 0.65 25.13
N VAL C 951 -20.54 1.78 25.13
CA VAL C 951 -20.01 2.90 24.36
C VAL C 951 -18.68 3.35 24.92
N VAL C 952 -18.60 3.46 26.23
CA VAL C 952 -17.33 3.93 26.77
C VAL C 952 -16.23 2.88 26.62
N ASN C 953 -16.58 1.59 26.72
CA ASN C 953 -15.57 0.57 26.59
C ASN C 953 -15.00 0.54 25.18
N GLN C 954 -15.87 0.72 24.20
CA GLN C 954 -15.46 0.70 22.81
C GLN C 954 -14.53 1.85 22.50
N ASN C 955 -14.81 3.00 23.09
CA ASN C 955 -13.97 4.15 22.82
C ASN C 955 -12.61 3.96 23.48
N ALA C 956 -12.60 3.38 24.68
CA ALA C 956 -11.35 3.16 25.37
C ALA C 956 -10.48 2.18 24.61
N GLN C 957 -11.10 1.15 24.04
CA GLN C 957 -10.36 0.15 23.30
C GLN C 957 -9.75 0.71 22.05
N ALA C 958 -10.48 1.59 21.36
CA ALA C 958 -9.93 2.18 20.15
C ALA C 958 -8.69 3.00 20.49
N LEU C 959 -8.74 3.72 21.62
CA LEU C 959 -7.59 4.49 22.04
C LEU C 959 -6.45 3.64 22.53
N ASN C 960 -6.75 2.54 23.20
CA ASN C 960 -5.69 1.71 23.70
C ASN C 960 -4.94 1.11 22.53
N THR C 961 -5.67 0.80 21.47
CA THR C 961 -5.08 0.24 20.27
C THR C 961 -4.15 1.27 19.64
N LEU C 962 -4.62 2.52 19.56
CA LEU C 962 -3.86 3.58 18.96
C LEU C 962 -2.55 3.78 19.73
N VAL C 963 -2.60 3.68 21.05
CA VAL C 963 -1.41 3.82 21.86
C VAL C 963 -0.45 2.65 21.67
N LYS C 964 -0.96 1.43 21.66
CA LYS C 964 -0.09 0.27 21.52
C LYS C 964 0.63 0.23 20.20
N GLN C 965 0.02 0.75 19.14
CA GLN C 965 0.65 0.77 17.83
C GLN C 965 1.92 1.60 17.79
N LEU C 966 2.12 2.50 18.75
CA LEU C 966 3.31 3.33 18.77
C LEU C 966 4.56 2.49 19.02
N SER C 967 4.38 1.29 19.57
CA SER C 967 5.49 0.42 19.88
C SER C 967 5.93 -0.44 18.70
N SER C 968 5.18 -0.43 17.61
CA SER C 968 5.55 -1.25 16.47
C SER C 968 6.64 -0.59 15.67
N ASN C 969 7.49 -1.39 15.04
CA ASN C 969 8.53 -0.84 14.20
C ASN C 969 8.08 -0.61 12.78
N PHE C 970 7.17 -1.43 12.30
CA PHE C 970 6.66 -1.33 10.94
C PHE C 970 7.77 -1.39 9.89
N GLY C 971 8.82 -2.18 10.13
CA GLY C 971 9.95 -2.28 9.21
C GLY C 971 11.14 -1.45 9.66
N ALA C 972 10.94 -0.57 10.63
CA ALA C 972 11.99 0.26 11.18
C ALA C 972 12.89 -0.55 12.09
N ILE C 973 14.09 -0.04 12.31
CA ILE C 973 15.02 -0.65 13.27
C ILE C 973 14.53 -0.51 14.72
N SER C 974 13.78 0.54 15.00
CA SER C 974 13.22 0.80 16.32
C SER C 974 11.99 1.65 16.22
N SER C 975 11.07 1.42 17.14
CA SER C 975 9.82 2.17 17.30
C SER C 975 10.06 3.57 17.84
N VAL C 976 11.23 3.79 18.40
CA VAL C 976 11.60 5.04 19.01
C VAL C 976 12.40 5.92 18.07
N LEU C 977 11.94 7.15 17.87
CA LEU C 977 12.60 8.06 16.95
C LEU C 977 13.99 8.40 17.40
N ASN C 978 14.21 8.46 18.69
CA ASN C 978 15.51 8.81 19.18
C ASN C 978 16.52 7.68 19.07
N ASP C 979 16.07 6.45 18.78
CA ASP C 979 17.01 5.34 18.63
C ASP C 979 17.52 5.31 17.21
N ILE C 980 16.93 6.17 16.40
CA ILE C 980 17.26 6.31 15.01
C ILE C 980 18.10 7.57 14.91
N LEU C 981 17.56 8.67 15.43
CA LEU C 981 18.20 9.97 15.32
C LEU C 981 19.50 10.12 16.09
N SER C 982 19.63 9.50 17.25
CA SER C 982 20.86 9.64 18.00
C SER C 982 21.95 8.74 17.46
N ARG C 983 21.62 7.85 16.52
CA ARG C 983 22.60 6.92 16.01
C ARG C 983 22.98 7.12 14.54
N LEU C 984 22.00 7.44 13.71
CA LEU C 984 22.22 7.47 12.28
C LEU C 984 22.29 8.83 11.63
N ASP C 985 23.06 8.91 10.57
CA ASP C 985 23.09 10.10 9.74
C ASP C 985 21.74 10.19 9.01
N PRO C 986 21.21 11.40 8.72
CA PRO C 986 19.97 11.66 8.00
C PRO C 986 19.68 10.79 6.77
N PRO C 987 20.62 10.47 5.86
CA PRO C 987 20.35 9.65 4.69
C PRO C 987 19.66 8.34 5.06
N GLU C 988 19.95 7.80 6.25
CA GLU C 988 19.30 6.58 6.66
C GLU C 988 18.27 6.89 7.74
N ALA C 989 18.56 7.86 8.59
CA ALA C 989 17.65 8.12 9.70
C ALA C 989 16.27 8.46 9.19
N GLU C 990 16.20 9.17 8.07
CA GLU C 990 14.95 9.58 7.49
C GLU C 990 14.16 8.39 6.93
N VAL C 991 14.86 7.32 6.55
CA VAL C 991 14.24 6.15 5.98
C VAL C 991 13.52 5.43 7.08
N GLN C 992 14.22 5.30 8.20
CA GLN C 992 13.68 4.59 9.32
C GLN C 992 12.48 5.36 9.86
N ILE C 993 12.56 6.69 9.78
CA ILE C 993 11.46 7.51 10.22
C ILE C 993 10.30 7.37 9.26
N ASP C 994 10.51 7.39 7.94
CA ASP C 994 9.37 7.18 7.04
C ASP C 994 8.67 5.86 7.32
N ARG C 995 9.42 4.84 7.74
CA ARG C 995 8.75 3.57 8.02
C ARG C 995 7.83 3.76 9.23
N LEU C 996 8.30 4.49 10.26
CA LEU C 996 7.47 4.73 11.43
C LEU C 996 6.32 5.67 11.15
N ILE C 997 6.53 6.67 10.28
CA ILE C 997 5.48 7.60 9.95
C ILE C 997 4.41 6.86 9.24
N THR C 998 4.76 6.01 8.29
CA THR C 998 3.72 5.32 7.58
C THR C 998 2.87 4.53 8.55
N GLY C 999 3.50 3.79 9.46
CA GLY C 999 2.74 2.99 10.39
C GLY C 999 1.85 3.80 11.33
N ARG C 1000 2.42 4.85 11.92
CA ARG C 1000 1.69 5.66 12.86
C ARG C 1000 0.58 6.47 12.19
N LEU C 1001 0.83 6.92 10.97
CA LEU C 1001 -0.14 7.66 10.22
C LEU C 1001 -1.29 6.74 9.85
N GLN C 1002 -0.99 5.50 9.46
CA GLN C 1002 -2.03 4.56 9.13
C GLN C 1002 -2.87 4.26 10.36
N SER C 1003 -2.23 4.17 11.53
CA SER C 1003 -2.94 3.89 12.76
C SER C 1003 -3.93 4.99 13.05
N LEU C 1004 -3.50 6.25 12.90
CA LEU C 1004 -4.40 7.36 13.14
C LEU C 1004 -5.54 7.38 12.14
N GLN C 1005 -5.25 7.09 10.88
CA GLN C 1005 -6.29 7.12 9.88
C GLN C 1005 -7.32 6.03 10.12
N THR C 1006 -6.84 4.86 10.56
CA THR C 1006 -7.72 3.76 10.86
C THR C 1006 -8.60 4.12 12.02
N TYR C 1007 -7.98 4.69 13.06
CA TYR C 1007 -8.66 5.11 14.25
C TYR C 1007 -9.77 6.07 13.94
N VAL C 1008 -9.45 7.10 13.16
CA VAL C 1008 -10.44 8.12 12.85
C VAL C 1008 -11.58 7.54 12.06
N THR C 1009 -11.28 6.68 11.08
CA THR C 1009 -12.36 6.11 10.29
C THR C 1009 -13.32 5.39 11.21
N GLN C 1010 -12.78 4.62 12.15
CA GLN C 1010 -13.61 3.89 13.08
C GLN C 1010 -14.42 4.83 13.96
N GLN C 1011 -13.83 5.97 14.32
CA GLN C 1011 -14.54 6.92 15.16
C GLN C 1011 -15.70 7.54 14.37
N LEU C 1012 -15.50 7.76 13.08
CA LEU C 1012 -16.56 8.33 12.25
C LEU C 1012 -17.72 7.36 12.09
N ILE C 1013 -17.41 6.08 11.99
CA ILE C 1013 -18.45 5.09 11.84
C ILE C 1013 -19.27 4.98 13.12
N ARG C 1014 -18.61 4.92 14.27
CA ARG C 1014 -19.38 4.84 15.50
C ARG C 1014 -20.07 6.16 15.79
N ALA C 1015 -19.50 7.27 15.31
CA ALA C 1015 -20.15 8.55 15.52
C ALA C 1015 -21.48 8.57 14.80
N ALA C 1016 -21.55 7.96 13.63
CA ALA C 1016 -22.83 7.93 12.95
C ALA C 1016 -23.85 7.15 13.76
N GLU C 1017 -23.40 6.08 14.40
CA GLU C 1017 -24.32 5.27 15.18
C GLU C 1017 -24.78 6.00 16.44
N ILE C 1018 -23.90 6.77 17.08
CA ILE C 1018 -24.32 7.46 18.29
C ILE C 1018 -25.31 8.54 17.89
N ARG C 1019 -25.12 9.18 16.73
CA ARG C 1019 -26.08 10.19 16.32
C ARG C 1019 -27.43 9.55 16.11
N ALA C 1020 -27.46 8.37 15.49
CA ALA C 1020 -28.74 7.71 15.26
C ALA C 1020 -29.43 7.39 16.58
N SER C 1021 -28.66 6.96 17.58
CA SER C 1021 -29.24 6.64 18.87
C SER C 1021 -29.79 7.90 19.51
N ALA C 1022 -29.02 8.99 19.43
CA ALA C 1022 -29.44 10.26 20.00
C ALA C 1022 -30.71 10.75 19.32
N ASN C 1023 -30.83 10.51 18.02
CA ASN C 1023 -32.00 10.98 17.30
C ASN C 1023 -33.24 10.21 17.76
N LEU C 1024 -33.08 8.92 18.03
CA LEU C 1024 -34.21 8.16 18.53
C LEU C 1024 -34.60 8.62 19.90
N ALA C 1025 -33.60 8.88 20.74
CA ALA C 1025 -33.87 9.32 22.08
C ALA C 1025 -34.58 10.65 22.08
N ALA C 1026 -34.17 11.55 21.18
CA ALA C 1026 -34.80 12.84 21.08
C ALA C 1026 -36.24 12.70 20.62
N THR C 1027 -36.47 11.74 19.70
CA THR C 1027 -37.81 11.49 19.19
C THR C 1027 -38.69 11.00 20.31
N LYS C 1028 -38.20 10.06 21.12
CA LYS C 1028 -39.03 9.60 22.20
C LYS C 1028 -39.32 10.67 23.20
N MET C 1029 -38.36 11.51 23.51
CA MET C 1029 -38.72 12.51 24.46
C MET C 1029 -39.86 13.38 23.95
N SER C 1030 -39.83 13.81 22.68
CA SER C 1030 -40.94 14.65 22.30
C SER C 1030 -42.25 13.89 22.09
N GLU C 1031 -42.19 12.71 21.50
CA GLU C 1031 -43.43 11.97 21.23
C GLU C 1031 -44.03 11.21 22.42
N CYS C 1032 -43.19 10.74 23.35
CA CYS C 1032 -43.54 9.91 24.49
C CYS C 1032 -43.65 10.77 25.75
N VAL C 1033 -42.54 11.41 26.14
CA VAL C 1033 -42.52 12.23 27.37
C VAL C 1033 -43.41 13.45 27.25
N LEU C 1034 -43.32 14.12 26.12
CA LEU C 1034 -44.12 15.32 25.91
C LEU C 1034 -45.40 15.00 25.16
N GLY C 1035 -45.74 13.72 25.05
CA GLY C 1035 -46.94 13.31 24.36
C GLY C 1035 -47.64 12.17 25.09
N GLN C 1036 -48.00 11.19 24.29
CA GLN C 1036 -48.69 9.95 24.62
C GLN C 1036 -48.77 9.19 23.31
N SER C 1037 -47.63 8.71 22.88
CA SER C 1037 -47.52 8.02 21.60
C SER C 1037 -48.32 6.75 21.49
N LYS C 1038 -48.93 6.58 20.30
CA LYS C 1038 -49.74 5.42 19.96
C LYS C 1038 -48.99 4.44 19.09
N ARG C 1039 -47.71 4.73 18.86
CA ARG C 1039 -46.89 3.83 18.02
C ARG C 1039 -46.73 2.52 18.79
N VAL C 1040 -46.88 1.39 18.12
CA VAL C 1040 -46.85 0.10 18.79
C VAL C 1040 -45.48 -0.26 19.29
N ASP C 1041 -45.45 -0.60 20.57
CA ASP C 1041 -44.28 -0.98 21.36
C ASP C 1041 -43.27 0.15 21.50
N PHE C 1042 -43.62 1.32 21.02
CA PHE C 1042 -42.70 2.45 21.01
C PHE C 1042 -42.21 2.79 22.42
N CYS C 1043 -43.15 2.86 23.39
CA CYS C 1043 -42.92 3.16 24.79
C CYS C 1043 -43.54 2.03 25.63
N GLY C 1044 -43.23 0.78 25.26
CA GLY C 1044 -43.70 -0.37 26.03
C GLY C 1044 -44.68 -1.29 25.30
N LYS C 1045 -44.64 -2.56 25.69
CA LYS C 1045 -45.48 -3.61 25.10
C LYS C 1045 -46.87 -3.56 25.71
N GLY C 1046 -47.68 -2.60 25.28
CA GLY C 1046 -49.00 -2.42 25.86
C GLY C 1046 -49.60 -1.10 25.43
N TYR C 1047 -50.55 -0.60 26.21
CA TYR C 1047 -51.22 0.63 25.86
C TYR C 1047 -50.57 1.78 26.61
N HIS C 1048 -49.77 2.55 25.89
CA HIS C 1048 -48.99 3.58 26.54
C HIS C 1048 -49.82 4.72 27.13
N LEU C 1049 -49.52 5.08 28.39
CA LEU C 1049 -50.17 6.20 29.05
C LEU C 1049 -49.28 7.43 29.16
N MET C 1050 -48.03 7.26 29.61
CA MET C 1050 -47.11 8.40 29.83
C MET C 1050 -45.68 7.95 30.08
N SER C 1051 -44.72 8.87 30.07
CA SER C 1051 -43.36 8.51 30.41
C SER C 1051 -42.59 9.63 31.06
N PHE C 1052 -41.49 9.26 31.70
CA PHE C 1052 -40.64 10.23 32.37
C PHE C 1052 -39.16 9.97 32.03
N PRO C 1053 -38.38 11.00 31.66
CA PRO C 1053 -36.97 10.90 31.39
C PRO C 1053 -36.21 10.86 32.70
N GLN C 1054 -35.02 10.26 32.67
CA GLN C 1054 -34.04 10.31 33.73
C GLN C 1054 -32.65 10.51 33.10
N SER C 1055 -31.80 11.28 33.76
CA SER C 1055 -30.44 11.48 33.28
C SER C 1055 -29.60 10.24 33.47
N ALA C 1056 -28.69 9.96 32.55
CA ALA C 1056 -27.77 8.86 32.72
C ALA C 1056 -26.45 9.31 32.13
N PRO C 1057 -25.31 8.80 32.56
CA PRO C 1057 -24.06 9.22 32.01
C PRO C 1057 -24.05 8.81 30.58
N HIS C 1058 -23.65 9.72 29.72
CA HIS C 1058 -23.56 9.47 28.29
C HIS C 1058 -24.88 9.09 27.63
N GLY C 1059 -26.03 9.36 28.29
CA GLY C 1059 -27.31 8.97 27.70
C GLY C 1059 -28.54 9.29 28.52
N VAL C 1060 -29.68 8.78 28.05
CA VAL C 1060 -30.96 9.02 28.70
C VAL C 1060 -31.67 7.72 28.95
N VAL C 1061 -32.36 7.65 30.07
CA VAL C 1061 -33.15 6.50 30.38
C VAL C 1061 -34.60 6.92 30.56
N PHE C 1062 -35.51 6.21 29.91
CA PHE C 1062 -36.90 6.58 30.05
C PHE C 1062 -37.68 5.53 30.80
N LEU C 1063 -38.60 6.00 31.62
CA LEU C 1063 -39.52 5.14 32.32
C LEU C 1063 -40.87 5.25 31.66
N HIS C 1064 -41.38 4.15 31.17
CA HIS C 1064 -42.62 4.15 30.39
C HIS C 1064 -43.78 3.50 31.13
N VAL C 1065 -44.82 4.28 31.36
CA VAL C 1065 -46.00 3.84 32.10
C VAL C 1065 -47.02 3.29 31.12
N THR C 1066 -47.32 2.01 31.27
CA THR C 1066 -48.16 1.30 30.32
C THR C 1066 -49.35 0.54 30.94
N TYR C 1067 -50.49 0.62 30.28
CA TYR C 1067 -51.66 -0.13 30.69
C TYR C 1067 -51.61 -1.51 30.06
N VAL C 1068 -51.76 -2.52 30.88
CA VAL C 1068 -51.75 -3.86 30.39
C VAL C 1068 -52.99 -4.62 30.89
N PRO C 1069 -53.85 -5.16 30.03
CA PRO C 1069 -55.01 -5.94 30.41
C PRO C 1069 -54.50 -7.09 31.27
N ALA C 1070 -55.20 -7.43 32.34
CA ALA C 1070 -54.72 -8.47 33.26
C ALA C 1070 -55.61 -9.69 33.38
N GLN C 1071 -56.91 -9.46 33.36
CA GLN C 1071 -57.84 -10.57 33.57
C GLN C 1071 -58.85 -10.46 32.48
N GLU C 1072 -59.42 -11.59 32.05
CA GLU C 1072 -60.41 -11.61 30.96
C GLU C 1072 -61.48 -12.67 31.12
N LYS C 1073 -62.59 -12.46 30.41
CA LYS C 1073 -63.68 -13.42 30.35
C LYS C 1073 -64.11 -13.74 28.92
N ASN C 1074 -64.52 -15.00 28.72
CA ASN C 1074 -65.05 -15.46 27.45
C ASN C 1074 -66.57 -15.22 27.35
N PHE C 1075 -66.99 -14.67 26.23
CA PHE C 1075 -68.39 -14.36 25.97
C PHE C 1075 -68.88 -14.82 24.60
N THR C 1076 -70.18 -14.99 24.48
CA THR C 1076 -70.81 -15.23 23.18
C THR C 1076 -70.95 -13.86 22.55
N THR C 1077 -70.67 -13.71 21.26
CA THR C 1077 -70.85 -12.36 20.71
C THR C 1077 -71.61 -12.23 19.41
N ALA C 1078 -71.89 -10.97 19.07
CA ALA C 1078 -72.51 -10.59 17.81
C ALA C 1078 -72.12 -9.15 17.41
N PRO C 1079 -71.93 -8.89 16.10
CA PRO C 1079 -71.68 -7.57 15.51
C PRO C 1079 -72.90 -6.68 15.46
N ALA C 1080 -74.06 -7.30 15.57
CA ALA C 1080 -75.31 -6.60 15.43
C ALA C 1080 -76.41 -7.41 16.06
N ILE C 1081 -77.48 -6.73 16.39
CA ILE C 1081 -78.66 -7.42 16.88
C ILE C 1081 -79.92 -6.96 16.12
N CYS C 1082 -80.96 -7.83 16.10
CA CYS C 1082 -82.26 -7.59 15.49
C CYS C 1082 -83.26 -7.15 16.53
N HIS C 1083 -83.90 -6.02 16.28
CA HIS C 1083 -84.92 -5.59 17.24
C HIS C 1083 -86.30 -5.88 16.67
N ASP C 1084 -86.71 -5.05 15.73
CA ASP C 1084 -87.96 -5.16 15.02
C ASP C 1084 -87.71 -5.61 13.59
N GLY C 1085 -86.52 -6.19 13.40
CA GLY C 1085 -86.04 -6.66 12.11
C GLY C 1085 -84.99 -5.70 11.57
N LYS C 1086 -84.89 -4.51 12.17
CA LYS C 1086 -83.87 -3.58 11.75
C LYS C 1086 -82.57 -3.94 12.43
N ALA C 1087 -81.45 -3.61 11.78
CA ALA C 1087 -80.14 -3.95 12.31
C ALA C 1087 -79.51 -2.90 13.19
N HIS C 1088 -79.34 -3.25 14.44
CA HIS C 1088 -78.75 -2.38 15.44
C HIS C 1088 -77.31 -2.72 15.71
N PHE C 1089 -76.47 -1.74 15.54
CA PHE C 1089 -75.04 -1.88 15.72
C PHE C 1089 -74.68 -1.09 16.96
N PRO C 1090 -73.63 -1.42 17.70
CA PRO C 1090 -73.20 -0.63 18.83
C PRO C 1090 -72.74 0.70 18.29
N ARG C 1091 -72.96 1.78 19.03
CA ARG C 1091 -72.39 3.07 18.61
C ARG C 1091 -70.88 2.96 18.81
N GLU C 1092 -70.51 2.21 19.85
CA GLU C 1092 -69.17 1.86 20.25
C GLU C 1092 -69.30 0.51 20.93
N GLY C 1093 -68.25 -0.28 20.94
CA GLY C 1093 -68.35 -1.53 21.64
C GLY C 1093 -68.83 -2.70 20.82
N VAL C 1094 -69.14 -3.77 21.53
CA VAL C 1094 -69.57 -5.06 20.98
C VAL C 1094 -70.80 -5.58 21.69
N PHE C 1095 -71.56 -6.50 21.08
CA PHE C 1095 -72.67 -7.06 21.85
C PHE C 1095 -72.26 -8.43 22.35
N VAL C 1096 -72.42 -8.68 23.64
CA VAL C 1096 -72.08 -9.98 24.19
C VAL C 1096 -73.12 -10.60 25.09
N SER C 1097 -73.01 -11.90 25.27
CA SER C 1097 -73.86 -12.62 26.18
C SER C 1097 -73.09 -13.48 27.13
N ASN C 1098 -73.54 -13.41 28.37
CA ASN C 1098 -72.98 -14.17 29.47
C ASN C 1098 -73.78 -15.45 29.70
N GLY C 1099 -74.66 -15.76 28.77
CA GLY C 1099 -75.51 -16.94 28.82
C GLY C 1099 -76.90 -16.64 29.38
N THR C 1100 -77.10 -15.45 29.94
CA THR C 1100 -78.41 -15.12 30.49
C THR C 1100 -78.97 -13.93 29.74
N HIS C 1101 -78.14 -12.90 29.61
CA HIS C 1101 -78.55 -11.66 28.96
C HIS C 1101 -77.50 -11.08 28.04
N TRP C 1102 -77.98 -10.32 27.07
CA TRP C 1102 -77.09 -9.59 26.19
C TRP C 1102 -76.86 -8.20 26.69
N PHE C 1103 -75.61 -7.78 26.59
CA PHE C 1103 -75.10 -6.49 27.01
C PHE C 1103 -74.22 -5.87 25.96
N VAL C 1104 -74.04 -4.57 26.03
CA VAL C 1104 -73.10 -3.93 25.12
C VAL C 1104 -71.94 -3.42 25.95
N THR C 1105 -70.72 -3.71 25.52
CA THR C 1105 -69.55 -3.34 26.33
C THR C 1105 -68.57 -2.51 25.56
N GLN C 1106 -67.62 -1.91 26.26
CA GLN C 1106 -66.52 -1.19 25.63
C GLN C 1106 -65.49 -2.25 25.29
N ARG C 1107 -64.34 -1.87 24.72
CA ARG C 1107 -63.41 -2.92 24.20
C ARG C 1107 -62.22 -3.22 25.11
N ASN C 1108 -61.61 -2.22 25.75
CA ASN C 1108 -60.37 -2.49 26.48
C ASN C 1108 -60.60 -2.72 27.97
N PHE C 1109 -61.89 -2.85 28.33
CA PHE C 1109 -62.33 -3.11 29.68
C PHE C 1109 -63.77 -3.64 29.69
N TYR C 1110 -64.07 -4.69 30.45
CA TYR C 1110 -65.43 -5.18 30.49
C TYR C 1110 -66.32 -4.47 31.48
N GLU C 1111 -67.30 -3.78 30.93
CA GLU C 1111 -68.27 -3.04 31.69
C GLU C 1111 -69.62 -3.09 30.96
N PRO C 1112 -70.41 -4.15 31.14
CA PRO C 1112 -71.63 -4.41 30.39
C PRO C 1112 -72.72 -3.41 30.66
N GLN C 1113 -73.33 -2.93 29.60
CA GLN C 1113 -74.44 -2.01 29.68
C GLN C 1113 -75.69 -2.65 29.18
N ILE C 1114 -76.80 -2.13 29.61
CA ILE C 1114 -78.06 -2.58 29.05
C ILE C 1114 -78.10 -2.05 27.64
N ILE C 1115 -78.50 -2.91 26.72
CA ILE C 1115 -78.58 -2.46 25.35
C ILE C 1115 -79.85 -1.68 25.19
N THR C 1116 -79.67 -0.44 24.78
CA THR C 1116 -80.75 0.50 24.60
C THR C 1116 -80.56 1.14 23.28
N THR C 1117 -81.53 1.91 22.86
CA THR C 1117 -81.49 2.63 21.59
C THR C 1117 -80.49 3.77 21.61
N ASP C 1118 -80.01 4.11 22.80
CA ASP C 1118 -79.05 5.18 22.97
C ASP C 1118 -77.62 4.64 22.91
N ASN C 1119 -77.49 3.31 22.83
CA ASN C 1119 -76.21 2.68 22.78
C ASN C 1119 -75.97 2.08 21.40
N THR C 1120 -76.96 2.19 20.53
CA THR C 1120 -76.93 1.61 19.21
C THR C 1120 -77.33 2.58 18.13
N PHE C 1121 -77.15 2.15 16.90
CA PHE C 1121 -77.65 2.91 15.78
C PHE C 1121 -78.15 1.92 14.79
N VAL C 1122 -79.01 2.36 13.89
CA VAL C 1122 -79.54 1.43 12.91
C VAL C 1122 -79.15 1.73 11.51
N SER C 1123 -78.69 0.70 10.84
CA SER C 1123 -78.33 0.83 9.45
C SER C 1123 -78.59 -0.48 8.73
N GLY C 1124 -79.50 -0.47 7.78
CA GLY C 1124 -79.83 -1.71 7.10
C GLY C 1124 -80.70 -2.58 7.99
N ASN C 1125 -80.73 -3.87 7.69
CA ASN C 1125 -81.63 -4.77 8.37
C ASN C 1125 -81.03 -6.18 8.50
N CYS C 1126 -81.79 -7.08 9.15
CA CYS C 1126 -81.42 -8.44 9.50
C CYS C 1126 -81.27 -9.39 8.34
N ASP C 1127 -81.72 -8.98 7.16
CA ASP C 1127 -81.57 -9.83 5.99
C ASP C 1127 -80.27 -9.50 5.28
N VAL C 1128 -79.53 -8.53 5.82
CA VAL C 1128 -78.29 -8.10 5.23
C VAL C 1128 -77.08 -8.53 6.06
N VAL C 1129 -77.14 -8.32 7.37
CA VAL C 1129 -75.95 -8.62 8.18
C VAL C 1129 -75.84 -10.08 8.61
N ILE C 1130 -74.75 -10.72 8.22
CA ILE C 1130 -74.54 -12.10 8.58
C ILE C 1130 -73.94 -12.10 9.97
N GLY C 1131 -74.55 -12.85 10.89
CA GLY C 1131 -74.07 -12.91 12.26
C GLY C 1131 -74.92 -12.05 13.19
N ILE C 1132 -75.92 -11.39 12.64
CA ILE C 1132 -76.84 -10.60 13.43
C ILE C 1132 -77.73 -11.57 14.21
N VAL C 1133 -78.02 -11.26 15.47
CA VAL C 1133 -78.88 -12.16 16.26
C VAL C 1133 -80.09 -11.46 16.83
N ASN C 1134 -81.12 -12.22 17.20
CA ASN C 1134 -82.31 -11.64 17.80
C ASN C 1134 -82.10 -11.16 19.22
N ASN C 1135 -82.58 -9.97 19.51
CA ASN C 1135 -82.44 -9.36 20.81
C ASN C 1135 -83.55 -8.33 21.06
N THR C 1136 -83.54 -7.70 22.23
CA THR C 1136 -84.47 -6.62 22.51
C THR C 1136 -83.70 -5.37 22.85
N VAL C 1137 -83.99 -4.28 22.15
CA VAL C 1137 -83.30 -3.04 22.42
C VAL C 1137 -84.24 -2.13 23.18
N TYR C 1138 -83.83 -1.74 24.37
CA TYR C 1138 -84.68 -0.93 25.21
C TYR C 1138 -84.73 0.55 24.83
N ASP C 1139 -85.98 1.08 24.84
CA ASP C 1139 -86.27 2.51 24.52
C ASP C 1139 -86.58 3.31 25.83
N PRO C 1140 -85.63 4.07 26.44
CA PRO C 1140 -85.86 4.84 27.67
C PRO C 1140 -86.90 5.93 27.53
N LEU C 1141 -87.20 6.34 26.31
CA LEU C 1141 -88.18 7.38 26.12
C LEU C 1141 -89.59 6.89 26.42
N GLN C 1142 -89.89 5.64 26.08
CA GLN C 1142 -91.27 5.21 26.25
C GLN C 1142 -91.85 5.53 27.63
N PRO C 1143 -91.24 5.14 28.78
CA PRO C 1143 -91.76 5.43 30.09
C PRO C 1143 -91.80 6.91 30.43
N GLU C 1144 -91.01 7.75 29.76
CA GLU C 1144 -91.02 9.16 30.07
C GLU C 1144 -92.30 9.74 29.51
N LEU C 1145 -92.70 9.21 28.35
CA LEU C 1145 -93.90 9.63 27.67
C LEU C 1145 -95.13 9.08 28.36
N ASP C 1146 -95.00 7.85 28.91
CA ASP C 1146 -96.13 7.21 29.60
C ASP C 1146 -96.46 7.88 30.96
N SER C 1147 -95.43 8.34 31.71
CA SER C 1147 -95.53 8.99 33.00
C SER C 1147 -96.02 10.44 32.79
N ALA D 27 -11.13 -11.82 -54.50
CA ALA D 27 -9.80 -11.45 -54.00
C ALA D 27 -9.69 -11.62 -52.48
N TYR D 28 -10.75 -11.24 -51.72
CA TYR D 28 -10.85 -11.31 -50.25
C TYR D 28 -12.15 -11.90 -49.74
N THR D 29 -12.11 -12.51 -48.56
CA THR D 29 -13.37 -12.91 -47.94
C THR D 29 -13.44 -12.45 -46.50
N ASN D 30 -14.62 -12.66 -45.92
CA ASN D 30 -14.93 -12.29 -44.55
C ASN D 30 -14.70 -13.44 -43.57
N SER D 31 -13.62 -13.38 -42.78
CA SER D 31 -13.28 -14.43 -41.84
C SER D 31 -14.03 -14.17 -40.54
N PHE D 32 -15.33 -14.33 -40.68
CA PHE D 32 -16.38 -13.95 -39.76
C PHE D 32 -15.99 -13.95 -38.29
N THR D 33 -15.83 -15.12 -37.68
CA THR D 33 -15.43 -15.19 -36.29
C THR D 33 -14.34 -16.23 -36.17
N ARG D 34 -13.51 -16.27 -37.19
CA ARG D 34 -12.45 -17.24 -37.34
C ARG D 34 -11.14 -16.76 -36.73
N GLY D 35 -10.17 -17.69 -36.51
CA GLY D 35 -8.86 -17.29 -35.99
C GLY D 35 -8.63 -17.35 -34.48
N VAL D 36 -9.45 -18.13 -33.77
CA VAL D 36 -9.35 -18.34 -32.32
C VAL D 36 -8.85 -19.74 -31.98
N TYR D 37 -8.09 -19.80 -30.90
CA TYR D 37 -7.47 -21.01 -30.41
C TYR D 37 -7.39 -21.03 -28.92
N TYR D 38 -7.17 -22.23 -28.39
CA TYR D 38 -6.99 -22.37 -26.96
C TYR D 38 -5.61 -21.80 -26.64
N PRO D 39 -5.49 -20.73 -25.85
CA PRO D 39 -4.24 -20.06 -25.56
C PRO D 39 -3.31 -20.88 -24.68
N ASP D 40 -3.86 -21.91 -24.04
CA ASP D 40 -3.14 -22.74 -23.11
C ASP D 40 -3.61 -24.19 -23.16
N LYS D 41 -3.21 -24.95 -22.15
CA LYS D 41 -3.51 -26.36 -22.00
C LYS D 41 -4.39 -26.55 -20.78
N VAL D 42 -5.29 -25.58 -20.57
CA VAL D 42 -6.14 -25.57 -19.41
C VAL D 42 -7.64 -25.77 -19.64
N PHE D 43 -8.19 -26.71 -18.89
CA PHE D 43 -9.58 -27.08 -18.90
C PHE D 43 -10.45 -26.18 -18.07
N ARG D 44 -11.29 -25.48 -18.79
CA ARG D 44 -12.22 -24.53 -18.23
C ARG D 44 -13.61 -24.91 -18.69
N SER D 45 -14.45 -25.38 -17.78
CA SER D 45 -15.76 -25.86 -18.19
C SER D 45 -16.91 -25.03 -17.67
N SER D 46 -17.74 -24.63 -18.63
CA SER D 46 -18.92 -23.78 -18.43
C SER D 46 -18.61 -22.45 -17.72
N VAL D 47 -17.53 -21.83 -18.14
CA VAL D 47 -17.07 -20.54 -17.63
C VAL D 47 -16.73 -19.59 -18.76
N LEU D 48 -16.61 -18.31 -18.44
CA LEU D 48 -16.10 -17.39 -19.43
C LEU D 48 -14.69 -17.03 -19.01
N HIS D 49 -13.82 -16.79 -19.98
CA HIS D 49 -12.47 -16.36 -19.69
C HIS D 49 -12.03 -15.21 -20.58
N SER D 50 -11.83 -14.04 -19.99
CA SER D 50 -11.40 -12.88 -20.76
C SER D 50 -9.89 -12.86 -20.83
N THR D 51 -9.36 -12.84 -22.05
CA THR D 51 -7.91 -12.87 -22.23
C THR D 51 -7.43 -12.22 -23.53
N GLN D 52 -6.19 -11.74 -23.52
CA GLN D 52 -5.59 -11.18 -24.73
C GLN D 52 -4.43 -12.00 -25.25
N ASP D 53 -4.47 -12.24 -26.55
CA ASP D 53 -3.43 -12.98 -27.26
C ASP D 53 -3.46 -12.59 -28.72
N LEU D 54 -2.56 -13.16 -29.49
CA LEU D 54 -2.48 -12.86 -30.91
C LEU D 54 -3.51 -13.67 -31.69
N PHE D 55 -4.53 -13.00 -32.20
CA PHE D 55 -5.65 -13.68 -32.85
C PHE D 55 -6.08 -13.00 -34.13
N LEU D 56 -6.77 -13.70 -35.03
CA LEU D 56 -7.30 -12.95 -36.16
C LEU D 56 -8.39 -12.05 -35.59
N PRO D 57 -8.45 -10.75 -35.91
CA PRO D 57 -9.56 -9.89 -35.52
C PRO D 57 -10.82 -10.45 -36.16
N PHE D 58 -11.95 -10.36 -35.48
CA PHE D 58 -13.16 -10.86 -36.09
C PHE D 58 -13.56 -9.97 -37.24
N PHE D 59 -14.16 -10.61 -38.23
CA PHE D 59 -14.63 -10.03 -39.47
C PHE D 59 -13.51 -9.45 -40.34
N SER D 60 -12.28 -9.89 -40.11
CA SER D 60 -11.13 -9.48 -40.89
C SER D 60 -11.21 -9.97 -42.34
N ASN D 61 -10.68 -9.16 -43.26
CA ASN D 61 -10.61 -9.52 -44.67
C ASN D 61 -9.32 -10.23 -45.00
N VAL D 62 -9.46 -11.46 -45.48
CA VAL D 62 -8.30 -12.31 -45.77
C VAL D 62 -8.17 -12.56 -47.26
N THR D 63 -6.93 -12.59 -47.75
CA THR D 63 -6.61 -12.69 -49.19
C THR D 63 -6.68 -14.10 -49.74
N TRP D 64 -7.29 -14.25 -50.92
CA TRP D 64 -7.39 -15.51 -51.64
C TRP D 64 -6.23 -15.80 -52.58
N PHE D 65 -5.74 -17.04 -52.51
CA PHE D 65 -4.69 -17.52 -53.39
C PHE D 65 -5.13 -18.83 -54.07
N HIS D 66 -4.68 -19.06 -55.33
CA HIS D 66 -4.92 -20.28 -56.11
C HIS D 66 -3.58 -21.02 -56.29
N ASN D 81 2.06 -20.62 -54.13
CA ASN D 81 3.14 -20.21 -55.02
C ASN D 81 3.92 -18.92 -54.54
N PRO D 82 3.29 -17.76 -54.11
CA PRO D 82 3.95 -16.50 -53.69
C PRO D 82 4.61 -16.53 -52.31
N VAL D 83 5.54 -15.62 -52.08
CA VAL D 83 6.08 -15.45 -50.73
C VAL D 83 5.30 -14.32 -50.10
N LEU D 84 4.67 -14.61 -49.00
CA LEU D 84 3.80 -13.69 -48.32
C LEU D 84 4.41 -13.23 -47.01
N PRO D 85 4.01 -12.07 -46.46
CA PRO D 85 4.41 -11.62 -45.14
C PRO D 85 3.96 -12.61 -44.11
N PHE D 86 4.73 -12.76 -43.05
CA PHE D 86 4.34 -13.61 -41.93
C PHE D 86 4.01 -12.70 -40.76
N ASN D 87 4.76 -11.61 -40.68
CA ASN D 87 4.66 -10.64 -39.62
C ASN D 87 4.83 -11.32 -38.26
N ASP D 88 3.86 -11.18 -37.34
CA ASP D 88 4.00 -11.78 -36.02
C ASP D 88 3.29 -13.11 -35.94
N GLY D 89 2.61 -13.45 -37.01
CA GLY D 89 1.77 -14.62 -37.07
C GLY D 89 0.70 -14.44 -38.12
N VAL D 90 0.28 -15.57 -38.66
CA VAL D 90 -0.61 -15.63 -39.79
C VAL D 90 -1.81 -16.55 -39.57
N TYR D 91 -2.97 -16.03 -39.99
CA TYR D 91 -4.20 -16.86 -39.94
C TYR D 91 -4.28 -17.61 -41.27
N PHE D 92 -4.56 -18.90 -41.21
CA PHE D 92 -4.70 -19.72 -42.43
C PHE D 92 -6.03 -20.45 -42.48
N ALA D 93 -6.62 -20.51 -43.66
CA ALA D 93 -7.81 -21.32 -43.85
C ALA D 93 -7.81 -21.90 -45.26
N SER D 94 -7.17 -23.06 -45.43
CA SER D 94 -7.00 -23.61 -46.78
C SER D 94 -8.06 -24.60 -47.17
N THR D 95 -8.31 -24.70 -48.47
CA THR D 95 -9.29 -25.63 -49.04
C THR D 95 -8.66 -26.37 -50.18
N GLU D 96 -7.69 -27.24 -49.82
CA GLU D 96 -6.88 -28.00 -50.80
C GLU D 96 -7.74 -28.95 -51.62
N LYS D 97 -7.54 -28.97 -52.93
CA LYS D 97 -8.29 -29.81 -53.84
C LYS D 97 -7.51 -30.99 -54.40
N SER D 98 -6.20 -30.80 -54.59
CA SER D 98 -5.39 -31.80 -55.27
C SER D 98 -4.19 -32.26 -54.44
N ASN D 99 -4.25 -32.04 -53.14
CA ASN D 99 -3.18 -32.41 -52.22
C ASN D 99 -1.83 -31.86 -52.67
N ILE D 100 -1.82 -30.60 -53.10
CA ILE D 100 -0.62 -29.95 -53.54
C ILE D 100 0.18 -29.40 -52.38
N ILE D 101 -0.47 -28.71 -51.45
CA ILE D 101 0.31 -28.18 -50.35
C ILE D 101 0.50 -29.27 -49.34
N ARG D 102 1.76 -29.61 -49.12
CA ARG D 102 2.13 -30.67 -48.19
C ARG D 102 3.00 -30.12 -47.09
N GLY D 103 3.53 -28.91 -47.31
CA GLY D 103 4.43 -28.34 -46.35
C GLY D 103 4.51 -26.81 -46.35
N TRP D 104 5.48 -26.31 -45.61
CA TRP D 104 5.74 -24.88 -45.43
C TRP D 104 7.20 -24.44 -45.48
N ILE D 105 7.43 -23.19 -45.91
CA ILE D 105 8.76 -22.57 -45.88
C ILE D 105 8.70 -21.31 -45.01
N PHE D 106 9.57 -21.20 -44.02
CA PHE D 106 9.60 -19.97 -43.23
C PHE D 106 11.01 -19.35 -43.12
N GLY D 107 11.07 -18.01 -43.08
CA GLY D 107 12.35 -17.31 -42.89
C GLY D 107 12.24 -15.83 -43.27
N THR D 108 13.38 -15.17 -43.51
CA THR D 108 13.33 -13.75 -43.89
C THR D 108 13.55 -13.54 -45.38
N THR D 109 14.25 -14.47 -46.03
CA THR D 109 14.51 -14.37 -47.47
C THR D 109 14.04 -15.60 -48.23
N LEU D 110 13.86 -16.71 -47.53
CA LEU D 110 13.47 -17.98 -48.14
C LEU D 110 14.39 -18.32 -49.31
N ASP D 111 15.69 -18.17 -49.07
CA ASP D 111 16.74 -18.38 -50.06
C ASP D 111 17.91 -19.14 -49.42
N SER D 112 18.94 -19.40 -50.20
CA SER D 112 20.12 -20.11 -49.72
C SER D 112 21.12 -19.20 -49.03
N LYS D 113 22.09 -19.82 -48.37
CA LYS D 113 23.18 -19.17 -47.62
C LYS D 113 22.64 -18.30 -46.50
N THR D 114 21.58 -18.79 -45.90
CA THR D 114 20.90 -18.22 -44.77
C THR D 114 20.15 -19.40 -44.22
N GLN D 115 19.86 -19.42 -42.94
CA GLN D 115 19.12 -20.56 -42.45
C GLN D 115 17.63 -20.35 -42.63
N SER D 116 16.93 -21.40 -43.05
CA SER D 116 15.48 -21.33 -43.20
C SER D 116 14.84 -22.66 -42.85
N LEU D 117 13.55 -22.61 -42.56
CA LEU D 117 12.76 -23.75 -42.13
C LEU D 117 11.85 -24.42 -43.15
N LEU D 118 12.05 -25.73 -43.37
CA LEU D 118 11.16 -26.48 -44.25
C LEU D 118 10.44 -27.61 -43.53
N ILE D 119 9.11 -27.56 -43.58
CA ILE D 119 8.27 -28.57 -42.95
C ILE D 119 7.53 -29.35 -44.02
N VAL D 120 7.81 -30.65 -44.18
CA VAL D 120 7.10 -31.39 -45.24
C VAL D 120 6.44 -32.69 -44.82
N ASN D 121 5.15 -32.83 -45.17
CA ASN D 121 4.45 -34.08 -44.92
C ASN D 121 4.67 -35.00 -46.14
N ASN D 122 5.59 -35.93 -45.99
CA ASN D 122 6.03 -36.84 -47.04
C ASN D 122 5.18 -38.09 -47.05
N ALA D 123 3.90 -37.90 -47.34
CA ALA D 123 2.86 -38.92 -47.47
C ALA D 123 2.52 -39.67 -46.17
N THR D 124 3.52 -40.34 -45.58
CA THR D 124 3.30 -41.12 -44.37
C THR D 124 3.87 -40.50 -43.10
N ASN D 125 4.79 -39.54 -43.23
CA ASN D 125 5.39 -38.94 -42.05
C ASN D 125 5.79 -37.49 -42.34
N VAL D 126 6.32 -36.80 -41.33
CA VAL D 126 6.72 -35.40 -41.50
C VAL D 126 8.17 -35.15 -41.15
N VAL D 127 8.87 -34.53 -42.08
CA VAL D 127 10.27 -34.22 -41.88
C VAL D 127 10.48 -32.72 -41.78
N ILE D 128 11.09 -32.29 -40.68
CA ILE D 128 11.34 -30.88 -40.47
C ILE D 128 12.83 -30.59 -40.36
N LYS D 129 13.30 -29.70 -41.22
CA LYS D 129 14.71 -29.36 -41.18
C LYS D 129 14.97 -27.86 -41.32
N VAL D 130 16.05 -27.40 -40.69
CA VAL D 130 16.49 -26.01 -40.82
C VAL D 130 17.92 -26.04 -41.35
N CYS D 131 18.12 -25.49 -42.57
CA CYS D 131 19.37 -25.55 -43.33
C CYS D 131 19.48 -24.39 -44.29
N GLU D 132 20.64 -24.25 -44.92
CA GLU D 132 20.88 -23.28 -45.95
C GLU D 132 20.46 -23.96 -47.23
N PHE D 133 19.15 -24.11 -47.36
CA PHE D 133 18.56 -24.88 -48.42
C PHE D 133 18.68 -24.14 -49.73
N GLN D 134 18.87 -24.89 -50.80
CA GLN D 134 18.91 -24.26 -52.10
C GLN D 134 17.54 -24.30 -52.72
N PHE D 135 17.10 -23.14 -53.16
CA PHE D 135 15.81 -22.91 -53.75
C PHE D 135 15.98 -22.54 -55.22
N CYS D 136 14.94 -22.73 -56.00
CA CYS D 136 14.95 -22.33 -57.39
C CYS D 136 13.75 -21.42 -57.58
N ASN D 137 13.24 -21.30 -58.81
CA ASN D 137 12.15 -20.36 -59.02
C ASN D 137 10.85 -20.78 -58.32
N ASP D 138 10.62 -22.09 -58.22
CA ASP D 138 9.43 -22.62 -57.58
C ASP D 138 9.73 -24.08 -57.22
N PRO D 139 10.58 -24.33 -56.20
CA PRO D 139 11.04 -25.65 -55.81
C PRO D 139 9.93 -26.38 -55.09
N PHE D 140 9.80 -27.69 -55.30
CA PHE D 140 8.79 -28.51 -54.57
C PHE D 140 9.24 -29.98 -54.57
N ASN D 164 21.99 -27.08 -47.10
CA ASN D 164 23.26 -27.57 -46.56
C ASN D 164 23.55 -26.87 -45.21
N ASN D 165 24.68 -27.22 -44.51
CA ASN D 165 25.08 -26.58 -43.21
C ASN D 165 23.91 -26.53 -42.17
N CYS D 166 23.22 -27.67 -42.01
CA CYS D 166 22.00 -27.87 -41.21
C CYS D 166 22.19 -27.70 -39.70
N THR D 167 21.21 -27.03 -39.10
CA THR D 167 21.18 -26.76 -37.66
C THR D 167 20.08 -27.53 -36.95
N PHE D 168 19.06 -27.96 -37.69
CA PHE D 168 17.94 -28.67 -37.09
C PHE D 168 17.44 -29.79 -37.98
N GLU D 169 17.17 -30.92 -37.35
CA GLU D 169 16.54 -32.04 -38.05
C GLU D 169 15.74 -32.87 -37.09
N TYR D 170 14.47 -33.05 -37.45
CA TYR D 170 13.51 -33.83 -36.71
C TYR D 170 12.51 -34.56 -37.60
N VAL D 171 12.18 -35.80 -37.25
CA VAL D 171 11.14 -36.51 -37.99
C VAL D 171 10.04 -36.93 -37.01
N SER D 172 8.77 -36.62 -37.34
CA SER D 172 7.57 -36.93 -36.55
C SER D 172 7.32 -38.44 -36.56
N PHE D 186 -11.03 -28.20 -51.56
CA PHE D 186 -12.34 -28.89 -51.68
C PHE D 186 -13.11 -28.72 -50.37
N LYS D 187 -13.61 -29.83 -49.82
CA LYS D 187 -14.40 -29.74 -48.57
C LYS D 187 -13.58 -29.67 -47.30
N ASN D 188 -12.36 -30.17 -47.28
CA ASN D 188 -11.67 -30.18 -45.99
C ASN D 188 -11.00 -28.84 -45.77
N LEU D 189 -11.56 -28.07 -44.83
CA LEU D 189 -11.06 -26.74 -44.54
C LEU D 189 -10.09 -26.86 -43.38
N ARG D 190 -8.87 -26.47 -43.64
CA ARG D 190 -7.83 -26.61 -42.64
C ARG D 190 -7.42 -25.26 -42.11
N GLU D 191 -7.87 -24.98 -40.90
CA GLU D 191 -7.63 -23.70 -40.27
C GLU D 191 -6.41 -23.80 -39.40
N PHE D 192 -5.54 -22.81 -39.50
CA PHE D 192 -4.33 -22.80 -38.70
C PHE D 192 -3.99 -21.48 -38.08
N VAL D 193 -3.25 -21.58 -36.98
CA VAL D 193 -2.66 -20.42 -36.36
C VAL D 193 -1.18 -20.58 -36.39
N PHE D 194 -0.50 -19.72 -37.11
CA PHE D 194 0.95 -19.75 -37.10
C PHE D 194 1.41 -18.52 -36.39
N LYS D 195 2.16 -18.69 -35.33
CA LYS D 195 2.57 -17.50 -34.58
C LYS D 195 4.02 -17.55 -34.15
N ASN D 196 4.66 -16.36 -33.95
CA ASN D 196 6.00 -16.23 -33.38
C ASN D 196 5.87 -15.93 -31.88
N TYR D 200 8.15 -17.67 -29.56
CA TYR D 200 8.85 -18.35 -30.68
C TYR D 200 7.83 -19.05 -31.57
N PHE D 201 8.29 -19.68 -32.65
CA PHE D 201 7.33 -20.31 -33.59
C PHE D 201 6.53 -21.52 -33.05
N LYS D 202 5.21 -21.38 -33.16
CA LYS D 202 4.21 -22.35 -32.75
C LYS D 202 3.08 -22.47 -33.79
N ILE D 203 2.42 -23.64 -33.84
CA ILE D 203 1.30 -23.86 -34.74
C ILE D 203 0.09 -24.49 -34.03
N TYR D 204 -1.12 -24.01 -34.34
CA TYR D 204 -2.38 -24.62 -33.82
C TYR D 204 -3.20 -25.03 -35.06
N SER D 205 -4.10 -26.02 -34.96
CA SER D 205 -4.95 -26.40 -36.10
C SER D 205 -6.32 -27.02 -35.76
N LYS D 206 -7.20 -26.95 -36.77
CA LYS D 206 -8.51 -27.60 -36.76
C LYS D 206 -8.93 -27.96 -38.19
N HIS D 207 -9.28 -29.21 -38.42
CA HIS D 207 -9.65 -29.65 -39.78
C HIS D 207 -11.09 -30.15 -39.84
N THR D 208 -11.96 -29.42 -40.55
CA THR D 208 -13.38 -29.79 -40.64
C THR D 208 -13.91 -29.70 -42.07
N PRO D 209 -14.91 -30.49 -42.48
CA PRO D 209 -15.54 -30.39 -43.78
C PRO D 209 -16.42 -29.15 -43.89
N ILE D 210 -16.46 -28.53 -45.08
CA ILE D 210 -17.34 -27.43 -45.40
C ILE D 210 -18.02 -27.67 -46.76
N ASN D 211 -19.16 -26.97 -47.03
CA ASN D 211 -19.88 -26.95 -48.32
C ASN D 211 -21.06 -25.99 -48.16
N ASP D 215 -14.97 -17.94 -49.31
CA ASP D 215 -15.39 -19.35 -49.37
C ASP D 215 -15.14 -20.10 -48.02
N LEU D 216 -15.30 -19.37 -46.89
CA LEU D 216 -15.18 -19.85 -45.50
C LEU D 216 -16.57 -19.86 -44.86
N PRO D 217 -16.86 -20.78 -43.93
CA PRO D 217 -18.09 -20.86 -43.20
C PRO D 217 -18.18 -19.68 -42.28
N GLN D 218 -19.38 -19.18 -42.10
CA GLN D 218 -19.57 -18.05 -41.23
C GLN D 218 -19.81 -18.53 -39.82
N GLY D 219 -18.73 -18.93 -39.17
CA GLY D 219 -18.82 -19.48 -37.83
C GLY D 219 -17.53 -19.38 -37.01
N PHE D 220 -17.57 -19.99 -35.82
CA PHE D 220 -16.51 -19.98 -34.82
C PHE D 220 -16.14 -21.35 -34.28
N SER D 221 -14.85 -21.59 -34.10
CA SER D 221 -14.34 -22.77 -33.43
C SER D 221 -12.98 -22.42 -32.84
N ALA D 222 -12.52 -23.17 -31.84
CA ALA D 222 -11.16 -22.90 -31.34
C ALA D 222 -10.23 -24.05 -31.71
N LEU D 223 -9.06 -23.66 -32.20
CA LEU D 223 -7.99 -24.56 -32.63
C LEU D 223 -7.10 -25.10 -31.53
N GLU D 224 -6.62 -26.34 -31.72
CA GLU D 224 -5.81 -26.99 -30.71
C GLU D 224 -4.33 -26.95 -31.08
N PRO D 225 -3.39 -26.97 -30.12
CA PRO D 225 -1.96 -26.95 -30.37
C PRO D 225 -1.52 -28.11 -31.26
N LEU D 226 -0.62 -27.82 -32.19
CA LEU D 226 -0.08 -28.82 -33.11
C LEU D 226 1.45 -28.92 -32.97
N VAL D 227 2.14 -27.77 -33.10
CA VAL D 227 3.62 -27.70 -33.05
C VAL D 227 4.07 -26.66 -32.04
N ASP D 228 5.02 -27.01 -31.20
CA ASP D 228 5.52 -26.03 -30.25
C ASP D 228 7.02 -26.18 -29.99
N LEU D 229 7.86 -25.38 -30.68
CA LEU D 229 9.30 -25.49 -30.43
C LEU D 229 10.05 -24.35 -31.12
N PRO D 230 11.03 -23.71 -30.47
CA PRO D 230 11.89 -22.72 -31.08
C PRO D 230 12.93 -23.34 -32.00
N ILE D 231 13.30 -22.62 -33.05
CA ILE D 231 14.41 -23.04 -33.90
C ILE D 231 15.52 -21.98 -34.09
N GLY D 232 15.25 -20.71 -33.75
CA GLY D 232 16.23 -19.64 -33.98
C GLY D 232 16.17 -18.97 -35.35
N ILE D 233 15.04 -19.11 -36.03
CA ILE D 233 14.89 -18.51 -37.33
C ILE D 233 13.94 -17.37 -37.27
N ASN D 234 14.39 -16.26 -37.81
CA ASN D 234 13.58 -15.08 -37.86
C ASN D 234 12.61 -15.31 -39.00
N ILE D 235 11.33 -15.39 -38.67
CA ILE D 235 10.34 -15.66 -39.69
C ILE D 235 9.55 -14.40 -39.91
N THR D 236 9.76 -13.77 -41.05
CA THR D 236 9.10 -12.51 -41.33
C THR D 236 8.26 -12.67 -42.56
N ARG D 237 8.59 -13.72 -43.34
CA ARG D 237 7.98 -14.11 -44.61
C ARG D 237 7.72 -15.62 -44.63
N PHE D 238 6.76 -16.05 -45.44
CA PHE D 238 6.54 -17.48 -45.61
C PHE D 238 6.05 -17.82 -47.01
N GLN D 239 6.18 -19.08 -47.35
CA GLN D 239 5.70 -19.61 -48.62
C GLN D 239 5.23 -21.03 -48.40
N THR D 240 4.29 -21.53 -49.17
CA THR D 240 3.91 -22.92 -49.00
C THR D 240 4.81 -23.87 -49.80
N LEU D 241 4.85 -25.15 -49.41
CA LEU D 241 5.54 -26.18 -50.18
C LEU D 241 4.49 -27.04 -50.89
N LEU D 242 4.53 -26.97 -52.23
CA LEU D 242 3.60 -27.57 -53.18
C LEU D 242 3.90 -29.05 -53.50
N ALA D 263 -3.66 -25.54 -55.06
CA ALA D 263 -3.12 -24.82 -53.92
C ALA D 263 -4.03 -23.58 -53.63
N ALA D 264 -5.30 -23.88 -53.28
CA ALA D 264 -6.41 -22.96 -52.98
C ALA D 264 -6.53 -22.63 -51.48
N TYR D 265 -6.29 -21.36 -51.12
CA TYR D 265 -6.30 -20.97 -49.69
C TYR D 265 -6.48 -19.49 -49.36
N TYR D 266 -6.88 -19.21 -48.11
CA TYR D 266 -6.90 -17.83 -47.62
C TYR D 266 -5.78 -17.51 -46.62
N VAL D 267 -5.27 -16.27 -46.67
CA VAL D 267 -4.26 -15.77 -45.71
C VAL D 267 -4.66 -14.46 -45.04
N GLY D 268 -4.63 -14.45 -43.72
CA GLY D 268 -4.91 -13.26 -42.92
C GLY D 268 -3.79 -13.04 -41.94
N TYR D 269 -3.90 -12.01 -41.12
CA TYR D 269 -2.85 -11.76 -40.15
C TYR D 269 -3.39 -11.63 -38.77
N LEU D 270 -2.63 -12.12 -37.82
CA LEU D 270 -3.07 -12.09 -36.45
C LEU D 270 -2.62 -10.79 -35.78
N GLN D 271 -3.41 -10.27 -34.85
CA GLN D 271 -3.05 -9.08 -34.08
C GLN D 271 -3.45 -9.30 -32.62
N PRO D 272 -2.75 -8.74 -31.62
CA PRO D 272 -3.18 -8.85 -30.25
C PRO D 272 -4.58 -8.30 -30.09
N ARG D 273 -5.47 -9.13 -29.59
CA ARG D 273 -6.86 -8.80 -29.38
C ARG D 273 -7.39 -9.46 -28.14
N THR D 274 -8.29 -8.75 -27.45
CA THR D 274 -8.89 -9.30 -26.27
C THR D 274 -10.22 -9.90 -26.65
N PHE D 275 -10.44 -11.10 -26.15
CA PHE D 275 -11.67 -11.81 -26.33
C PHE D 275 -12.27 -12.27 -25.06
N LEU D 276 -13.59 -12.30 -25.04
CA LEU D 276 -14.27 -12.94 -23.94
C LEU D 276 -14.53 -14.34 -24.47
N LEU D 277 -13.88 -15.36 -23.90
CA LEU D 277 -14.00 -16.71 -24.45
C LEU D 277 -15.01 -17.56 -23.69
N LYS D 278 -15.99 -18.10 -24.40
CA LYS D 278 -17.02 -18.92 -23.77
C LYS D 278 -16.77 -20.39 -23.89
N TYR D 279 -16.67 -21.03 -22.74
CA TYR D 279 -16.43 -22.46 -22.68
C TYR D 279 -17.70 -23.26 -22.44
N ASN D 280 -17.76 -24.44 -23.00
CA ASN D 280 -18.88 -25.33 -22.78
C ASN D 280 -18.54 -26.28 -21.66
N GLU D 281 -19.43 -27.22 -21.40
CA GLU D 281 -19.30 -28.18 -20.32
C GLU D 281 -18.16 -29.18 -20.50
N ASN D 282 -17.64 -29.29 -21.72
CA ASN D 282 -16.60 -30.24 -22.05
C ASN D 282 -15.25 -29.57 -22.09
N GLY D 283 -15.19 -28.29 -21.73
CA GLY D 283 -13.94 -27.58 -21.74
C GLY D 283 -13.51 -27.00 -23.08
N THR D 284 -14.41 -26.96 -24.06
CA THR D 284 -14.03 -26.45 -25.36
C THR D 284 -14.49 -25.02 -25.44
N ILE D 285 -13.96 -24.26 -26.38
CA ILE D 285 -14.44 -22.89 -26.56
C ILE D 285 -15.44 -22.92 -27.68
N THR D 286 -16.66 -22.50 -27.40
CA THR D 286 -17.72 -22.57 -28.38
C THR D 286 -18.10 -21.20 -28.94
N ASP D 287 -17.72 -20.14 -28.24
CA ASP D 287 -18.02 -18.80 -28.75
C ASP D 287 -16.97 -17.81 -28.27
N ALA D 288 -17.06 -16.57 -28.73
CA ALA D 288 -16.17 -15.52 -28.26
C ALA D 288 -16.68 -14.11 -28.59
N VAL D 289 -16.33 -13.14 -27.76
CA VAL D 289 -16.64 -11.75 -28.09
C VAL D 289 -15.37 -11.03 -28.45
N ASP D 290 -15.30 -10.46 -29.64
CA ASP D 290 -14.12 -9.68 -29.99
C ASP D 290 -14.37 -8.29 -29.43
N CYS D 291 -13.68 -7.96 -28.33
CA CYS D 291 -13.88 -6.81 -27.46
C CYS D 291 -13.61 -5.49 -28.18
N ALA D 292 -12.96 -5.57 -29.35
CA ALA D 292 -12.63 -4.38 -30.10
C ALA D 292 -13.60 -4.00 -31.24
N LEU D 293 -14.60 -4.81 -31.56
CA LEU D 293 -15.40 -4.49 -32.76
C LEU D 293 -16.30 -3.26 -32.74
N ASP D 294 -17.00 -3.01 -31.64
CA ASP D 294 -17.93 -1.88 -31.57
C ASP D 294 -18.29 -1.63 -30.09
N PRO D 295 -19.08 -0.60 -29.74
CA PRO D 295 -19.51 -0.33 -28.37
C PRO D 295 -20.34 -1.43 -27.72
N LEU D 296 -20.94 -2.33 -28.49
CA LEU D 296 -21.73 -3.34 -27.81
C LEU D 296 -20.80 -4.45 -27.40
N SER D 297 -19.81 -4.75 -28.25
CA SER D 297 -18.86 -5.78 -27.89
C SER D 297 -18.06 -5.29 -26.70
N GLU D 298 -17.87 -3.96 -26.59
CA GLU D 298 -17.17 -3.43 -25.44
C GLU D 298 -18.01 -3.66 -24.21
N THR D 299 -19.32 -3.43 -24.32
CA THR D 299 -20.22 -3.59 -23.20
C THR D 299 -20.23 -5.05 -22.76
N LYS D 300 -20.27 -5.97 -23.71
CA LYS D 300 -20.25 -7.39 -23.35
C LYS D 300 -18.99 -7.81 -22.58
N CYS D 301 -17.79 -7.34 -23.02
CA CYS D 301 -16.50 -7.63 -22.38
C CYS D 301 -16.37 -6.90 -21.03
N THR D 302 -16.99 -5.74 -20.94
CA THR D 302 -17.03 -4.93 -19.72
C THR D 302 -17.87 -5.66 -18.69
N LEU D 303 -19.01 -6.22 -19.11
CA LEU D 303 -19.92 -6.89 -18.21
C LEU D 303 -19.64 -8.39 -18.06
N LYS D 304 -18.73 -8.94 -18.89
CA LYS D 304 -18.37 -10.36 -18.88
C LYS D 304 -19.58 -11.21 -19.14
N SER D 305 -20.31 -10.85 -20.17
CA SER D 305 -21.51 -11.54 -20.58
C SER D 305 -21.72 -11.50 -22.07
N PHE D 306 -22.37 -12.52 -22.61
CA PHE D 306 -22.70 -12.51 -24.03
C PHE D 306 -24.10 -11.93 -24.25
N THR D 307 -24.75 -11.60 -23.14
CA THR D 307 -26.08 -10.98 -23.11
C THR D 307 -26.03 -9.69 -22.30
N VAL D 308 -26.54 -8.64 -22.89
CA VAL D 308 -26.57 -7.34 -22.24
C VAL D 308 -28.00 -6.90 -22.07
N GLU D 309 -28.34 -6.50 -20.86
CA GLU D 309 -29.68 -6.06 -20.54
C GLU D 309 -29.87 -4.60 -20.89
N LYS D 310 -31.11 -4.19 -21.04
CA LYS D 310 -31.40 -2.81 -21.36
C LYS D 310 -30.83 -1.90 -20.27
N GLY D 311 -30.12 -0.87 -20.70
CA GLY D 311 -29.51 0.07 -19.77
C GLY D 311 -28.39 0.87 -20.40
N ILE D 312 -27.71 1.67 -19.60
CA ILE D 312 -26.59 2.46 -20.07
C ILE D 312 -25.36 2.03 -19.31
N TYR D 313 -24.27 1.77 -20.03
CA TYR D 313 -23.08 1.32 -19.33
C TYR D 313 -21.84 2.09 -19.72
N GLN D 314 -21.00 2.46 -18.75
CA GLN D 314 -19.76 3.15 -19.11
C GLN D 314 -18.71 2.11 -19.36
N THR D 315 -18.16 2.12 -20.56
CA THR D 315 -17.19 1.10 -20.94
C THR D 315 -15.82 1.66 -21.19
N SER D 316 -15.74 2.94 -21.49
CA SER D 316 -14.48 3.54 -21.85
C SER D 316 -14.53 5.01 -21.55
N ASN D 317 -13.39 5.67 -21.70
CA ASN D 317 -13.31 7.10 -21.53
C ASN D 317 -12.84 7.72 -22.83
N PHE D 318 -13.11 9.00 -23.03
CA PHE D 318 -12.62 9.68 -24.21
C PHE D 318 -11.68 10.75 -23.75
N ARG D 319 -10.80 11.15 -24.64
CA ARG D 319 -9.88 12.23 -24.36
C ARG D 319 -9.42 12.88 -25.64
N VAL D 320 -8.98 14.10 -25.51
CA VAL D 320 -8.37 14.79 -26.62
C VAL D 320 -6.86 14.60 -26.62
N GLN D 321 -6.39 14.06 -27.73
CA GLN D 321 -4.99 13.77 -27.97
C GLN D 321 -4.27 14.94 -28.63
N PRO D 322 -3.10 15.37 -28.14
CA PRO D 322 -2.26 16.36 -28.74
C PRO D 322 -1.86 16.01 -30.17
N THR D 323 -1.88 17.00 -31.04
CA THR D 323 -1.51 16.81 -32.42
C THR D 323 -0.21 17.48 -32.79
N GLU D 324 0.23 18.47 -32.00
CA GLU D 324 1.47 19.18 -32.31
C GLU D 324 2.31 19.37 -31.07
N SER D 325 3.61 19.63 -31.25
CA SER D 325 4.53 19.90 -30.14
C SER D 325 5.48 21.03 -30.48
N ILE D 326 5.53 22.04 -29.61
CA ILE D 326 6.39 23.19 -29.84
C ILE D 326 7.34 23.52 -28.71
N VAL D 327 8.34 24.30 -29.05
CA VAL D 327 9.34 24.80 -28.13
C VAL D 327 9.49 26.31 -28.31
N ARG D 328 9.48 27.08 -27.23
CA ARG D 328 9.64 28.51 -27.30
C ARG D 328 10.74 29.01 -26.37
N PHE D 329 11.39 30.07 -26.81
CA PHE D 329 12.50 30.72 -26.13
C PHE D 329 12.58 32.13 -26.74
N PRO D 330 13.15 33.16 -26.07
CA PRO D 330 13.35 34.48 -26.60
C PRO D 330 14.27 34.29 -27.76
N ASN D 331 14.54 35.33 -28.55
CA ASN D 331 15.38 34.97 -29.67
C ASN D 331 16.75 34.66 -29.09
N ILE D 332 17.68 34.28 -29.94
CA ILE D 332 18.99 33.90 -29.44
C ILE D 332 20.03 34.92 -29.85
N THR D 333 20.50 35.65 -28.87
CA THR D 333 21.48 36.70 -29.08
C THR D 333 22.41 36.76 -27.90
N ASN D 334 23.28 37.77 -27.87
CA ASN D 334 24.26 37.91 -26.79
C ASN D 334 25.13 36.67 -26.62
N LEU D 335 25.65 36.18 -27.74
CA LEU D 335 26.53 35.03 -27.76
C LEU D 335 27.95 35.41 -27.39
N CYS D 336 28.71 34.45 -26.80
CA CYS D 336 30.14 34.58 -26.53
C CYS D 336 30.93 34.70 -27.83
N PRO D 337 31.86 35.68 -27.90
CA PRO D 337 32.69 35.94 -29.05
C PRO D 337 33.79 34.90 -29.10
N PHE D 338 33.41 33.68 -29.45
CA PHE D 338 34.34 32.55 -29.47
C PHE D 338 35.50 32.90 -30.38
N GLY D 339 35.22 33.56 -31.48
CA GLY D 339 36.26 33.91 -32.43
C GLY D 339 37.40 34.71 -31.80
N GLU D 340 37.18 35.50 -30.76
CA GLU D 340 38.28 36.28 -30.18
C GLU D 340 39.37 35.40 -29.52
N VAL D 341 39.03 34.17 -29.15
CA VAL D 341 39.98 33.25 -28.53
C VAL D 341 40.39 32.16 -29.54
N PHE D 342 39.41 31.66 -30.34
CA PHE D 342 39.60 30.61 -31.33
C PHE D 342 40.24 31.09 -32.63
N ASN D 343 39.96 32.32 -33.01
CA ASN D 343 40.39 32.96 -34.24
C ASN D 343 41.04 34.27 -33.85
N ALA D 344 41.82 34.23 -32.78
CA ALA D 344 42.48 35.40 -32.25
C ALA D 344 43.44 35.95 -33.27
N THR D 345 43.65 37.26 -33.25
CA THR D 345 44.62 37.83 -34.18
C THR D 345 46.02 37.61 -33.65
N ARG D 346 46.13 37.39 -32.34
CA ARG D 346 47.38 37.10 -31.69
C ARG D 346 47.16 35.98 -30.69
N PHE D 347 48.04 35.00 -30.72
CA PHE D 347 48.01 33.86 -29.84
C PHE D 347 49.21 33.84 -28.93
N ALA D 348 49.07 33.18 -27.80
CA ALA D 348 50.14 33.03 -26.86
C ALA D 348 51.11 31.95 -27.24
N SER D 349 52.29 32.05 -26.65
CA SER D 349 53.27 31.00 -26.72
C SER D 349 52.71 29.84 -25.91
N VAL D 350 52.99 28.61 -26.28
CA VAL D 350 52.46 27.50 -25.48
C VAL D 350 53.05 27.44 -24.08
N TYR D 351 54.28 27.89 -23.87
CA TYR D 351 54.86 27.83 -22.51
C TYR D 351 54.09 28.71 -21.52
N ALA D 352 53.39 29.73 -22.04
CA ALA D 352 52.63 30.69 -21.26
C ALA D 352 51.42 31.12 -22.07
N TRP D 353 50.47 30.20 -22.15
CA TRP D 353 49.24 30.32 -22.93
C TRP D 353 48.31 31.38 -22.35
N ASN D 354 47.49 32.04 -23.16
CA ASN D 354 46.61 33.03 -22.57
C ASN D 354 45.26 32.42 -22.26
N ARG D 355 44.57 32.97 -21.28
CA ARG D 355 43.24 32.47 -20.96
C ARG D 355 42.15 33.50 -21.02
N LYS D 356 41.08 33.13 -21.72
CA LYS D 356 39.89 33.96 -21.80
C LYS D 356 38.72 33.16 -21.23
N ARG D 357 37.77 33.85 -20.59
CA ARG D 357 36.62 33.14 -20.04
C ARG D 357 35.42 33.22 -20.97
N ILE D 358 34.68 32.12 -21.06
CA ILE D 358 33.45 32.04 -21.84
C ILE D 358 32.32 31.89 -20.86
N SER D 359 31.58 32.96 -20.57
CA SER D 359 30.52 32.87 -19.57
C SER D 359 29.48 33.95 -19.67
N ASN D 360 28.35 33.75 -18.97
CA ASN D 360 27.30 34.78 -18.88
C ASN D 360 26.92 35.32 -20.28
N CYS D 361 26.71 34.38 -21.19
CA CYS D 361 26.38 34.72 -22.58
C CYS D 361 25.76 33.45 -23.15
N VAL D 362 25.34 33.48 -24.40
CA VAL D 362 24.90 32.25 -25.02
C VAL D 362 26.15 31.59 -25.56
N ALA D 363 26.55 30.53 -24.90
CA ALA D 363 27.78 29.85 -25.24
C ALA D 363 27.50 28.85 -26.34
N ASP D 364 27.25 29.35 -27.52
CA ASP D 364 26.86 28.46 -28.58
C ASP D 364 28.09 27.85 -29.21
N TYR D 365 28.47 26.71 -28.67
CA TYR D 365 29.69 26.00 -29.03
C TYR D 365 29.55 25.26 -30.35
N SER D 366 28.35 25.26 -30.95
CA SER D 366 28.16 24.53 -32.21
C SER D 366 28.87 25.31 -33.31
N VAL D 367 29.21 26.59 -33.01
CA VAL D 367 29.91 27.46 -33.92
C VAL D 367 31.31 26.91 -34.16
N LEU D 368 31.81 26.13 -33.20
CA LEU D 368 33.12 25.55 -33.30
C LEU D 368 32.99 24.14 -33.87
N TYR D 369 32.07 23.35 -33.29
CA TYR D 369 31.92 21.95 -33.67
C TYR D 369 31.59 21.74 -35.14
N ASN D 370 30.64 22.50 -35.67
CA ASN D 370 30.23 22.29 -37.04
C ASN D 370 30.98 23.16 -38.04
N SER D 371 32.05 23.83 -37.61
CA SER D 371 32.79 24.64 -38.53
C SER D 371 33.85 23.84 -39.26
N ALA D 372 33.85 23.96 -40.57
CA ALA D 372 34.77 23.23 -41.44
C ALA D 372 36.14 23.87 -41.50
N SER D 373 36.30 25.00 -40.81
CA SER D 373 37.57 25.69 -40.80
C SER D 373 38.58 24.99 -39.90
N PHE D 374 38.12 24.16 -38.98
CA PHE D 374 39.02 23.49 -38.03
C PHE D 374 39.54 22.21 -38.67
N SER D 375 40.80 21.86 -38.42
CA SER D 375 41.33 20.62 -38.97
C SER D 375 40.85 19.47 -38.12
N THR D 376 40.69 19.76 -36.84
CA THR D 376 40.21 18.78 -35.90
C THR D 376 39.46 19.39 -34.74
N PHE D 377 38.53 18.60 -34.23
CA PHE D 377 37.74 18.93 -33.05
C PHE D 377 37.54 17.65 -32.28
N LYS D 378 38.21 17.51 -31.14
CA LYS D 378 38.09 16.28 -30.37
C LYS D 378 37.88 16.61 -28.89
N CYS D 379 36.86 15.97 -28.25
CA CYS D 379 36.56 16.14 -26.83
C CYS D 379 37.01 14.92 -26.05
N TYR D 380 37.42 15.16 -24.83
CA TYR D 380 37.87 14.05 -24.01
C TYR D 380 36.88 13.76 -22.89
N GLY D 381 36.33 14.81 -22.26
CA GLY D 381 35.41 14.56 -21.15
C GLY D 381 33.94 14.91 -21.41
N VAL D 382 33.65 15.32 -22.64
CA VAL D 382 32.24 15.75 -22.93
C VAL D 382 31.86 15.26 -24.32
N SER D 383 30.58 15.37 -24.65
CA SER D 383 30.12 15.03 -26.00
C SER D 383 30.18 16.25 -26.95
N PRO D 384 30.99 16.23 -28.03
CA PRO D 384 31.26 17.35 -28.93
C PRO D 384 30.05 17.87 -29.69
N THR D 385 29.03 17.03 -29.86
CA THR D 385 27.86 17.41 -30.61
C THR D 385 26.77 18.00 -29.75
N LYS D 386 26.97 17.96 -28.44
CA LYS D 386 25.97 18.43 -27.49
C LYS D 386 26.46 19.64 -26.72
N LEU D 387 27.61 20.18 -27.07
CA LEU D 387 28.17 21.26 -26.27
C LEU D 387 27.25 22.47 -26.22
N ASN D 388 26.52 22.71 -27.29
CA ASN D 388 25.57 23.82 -27.31
C ASN D 388 24.31 23.57 -26.46
N ASP D 389 23.94 22.31 -26.20
CA ASP D 389 22.73 22.06 -25.41
C ASP D 389 23.09 22.02 -23.94
N LEU D 390 24.33 21.64 -23.68
CA LEU D 390 24.91 21.50 -22.36
C LEU D 390 25.23 22.88 -21.72
N CYS D 391 25.37 22.86 -20.37
CA CYS D 391 25.78 24.00 -19.56
C CYS D 391 26.87 23.51 -18.62
N PHE D 392 27.90 24.33 -18.53
CA PHE D 392 29.09 24.00 -17.82
C PHE D 392 29.32 24.93 -16.65
N THR D 393 29.95 24.44 -15.60
CA THR D 393 30.07 25.30 -14.45
C THR D 393 31.01 26.49 -14.71
N ASN D 394 32.24 26.20 -15.17
CA ASN D 394 33.24 27.25 -15.41
C ASN D 394 34.04 26.94 -16.65
N VAL D 395 33.87 27.75 -17.68
CA VAL D 395 34.53 27.44 -18.95
C VAL D 395 35.59 28.43 -19.32
N TYR D 396 36.75 27.88 -19.62
CA TYR D 396 37.87 28.72 -19.98
C TYR D 396 38.52 28.22 -21.24
N ALA D 397 38.98 29.15 -22.05
CA ALA D 397 39.65 28.83 -23.28
C ALA D 397 41.12 29.23 -23.24
N ASP D 398 42.00 28.23 -23.25
CA ASP D 398 43.45 28.43 -23.21
C ASP D 398 43.94 28.47 -24.64
N SER D 399 44.44 29.64 -25.07
CA SER D 399 44.77 29.90 -26.47
C SER D 399 46.23 30.23 -26.80
N PHE D 400 46.79 29.34 -27.63
CA PHE D 400 48.18 29.34 -28.03
C PHE D 400 48.47 28.70 -29.40
N VAL D 401 49.67 28.95 -29.94
CA VAL D 401 50.06 28.30 -31.22
C VAL D 401 51.25 27.35 -31.09
N ILE D 402 51.00 26.14 -31.62
CA ILE D 402 51.96 25.03 -31.66
C ILE D 402 52.09 24.40 -33.02
N ARG D 403 53.14 23.62 -33.21
CA ARG D 403 53.35 22.84 -34.42
C ARG D 403 52.38 21.71 -34.56
N GLY D 404 52.01 21.37 -35.80
CA GLY D 404 51.12 20.25 -36.06
C GLY D 404 51.59 18.95 -35.40
N ASP D 405 52.89 18.73 -35.31
CA ASP D 405 53.37 17.48 -34.67
C ASP D 405 52.99 17.41 -33.19
N GLU D 406 52.83 18.57 -32.56
CA GLU D 406 52.58 18.68 -31.14
C GLU D 406 51.10 18.76 -30.82
N VAL D 407 50.21 18.69 -31.81
CA VAL D 407 48.80 18.84 -31.50
C VAL D 407 48.31 17.71 -30.58
N ARG D 408 48.82 16.50 -30.76
CA ARG D 408 48.41 15.34 -29.95
C ARG D 408 48.82 15.49 -28.47
N GLN D 409 49.72 16.45 -28.18
CA GLN D 409 50.20 16.72 -26.83
C GLN D 409 49.14 17.44 -26.02
N ILE D 410 48.17 18.04 -26.71
CA ILE D 410 47.14 18.77 -26.01
C ILE D 410 45.98 17.81 -25.79
N ALA D 411 46.18 16.99 -24.77
CA ALA D 411 45.27 15.96 -24.38
C ALA D 411 45.61 15.57 -22.94
N PRO D 412 44.67 15.06 -22.16
CA PRO D 412 44.88 14.58 -20.81
C PRO D 412 45.70 13.33 -20.77
N GLY D 413 46.55 13.23 -19.73
CA GLY D 413 47.31 12.02 -19.45
C GLY D 413 48.45 11.77 -20.44
N GLN D 414 48.96 12.83 -21.05
CA GLN D 414 50.00 12.70 -22.06
C GLN D 414 51.36 13.07 -21.55
N THR D 415 52.38 12.61 -22.26
CA THR D 415 53.77 12.93 -22.02
C THR D 415 54.39 13.47 -23.31
N GLY D 416 55.54 14.14 -23.18
CA GLY D 416 56.23 14.70 -24.36
C GLY D 416 56.61 16.17 -24.10
N LYS D 417 57.15 16.86 -25.10
CA LYS D 417 57.63 18.21 -24.82
C LYS D 417 56.54 19.19 -24.40
N ILE D 418 55.35 19.07 -24.97
CA ILE D 418 54.33 20.06 -24.64
C ILE D 418 53.50 19.50 -23.53
N ALA D 419 53.15 18.23 -23.65
CA ALA D 419 52.35 17.58 -22.66
C ALA D 419 53.02 17.61 -21.28
N ASP D 420 54.36 17.53 -21.21
CA ASP D 420 55.01 17.60 -19.90
C ASP D 420 55.48 18.99 -19.48
N TYR D 421 55.89 19.88 -20.41
CA TYR D 421 56.46 21.15 -19.95
C TYR D 421 55.70 22.43 -20.29
N ASN D 422 54.71 22.39 -21.20
CA ASN D 422 54.08 23.62 -21.64
C ASN D 422 52.59 23.68 -21.40
N TYR D 423 51.92 22.60 -21.70
CA TYR D 423 50.49 22.57 -21.58
C TYR D 423 50.05 21.15 -21.30
N LYS D 424 49.97 20.84 -20.02
CA LYS D 424 49.63 19.51 -19.60
C LYS D 424 48.18 19.47 -19.16
N LEU D 425 47.44 18.48 -19.61
CA LEU D 425 46.09 18.32 -19.14
C LEU D 425 46.03 17.15 -18.15
N PRO D 426 45.18 17.23 -17.11
CA PRO D 426 45.00 16.23 -16.08
C PRO D 426 44.29 14.99 -16.60
N ASP D 427 44.51 13.85 -15.96
CA ASP D 427 43.88 12.59 -16.36
C ASP D 427 42.34 12.66 -16.33
N ASP D 428 41.79 13.47 -15.42
CA ASP D 428 40.36 13.64 -15.26
C ASP D 428 39.84 14.94 -15.89
N PHE D 429 40.57 15.48 -16.87
CA PHE D 429 40.17 16.69 -17.58
C PHE D 429 38.82 16.62 -18.21
N THR D 430 38.03 17.64 -17.94
CA THR D 430 36.74 17.74 -18.56
C THR D 430 36.87 18.89 -19.50
N GLY D 431 36.87 18.56 -20.78
CA GLY D 431 37.11 19.55 -21.79
C GLY D 431 37.23 19.01 -23.21
N CYS D 432 37.42 19.99 -24.15
CA CYS D 432 37.56 19.83 -25.62
C CYS D 432 38.78 20.56 -26.18
N VAL D 433 39.41 19.96 -27.17
CA VAL D 433 40.55 20.57 -27.84
C VAL D 433 40.39 20.68 -29.36
N ILE D 434 40.69 21.86 -29.89
CA ILE D 434 40.64 22.02 -31.33
C ILE D 434 41.98 22.40 -31.85
N ALA D 435 42.13 22.25 -33.17
CA ALA D 435 43.33 22.74 -33.82
C ALA D 435 42.94 23.28 -35.19
N TRP D 436 43.19 24.57 -35.35
CA TRP D 436 42.86 25.31 -36.55
C TRP D 436 44.13 25.79 -37.26
N ASN D 437 44.42 25.20 -38.42
CA ASN D 437 45.66 25.47 -39.16
C ASN D 437 45.77 26.96 -39.54
N SER D 438 46.92 27.57 -39.23
CA SER D 438 47.23 28.97 -39.49
C SER D 438 48.46 29.14 -40.39
N ASN D 439 48.65 28.20 -41.31
CA ASN D 439 49.79 28.25 -42.22
C ASN D 439 49.79 29.51 -43.09
N ASN D 440 48.62 30.08 -43.37
CA ASN D 440 48.56 31.29 -44.17
C ASN D 440 48.46 32.56 -43.33
N LEU D 441 48.64 32.45 -42.02
CA LEU D 441 48.53 33.58 -41.12
C LEU D 441 49.79 33.76 -40.28
N ASP D 442 50.15 32.71 -39.53
CA ASP D 442 51.30 32.76 -38.64
C ASP D 442 52.57 32.30 -39.31
N SER D 443 52.51 31.34 -40.21
CA SER D 443 53.79 30.88 -40.77
C SER D 443 54.43 31.98 -41.59
N LYS D 444 55.78 32.07 -41.57
CA LYS D 444 56.48 33.06 -42.40
C LYS D 444 57.60 32.38 -43.16
N VAL D 445 57.95 32.85 -44.35
CA VAL D 445 58.98 32.15 -45.15
C VAL D 445 60.32 32.05 -44.44
N GLY D 446 60.71 33.12 -43.77
CA GLY D 446 61.97 33.16 -43.05
C GLY D 446 61.87 32.52 -41.65
N GLY D 447 60.67 32.04 -41.30
CA GLY D 447 60.37 31.42 -40.02
C GLY D 447 59.67 32.32 -39.03
N ASN D 448 58.51 31.88 -38.53
CA ASN D 448 57.79 32.64 -37.51
C ASN D 448 58.22 32.04 -36.21
N TYR D 449 59.05 32.78 -35.51
CA TYR D 449 59.69 32.34 -34.29
C TYR D 449 59.15 33.03 -33.04
N ASN D 450 57.95 33.59 -33.12
CA ASN D 450 57.40 34.34 -31.99
C ASN D 450 56.64 33.49 -30.96
N TYR D 451 56.56 32.19 -31.21
CA TYR D 451 55.86 31.29 -30.31
C TYR D 451 56.85 30.36 -29.62
N LEU D 452 56.94 30.47 -28.30
CA LEU D 452 57.93 29.74 -27.51
C LEU D 452 57.40 28.53 -26.76
N TYR D 453 58.27 27.54 -26.56
CA TYR D 453 57.93 26.38 -25.77
C TYR D 453 59.14 25.95 -24.89
N ARG D 454 58.85 25.24 -23.79
CA ARG D 454 59.88 24.78 -22.84
C ARG D 454 60.12 23.28 -23.03
N LYS D 462 52.82 18.96 -14.18
CA LYS D 462 51.91 19.84 -13.47
C LYS D 462 50.78 20.31 -14.43
N PRO D 463 49.48 19.78 -14.33
CA PRO D 463 48.33 20.15 -15.14
C PRO D 463 48.06 21.64 -15.08
N PHE D 464 47.83 22.24 -16.23
CA PHE D 464 47.57 23.67 -16.38
C PHE D 464 48.66 24.59 -15.85
N GLU D 465 49.91 24.13 -15.79
CA GLU D 465 50.97 25.06 -15.44
C GLU D 465 51.09 26.04 -16.64
N ARG D 466 51.29 27.32 -16.35
CA ARG D 466 51.45 28.35 -17.41
C ARG D 466 52.90 28.81 -17.45
N PRO D 491 66.04 27.86 -21.50
CA PRO D 491 64.85 27.10 -21.09
C PRO D 491 63.77 27.02 -22.19
N LEU D 492 63.55 28.12 -22.95
CA LEU D 492 62.56 28.22 -24.03
C LEU D 492 63.19 28.39 -25.39
N GLN D 493 62.59 27.75 -26.38
CA GLN D 493 62.95 27.91 -27.79
C GLN D 493 61.68 28.05 -28.57
N SER D 494 61.82 28.69 -29.72
CA SER D 494 60.61 28.96 -30.51
C SER D 494 60.35 27.85 -31.52
N TYR D 495 59.16 27.88 -32.08
CA TYR D 495 58.82 26.96 -33.15
C TYR D 495 59.11 27.61 -34.51
N GLY D 496 59.78 26.92 -35.41
CA GLY D 496 60.11 27.45 -36.74
C GLY D 496 59.00 27.32 -37.78
N PHE D 497 57.89 28.02 -37.55
CA PHE D 497 56.74 27.83 -38.43
C PHE D 497 57.06 28.33 -39.83
N GLN D 498 56.74 27.51 -40.83
CA GLN D 498 57.10 27.88 -42.21
C GLN D 498 56.04 27.44 -43.26
N PRO D 499 55.57 28.36 -44.15
CA PRO D 499 54.49 28.17 -45.11
C PRO D 499 54.79 27.20 -46.22
N THR D 500 56.08 26.93 -46.42
CA THR D 500 56.55 26.07 -47.48
C THR D 500 56.90 24.68 -46.94
N ASN D 501 56.69 24.45 -45.65
CA ASN D 501 57.05 23.19 -45.05
C ASN D 501 55.81 22.28 -44.91
N GLY D 502 55.99 21.06 -44.39
CA GLY D 502 54.89 20.12 -44.26
C GLY D 502 54.12 20.37 -42.99
N VAL D 503 53.13 19.51 -42.71
CA VAL D 503 52.23 19.72 -41.57
C VAL D 503 52.96 19.80 -40.26
N GLY D 504 54.02 19.04 -40.08
CA GLY D 504 54.70 19.11 -38.80
C GLY D 504 55.07 20.55 -38.42
N TYR D 505 55.34 21.40 -39.42
CA TYR D 505 55.78 22.79 -39.15
C TYR D 505 54.70 23.82 -39.47
N GLN D 506 53.47 23.36 -39.73
CA GLN D 506 52.40 24.27 -39.97
C GLN D 506 51.87 24.53 -38.58
N PRO D 507 51.69 25.78 -38.16
CA PRO D 507 51.17 26.18 -36.89
C PRO D 507 49.72 25.88 -36.82
N TYR D 508 49.27 25.58 -35.64
CA TYR D 508 47.89 25.42 -35.35
C TYR D 508 47.50 26.26 -34.19
N ARG D 509 46.35 26.85 -34.34
CA ARG D 509 45.73 27.63 -33.33
C ARG D 509 45.03 26.61 -32.50
N VAL D 510 45.53 26.42 -31.31
CA VAL D 510 44.99 25.40 -30.46
C VAL D 510 44.36 26.04 -29.28
N VAL D 511 43.12 25.69 -29.12
CA VAL D 511 42.36 26.25 -28.04
C VAL D 511 41.73 25.14 -27.26
N VAL D 512 41.95 25.21 -25.98
CA VAL D 512 41.46 24.19 -25.08
C VAL D 512 40.37 24.70 -24.18
N LEU D 513 39.24 24.04 -24.23
CA LEU D 513 38.10 24.39 -23.40
C LEU D 513 37.97 23.52 -22.20
N SER D 514 38.25 24.07 -21.04
CA SER D 514 38.05 23.30 -19.83
C SER D 514 36.62 23.65 -19.48
N PHE D 515 35.90 22.75 -18.80
CA PHE D 515 34.46 22.98 -18.51
C PHE D 515 34.20 22.83 -17.01
N ALA D 522 25.75 26.98 -12.33
CA ALA D 522 26.64 26.99 -13.47
C ALA D 522 26.55 28.35 -14.16
N THR D 523 27.68 28.85 -14.72
CA THR D 523 27.75 30.17 -15.41
C THR D 523 27.82 30.09 -16.93
N VAL D 524 28.12 28.92 -17.52
CA VAL D 524 28.29 28.98 -18.96
C VAL D 524 27.35 28.02 -19.70
N CYS D 525 26.21 28.53 -20.20
CA CYS D 525 25.16 27.72 -20.84
C CYS D 525 25.06 28.05 -22.32
N GLY D 526 24.82 27.03 -23.15
CA GLY D 526 24.59 27.24 -24.56
C GLY D 526 23.13 27.67 -24.77
N PRO D 527 22.69 27.89 -26.02
CA PRO D 527 21.35 28.33 -26.37
C PRO D 527 20.28 27.29 -26.21
N LYS D 528 19.10 27.76 -25.90
CA LYS D 528 17.94 26.91 -25.93
C LYS D 528 17.34 27.10 -27.30
N LYS D 529 17.25 26.02 -28.05
CA LYS D 529 16.73 26.12 -29.40
C LYS D 529 15.23 26.17 -29.32
N SER D 530 14.61 26.77 -30.33
CA SER D 530 13.17 26.90 -30.36
C SER D 530 12.62 26.83 -31.78
N THR D 531 11.31 26.77 -31.86
CA THR D 531 10.53 26.66 -33.08
C THR D 531 9.33 27.61 -33.02
N ASN D 532 8.37 27.38 -33.91
CA ASN D 532 7.19 28.22 -34.04
C ASN D 532 6.14 27.86 -33.02
N LEU D 533 5.25 28.80 -32.74
CA LEU D 533 4.15 28.61 -31.82
C LEU D 533 2.89 28.19 -32.54
N VAL D 534 2.13 27.31 -31.90
CA VAL D 534 0.85 26.84 -32.39
C VAL D 534 -0.27 27.21 -31.45
N LYS D 535 -1.35 27.76 -32.00
CA LYS D 535 -2.49 28.16 -31.20
C LYS D 535 -3.77 27.41 -31.59
N ASN D 536 -4.65 27.32 -30.59
CA ASN D 536 -6.00 26.77 -30.63
C ASN D 536 -6.10 25.30 -31.03
N LYS D 537 -5.09 24.53 -30.69
CA LYS D 537 -5.03 23.10 -30.93
C LYS D 537 -4.48 22.46 -29.67
N CYS D 538 -4.78 21.15 -29.39
CA CYS D 538 -4.19 20.43 -28.27
C CYS D 538 -2.75 20.08 -28.63
N VAL D 539 -1.85 20.65 -27.86
CA VAL D 539 -0.46 20.52 -28.13
C VAL D 539 0.38 20.22 -26.91
N ASN D 540 1.57 19.74 -27.19
CA ASN D 540 2.56 19.59 -26.18
C ASN D 540 3.42 20.83 -26.28
N PHE D 541 4.06 21.19 -25.21
CA PHE D 541 4.93 22.34 -25.26
C PHE D 541 6.08 22.37 -24.28
N ASN D 542 7.05 23.21 -24.64
CA ASN D 542 8.21 23.53 -23.85
C ASN D 542 8.57 25.03 -23.96
N PHE D 543 8.20 25.85 -22.97
CA PHE D 543 8.44 27.30 -22.96
C PHE D 543 9.50 27.63 -21.93
N ASN D 544 10.69 27.96 -22.37
CA ASN D 544 11.79 28.14 -21.42
C ASN D 544 11.89 26.87 -20.55
N GLY D 545 11.59 26.97 -19.25
CA GLY D 545 11.67 25.83 -18.33
C GLY D 545 10.33 25.12 -18.06
N LEU D 546 9.27 25.54 -18.74
CA LEU D 546 7.93 25.00 -18.56
C LEU D 546 7.53 23.98 -19.58
N THR D 547 7.15 22.80 -19.14
CA THR D 547 6.70 21.82 -20.08
C THR D 547 5.32 21.36 -19.71
N GLY D 548 4.58 20.87 -20.69
CA GLY D 548 3.25 20.36 -20.42
C GLY D 548 2.40 20.13 -21.65
N THR D 549 1.14 19.83 -21.40
CA THR D 549 0.14 19.55 -22.43
C THR D 549 -1.11 20.40 -22.20
N GLY D 550 -1.65 20.94 -23.27
CA GLY D 550 -2.88 21.73 -23.19
C GLY D 550 -3.15 22.44 -24.49
N VAL D 551 -4.20 23.21 -24.54
CA VAL D 551 -4.55 23.93 -25.73
C VAL D 551 -4.09 25.35 -25.48
N LEU D 552 -3.19 25.83 -26.30
CA LEU D 552 -2.65 27.15 -26.07
C LEU D 552 -3.51 28.19 -26.74
N THR D 553 -4.05 29.10 -25.95
CA THR D 553 -4.93 30.13 -26.48
C THR D 553 -4.47 31.46 -25.94
N GLU D 554 -4.90 32.55 -26.53
CA GLU D 554 -4.50 33.84 -25.97
C GLU D 554 -5.32 34.15 -24.72
N SER D 555 -4.66 34.70 -23.71
CA SER D 555 -5.30 35.08 -22.46
C SER D 555 -5.60 36.55 -22.45
N ASN D 556 -6.34 36.99 -21.44
CA ASN D 556 -6.61 38.40 -21.20
C ASN D 556 -5.89 38.84 -19.92
N LYS D 557 -4.83 38.12 -19.56
CA LYS D 557 -4.07 38.37 -18.36
C LYS D 557 -2.95 39.36 -18.57
N LYS D 558 -2.59 40.03 -17.50
CA LYS D 558 -1.46 40.92 -17.48
C LYS D 558 -0.50 40.52 -16.39
N PHE D 559 0.66 40.02 -16.76
CA PHE D 559 1.66 39.61 -15.79
C PHE D 559 2.48 40.84 -15.50
N LEU D 560 3.02 40.91 -14.30
CA LEU D 560 3.87 42.02 -13.99
C LEU D 560 5.13 41.79 -14.81
N PRO D 561 5.96 42.80 -15.08
CA PRO D 561 7.17 42.70 -15.89
C PRO D 561 8.15 41.60 -15.49
N PHE D 562 8.14 41.18 -14.23
CA PHE D 562 9.06 40.15 -13.80
C PHE D 562 8.36 38.80 -13.65
N GLN D 563 7.07 38.74 -13.94
CA GLN D 563 6.30 37.51 -13.80
C GLN D 563 6.21 36.78 -15.14
N GLN D 564 6.61 35.53 -15.11
CA GLN D 564 6.62 34.66 -16.28
C GLN D 564 5.47 33.67 -16.35
N PHE D 565 4.98 33.24 -15.20
CA PHE D 565 3.94 32.22 -15.18
C PHE D 565 2.83 32.64 -14.25
N GLY D 566 1.61 32.16 -14.46
CA GLY D 566 0.55 32.40 -13.49
C GLY D 566 0.15 31.11 -12.77
N ARG D 567 -0.79 31.20 -11.82
CA ARG D 567 -1.22 29.99 -11.09
C ARG D 567 -2.71 29.77 -10.82
N ASP D 568 -3.05 28.47 -10.89
CA ASP D 568 -4.36 27.89 -10.62
C ASP D 568 -4.58 27.57 -9.12
N ILE D 569 -5.75 27.03 -8.78
CA ILE D 569 -6.12 26.69 -7.39
C ILE D 569 -5.16 25.68 -6.77
N ALA D 570 -4.76 24.71 -7.57
CA ALA D 570 -3.88 23.63 -7.14
C ALA D 570 -2.40 24.07 -7.20
N ASP D 571 -2.17 25.34 -7.52
CA ASP D 571 -0.88 25.98 -7.68
C ASP D 571 -0.09 25.39 -8.84
N THR D 572 -0.80 25.09 -9.93
CA THR D 572 -0.18 24.62 -11.13
C THR D 572 -0.17 25.78 -12.10
N THR D 573 0.63 25.71 -13.16
CA THR D 573 0.66 26.83 -14.09
C THR D 573 -0.67 26.96 -14.81
N ASP D 574 -1.24 28.17 -14.83
CA ASP D 574 -2.52 28.35 -15.52
C ASP D 574 -2.32 28.99 -16.90
N ALA D 575 -1.27 29.79 -16.99
CA ALA D 575 -0.89 30.56 -18.16
C ALA D 575 0.61 30.80 -18.17
N VAL D 576 1.12 31.00 -19.39
CA VAL D 576 2.53 31.28 -19.64
C VAL D 576 2.77 32.49 -20.53
N ARG D 577 3.77 33.29 -20.17
CA ARG D 577 4.14 34.41 -21.03
C ARG D 577 5.07 33.92 -22.14
N ASP D 578 4.72 34.17 -23.39
CA ASP D 578 5.58 33.73 -24.46
C ASP D 578 6.88 34.49 -24.34
N PRO D 579 8.02 33.81 -24.34
CA PRO D 579 9.32 34.41 -24.22
C PRO D 579 9.84 35.30 -25.36
N GLN D 580 9.32 35.16 -26.60
CA GLN D 580 9.87 36.03 -27.63
C GLN D 580 9.05 37.28 -27.71
N THR D 581 7.74 37.07 -27.66
CA THR D 581 6.79 38.15 -27.68
C THR D 581 6.13 38.05 -26.36
N LEU D 582 6.13 39.08 -25.56
CA LEU D 582 5.59 38.90 -24.21
C LEU D 582 4.09 39.02 -24.11
N GLU D 583 3.42 38.07 -24.73
CA GLU D 583 1.99 37.94 -24.74
C GLU D 583 1.69 36.79 -23.83
N ILE D 584 0.52 36.75 -23.25
CA ILE D 584 0.23 35.68 -22.32
C ILE D 584 -0.78 34.73 -22.87
N LEU D 585 -0.43 33.45 -22.83
CA LEU D 585 -1.27 32.38 -23.30
C LEU D 585 -1.85 31.62 -22.14
N ASP D 586 -3.08 31.22 -22.28
CA ASP D 586 -3.72 30.36 -21.32
C ASP D 586 -3.46 28.94 -21.69
N ILE D 587 -3.32 28.08 -20.70
CA ILE D 587 -3.16 26.69 -21.03
C ILE D 587 -4.45 25.99 -20.66
N THR D 588 -5.24 25.69 -21.67
CA THR D 588 -6.54 25.09 -21.43
C THR D 588 -6.33 23.60 -21.37
N PRO D 589 -6.82 22.86 -20.39
CA PRO D 589 -6.61 21.45 -20.35
C PRO D 589 -7.35 20.85 -21.55
N CYS D 590 -6.80 19.76 -22.14
CA CYS D 590 -7.40 19.00 -23.23
C CYS D 590 -8.53 18.17 -22.57
N SER D 591 -9.72 18.19 -23.17
CA SER D 591 -10.89 17.58 -22.54
C SER D 591 -10.89 16.07 -22.48
N PHE D 592 -11.72 15.57 -21.56
CA PHE D 592 -11.93 14.16 -21.33
C PHE D 592 -13.27 13.97 -20.63
N GLY D 593 -13.75 12.75 -20.61
CA GLY D 593 -14.98 12.40 -19.91
C GLY D 593 -15.29 10.94 -20.18
N GLY D 594 -16.35 10.39 -19.59
CA GLY D 594 -16.66 8.99 -19.82
C GLY D 594 -17.42 8.76 -21.10
N VAL D 595 -17.37 7.53 -21.57
CA VAL D 595 -18.12 7.11 -22.73
C VAL D 595 -19.02 5.94 -22.35
N SER D 596 -20.32 6.13 -22.56
CA SER D 596 -21.26 5.12 -22.19
C SER D 596 -22.22 4.74 -23.29
N VAL D 597 -22.57 3.49 -23.27
CA VAL D 597 -23.38 2.91 -24.30
C VAL D 597 -24.80 2.65 -23.85
N ILE D 598 -25.72 3.22 -24.61
CA ILE D 598 -27.14 3.07 -24.43
C ILE D 598 -27.54 1.90 -25.25
N THR D 599 -28.13 0.90 -24.61
CA THR D 599 -28.52 -0.27 -25.35
C THR D 599 -29.85 -0.85 -24.86
N PRO D 600 -30.66 -1.43 -25.75
CA PRO D 600 -31.82 -2.22 -25.48
C PRO D 600 -31.25 -3.53 -25.01
N GLY D 601 -32.07 -4.41 -24.50
CA GLY D 601 -31.45 -5.67 -24.19
C GLY D 601 -31.09 -6.30 -25.53
N THR D 602 -30.10 -7.18 -25.53
CA THR D 602 -29.63 -7.90 -26.74
C THR D 602 -30.60 -9.00 -27.10
N ASN D 603 -31.56 -9.20 -26.21
CA ASN D 603 -32.64 -10.15 -26.37
C ASN D 603 -33.82 -9.47 -27.09
N THR D 604 -33.63 -8.19 -27.44
CA THR D 604 -34.58 -7.34 -28.14
C THR D 604 -33.95 -6.83 -29.44
N SER D 605 -32.80 -6.17 -29.30
CA SER D 605 -32.09 -5.53 -30.40
C SER D 605 -30.62 -5.31 -30.09
N ASN D 606 -29.81 -5.13 -31.13
CA ASN D 606 -28.41 -4.84 -30.91
C ASN D 606 -28.01 -3.41 -31.32
N GLN D 607 -29.00 -2.54 -31.48
CA GLN D 607 -28.68 -1.16 -31.82
C GLN D 607 -28.18 -0.45 -30.60
N VAL D 608 -27.12 0.33 -30.73
CA VAL D 608 -26.65 1.10 -29.59
C VAL D 608 -26.43 2.55 -29.96
N ALA D 609 -26.38 3.40 -28.93
CA ALA D 609 -26.08 4.83 -29.09
C ALA D 609 -25.06 5.20 -28.04
N VAL D 610 -24.18 6.15 -28.33
CA VAL D 610 -23.15 6.47 -27.36
C VAL D 610 -23.09 7.90 -26.87
N LEU D 611 -23.08 8.03 -25.54
CA LEU D 611 -22.97 9.29 -24.88
C LEU D 611 -21.56 9.59 -24.40
N TYR D 612 -21.06 10.74 -24.80
CA TYR D 612 -19.75 11.23 -24.41
C TYR D 612 -20.01 12.30 -23.38
N GLN D 613 -19.55 12.10 -22.16
CA GLN D 613 -19.89 13.03 -21.10
C GLN D 613 -19.20 14.38 -21.17
N ASP D 614 -19.96 15.44 -20.85
CA ASP D 614 -19.46 16.82 -20.73
C ASP D 614 -18.66 17.30 -21.94
N VAL D 615 -19.15 17.04 -23.13
CA VAL D 615 -18.47 17.47 -24.32
C VAL D 615 -19.40 18.05 -25.35
N ASN D 616 -18.92 19.10 -26.02
CA ASN D 616 -19.58 19.71 -27.15
C ASN D 616 -19.26 18.80 -28.34
N CYS D 617 -20.29 18.32 -29.08
CA CYS D 617 -20.22 17.37 -30.19
C CYS D 617 -19.25 17.84 -31.29
N THR D 618 -18.91 19.12 -31.31
CA THR D 618 -17.99 19.64 -32.31
C THR D 618 -16.62 18.95 -32.15
N GLU D 619 -16.29 18.52 -30.94
CA GLU D 619 -15.04 17.85 -30.64
C GLU D 619 -15.04 16.30 -30.81
N VAL D 620 -16.22 15.67 -31.10
CA VAL D 620 -16.40 14.22 -31.16
C VAL D 620 -16.39 13.83 -32.64
N ASN D 641 -26.79 11.95 -37.20
CA ASN D 641 -27.71 11.55 -36.13
C ASN D 641 -27.04 11.91 -34.77
N VAL D 642 -26.74 13.21 -34.57
CA VAL D 642 -26.03 13.76 -33.42
C VAL D 642 -26.87 14.73 -32.61
N PHE D 643 -27.01 14.42 -31.33
CA PHE D 643 -27.78 15.19 -30.39
C PHE D 643 -26.97 15.79 -29.24
N GLN D 644 -26.92 17.10 -29.19
CA GLN D 644 -26.18 17.75 -28.11
C GLN D 644 -27.07 17.86 -26.89
N THR D 645 -26.60 17.35 -25.76
CA THR D 645 -27.37 17.39 -24.52
C THR D 645 -26.58 18.16 -23.48
N ARG D 646 -27.22 18.42 -22.33
CA ARG D 646 -26.51 19.09 -21.25
C ARG D 646 -25.56 18.11 -20.56
N ALA D 647 -25.93 16.82 -20.56
CA ALA D 647 -25.13 15.75 -19.98
C ALA D 647 -23.85 15.49 -20.78
N GLY D 648 -23.93 15.64 -22.09
CA GLY D 648 -22.82 15.36 -23.00
C GLY D 648 -23.27 15.27 -24.47
N CYS D 649 -22.45 14.64 -25.34
CA CYS D 649 -22.76 14.48 -26.77
C CYS D 649 -23.31 13.08 -27.02
N LEU D 650 -24.50 12.99 -27.59
CA LEU D 650 -25.07 11.70 -27.86
C LEU D 650 -25.20 11.41 -29.34
N ILE D 651 -24.54 10.35 -29.76
CA ILE D 651 -24.54 10.00 -31.16
C ILE D 651 -25.22 8.65 -31.39
N GLY D 652 -26.15 8.63 -32.35
CA GLY D 652 -26.88 7.43 -32.72
C GLY D 652 -28.33 7.39 -32.23
N ALA D 653 -28.68 8.26 -31.29
CA ALA D 653 -30.06 8.31 -30.82
C ALA D 653 -30.80 9.31 -31.68
N GLU D 654 -32.04 9.02 -31.98
CA GLU D 654 -32.89 9.86 -32.79
C GLU D 654 -33.70 10.78 -31.91
N HIS D 655 -33.33 12.05 -31.85
CA HIS D 655 -34.05 12.96 -30.98
C HIS D 655 -35.39 13.41 -31.54
N VAL D 656 -36.39 13.46 -30.67
CA VAL D 656 -37.73 13.95 -30.99
C VAL D 656 -38.11 15.07 -30.05
N ASN D 657 -39.13 15.84 -30.39
CA ASN D 657 -39.52 16.97 -29.55
C ASN D 657 -40.57 16.61 -28.50
N ASN D 658 -40.86 15.33 -28.37
CA ASN D 658 -41.82 14.85 -27.41
C ASN D 658 -41.20 14.60 -26.04
N SER D 659 -42.05 14.17 -25.10
CA SER D 659 -41.65 13.91 -23.72
C SER D 659 -42.29 12.65 -23.18
N TYR D 660 -41.44 11.77 -22.67
CA TYR D 660 -41.88 10.46 -22.19
C TYR D 660 -41.17 10.03 -20.90
N GLU D 661 -41.76 9.10 -20.21
CA GLU D 661 -41.12 8.46 -19.06
C GLU D 661 -40.09 7.55 -19.74
N CYS D 662 -38.97 7.12 -19.08
CA CYS D 662 -37.94 6.34 -19.78
C CYS D 662 -37.24 5.28 -18.96
N ASP D 663 -36.57 4.40 -19.71
CA ASP D 663 -35.74 3.34 -19.17
C ASP D 663 -34.29 3.72 -19.02
N ILE D 664 -33.80 4.60 -19.92
CA ILE D 664 -32.40 4.95 -19.91
C ILE D 664 -32.23 6.45 -19.90
N PRO D 665 -32.22 7.10 -18.75
CA PRO D 665 -32.05 8.51 -18.64
C PRO D 665 -30.66 8.89 -19.14
N ILE D 666 -30.55 10.08 -19.70
CA ILE D 666 -29.27 10.66 -20.13
C ILE D 666 -28.73 11.57 -19.05
N GLY D 667 -29.61 12.40 -18.51
CA GLY D 667 -29.26 13.35 -17.45
C GLY D 667 -29.71 14.74 -17.80
N ALA D 668 -29.79 15.63 -16.82
CA ALA D 668 -30.16 17.01 -17.02
C ALA D 668 -31.48 17.18 -17.77
N GLY D 669 -32.49 16.41 -17.38
CA GLY D 669 -33.83 16.49 -17.97
C GLY D 669 -34.01 15.72 -19.26
N ILE D 670 -32.97 15.05 -19.71
CA ILE D 670 -33.01 14.33 -20.98
C ILE D 670 -32.96 12.79 -20.78
N CYS D 671 -33.85 12.07 -21.49
CA CYS D 671 -34.05 10.62 -21.57
C CYS D 671 -33.81 9.92 -22.90
N ALA D 672 -33.61 8.59 -22.80
CA ALA D 672 -33.60 7.71 -23.95
C ALA D 672 -34.29 6.37 -23.65
N SER D 673 -34.77 5.77 -24.72
CA SER D 673 -35.33 4.42 -24.72
C SER D 673 -35.28 3.83 -26.10
N TYR D 674 -35.51 2.53 -26.18
CA TYR D 674 -35.61 1.86 -27.47
C TYR D 674 -37.08 1.57 -27.71
N GLN D 675 -37.66 2.22 -28.70
CA GLN D 675 -39.09 2.09 -28.96
C GLN D 675 -39.38 2.46 -30.41
N THR D 676 -40.60 2.13 -30.93
CA THR D 676 -41.08 2.39 -32.30
C THR D 676 -40.67 3.80 -32.82
N SER D 689 -38.66 -0.34 -37.44
CA SER D 689 -39.70 -0.34 -36.42
C SER D 689 -39.21 0.50 -35.20
N GLN D 690 -38.49 -0.14 -34.26
CA GLN D 690 -37.92 0.43 -33.05
C GLN D 690 -36.53 0.97 -33.30
N SER D 691 -36.19 1.99 -32.55
CA SER D 691 -34.88 2.62 -32.59
C SER D 691 -34.58 3.31 -31.28
N ILE D 692 -33.32 3.68 -31.06
CA ILE D 692 -33.05 4.44 -29.86
C ILE D 692 -33.45 5.86 -30.12
N ILE D 693 -34.34 6.35 -29.29
CA ILE D 693 -34.93 7.67 -29.39
C ILE D 693 -34.56 8.50 -28.19
N ALA D 694 -34.15 9.74 -28.44
CA ALA D 694 -33.82 10.68 -27.38
C ALA D 694 -34.99 11.64 -27.22
N TYR D 695 -35.31 12.00 -25.99
CA TYR D 695 -36.45 12.86 -25.71
C TYR D 695 -36.39 13.54 -24.35
N THR D 696 -37.30 14.47 -24.12
CA THR D 696 -37.41 15.14 -22.83
C THR D 696 -38.02 14.19 -21.82
N MET D 697 -37.50 14.16 -20.60
CA MET D 697 -38.12 13.28 -19.63
C MET D 697 -39.48 13.82 -19.18
N SER D 698 -40.44 12.94 -19.03
CA SER D 698 -41.77 13.28 -18.52
C SER D 698 -41.81 13.15 -17.02
N LEU D 699 -42.62 13.98 -16.36
CA LEU D 699 -42.81 13.85 -14.92
C LEU D 699 -44.11 13.14 -14.59
N GLY D 700 -44.87 12.76 -15.61
CA GLY D 700 -46.17 12.13 -15.42
C GLY D 700 -47.34 13.00 -15.88
N ALA D 701 -48.54 12.53 -15.54
CA ALA D 701 -49.86 13.09 -15.91
C ALA D 701 -50.15 14.37 -15.15
N GLU D 702 -51.11 15.14 -15.63
CA GLU D 702 -51.58 16.35 -14.97
C GLU D 702 -52.99 16.16 -14.43
N ASN D 703 -53.35 16.90 -13.37
CA ASN D 703 -54.70 16.81 -12.82
C ASN D 703 -55.28 18.12 -12.27
N SER D 704 -56.24 18.69 -12.97
CA SER D 704 -56.82 19.92 -12.44
C SER D 704 -57.87 19.52 -11.44
N VAL D 705 -57.91 20.18 -10.29
CA VAL D 705 -58.94 19.86 -9.29
C VAL D 705 -60.12 20.80 -9.48
N ALA D 706 -61.32 20.24 -9.55
CA ALA D 706 -62.52 21.04 -9.77
C ALA D 706 -63.00 21.72 -8.50
N TYR D 707 -62.17 22.63 -8.02
CA TYR D 707 -62.41 23.37 -6.81
C TYR D 707 -63.46 24.44 -6.98
N SER D 708 -64.30 24.57 -5.98
CA SER D 708 -65.28 25.63 -5.91
C SER D 708 -65.52 25.80 -4.44
N ASN D 709 -66.22 26.84 -4.08
CA ASN D 709 -66.51 27.07 -2.68
C ASN D 709 -67.79 26.38 -2.21
N ASN D 710 -68.40 25.57 -3.08
CA ASN D 710 -69.64 24.89 -2.76
C ASN D 710 -69.80 23.49 -3.35
N SER D 711 -68.70 22.79 -3.67
CA SER D 711 -68.83 21.47 -4.28
C SER D 711 -67.86 20.50 -3.66
N ILE D 712 -68.38 19.34 -3.29
CA ILE D 712 -67.55 18.32 -2.68
C ILE D 712 -67.66 16.98 -3.40
N ALA D 713 -66.54 16.30 -3.59
CA ALA D 713 -66.65 14.96 -4.16
C ALA D 713 -66.59 13.98 -3.00
N ILE D 714 -67.45 12.97 -3.06
CA ILE D 714 -67.54 11.96 -2.01
C ILE D 714 -67.51 10.55 -2.62
N PRO D 715 -66.67 9.62 -2.13
CA PRO D 715 -66.64 8.25 -2.58
C PRO D 715 -68.00 7.62 -2.38
N THR D 716 -68.45 6.84 -3.33
CA THR D 716 -69.72 6.14 -3.29
C THR D 716 -69.51 4.63 -3.20
N ASN D 717 -68.30 4.16 -3.55
CA ASN D 717 -68.00 2.74 -3.50
C ASN D 717 -66.55 2.56 -3.15
N PHE D 718 -66.11 1.32 -3.02
CA PHE D 718 -64.75 1.04 -2.60
C PHE D 718 -64.19 -0.28 -3.07
N THR D 719 -62.88 -0.38 -2.95
CA THR D 719 -62.18 -1.60 -3.22
C THR D 719 -61.15 -1.88 -2.14
N ILE D 720 -60.54 -3.05 -2.27
CA ILE D 720 -59.51 -3.50 -1.33
C ILE D 720 -58.25 -3.76 -2.11
N SER D 721 -57.15 -3.23 -1.62
CA SER D 721 -55.89 -3.42 -2.28
C SER D 721 -54.91 -4.08 -1.36
N VAL D 722 -54.14 -5.03 -1.88
CA VAL D 722 -53.14 -5.60 -1.03
C VAL D 722 -51.86 -5.44 -1.82
N THR D 723 -50.87 -4.84 -1.21
CA THR D 723 -49.60 -4.59 -1.83
C THR D 723 -48.48 -5.22 -1.06
N THR D 724 -47.27 -5.12 -1.56
CA THR D 724 -46.18 -5.72 -0.82
C THR D 724 -45.01 -4.80 -0.60
N GLU D 725 -44.20 -5.13 0.41
CA GLU D 725 -42.97 -4.32 0.71
C GLU D 725 -41.82 -5.25 1.11
N ILE D 726 -40.64 -5.06 0.52
CA ILE D 726 -39.48 -5.88 0.81
C ILE D 726 -38.40 -5.13 1.57
N LEU D 727 -37.98 -5.68 2.70
CA LEU D 727 -36.90 -5.09 3.46
C LEU D 727 -35.85 -6.14 3.84
N PRO D 728 -34.59 -6.02 3.41
CA PRO D 728 -33.55 -6.95 3.74
C PRO D 728 -33.27 -6.77 5.22
N VAL D 729 -32.89 -7.83 5.90
CA VAL D 729 -32.58 -7.80 7.31
C VAL D 729 -31.12 -8.19 7.60
N SER D 730 -30.56 -9.14 6.83
CA SER D 730 -29.22 -9.59 7.21
C SER D 730 -28.25 -9.85 6.06
N MET D 731 -26.99 -9.69 6.41
CA MET D 731 -25.79 -9.92 5.62
C MET D 731 -25.20 -11.29 5.80
N THR D 732 -24.32 -11.66 4.89
CA THR D 732 -23.57 -12.89 4.97
C THR D 732 -22.69 -12.84 6.22
N LYS D 733 -22.74 -13.90 7.03
CA LYS D 733 -21.99 -13.94 8.28
C LYS D 733 -20.53 -14.36 8.07
N THR D 734 -19.79 -13.42 7.50
CA THR D 734 -18.40 -13.58 7.10
C THR D 734 -17.44 -13.51 8.29
N SER D 735 -16.47 -14.43 8.30
CA SER D 735 -15.41 -14.51 9.30
C SER D 735 -14.04 -14.70 8.62
N VAL D 736 -13.09 -13.84 9.00
CA VAL D 736 -11.79 -13.86 8.35
C VAL D 736 -10.57 -14.07 9.22
N ASP D 737 -9.72 -14.99 8.78
CA ASP D 737 -8.41 -15.22 9.37
C ASP D 737 -7.41 -14.39 8.56
N CYS D 738 -7.04 -13.16 9.05
CA CYS D 738 -6.20 -12.22 8.31
C CYS D 738 -4.79 -12.76 8.07
N THR D 739 -4.28 -13.58 8.98
CA THR D 739 -2.94 -14.09 8.78
C THR D 739 -2.98 -15.09 7.65
N MET D 740 -3.98 -15.96 7.64
CA MET D 740 -4.05 -16.94 6.56
C MET D 740 -4.19 -16.24 5.20
N TYR D 741 -4.97 -15.17 5.16
CA TYR D 741 -5.16 -14.41 3.93
C TYR D 741 -3.85 -13.77 3.45
N ILE D 742 -3.12 -13.10 4.35
CA ILE D 742 -1.91 -12.39 3.96
C ILE D 742 -0.65 -13.28 3.81
N CYS D 743 -0.38 -14.12 4.83
CA CYS D 743 0.81 -14.97 5.00
C CYS D 743 0.40 -16.44 5.12
N GLY D 744 -0.53 -16.87 4.29
CA GLY D 744 -0.91 -18.24 4.38
C GLY D 744 0.29 -19.09 4.04
N ASP D 745 0.48 -20.12 4.86
CA ASP D 745 1.55 -21.09 4.77
C ASP D 745 2.97 -20.49 4.70
N SER D 746 3.22 -19.36 5.39
CA SER D 746 4.57 -18.81 5.37
C SER D 746 4.99 -18.17 6.69
N THR D 747 6.07 -18.71 7.28
CA THR D 747 6.54 -18.17 8.54
C THR D 747 7.49 -17.02 8.27
N GLU D 748 8.10 -17.02 7.09
CA GLU D 748 8.96 -15.90 6.77
C GLU D 748 8.12 -14.60 6.67
N CYS D 749 6.89 -14.72 6.09
CA CYS D 749 5.92 -13.65 5.96
C CYS D 749 5.28 -13.32 7.31
N SER D 750 4.83 -14.31 8.08
CA SER D 750 4.15 -13.92 9.31
C SER D 750 5.11 -13.18 10.25
N ASN D 751 6.40 -13.46 10.16
CA ASN D 751 7.36 -12.77 11.01
C ASN D 751 7.46 -11.29 10.65
N LEU D 752 7.06 -10.95 9.42
CA LEU D 752 7.08 -9.60 8.90
C LEU D 752 5.70 -8.97 9.02
N LEU D 753 4.77 -9.70 9.59
CA LEU D 753 3.42 -9.21 9.77
C LEU D 753 3.36 -8.71 11.21
N LEU D 754 4.14 -9.37 12.06
CA LEU D 754 4.21 -9.07 13.48
C LEU D 754 4.73 -7.67 13.73
N GLN D 755 5.63 -7.24 12.86
CA GLN D 755 6.28 -5.94 12.96
C GLN D 755 5.31 -4.79 12.76
N TYR D 756 4.11 -5.07 12.21
CA TYR D 756 3.19 -3.98 11.95
C TYR D 756 2.13 -3.86 13.04
N GLY D 757 2.25 -4.68 14.08
CA GLY D 757 1.31 -4.61 15.19
C GLY D 757 -0.02 -5.32 14.99
N SER D 758 -1.05 -4.72 15.58
CA SER D 758 -2.41 -5.24 15.71
C SER D 758 -3.33 -4.99 14.53
N PHE D 759 -2.90 -4.28 13.51
CA PHE D 759 -3.84 -3.97 12.42
C PHE D 759 -4.60 -5.22 11.90
N CYS D 760 -3.88 -6.34 11.69
CA CYS D 760 -4.39 -7.62 11.16
C CYS D 760 -5.54 -8.11 12.05
N THR D 761 -5.30 -8.19 13.34
CA THR D 761 -6.32 -8.73 14.22
C THR D 761 -7.44 -7.75 14.53
N GLN D 762 -7.21 -6.45 14.35
CA GLN D 762 -8.29 -5.51 14.55
C GLN D 762 -9.33 -5.67 13.45
N LEU D 763 -8.86 -6.04 12.26
CA LEU D 763 -9.76 -6.28 11.13
C LEU D 763 -10.59 -7.53 11.42
N ASN D 764 -9.94 -8.54 12.03
CA ASN D 764 -10.66 -9.77 12.35
C ASN D 764 -11.79 -9.43 13.33
N ARG D 765 -11.51 -8.52 14.27
CA ARG D 765 -12.50 -8.13 15.26
C ARG D 765 -13.64 -7.33 14.66
N ALA D 766 -13.34 -6.43 13.72
CA ALA D 766 -14.39 -5.63 13.11
C ALA D 766 -15.38 -6.50 12.37
N LEU D 767 -14.88 -7.51 11.67
CA LEU D 767 -15.75 -8.40 10.94
C LEU D 767 -16.54 -9.27 11.88
N THR D 768 -15.92 -9.64 13.00
CA THR D 768 -16.64 -10.43 13.97
C THR D 768 -17.82 -9.64 14.47
N GLY D 769 -17.62 -8.35 14.77
CA GLY D 769 -18.71 -7.53 15.26
C GLY D 769 -19.87 -7.49 14.26
N ILE D 770 -19.56 -7.40 12.97
CA ILE D 770 -20.64 -7.38 12.00
C ILE D 770 -21.39 -8.70 12.03
N ALA D 771 -20.65 -9.81 12.05
CA ALA D 771 -21.26 -11.13 12.03
C ALA D 771 -22.20 -11.32 13.21
N VAL D 772 -21.82 -10.78 14.37
CA VAL D 772 -22.65 -10.87 15.55
C VAL D 772 -23.93 -10.08 15.39
N GLU D 773 -23.83 -8.88 14.86
CA GLU D 773 -25.00 -8.04 14.65
C GLU D 773 -25.99 -8.68 13.70
N GLN D 774 -25.54 -9.48 12.76
CA GLN D 774 -26.48 -10.05 11.83
C GLN D 774 -27.44 -11.02 12.51
N ASP D 775 -27.07 -11.60 13.66
CA ASP D 775 -27.97 -12.48 14.38
C ASP D 775 -28.89 -11.70 15.31
N LYS D 776 -28.67 -10.40 15.39
CA LYS D 776 -29.50 -9.58 16.23
C LYS D 776 -30.53 -8.95 15.34
N ASN D 777 -30.15 -8.62 14.12
CA ASN D 777 -31.07 -7.94 13.24
C ASN D 777 -32.33 -8.78 13.02
N THR D 778 -32.16 -10.09 12.96
CA THR D 778 -33.29 -10.97 12.71
C THR D 778 -34.06 -11.23 13.98
N GLN D 779 -33.39 -11.14 15.11
CA GLN D 779 -34.07 -11.36 16.36
C GLN D 779 -35.00 -10.17 16.60
N GLU D 780 -34.50 -8.99 16.27
CA GLU D 780 -35.20 -7.72 16.46
C GLU D 780 -36.42 -7.58 15.56
N VAL D 781 -36.29 -8.06 14.32
CA VAL D 781 -37.38 -8.00 13.35
C VAL D 781 -38.42 -9.08 13.57
N PHE D 782 -38.01 -10.32 13.82
CA PHE D 782 -39.01 -11.38 13.88
C PHE D 782 -39.46 -11.82 15.27
N ALA D 783 -38.63 -11.77 16.29
CA ALA D 783 -39.05 -12.31 17.58
C ALA D 783 -39.78 -11.27 18.41
N GLN D 784 -40.92 -10.83 17.90
CA GLN D 784 -41.70 -9.77 18.54
C GLN D 784 -42.94 -10.31 19.21
N VAL D 785 -43.06 -11.62 19.17
CA VAL D 785 -44.22 -12.29 19.66
C VAL D 785 -43.85 -13.00 20.94
N LYS D 786 -44.71 -12.90 21.94
CA LYS D 786 -44.46 -13.52 23.23
C LYS D 786 -44.56 -15.05 23.18
N GLN D 787 -45.48 -15.54 22.36
CA GLN D 787 -45.73 -16.97 22.20
C GLN D 787 -45.93 -17.34 20.76
N ILE D 788 -45.71 -18.60 20.43
CA ILE D 788 -45.96 -19.02 19.08
C ILE D 788 -47.40 -19.41 18.97
N TYR D 789 -48.17 -18.54 18.35
CA TYR D 789 -49.59 -18.69 18.27
C TYR D 789 -49.91 -19.67 17.16
N LYS D 790 -50.97 -20.44 17.35
CA LYS D 790 -51.34 -21.36 16.31
C LYS D 790 -52.65 -21.03 15.65
N THR D 791 -52.69 -21.24 14.34
CA THR D 791 -53.90 -21.05 13.55
C THR D 791 -54.76 -22.29 13.78
N PRO D 792 -56.05 -22.15 14.14
CA PRO D 792 -56.98 -23.21 14.43
C PRO D 792 -57.39 -23.94 13.16
N PRO D 793 -58.01 -25.14 13.30
CA PRO D 793 -58.63 -25.93 12.25
C PRO D 793 -59.86 -25.20 11.68
N ILE D 794 -60.35 -24.22 12.42
CA ILE D 794 -61.49 -23.44 12.00
C ILE D 794 -61.03 -22.43 10.97
N LYS D 795 -61.65 -22.47 9.81
CA LYS D 795 -61.28 -21.55 8.76
C LYS D 795 -62.34 -20.52 8.50
N ASP D 796 -63.31 -20.42 9.41
CA ASP D 796 -64.35 -19.43 9.22
C ASP D 796 -63.88 -18.09 9.65
N PHE D 797 -63.21 -17.44 8.72
CA PHE D 797 -62.67 -16.13 8.91
C PHE D 797 -63.39 -15.16 8.02
N GLY D 798 -64.70 -15.35 7.86
CA GLY D 798 -65.51 -14.41 7.11
C GLY D 798 -65.40 -14.56 5.60
N GLY D 799 -64.81 -15.65 5.15
CA GLY D 799 -64.61 -15.89 3.74
C GLY D 799 -63.26 -15.39 3.25
N PHE D 800 -62.40 -14.94 4.16
CA PHE D 800 -61.08 -14.47 3.79
C PHE D 800 -60.16 -15.68 3.75
N ASN D 801 -59.63 -15.94 2.57
CA ASN D 801 -58.81 -17.11 2.33
C ASN D 801 -57.34 -16.84 2.60
N PHE D 802 -56.85 -17.36 3.70
CA PHE D 802 -55.48 -17.11 4.11
C PHE D 802 -54.57 -18.30 3.85
N SER D 803 -55.07 -19.30 3.14
CA SER D 803 -54.28 -20.52 2.95
C SER D 803 -53.00 -20.34 2.15
N GLN D 804 -52.90 -19.23 1.42
CA GLN D 804 -51.74 -18.98 0.60
C GLN D 804 -50.65 -18.18 1.32
N ILE D 805 -51.00 -17.67 2.52
CA ILE D 805 -50.07 -16.89 3.32
C ILE D 805 -49.64 -17.73 4.54
N LEU D 806 -50.50 -18.67 4.93
CA LEU D 806 -50.29 -19.60 6.04
C LEU D 806 -49.32 -20.70 5.63
N PRO D 807 -48.55 -21.28 6.56
CA PRO D 807 -47.61 -22.34 6.29
C PRO D 807 -48.33 -23.60 5.87
N ASP D 808 -47.69 -24.36 4.98
CA ASP D 808 -48.22 -25.63 4.55
C ASP D 808 -47.75 -26.74 5.49
N PRO D 809 -48.65 -27.33 6.32
CA PRO D 809 -48.35 -28.28 7.36
C PRO D 809 -47.83 -29.59 6.83
N SER D 810 -48.01 -29.85 5.54
CA SER D 810 -47.53 -31.11 4.98
C SER D 810 -46.01 -31.13 4.69
N LYS D 811 -45.34 -29.95 4.74
CA LYS D 811 -43.92 -29.76 4.45
C LYS D 811 -43.21 -29.54 5.79
N SER D 813 -40.01 -28.15 4.95
CA SER D 813 -40.10 -26.86 5.60
C SER D 813 -41.56 -26.35 5.62
N LYS D 814 -42.10 -26.06 6.83
CA LYS D 814 -43.50 -25.60 6.98
C LYS D 814 -43.67 -24.12 6.71
N ARG D 815 -43.61 -23.80 5.43
CA ARG D 815 -43.68 -22.45 4.91
C ARG D 815 -44.86 -22.33 3.97
N SER D 816 -45.31 -21.11 3.73
CA SER D 816 -46.46 -20.81 2.87
C SER D 816 -46.11 -20.87 1.40
N PHE D 817 -47.15 -20.83 0.55
CA PHE D 817 -46.93 -20.79 -0.89
C PHE D 817 -46.09 -19.59 -1.26
N ILE D 818 -46.46 -18.42 -0.76
CA ILE D 818 -45.70 -17.24 -1.06
C ILE D 818 -44.27 -17.37 -0.57
N GLU D 819 -44.08 -17.91 0.63
CA GLU D 819 -42.72 -18.08 1.14
C GLU D 819 -41.90 -19.01 0.25
N ASP D 820 -42.51 -20.08 -0.30
CA ASP D 820 -41.71 -20.92 -1.20
C ASP D 820 -41.19 -20.08 -2.35
N LEU D 821 -42.03 -19.20 -2.89
CA LEU D 821 -41.57 -18.38 -3.98
C LEU D 821 -40.51 -17.38 -3.54
N LEU D 822 -40.65 -16.83 -2.35
CA LEU D 822 -39.69 -15.82 -1.93
C LEU D 822 -38.29 -16.40 -1.83
N PHE D 823 -38.19 -17.63 -1.40
CA PHE D 823 -36.91 -18.28 -1.33
C PHE D 823 -36.43 -18.81 -2.67
N ASN D 824 -37.33 -19.38 -3.46
CA ASN D 824 -36.96 -20.00 -4.72
C ASN D 824 -36.49 -18.99 -5.74
N LYS D 825 -36.97 -17.76 -5.63
CA LYS D 825 -36.60 -16.72 -6.57
C LYS D 825 -35.30 -15.99 -6.25
N VAL D 826 -34.62 -16.28 -5.14
CA VAL D 826 -33.38 -15.53 -4.84
C VAL D 826 -32.18 -16.49 -4.80
N THR D 827 -31.11 -16.16 -5.55
CA THR D 827 -29.88 -16.98 -5.63
C THR D 827 -28.81 -16.37 -4.74
N LYS D 854 -12.46 -18.38 -0.37
CA LYS D 854 -13.12 -19.51 0.27
C LYS D 854 -12.11 -20.43 1.00
N PHE D 855 -10.92 -20.64 0.38
CA PHE D 855 -9.83 -21.50 0.87
C PHE D 855 -8.58 -20.72 1.25
N ASN D 856 -8.76 -19.43 1.48
CA ASN D 856 -7.72 -18.49 1.84
C ASN D 856 -8.02 -17.76 3.15
N GLY D 857 -8.74 -18.42 4.05
CA GLY D 857 -9.04 -17.82 5.34
C GLY D 857 -10.33 -17.00 5.36
N LEU D 858 -11.08 -16.99 4.26
CA LEU D 858 -12.30 -16.21 4.20
C LEU D 858 -13.50 -17.17 4.18
N THR D 859 -14.21 -17.32 5.30
CA THR D 859 -15.30 -18.31 5.32
C THR D 859 -16.59 -17.72 5.88
N VAL D 860 -17.69 -18.45 5.71
CA VAL D 860 -18.97 -17.98 6.24
C VAL D 860 -19.56 -18.96 7.24
N LEU D 861 -19.89 -18.43 8.40
CA LEU D 861 -20.45 -19.18 9.48
C LEU D 861 -21.95 -19.22 9.34
N PRO D 862 -22.67 -20.25 9.81
CA PRO D 862 -24.09 -20.29 9.76
C PRO D 862 -24.66 -19.28 10.74
N PRO D 863 -25.88 -18.75 10.48
CA PRO D 863 -26.65 -17.87 11.32
C PRO D 863 -27.15 -18.68 12.45
N LEU D 864 -27.42 -18.07 13.57
CA LEU D 864 -28.03 -18.80 14.66
C LEU D 864 -29.48 -19.06 14.42
N LEU D 865 -30.18 -18.05 13.93
CA LEU D 865 -31.59 -18.16 13.72
C LEU D 865 -31.83 -18.48 12.24
N THR D 866 -32.26 -19.71 12.01
CA THR D 866 -32.47 -20.30 10.70
C THR D 866 -33.84 -19.98 10.15
N ASP D 867 -34.05 -20.27 8.87
CA ASP D 867 -35.32 -20.02 8.20
C ASP D 867 -36.47 -20.91 8.67
N GLU D 868 -36.16 -22.11 9.14
CA GLU D 868 -37.24 -22.99 9.69
C GLU D 868 -37.83 -22.29 10.92
N MET D 869 -36.99 -21.61 11.70
CA MET D 869 -37.43 -20.90 12.88
C MET D 869 -38.10 -19.58 12.51
N ILE D 870 -37.62 -18.92 11.47
CA ILE D 870 -38.25 -17.66 11.08
C ILE D 870 -39.67 -17.96 10.70
N ALA D 871 -39.87 -19.07 10.02
CA ALA D 871 -41.20 -19.52 9.59
C ALA D 871 -42.17 -19.66 10.76
N GLN D 872 -41.66 -19.92 11.96
CA GLN D 872 -42.49 -20.11 13.12
C GLN D 872 -42.82 -18.75 13.70
N TYR D 873 -41.92 -17.79 13.50
CA TYR D 873 -42.26 -16.47 13.98
C TYR D 873 -43.30 -15.89 13.05
N THR D 874 -43.16 -16.14 11.74
CA THR D 874 -44.15 -15.58 10.85
C THR D 874 -45.46 -16.30 11.04
N SER D 875 -45.46 -17.62 11.30
CA SER D 875 -46.74 -18.27 11.48
C SER D 875 -47.41 -17.82 12.77
N ALA D 876 -46.62 -17.51 13.80
CA ALA D 876 -47.18 -17.03 15.04
C ALA D 876 -47.88 -15.71 14.86
N LEU D 877 -47.24 -14.84 14.11
CA LEU D 877 -47.78 -13.55 13.88
C LEU D 877 -48.99 -13.63 12.97
N LEU D 878 -48.99 -14.55 12.01
CA LEU D 878 -50.15 -14.68 11.16
C LEU D 878 -51.32 -15.17 11.98
N ALA D 879 -51.08 -16.14 12.86
CA ALA D 879 -52.16 -16.68 13.66
C ALA D 879 -52.72 -15.59 14.54
N GLY D 880 -51.85 -14.75 15.08
CA GLY D 880 -52.24 -13.67 15.95
C GLY D 880 -53.13 -12.65 15.22
N THR D 881 -52.63 -12.13 14.10
CA THR D 881 -53.36 -11.08 13.40
C THR D 881 -54.68 -11.59 12.84
N ILE D 882 -54.73 -12.88 12.49
CA ILE D 882 -55.93 -13.51 11.97
C ILE D 882 -57.00 -13.82 13.04
N THR D 883 -56.63 -14.37 14.23
CA THR D 883 -57.64 -14.75 15.22
C THR D 883 -57.90 -13.79 16.39
N SER D 884 -56.96 -12.88 16.71
CA SER D 884 -57.11 -11.98 17.85
C SER D 884 -56.79 -10.52 17.51
N GLY D 885 -56.69 -10.22 16.24
CA GLY D 885 -56.36 -8.88 15.80
C GLY D 885 -54.99 -8.54 16.34
N TRP D 886 -54.81 -7.39 16.96
CA TRP D 886 -53.50 -7.03 17.50
C TRP D 886 -53.37 -7.20 19.00
N THR D 887 -54.35 -7.83 19.62
CA THR D 887 -54.31 -7.97 21.07
C THR D 887 -53.27 -9.01 21.46
N PHE D 888 -52.91 -9.89 20.54
CA PHE D 888 -51.89 -10.90 20.79
C PHE D 888 -50.52 -10.27 21.04
N GLY D 889 -50.40 -9.03 20.57
CA GLY D 889 -49.23 -8.20 20.66
C GLY D 889 -49.27 -7.41 21.96
N ALA D 890 -50.22 -6.47 22.02
CA ALA D 890 -50.39 -5.52 23.14
C ALA D 890 -50.66 -6.17 24.50
N GLY D 891 -51.37 -7.28 24.53
CA GLY D 891 -51.70 -7.94 25.78
C GLY D 891 -51.79 -9.44 25.51
N ALA D 892 -52.81 -10.05 26.08
CA ALA D 892 -53.04 -11.46 25.85
C ALA D 892 -53.80 -11.56 24.56
N ALA D 893 -53.62 -12.63 23.81
CA ALA D 893 -54.47 -12.69 22.64
C ALA D 893 -55.88 -12.92 23.09
N LEU D 894 -56.77 -12.07 22.61
CA LEU D 894 -58.18 -12.17 22.90
C LEU D 894 -58.87 -12.62 21.66
N GLN D 895 -59.48 -13.78 21.71
CA GLN D 895 -60.12 -14.25 20.50
C GLN D 895 -61.26 -13.32 20.15
N ILE D 896 -61.47 -13.14 18.86
CA ILE D 896 -62.57 -12.37 18.34
C ILE D 896 -62.91 -12.76 16.89
N PRO D 897 -64.19 -12.87 16.47
CA PRO D 897 -64.57 -13.22 15.12
C PRO D 897 -63.91 -12.27 14.14
N PHE D 898 -63.47 -12.81 13.02
CA PHE D 898 -62.74 -12.01 12.05
C PHE D 898 -63.53 -10.81 11.58
N ALA D 899 -64.83 -10.96 11.38
CA ALA D 899 -65.62 -9.82 10.91
C ALA D 899 -65.60 -8.68 11.91
N MET D 900 -65.52 -8.97 13.20
CA MET D 900 -65.54 -7.91 14.17
C MET D 900 -64.19 -7.25 14.20
N GLN D 901 -63.16 -8.04 13.91
CA GLN D 901 -61.82 -7.48 13.88
C GLN D 901 -61.78 -6.48 12.73
N MET D 902 -62.40 -6.88 11.61
CA MET D 902 -62.40 -6.02 10.45
C MET D 902 -63.22 -4.78 10.72
N ALA D 903 -64.31 -4.90 11.48
CA ALA D 903 -65.08 -3.72 11.76
C ALA D 903 -64.24 -2.70 12.47
N TYR D 904 -63.41 -3.17 13.42
CA TYR D 904 -62.52 -2.26 14.18
C TYR D 904 -61.54 -1.60 13.19
N ARG D 905 -61.03 -2.39 12.25
CA ARG D 905 -60.07 -1.90 11.28
C ARG D 905 -60.70 -0.83 10.38
N PHE D 906 -61.96 -1.02 10.02
CA PHE D 906 -62.65 -0.03 9.20
C PHE D 906 -62.95 1.23 10.01
N ASN D 907 -63.35 1.07 11.27
CA ASN D 907 -63.63 2.22 12.11
C ASN D 907 -62.35 3.02 12.29
N GLY D 908 -61.23 2.29 12.32
CA GLY D 908 -59.88 2.78 12.49
C GLY D 908 -59.41 3.68 11.35
N ILE D 909 -60.09 3.65 10.21
CA ILE D 909 -59.73 4.49 9.08
C ILE D 909 -60.84 5.49 8.79
N GLY D 910 -61.77 5.65 9.73
CA GLY D 910 -62.85 6.60 9.56
C GLY D 910 -64.02 6.08 8.71
N VAL D 911 -64.17 4.78 8.59
CA VAL D 911 -65.26 4.22 7.81
C VAL D 911 -66.18 3.52 8.77
N THR D 912 -67.45 3.87 8.77
CA THR D 912 -68.31 3.27 9.78
C THR D 912 -68.45 1.76 9.56
N GLN D 913 -68.73 1.05 10.66
CA GLN D 913 -68.75 -0.42 10.65
C GLN D 913 -69.79 -1.06 9.78
N ASN D 914 -70.88 -0.38 9.50
CA ASN D 914 -71.90 -1.01 8.70
C ASN D 914 -71.42 -1.16 7.28
N VAL D 915 -70.38 -0.42 6.89
CA VAL D 915 -69.87 -0.57 5.54
C VAL D 915 -69.37 -1.98 5.41
N LEU D 916 -68.71 -2.49 6.45
CA LEU D 916 -68.24 -3.85 6.41
C LEU D 916 -69.37 -4.83 6.41
N TYR D 917 -70.30 -4.62 7.32
CA TYR D 917 -71.33 -5.60 7.51
C TYR D 917 -72.31 -5.69 6.36
N GLU D 918 -72.49 -4.62 5.64
CA GLU D 918 -73.39 -4.63 4.51
C GLU D 918 -72.69 -5.12 3.23
N ASN D 919 -71.37 -5.31 3.29
CA ASN D 919 -70.56 -5.70 2.16
C ASN D 919 -69.63 -6.84 2.55
N GLN D 920 -70.10 -7.75 3.38
CA GLN D 920 -69.21 -8.80 3.88
C GLN D 920 -68.61 -9.67 2.80
N LYS D 921 -69.40 -10.04 1.80
CA LYS D 921 -68.89 -10.91 0.76
C LYS D 921 -68.04 -10.14 -0.20
N LEU D 922 -68.36 -8.88 -0.41
CA LEU D 922 -67.62 -8.09 -1.35
C LEU D 922 -66.22 -7.89 -0.87
N ILE D 923 -66.07 -7.57 0.40
CA ILE D 923 -64.79 -7.32 0.97
C ILE D 923 -63.95 -8.58 0.99
N ALA D 924 -64.54 -9.72 1.39
CA ALA D 924 -63.76 -10.95 1.40
C ALA D 924 -63.33 -11.31 -0.02
N ASN D 925 -64.19 -11.08 -1.02
CA ASN D 925 -63.83 -11.42 -2.37
C ASN D 925 -62.74 -10.53 -2.91
N GLN D 926 -62.79 -9.24 -2.57
CA GLN D 926 -61.79 -8.31 -3.05
C GLN D 926 -60.44 -8.66 -2.44
N PHE D 927 -60.45 -9.06 -1.17
CA PHE D 927 -59.24 -9.49 -0.50
C PHE D 927 -58.64 -10.71 -1.17
N ASN D 928 -59.47 -11.71 -1.43
CA ASN D 928 -58.97 -12.94 -2.01
C ASN D 928 -58.39 -12.71 -3.40
N SER D 929 -59.00 -11.81 -4.16
CA SER D 929 -58.48 -11.51 -5.47
C SER D 929 -57.14 -10.81 -5.35
N ALA D 930 -57.01 -9.90 -4.39
CA ALA D 930 -55.77 -9.18 -4.20
C ALA D 930 -54.62 -10.14 -3.88
N ILE D 931 -54.90 -11.17 -3.08
CA ILE D 931 -53.85 -12.11 -2.76
C ILE D 931 -53.44 -12.86 -4.01
N GLY D 932 -54.41 -13.28 -4.82
CA GLY D 932 -54.07 -13.98 -6.04
C GLY D 932 -53.18 -13.12 -6.94
N LYS D 933 -53.44 -11.81 -6.99
CA LYS D 933 -52.63 -10.92 -7.81
C LYS D 933 -51.18 -10.89 -7.33
N ILE D 934 -51.00 -10.90 -6.00
CA ILE D 934 -49.67 -10.91 -5.43
C ILE D 934 -48.95 -12.19 -5.79
N GLN D 935 -49.65 -13.32 -5.69
CA GLN D 935 -49.04 -14.59 -5.99
C GLN D 935 -48.58 -14.64 -7.43
N ASP D 936 -49.38 -14.06 -8.35
CA ASP D 936 -49.01 -14.07 -9.75
C ASP D 936 -47.85 -13.13 -10.04
N SER D 937 -47.82 -11.98 -9.38
CA SER D 937 -46.74 -11.03 -9.62
C SER D 937 -45.41 -11.64 -9.22
N LEU D 938 -45.40 -12.27 -8.04
CA LEU D 938 -44.18 -12.87 -7.55
C LEU D 938 -43.79 -14.11 -8.33
N SER D 939 -44.73 -14.97 -8.68
CA SER D 939 -44.33 -16.18 -9.39
C SER D 939 -43.85 -15.84 -10.78
N SER D 940 -44.36 -14.74 -11.34
CA SER D 940 -43.97 -14.28 -12.65
C SER D 940 -42.53 -13.78 -12.69
N THR D 941 -42.12 -12.93 -11.74
CA THR D 941 -40.74 -12.47 -11.85
C THR D 941 -39.89 -12.51 -10.60
N ALA D 942 -38.66 -12.99 -10.80
CA ALA D 942 -37.66 -13.05 -9.74
C ALA D 942 -37.14 -11.68 -9.40
N SER D 943 -37.31 -10.74 -10.35
CA SER D 943 -36.81 -9.38 -10.22
C SER D 943 -37.57 -8.64 -9.16
N ALA D 944 -38.69 -9.20 -8.71
CA ALA D 944 -39.46 -8.57 -7.67
C ALA D 944 -38.60 -8.45 -6.42
N LEU D 945 -37.73 -9.43 -6.16
CA LEU D 945 -36.95 -9.42 -4.94
C LEU D 945 -35.60 -8.81 -5.20
N GLY D 946 -35.61 -7.61 -5.74
CA GLY D 946 -34.39 -6.93 -6.15
C GLY D 946 -33.47 -6.66 -4.98
N LYS D 947 -34.07 -6.31 -3.84
CA LYS D 947 -33.31 -5.99 -2.65
C LYS D 947 -32.61 -7.17 -2.04
N LEU D 948 -33.25 -8.33 -2.09
CA LEU D 948 -32.69 -9.48 -1.41
C LEU D 948 -31.58 -10.05 -2.30
N GLN D 949 -31.81 -9.98 -3.61
CA GLN D 949 -30.84 -10.47 -4.56
C GLN D 949 -29.62 -9.55 -4.52
N ASP D 950 -29.84 -8.25 -4.31
CA ASP D 950 -28.73 -7.34 -4.24
C ASP D 950 -27.88 -7.61 -3.00
N VAL D 951 -28.49 -7.92 -1.86
CA VAL D 951 -27.63 -8.17 -0.70
C VAL D 951 -26.67 -9.29 -0.97
N VAL D 952 -27.15 -10.38 -1.56
CA VAL D 952 -26.23 -11.47 -1.79
C VAL D 952 -25.22 -11.13 -2.89
N ASN D 953 -25.63 -10.39 -3.92
CA ASN D 953 -24.71 -10.06 -5.00
C ASN D 953 -23.60 -9.15 -4.52
N GLN D 954 -23.94 -8.23 -3.62
CA GLN D 954 -22.97 -7.27 -3.13
C GLN D 954 -21.97 -7.91 -2.21
N ASN D 955 -22.42 -8.84 -1.39
CA ASN D 955 -21.46 -9.44 -0.50
C ASN D 955 -20.53 -10.34 -1.28
N ALA D 956 -21.08 -10.99 -2.31
CA ALA D 956 -20.27 -11.86 -3.12
C ALA D 956 -19.21 -11.10 -3.88
N GLN D 957 -19.54 -9.93 -4.45
CA GLN D 957 -18.49 -9.26 -5.19
C GLN D 957 -17.46 -8.65 -4.26
N ALA D 958 -17.84 -8.33 -3.03
CA ALA D 958 -16.85 -7.77 -2.13
C ALA D 958 -15.76 -8.79 -1.86
N LEU D 959 -16.18 -10.03 -1.65
CA LEU D 959 -15.22 -11.08 -1.43
C LEU D 959 -14.49 -11.43 -2.71
N ASN D 960 -15.18 -11.44 -3.83
CA ASN D 960 -14.47 -11.82 -5.03
C ASN D 960 -13.33 -10.85 -5.30
N THR D 961 -13.56 -9.57 -5.02
CA THR D 961 -12.53 -8.58 -5.24
C THR D 961 -11.36 -8.86 -4.29
N LEU D 962 -11.66 -9.14 -3.02
CA LEU D 962 -10.65 -9.40 -2.01
C LEU D 962 -9.80 -10.63 -2.37
N VAL D 963 -10.43 -11.65 -2.91
CA VAL D 963 -9.71 -12.85 -3.28
C VAL D 963 -8.80 -12.58 -4.46
N LYS D 964 -9.31 -11.90 -5.47
CA LYS D 964 -8.54 -11.62 -6.67
C LYS D 964 -7.29 -10.83 -6.39
N GLN D 965 -7.35 -9.93 -5.40
CA GLN D 965 -6.23 -9.08 -5.03
C GLN D 965 -5.01 -9.87 -4.58
N LEU D 966 -5.17 -11.12 -4.16
CA LEU D 966 -4.03 -11.90 -3.71
C LEU D 966 -3.07 -12.18 -4.85
N SER D 967 -3.54 -12.15 -6.07
CA SER D 967 -2.69 -12.45 -7.20
C SER D 967 -1.86 -11.25 -7.66
N SER D 968 -2.15 -10.06 -7.13
CA SER D 968 -1.44 -8.83 -7.52
C SER D 968 -0.07 -8.74 -6.86
N ASN D 969 0.88 -8.11 -7.55
CA ASN D 969 2.22 -7.96 -7.00
C ASN D 969 2.38 -6.77 -6.08
N PHE D 970 1.66 -5.70 -6.31
CA PHE D 970 1.78 -4.49 -5.52
C PHE D 970 3.20 -3.93 -5.47
N GLY D 971 3.96 -4.08 -6.55
CA GLY D 971 5.33 -3.60 -6.60
C GLY D 971 6.34 -4.72 -6.34
N ALA D 972 5.86 -5.86 -5.89
CA ALA D 972 6.69 -7.02 -5.61
C ALA D 972 7.12 -7.68 -6.91
N ILE D 973 8.18 -8.46 -6.82
CA ILE D 973 8.66 -9.27 -7.94
C ILE D 973 7.65 -10.35 -8.34
N SER D 974 6.92 -10.86 -7.36
CA SER D 974 5.89 -11.87 -7.55
C SER D 974 4.89 -11.79 -6.44
N SER D 975 3.65 -12.12 -6.77
CA SER D 975 2.55 -12.17 -5.83
C SER D 975 2.57 -13.41 -4.95
N VAL D 976 3.40 -14.36 -5.31
CA VAL D 976 3.52 -15.59 -4.58
C VAL D 976 4.71 -15.54 -3.62
N LEU D 977 4.45 -15.77 -2.36
CA LEU D 977 5.48 -15.69 -1.32
C LEU D 977 6.57 -16.71 -1.57
N ASN D 978 6.19 -17.86 -2.09
CA ASN D 978 7.14 -18.91 -2.36
C ASN D 978 8.04 -18.59 -3.55
N ASP D 979 7.59 -17.75 -4.50
CA ASP D 979 8.42 -17.40 -5.64
C ASP D 979 9.46 -16.42 -5.16
N ILE D 980 9.07 -15.60 -4.19
CA ILE D 980 10.01 -14.66 -3.66
C ILE D 980 11.08 -15.41 -2.88
N LEU D 981 10.66 -16.29 -1.99
CA LEU D 981 11.57 -17.01 -1.13
C LEU D 981 12.49 -17.97 -1.85
N SER D 982 12.04 -18.61 -2.92
CA SER D 982 12.85 -19.57 -3.63
C SER D 982 13.92 -18.92 -4.50
N ARG D 983 13.83 -17.59 -4.70
CA ARG D 983 14.75 -16.92 -5.58
C ARG D 983 15.59 -15.82 -4.94
N LEU D 984 15.07 -15.17 -3.90
CA LEU D 984 15.76 -14.03 -3.32
C LEU D 984 16.38 -14.33 -1.98
N ASP D 985 17.61 -13.88 -1.81
CA ASP D 985 18.26 -14.01 -0.51
C ASP D 985 17.39 -13.26 0.47
N PRO D 986 17.23 -13.69 1.74
CA PRO D 986 16.42 -13.05 2.75
C PRO D 986 16.47 -11.50 2.82
N PRO D 987 17.63 -10.80 2.76
CA PRO D 987 17.67 -9.36 2.83
C PRO D 987 16.87 -8.67 1.73
N GLU D 988 16.62 -9.41 0.64
CA GLU D 988 15.88 -8.91 -0.49
C GLU D 988 14.46 -9.47 -0.48
N ALA D 989 14.35 -10.75 -0.08
CA ALA D 989 13.08 -11.46 -0.07
C ALA D 989 12.11 -10.79 0.86
N GLU D 990 12.64 -10.27 1.96
CA GLU D 990 11.86 -9.60 2.97
C GLU D 990 11.23 -8.35 2.41
N VAL D 991 11.88 -7.67 1.46
CA VAL D 991 11.36 -6.46 0.92
C VAL D 991 10.17 -6.78 0.07
N GLN D 992 10.31 -7.81 -0.74
CA GLN D 992 9.23 -8.15 -1.64
C GLN D 992 8.04 -8.62 -0.83
N ILE D 993 8.31 -9.30 0.28
CA ILE D 993 7.24 -9.75 1.13
C ILE D 993 6.58 -8.55 1.77
N ASP D 994 7.34 -7.58 2.29
CA ASP D 994 6.70 -6.41 2.89
C ASP D 994 5.80 -5.73 1.87
N ARG D 995 6.18 -5.72 0.60
CA ARG D 995 5.34 -5.10 -0.42
C ARG D 995 4.02 -5.86 -0.54
N LEU D 996 4.06 -7.20 -0.44
CA LEU D 996 2.82 -7.97 -0.54
C LEU D 996 2.01 -7.85 0.73
N ILE D 997 2.67 -7.75 1.88
CA ILE D 997 1.92 -7.61 3.12
C ILE D 997 1.18 -6.31 3.09
N THR D 998 1.85 -5.25 2.66
CA THR D 998 1.19 -3.98 2.63
C THR D 998 -0.01 -4.05 1.70
N GLY D 999 0.16 -4.61 0.50
CA GLY D 999 -0.94 -4.66 -0.44
C GLY D 999 -2.11 -5.50 0.05
N ARG D 1000 -1.81 -6.64 0.68
CA ARG D 1000 -2.83 -7.54 1.14
C ARG D 1000 -3.54 -7.00 2.38
N LEU D 1001 -2.78 -6.35 3.26
CA LEU D 1001 -3.37 -5.79 4.45
C LEU D 1001 -4.28 -4.64 4.02
N GLN D 1002 -3.84 -3.85 3.03
CA GLN D 1002 -4.65 -2.75 2.55
C GLN D 1002 -5.92 -3.27 1.90
N SER D 1003 -5.83 -4.40 1.19
CA SER D 1003 -7.01 -4.95 0.56
C SER D 1003 -8.00 -5.38 1.64
N LEU D 1004 -7.50 -5.98 2.73
CA LEU D 1004 -8.39 -6.34 3.83
C LEU D 1004 -8.98 -5.11 4.49
N GLN D 1005 -8.20 -4.05 4.66
CA GLN D 1005 -8.70 -2.86 5.31
C GLN D 1005 -9.79 -2.22 4.48
N THR D 1006 -9.60 -2.22 3.17
CA THR D 1006 -10.57 -1.64 2.27
C THR D 1006 -11.86 -2.43 2.36
N TYR D 1007 -11.73 -3.76 2.32
CA TYR D 1007 -12.86 -4.66 2.42
C TYR D 1007 -13.63 -4.46 3.69
N VAL D 1008 -12.94 -4.41 4.81
CA VAL D 1008 -13.60 -4.28 6.08
C VAL D 1008 -14.32 -2.97 6.18
N THR D 1009 -13.70 -1.88 5.72
CA THR D 1009 -14.35 -0.59 5.81
C THR D 1009 -15.65 -0.64 5.03
N GLN D 1010 -15.61 -1.24 3.84
CA GLN D 1010 -16.79 -1.33 3.01
C GLN D 1010 -17.86 -2.18 3.68
N GLN D 1011 -17.46 -3.24 4.37
CA GLN D 1011 -18.42 -4.09 5.06
C GLN D 1011 -19.02 -3.36 6.24
N LEU D 1012 -18.26 -2.48 6.89
CA LEU D 1012 -18.80 -1.72 8.02
C LEU D 1012 -19.83 -0.72 7.53
N ILE D 1013 -19.57 -0.12 6.37
CA ILE D 1013 -20.51 0.82 5.79
C ILE D 1013 -21.77 0.08 5.39
N ARG D 1014 -21.58 -1.06 4.74
CA ARG D 1014 -22.70 -1.88 4.32
C ARG D 1014 -23.49 -2.36 5.53
N ALA D 1015 -22.80 -2.68 6.61
CA ALA D 1015 -23.45 -3.10 7.83
C ALA D 1015 -24.32 -1.98 8.35
N ALA D 1016 -23.88 -0.73 8.23
CA ALA D 1016 -24.72 0.34 8.71
C ALA D 1016 -26.02 0.38 7.93
N GLU D 1017 -25.93 0.12 6.64
CA GLU D 1017 -27.13 0.13 5.82
C GLU D 1017 -28.05 -1.02 6.15
N ILE D 1018 -27.50 -2.20 6.43
CA ILE D 1018 -28.38 -3.32 6.72
C ILE D 1018 -29.02 -3.11 8.08
N ARG D 1019 -28.28 -2.50 9.03
CA ARG D 1019 -28.88 -2.24 10.32
C ARG D 1019 -30.03 -1.29 10.18
N ALA D 1020 -29.87 -0.25 9.35
CA ALA D 1020 -30.95 0.69 9.16
C ALA D 1020 -32.18 0.05 8.56
N SER D 1021 -31.98 -0.86 7.61
CA SER D 1021 -33.10 -1.54 6.99
C SER D 1021 -33.79 -2.43 8.00
N ALA D 1022 -33.00 -3.17 8.79
CA ALA D 1022 -33.55 -4.05 9.80
C ALA D 1022 -34.33 -3.26 10.84
N ASN D 1023 -33.85 -2.07 11.19
CA ASN D 1023 -34.52 -1.27 12.19
C ASN D 1023 -35.87 -0.81 11.67
N LEU D 1024 -35.92 -0.45 10.40
CA LEU D 1024 -37.18 -0.03 9.82
C LEU D 1024 -38.11 -1.21 9.74
N ALA D 1025 -37.58 -2.37 9.37
CA ALA D 1025 -38.40 -3.55 9.25
C ALA D 1025 -39.01 -3.91 10.58
N ALA D 1026 -38.23 -3.78 11.66
CA ALA D 1026 -38.73 -4.08 12.98
C ALA D 1026 -39.83 -3.10 13.37
N THR D 1027 -39.65 -1.82 12.98
CA THR D 1027 -40.64 -0.80 13.29
C THR D 1027 -41.94 -1.13 12.61
N LYS D 1028 -41.85 -1.51 11.33
CA LYS D 1028 -43.03 -1.87 10.55
C LYS D 1028 -43.69 -3.08 11.13
N MET D 1029 -42.92 -4.06 11.57
CA MET D 1029 -43.62 -5.17 12.13
C MET D 1029 -44.46 -4.75 13.32
N SER D 1030 -43.91 -3.93 14.20
CA SER D 1030 -44.71 -3.57 15.36
C SER D 1030 -45.92 -2.72 15.02
N GLU D 1031 -45.71 -1.70 14.21
CA GLU D 1031 -46.77 -0.75 13.90
C GLU D 1031 -47.77 -1.16 12.80
N CYS D 1032 -47.32 -1.95 11.81
CA CYS D 1032 -48.07 -2.36 10.64
C CYS D 1032 -48.69 -3.76 10.85
N VAL D 1033 -47.91 -4.69 11.40
CA VAL D 1033 -48.38 -6.08 11.58
C VAL D 1033 -49.02 -6.34 12.95
N LEU D 1034 -48.44 -5.81 14.01
CA LEU D 1034 -48.92 -6.09 15.37
C LEU D 1034 -49.75 -4.93 15.89
N GLY D 1035 -50.40 -4.26 14.95
CA GLY D 1035 -51.25 -3.11 15.20
C GLY D 1035 -51.80 -2.61 13.89
N GLN D 1036 -52.38 -1.42 13.91
CA GLN D 1036 -52.96 -0.78 12.74
C GLN D 1036 -52.25 0.56 12.62
N SER D 1037 -51.79 0.93 11.43
CA SER D 1037 -51.04 2.18 11.34
C SER D 1037 -51.68 3.30 10.54
N LYS D 1038 -51.68 4.47 11.16
CA LYS D 1038 -52.23 5.70 10.60
C LYS D 1038 -51.16 6.57 9.95
N ARG D 1039 -49.92 6.08 9.95
CA ARG D 1039 -48.80 6.86 9.35
C ARG D 1039 -48.99 6.83 7.83
N VAL D 1040 -48.84 7.98 7.17
CA VAL D 1040 -49.11 8.05 5.74
C VAL D 1040 -48.10 7.28 4.93
N ASP D 1041 -48.64 6.39 4.11
CA ASP D 1041 -47.93 5.50 3.19
C ASP D 1041 -46.98 4.55 3.91
N PHE D 1042 -47.10 4.47 5.22
CA PHE D 1042 -46.22 3.63 6.02
C PHE D 1042 -46.27 2.14 5.62
N CYS D 1043 -47.49 1.62 5.37
CA CYS D 1043 -47.80 0.25 5.00
C CYS D 1043 -48.25 0.26 3.52
N GLY D 1044 -47.82 1.25 2.77
CA GLY D 1044 -48.24 1.32 1.37
C GLY D 1044 -49.36 2.32 1.21
N LYS D 1045 -49.77 2.53 -0.04
CA LYS D 1045 -50.78 3.52 -0.38
C LYS D 1045 -52.16 3.03 0.03
N GLY D 1046 -53.02 3.95 0.45
CA GLY D 1046 -54.38 3.62 0.86
C GLY D 1046 -54.49 3.76 2.36
N TYR D 1047 -55.61 3.33 2.90
CA TYR D 1047 -55.85 3.48 4.32
C TYR D 1047 -55.61 2.14 4.99
N HIS D 1048 -54.55 2.03 5.76
CA HIS D 1048 -54.19 0.72 6.28
C HIS D 1048 -55.18 0.09 7.22
N LEU D 1049 -55.46 -1.20 6.97
CA LEU D 1049 -56.33 -2.02 7.79
C LEU D 1049 -55.50 -3.08 8.54
N MET D 1050 -54.60 -3.77 7.83
CA MET D 1050 -53.79 -4.81 8.46
C MET D 1050 -52.66 -5.29 7.58
N SER D 1051 -51.68 -5.96 8.17
CA SER D 1051 -50.62 -6.56 7.39
C SER D 1051 -50.23 -7.94 7.89
N PHE D 1052 -49.55 -8.68 7.03
CA PHE D 1052 -49.08 -9.99 7.36
C PHE D 1052 -47.59 -10.11 6.99
N PRO D 1053 -46.74 -10.73 7.79
CA PRO D 1053 -45.36 -11.01 7.46
C PRO D 1053 -45.28 -12.24 6.61
N GLN D 1054 -44.19 -12.34 5.85
CA GLN D 1054 -43.73 -13.54 5.19
C GLN D 1054 -42.22 -13.61 5.41
N SER D 1055 -41.67 -14.80 5.55
CA SER D 1055 -40.24 -14.95 5.67
C SER D 1055 -39.61 -14.75 4.31
N ALA D 1056 -38.33 -14.48 4.26
CA ALA D 1056 -37.65 -14.29 3.00
C ALA D 1056 -36.16 -14.52 3.22
N PRO D 1057 -35.39 -14.92 2.22
CA PRO D 1057 -33.98 -15.12 2.37
C PRO D 1057 -33.40 -13.78 2.69
N HIS D 1058 -32.62 -13.72 3.74
CA HIS D 1058 -31.97 -12.50 4.18
C HIS D 1058 -32.92 -11.33 4.45
N GLY D 1059 -34.19 -11.57 4.79
CA GLY D 1059 -35.07 -10.43 5.00
C GLY D 1059 -36.52 -10.75 5.30
N VAL D 1060 -37.34 -9.69 5.29
CA VAL D 1060 -38.76 -9.82 5.59
C VAL D 1060 -39.60 -9.23 4.48
N VAL D 1061 -40.68 -9.90 4.16
CA VAL D 1061 -41.59 -9.40 3.16
C VAL D 1061 -42.96 -9.19 3.77
N PHE D 1062 -43.52 -8.04 3.50
CA PHE D 1062 -44.81 -7.70 4.03
C PHE D 1062 -45.89 -7.76 3.00
N LEU D 1063 -47.05 -8.20 3.44
CA LEU D 1063 -48.27 -8.16 2.67
C LEU D 1063 -49.11 -7.10 3.36
N HIS D 1064 -49.42 -6.02 2.67
CA HIS D 1064 -50.12 -4.90 3.29
C HIS D 1064 -51.51 -4.68 2.75
N VAL D 1065 -52.51 -4.79 3.62
CA VAL D 1065 -53.89 -4.66 3.22
C VAL D 1065 -54.40 -3.27 3.53
N THR D 1066 -54.79 -2.54 2.49
CA THR D 1066 -55.28 -1.20 2.69
C THR D 1066 -56.63 -1.02 2.00
N TYR D 1067 -57.40 -0.08 2.52
CA TYR D 1067 -58.67 0.34 1.98
C TYR D 1067 -58.46 1.38 0.91
N VAL D 1068 -59.18 1.25 -0.19
CA VAL D 1068 -59.06 2.23 -1.24
C VAL D 1068 -60.47 2.65 -1.69
N PRO D 1069 -60.78 3.94 -1.82
CA PRO D 1069 -62.05 4.41 -2.36
C PRO D 1069 -62.04 4.01 -3.83
N ALA D 1070 -63.18 3.65 -4.41
CA ALA D 1070 -63.19 3.22 -5.81
C ALA D 1070 -64.01 4.08 -6.73
N GLN D 1071 -65.14 4.54 -6.25
CA GLN D 1071 -66.05 5.29 -7.11
C GLN D 1071 -66.43 6.51 -6.34
N GLU D 1072 -66.72 7.62 -7.03
CA GLU D 1072 -67.10 8.86 -6.37
C GLU D 1072 -68.09 9.68 -7.17
N LYS D 1073 -68.79 10.56 -6.48
CA LYS D 1073 -69.74 11.48 -7.09
C LYS D 1073 -69.63 12.92 -6.55
N ASN D 1074 -69.98 13.89 -7.39
CA ASN D 1074 -69.99 15.30 -7.01
C ASN D 1074 -71.32 15.73 -6.38
N PHE D 1075 -71.22 16.34 -5.21
CA PHE D 1075 -72.37 16.82 -4.46
C PHE D 1075 -72.32 18.30 -4.11
N THR D 1076 -73.51 18.87 -3.93
CA THR D 1076 -73.66 20.25 -3.51
C THR D 1076 -73.39 20.30 -2.02
N THR D 1077 -72.63 21.27 -1.52
CA THR D 1077 -72.41 21.27 -0.08
C THR D 1077 -72.54 22.59 0.66
N ALA D 1078 -72.50 22.49 1.99
CA ALA D 1078 -72.47 23.64 2.89
C ALA D 1078 -71.83 23.23 4.23
N PRO D 1079 -71.10 24.14 4.91
CA PRO D 1079 -70.52 23.94 6.24
C PRO D 1079 -71.52 23.94 7.38
N ALA D 1080 -72.71 24.48 7.13
CA ALA D 1080 -73.71 24.60 8.17
C ALA D 1080 -75.09 24.84 7.59
N ILE D 1081 -76.09 24.61 8.42
CA ILE D 1081 -77.48 24.89 8.13
C ILE D 1081 -78.18 25.89 9.07
N CYS D 1082 -78.96 26.83 8.48
CA CYS D 1082 -79.82 27.77 9.17
C CYS D 1082 -81.17 27.11 9.38
N HIS D 1083 -81.56 26.94 10.62
CA HIS D 1083 -82.86 26.29 10.85
C HIS D 1083 -83.88 27.34 11.23
N ASP D 1084 -83.78 27.83 12.45
CA ASP D 1084 -84.61 28.87 12.99
C ASP D 1084 -83.78 30.15 13.16
N GLY D 1085 -82.68 30.20 12.43
CA GLY D 1085 -81.71 31.28 12.46
C GLY D 1085 -80.46 30.83 13.20
N LYS D 1086 -80.55 29.71 13.92
CA LYS D 1086 -79.39 29.17 14.62
C LYS D 1086 -78.60 28.31 13.64
N ALA D 1087 -77.29 28.22 13.90
CA ALA D 1087 -76.39 27.44 13.04
C ALA D 1087 -76.14 26.01 13.48
N HIS D 1088 -76.54 25.10 12.62
CA HIS D 1088 -76.40 23.67 12.80
C HIS D 1088 -75.21 23.15 12.03
N PHE D 1089 -74.30 22.57 12.80
CA PHE D 1089 -73.09 22.00 12.18
C PHE D 1089 -73.15 20.46 12.30
N PRO D 1090 -72.64 19.64 11.35
CA PRO D 1090 -72.67 18.22 11.51
C PRO D 1090 -71.88 17.86 12.75
N ARG D 1091 -72.32 16.85 13.48
CA ARG D 1091 -71.50 16.33 14.57
C ARG D 1091 -70.32 15.61 13.96
N GLU D 1092 -70.57 15.00 12.80
CA GLU D 1092 -69.57 14.29 12.02
C GLU D 1092 -69.97 14.41 10.57
N GLY D 1093 -69.01 14.31 9.67
CA GLY D 1093 -69.33 14.33 8.26
C GLY D 1093 -69.63 15.70 7.70
N VAL D 1094 -70.45 15.70 6.65
CA VAL D 1094 -70.80 16.88 5.85
C VAL D 1094 -72.28 17.05 5.56
N PHE D 1095 -72.70 18.27 5.23
CA PHE D 1095 -74.06 18.49 4.75
C PHE D 1095 -74.01 18.61 3.25
N VAL D 1096 -74.62 17.66 2.58
CA VAL D 1096 -74.59 17.62 1.13
C VAL D 1096 -75.92 17.37 0.47
N SER D 1097 -76.00 17.66 -0.83
CA SER D 1097 -77.24 17.38 -1.53
C SER D 1097 -77.10 17.06 -2.99
N ASN D 1098 -78.23 16.63 -3.50
CA ASN D 1098 -78.40 16.32 -4.91
C ASN D 1098 -79.07 17.49 -5.60
N GLY D 1099 -79.04 18.66 -4.94
CA GLY D 1099 -79.63 19.89 -5.44
C GLY D 1099 -81.02 20.12 -4.88
N THR D 1100 -81.61 19.07 -4.30
CA THR D 1100 -82.95 19.16 -3.74
C THR D 1100 -82.99 18.72 -2.30
N HIS D 1101 -82.58 17.48 -2.10
CA HIS D 1101 -82.64 16.84 -0.81
C HIS D 1101 -81.28 16.86 -0.16
N TRP D 1102 -81.24 17.36 1.06
CA TRP D 1102 -80.01 17.46 1.83
C TRP D 1102 -79.90 16.36 2.85
N PHE D 1103 -78.69 15.85 2.97
CA PHE D 1103 -78.34 14.74 3.81
C PHE D 1103 -77.05 14.92 4.57
N VAL D 1104 -76.89 14.12 5.62
CA VAL D 1104 -75.63 14.13 6.33
C VAL D 1104 -74.86 12.88 5.93
N THR D 1105 -73.69 13.02 5.37
CA THR D 1105 -72.94 11.81 4.99
C THR D 1105 -71.71 11.81 5.82
N GLN D 1106 -70.98 10.71 5.84
CA GLN D 1106 -69.75 10.73 6.58
C GLN D 1106 -68.76 11.44 5.66
N ARG D 1107 -67.52 11.65 6.08
CA ARG D 1107 -66.66 12.46 5.22
C ARG D 1107 -66.08 11.74 4.01
N ASN D 1108 -65.96 10.43 4.09
CA ASN D 1108 -65.34 9.63 3.05
C ASN D 1108 -66.23 8.58 2.43
N PHE D 1109 -67.54 8.71 2.61
CA PHE D 1109 -68.42 7.74 2.00
C PHE D 1109 -69.84 8.27 1.87
N TYR D 1110 -70.41 8.11 0.70
CA TYR D 1110 -71.74 8.61 0.46
C TYR D 1110 -72.85 7.74 0.97
N GLU D 1111 -73.07 7.85 2.26
CA GLU D 1111 -74.12 7.15 2.98
C GLU D 1111 -74.97 8.21 3.70
N PRO D 1112 -75.89 8.86 2.97
CA PRO D 1112 -76.70 9.99 3.41
C PRO D 1112 -77.73 9.68 4.44
N GLN D 1113 -77.76 10.48 5.49
CA GLN D 1113 -78.72 10.38 6.54
C GLN D 1113 -79.63 11.57 6.48
N ILE D 1114 -80.80 11.47 7.07
CA ILE D 1114 -81.67 12.63 7.14
C ILE D 1114 -81.05 13.63 8.08
N ILE D 1115 -81.09 14.91 7.73
CA ILE D 1115 -80.54 15.88 8.64
C ILE D 1115 -81.57 16.10 9.73
N THR D 1116 -81.16 15.76 10.94
CA THR D 1116 -81.97 15.81 12.13
C THR D 1116 -81.16 16.48 13.18
N THR D 1117 -81.80 16.77 14.30
CA THR D 1117 -81.17 17.42 15.44
C THR D 1117 -80.18 16.49 16.16
N ASP D 1118 -80.18 15.21 15.80
CA ASP D 1118 -79.28 14.25 16.39
C ASP D 1118 -77.97 14.25 15.62
N ASN D 1119 -78.00 14.64 14.35
CA ASN D 1119 -76.83 14.57 13.54
C ASN D 1119 -76.08 15.89 13.52
N THR D 1120 -76.60 16.88 14.23
CA THR D 1120 -76.01 18.19 14.24
C THR D 1120 -75.85 18.74 15.63
N PHE D 1121 -75.05 19.77 15.74
CA PHE D 1121 -74.94 20.47 16.99
C PHE D 1121 -75.16 21.92 16.67
N VAL D 1122 -75.56 22.69 17.65
CA VAL D 1122 -75.81 24.08 17.36
C VAL D 1122 -74.89 24.98 18.11
N SER D 1123 -74.26 25.86 17.37
CA SER D 1123 -73.38 26.82 17.99
C SER D 1123 -73.32 28.10 17.18
N GLY D 1124 -73.72 29.19 17.79
CA GLY D 1124 -73.74 30.43 17.05
C GLY D 1124 -74.95 30.45 16.13
N ASN D 1125 -74.87 31.31 15.13
CA ASN D 1125 -76.00 31.57 14.26
C ASN D 1125 -75.54 31.87 12.83
N CYS D 1126 -76.52 32.17 11.95
CA CYS D 1126 -76.37 32.42 10.52
C CYS D 1126 -75.53 33.66 10.19
N ASP D 1127 -75.28 34.50 11.18
CA ASP D 1127 -74.47 35.69 10.95
C ASP D 1127 -73.01 35.41 11.27
N VAL D 1128 -72.73 34.18 11.69
CA VAL D 1128 -71.38 33.76 12.03
C VAL D 1128 -70.79 32.91 10.94
N VAL D 1129 -71.55 31.94 10.46
CA VAL D 1129 -70.97 31.04 9.47
C VAL D 1129 -71.09 31.53 8.04
N ILE D 1130 -69.95 31.77 7.40
CA ILE D 1130 -70.01 32.20 6.02
C ILE D 1130 -70.08 30.94 5.20
N GLY D 1131 -71.15 30.83 4.40
CA GLY D 1131 -71.40 29.65 3.58
C GLY D 1131 -72.59 28.83 4.09
N ILE D 1132 -73.21 29.26 5.18
CA ILE D 1132 -74.38 28.58 5.76
C ILE D 1132 -75.59 28.70 4.86
N VAL D 1133 -76.39 27.63 4.76
CA VAL D 1133 -77.58 27.67 3.91
C VAL D 1133 -78.85 27.41 4.69
N ASN D 1134 -79.98 27.86 4.16
CA ASN D 1134 -81.27 27.62 4.80
C ASN D 1134 -81.76 26.23 4.52
N ASN D 1135 -82.20 25.54 5.56
CA ASN D 1135 -82.71 24.19 5.40
C ASN D 1135 -83.57 23.80 6.59
N THR D 1136 -84.10 22.60 6.58
CA THR D 1136 -84.89 22.14 7.71
C THR D 1136 -84.19 21.02 8.44
N VAL D 1137 -84.05 21.16 9.75
CA VAL D 1137 -83.45 20.14 10.56
C VAL D 1137 -84.56 19.43 11.33
N TYR D 1138 -84.71 18.14 11.09
CA TYR D 1138 -85.80 17.37 11.70
C TYR D 1138 -85.64 17.00 13.16
N ASP D 1139 -86.72 17.19 13.93
CA ASP D 1139 -86.77 16.83 15.35
C ASP D 1139 -87.66 15.58 15.59
N PRO D 1140 -87.08 14.39 15.85
CA PRO D 1140 -87.74 13.11 16.07
C PRO D 1140 -88.72 13.04 17.22
N LEU D 1141 -88.66 13.99 18.14
CA LEU D 1141 -89.57 13.95 19.28
C LEU D 1141 -90.90 14.61 18.98
N GLN D 1142 -90.97 15.40 17.92
CA GLN D 1142 -92.19 16.17 17.69
C GLN D 1142 -93.44 15.30 17.51
N PRO D 1143 -93.40 14.14 16.84
CA PRO D 1143 -94.54 13.23 16.67
C PRO D 1143 -95.09 12.60 17.97
N GLU D 1144 -94.34 12.73 19.09
CA GLU D 1144 -94.77 12.12 20.38
C GLU D 1144 -94.51 13.12 21.50
#